data_8D1N
#
_entry.id   8D1N
#
_cell.length_a   1.00
_cell.length_b   1.00
_cell.length_c   1.00
_cell.angle_alpha   90.00
_cell.angle_beta   90.00
_cell.angle_gamma   90.00
#
_symmetry.space_group_name_H-M   'P 1'
#
loop_
_entity.id
_entity.type
_entity.pdbx_description
1 polymer Bestrophin
2 non-polymer 'CALCIUM ION'
3 non-polymer 1,2-DIMYRISTOYL-RAC-GLYCERO-3-PHOSPHOCHOLINE
4 non-polymer "2-[2-[(1~{S},2~{S},4~{S},5'~{R},6~{R},7~{S},8~{R},9~{S},12~{S},13~{R},16~{S})-5',7,9,13-tetramethylspiro[5-oxapentacyclo[10.8.0.0^{2,9}.0^{4,8}.0^{13,18}]icos-18-ene-6,2'-oxane]-16-yl]oxyethyl]propane-1,3-diol"
5 non-polymer 'CHLORIDE ION'
6 water water
#
_entity_poly.entity_id   1
_entity_poly.type   'polypeptide(L)'
_entity_poly.pdbx_seq_one_letter_code
;MTVTYTARVAKARFGGFSKLLLLWRGSIYKLLWRELLCFLGLFMALSAAYRFVLTEEQKRYFEKLVLYCDRYASLIPVSF
VLGFYVTLVVHRWWNQYLSMPLTDALMCVVVGTVHGHDERGRLYRRTLMRYAGLSGVLILRSVSTAVFKRFPTIDHVVEA
GFMTREERKKFENLNSSYNKYWVPCVWFCNLAAQARREGRIRDNGAFKLLLEELNVFRSKCGMLFHYDWISVPLVYTQVV
TIAVYSYFLACLIGRQFLDPAQGYKDHDLDLCVPIFTLLQFFFYAGWLKVAEQLINPFGEDDDDFETNFLIDRCFQVSML
AVDEMYDDLAMLEKDLYWDAAEARA
;
_entity_poly.pdbx_strand_id   E,D,A,C,B
#
loop_
_chem_comp.id
_chem_comp.type
_chem_comp.name
_chem_comp.formula
CA non-polymer 'CALCIUM ION' 'Ca 2'
CL non-polymer 'CHLORIDE ION' 'Cl -1'
DU0 non-polymer 2-[2-[(1~{S},2~{S},4~{S},5'~{R},6~{R},7~{S},8~{R},9~{S},12~{S},13~{R},16~{S})-5',7,9,13-tetramethylspiro[5-oxapentacyclo[10.8.0.0^{2,9}.0^{4,8}.0^{13,18}]icos-18-ene-6,2'-oxane]-16-yl]oxyethyl]propane-1,3-diol 'C32 H52 O5'
MC3 non-polymer 1,2-DIMYRISTOYL-RAC-GLYCERO-3-PHOSPHOCHOLINE 'C36 H72 N O8 P'
#
# COMPACT_ATOMS: atom_id res chain seq x y z
N THR A 2 24.58 5.76 -5.41
CA THR A 2 23.58 5.41 -6.41
C THR A 2 24.26 5.10 -7.74
N VAL A 3 23.90 3.96 -8.33
CA VAL A 3 24.43 3.56 -9.63
C VAL A 3 23.24 3.60 -10.60
N THR A 4 23.13 4.67 -11.36
CA THR A 4 21.97 4.81 -12.24
C THR A 4 22.24 4.13 -13.57
N TYR A 5 21.21 3.49 -14.11
CA TYR A 5 21.30 2.91 -15.44
C TYR A 5 19.98 3.09 -16.20
N THR A 6 19.16 4.04 -15.77
CA THR A 6 17.81 4.17 -16.31
C THR A 6 17.85 4.39 -17.83
N ALA A 7 18.80 5.20 -18.29
CA ALA A 7 18.88 5.51 -19.73
C ALA A 7 19.18 4.27 -20.55
N ARG A 8 20.00 3.35 -20.03
CA ARG A 8 20.42 2.19 -20.80
C ARG A 8 19.29 1.18 -21.01
N VAL A 9 18.19 1.29 -20.25
CA VAL A 9 17.11 0.32 -20.36
C VAL A 9 15.82 1.03 -20.77
N ALA A 10 15.95 2.09 -21.56
CA ALA A 10 14.76 2.83 -22.00
C ALA A 10 13.86 1.97 -22.87
N LYS A 11 14.44 1.07 -23.65
CA LYS A 11 13.71 0.26 -24.60
C LYS A 11 13.98 -1.20 -24.33
N ALA A 12 12.94 -2.03 -24.46
CA ALA A 12 13.15 -3.46 -24.50
C ALA A 12 13.93 -3.81 -25.76
N ARG A 13 14.98 -4.61 -25.60
CA ARG A 13 15.83 -4.99 -26.72
C ARG A 13 16.20 -6.46 -26.58
N PHE A 14 16.66 -7.04 -27.69
CA PHE A 14 16.98 -8.46 -27.73
C PHE A 14 17.91 -8.86 -26.59
N GLY A 15 18.98 -8.09 -26.39
CA GLY A 15 19.92 -8.41 -25.33
C GLY A 15 19.30 -8.42 -23.94
N GLY A 16 18.25 -7.65 -23.72
CA GLY A 16 17.70 -7.55 -22.37
C GLY A 16 18.69 -6.86 -21.45
N PHE A 17 18.72 -7.30 -20.20
CA PHE A 17 19.65 -6.82 -19.20
C PHE A 17 21.02 -7.48 -19.27
N SER A 18 21.31 -8.20 -20.36
CA SER A 18 22.56 -8.93 -20.45
C SER A 18 23.74 -7.97 -20.40
N LYS A 19 23.63 -6.83 -21.07
CA LYS A 19 24.69 -5.83 -21.00
C LYS A 19 24.87 -5.31 -19.58
N LEU A 20 23.78 -5.23 -18.80
CA LEU A 20 23.92 -4.83 -17.41
C LEU A 20 24.69 -5.87 -16.61
N LEU A 21 24.63 -7.13 -17.03
CA LEU A 21 25.42 -8.15 -16.34
C LEU A 21 26.93 -7.86 -16.35
N LEU A 22 27.40 -6.92 -17.16
CA LEU A 22 28.83 -6.64 -17.27
C LEU A 22 29.31 -5.59 -16.29
N LEU A 23 28.42 -4.97 -15.53
CA LEU A 23 28.76 -3.89 -14.61
C LEU A 23 29.36 -4.44 -13.32
N TRP A 24 30.39 -3.75 -12.81
CA TRP A 24 31.03 -4.12 -11.55
C TRP A 24 30.59 -3.22 -10.39
N ARG A 25 30.67 -1.91 -10.56
CA ARG A 25 30.30 -0.99 -9.50
C ARG A 25 28.80 -1.08 -9.24
N GLY A 26 28.44 -1.33 -7.98
CA GLY A 26 27.05 -1.54 -7.64
C GLY A 26 26.50 -2.89 -8.03
N SER A 27 27.35 -3.84 -8.40
CA SER A 27 26.89 -5.13 -8.90
C SER A 27 26.73 -6.13 -7.76
N ILE A 28 26.00 -7.20 -8.06
CA ILE A 28 25.86 -8.28 -7.07
C ILE A 28 27.19 -8.98 -6.85
N TYR A 29 28.00 -9.11 -7.91
CA TYR A 29 29.27 -9.82 -7.80
C TYR A 29 30.16 -9.18 -6.75
N LYS A 30 30.27 -7.85 -6.78
CA LYS A 30 31.15 -7.16 -5.85
C LYS A 30 30.64 -7.32 -4.42
N LEU A 31 29.33 -7.37 -4.24
CA LEU A 31 28.76 -7.59 -2.93
C LEU A 31 29.04 -8.99 -2.40
N LEU A 32 29.06 -10.00 -3.30
CA LEU A 32 28.93 -11.37 -2.84
C LEU A 32 30.10 -12.30 -3.16
N TRP A 33 31.16 -11.83 -3.85
CA TRP A 33 32.17 -12.79 -4.31
C TRP A 33 32.95 -13.39 -3.14
N ARG A 34 33.19 -12.62 -2.07
CA ARG A 34 33.90 -13.17 -0.93
C ARG A 34 33.12 -14.31 -0.28
N GLU A 35 31.83 -14.08 -0.03
CA GLU A 35 30.99 -15.14 0.60
C GLU A 35 30.89 -16.34 -0.35
N LEU A 36 30.71 -16.10 -1.64
CA LEU A 36 30.62 -17.19 -2.59
C LEU A 36 31.90 -18.03 -2.59
N LEU A 37 33.05 -17.36 -2.56
CA LEU A 37 34.32 -18.07 -2.52
C LEU A 37 34.47 -18.85 -1.23
N CYS A 38 34.00 -18.31 -0.11
CA CYS A 38 34.09 -19.03 1.18
C CYS A 38 33.21 -20.28 1.14
N PHE A 39 31.99 -20.17 0.62
CA PHE A 39 31.10 -21.35 0.48
C PHE A 39 31.79 -22.40 -0.40
N LEU A 40 32.29 -21.98 -1.57
CA LEU A 40 32.93 -22.93 -2.47
C LEU A 40 34.14 -23.59 -1.83
N GLY A 41 34.96 -22.81 -1.12
CA GLY A 41 36.13 -23.38 -0.48
C GLY A 41 35.78 -24.38 0.60
N LEU A 42 34.75 -24.06 1.40
CA LEU A 42 34.33 -24.98 2.47
C LEU A 42 33.81 -26.27 1.82
N PHE A 43 33.00 -26.13 0.77
CA PHE A 43 32.46 -27.30 0.09
C PHE A 43 33.57 -28.19 -0.45
N MET A 44 34.56 -27.57 -1.10
CA MET A 44 35.64 -28.35 -1.70
C MET A 44 36.50 -29.00 -0.64
N ALA A 45 36.72 -28.35 0.50
CA ALA A 45 37.45 -28.98 1.59
C ALA A 45 36.72 -30.21 2.10
N LEU A 46 35.40 -30.10 2.30
CA LEU A 46 34.65 -31.27 2.75
C LEU A 46 34.66 -32.37 1.70
N SER A 47 34.55 -32.01 0.42
CA SER A 47 34.59 -32.99 -0.65
C SER A 47 35.95 -33.70 -0.68
N ALA A 48 37.04 -32.95 -0.54
CA ALA A 48 38.37 -33.54 -0.54
C ALA A 48 38.55 -34.47 0.64
N ALA A 49 38.06 -34.08 1.81
CA ALA A 49 38.13 -34.96 2.98
C ALA A 49 37.40 -36.27 2.72
N TYR A 50 36.20 -36.18 2.16
CA TYR A 50 35.42 -37.38 1.85
C TYR A 50 36.11 -38.23 0.79
N ARG A 51 36.81 -37.59 -0.15
CA ARG A 51 37.37 -38.32 -1.28
C ARG A 51 38.70 -38.98 -0.93
N PHE A 52 39.47 -38.38 -0.02
CA PHE A 52 40.86 -38.78 0.17
C PHE A 52 41.19 -39.16 1.61
N VAL A 53 40.50 -38.59 2.59
CA VAL A 53 40.87 -38.82 3.98
C VAL A 53 40.03 -39.95 4.59
N LEU A 54 38.72 -39.92 4.36
CA LEU A 54 37.82 -40.84 5.02
C LEU A 54 38.09 -42.29 4.63
N THR A 55 38.04 -43.17 5.61
CA THR A 55 38.03 -44.60 5.36
C THR A 55 36.68 -45.02 4.79
N GLU A 56 36.62 -46.25 4.28
CA GLU A 56 35.40 -46.73 3.63
C GLU A 56 34.19 -46.66 4.57
N GLU A 57 34.36 -47.13 5.80
CA GLU A 57 33.24 -47.12 6.75
C GLU A 57 32.84 -45.69 7.08
N GLN A 58 33.83 -44.82 7.32
CA GLN A 58 33.56 -43.41 7.50
C GLN A 58 32.86 -42.84 6.27
N LYS A 59 33.22 -43.31 5.08
CA LYS A 59 32.57 -42.84 3.87
C LYS A 59 31.10 -43.24 3.84
N ARG A 60 30.78 -44.48 4.26
CA ARG A 60 29.39 -44.91 4.29
C ARG A 60 28.57 -44.07 5.27
N TYR A 61 29.12 -43.84 6.46
CA TYR A 61 28.40 -43.00 7.42
C TYR A 61 28.23 -41.58 6.87
N PHE A 62 29.27 -41.04 6.23
CA PHE A 62 29.17 -39.71 5.66
C PHE A 62 28.10 -39.65 4.58
N GLU A 63 28.00 -40.70 3.76
CA GLU A 63 26.97 -40.74 2.73
C GLU A 63 25.58 -40.71 3.36
N LYS A 64 25.41 -41.45 4.45
CA LYS A 64 24.13 -41.39 5.17
C LYS A 64 23.84 -39.97 5.64
N LEU A 65 24.85 -39.30 6.22
CA LEU A 65 24.65 -37.93 6.68
C LEU A 65 24.31 -36.99 5.53
N VAL A 66 24.97 -37.16 4.39
CA VAL A 66 24.70 -36.32 3.23
C VAL A 66 23.26 -36.49 2.77
N LEU A 67 22.81 -37.75 2.65
CA LEU A 67 21.43 -38.00 2.25
C LEU A 67 20.45 -37.36 3.22
N TYR A 68 20.73 -37.49 4.52
CA TYR A 68 19.86 -36.93 5.55
C TYR A 68 19.76 -35.41 5.44
N CYS A 69 20.90 -34.74 5.32
CA CYS A 69 20.90 -33.28 5.24
C CYS A 69 20.22 -32.79 3.97
N ASP A 70 20.48 -33.46 2.84
CA ASP A 70 19.80 -33.09 1.61
C ASP A 70 18.29 -33.27 1.77
N ARG A 71 17.87 -34.33 2.45
CA ARG A 71 16.46 -34.59 2.66
C ARG A 71 15.80 -33.51 3.51
N TYR A 72 16.48 -33.05 4.56
CA TYR A 72 15.79 -32.26 5.57
C TYR A 72 16.19 -30.79 5.62
N ALA A 73 17.11 -30.33 4.78
CA ALA A 73 17.42 -28.91 4.73
C ALA A 73 16.22 -28.08 4.28
N SER A 74 15.33 -28.68 3.48
CA SER A 74 14.13 -27.97 3.05
C SER A 74 13.20 -27.62 4.22
N LEU A 75 13.39 -28.25 5.38
CA LEU A 75 12.61 -27.86 6.55
C LEU A 75 12.85 -26.42 6.95
N ILE A 76 14.01 -25.87 6.61
CA ILE A 76 14.35 -24.48 6.92
C ILE A 76 13.63 -23.57 5.95
N PRO A 77 12.74 -22.70 6.42
CA PRO A 77 11.88 -21.91 5.50
C PRO A 77 12.57 -20.63 5.03
N VAL A 78 13.57 -20.80 4.16
CA VAL A 78 14.42 -19.67 3.76
C VAL A 78 13.61 -18.66 2.95
N SER A 79 12.82 -19.13 1.99
CA SER A 79 12.10 -18.21 1.12
C SER A 79 11.03 -17.44 1.88
N PHE A 80 10.36 -18.10 2.81
CA PHE A 80 9.35 -17.45 3.65
C PHE A 80 9.95 -16.22 4.37
N VAL A 81 10.90 -16.46 5.26
CA VAL A 81 11.46 -15.37 6.07
C VAL A 81 12.18 -14.36 5.19
N LEU A 82 12.90 -14.83 4.16
CA LEU A 82 13.67 -13.92 3.32
C LEU A 82 12.77 -13.01 2.48
N GLY A 83 11.70 -13.57 1.90
CA GLY A 83 10.76 -12.75 1.16
C GLY A 83 10.15 -11.66 2.02
N PHE A 84 9.70 -12.04 3.23
CA PHE A 84 9.15 -11.03 4.14
C PHE A 84 10.18 -9.93 4.44
N TYR A 85 11.39 -10.35 4.80
CA TYR A 85 12.41 -9.41 5.23
C TYR A 85 12.78 -8.44 4.11
N VAL A 86 12.95 -8.96 2.90
CA VAL A 86 13.35 -8.12 1.79
C VAL A 86 12.24 -7.14 1.43
N THR A 87 10.98 -7.60 1.48
CA THR A 87 9.87 -6.68 1.22
C THR A 87 9.87 -5.53 2.21
N LEU A 88 10.04 -5.82 3.49
CA LEU A 88 10.09 -4.76 4.49
C LEU A 88 11.26 -3.79 4.22
N VAL A 89 12.44 -4.35 3.94
CA VAL A 89 13.61 -3.51 3.74
C VAL A 89 13.42 -2.58 2.54
N VAL A 90 12.88 -3.10 1.45
CA VAL A 90 12.73 -2.31 0.23
C VAL A 90 11.69 -1.20 0.42
N HIS A 91 10.56 -1.54 1.06
CA HIS A 91 9.58 -0.50 1.38
C HIS A 91 10.23 0.63 2.17
N ARG A 92 10.95 0.28 3.23
CA ARG A 92 11.65 1.30 4.01
C ARG A 92 12.65 2.08 3.17
N TRP A 93 13.30 1.40 2.22
CA TRP A 93 14.31 2.04 1.38
C TRP A 93 13.71 3.18 0.58
N TRP A 94 12.62 2.90 -0.13
CA TRP A 94 12.02 3.98 -0.92
C TRP A 94 11.46 5.09 -0.03
N ASN A 95 10.85 4.72 1.10
CA ASN A 95 10.31 5.76 1.98
C ASN A 95 11.42 6.67 2.52
N GLN A 96 12.59 6.07 2.82
CA GLN A 96 13.71 6.88 3.30
C GLN A 96 14.23 7.81 2.21
N TYR A 97 14.31 7.33 0.97
CA TYR A 97 14.69 8.27 -0.09
C TYR A 97 13.69 9.41 -0.20
N LEU A 98 12.39 9.09 -0.10
CA LEU A 98 11.37 10.12 -0.20
C LEU A 98 11.46 11.14 0.94
N SER A 99 12.05 10.75 2.08
CA SER A 99 12.20 11.65 3.20
C SER A 99 13.46 12.51 3.13
N MET A 100 14.17 12.50 2.02
CA MET A 100 15.39 13.29 1.90
C MET A 100 15.07 14.78 2.04
N PRO A 101 15.85 15.54 2.81
CA PRO A 101 15.50 16.95 3.09
C PRO A 101 15.83 17.90 1.93
N LEU A 102 14.96 17.88 0.92
CA LEU A 102 15.13 18.76 -0.24
C LEU A 102 14.45 20.09 0.00
N THR A 103 15.09 21.17 -0.45
CA THR A 103 14.64 22.53 -0.19
C THR A 103 14.03 23.23 -1.40
N ASP A 104 13.64 22.48 -2.44
CA ASP A 104 13.13 23.11 -3.65
C ASP A 104 11.79 23.81 -3.42
N ALA A 105 10.85 23.13 -2.75
CA ALA A 105 9.56 23.76 -2.47
C ALA A 105 9.73 25.01 -1.63
N LEU A 106 10.58 24.93 -0.60
CA LEU A 106 10.84 26.10 0.22
C LEU A 106 11.44 27.23 -0.60
N MET A 107 12.38 26.92 -1.49
CA MET A 107 13.00 27.99 -2.28
C MET A 107 11.98 28.66 -3.18
N CYS A 108 11.04 27.89 -3.74
CA CYS A 108 9.98 28.51 -4.53
C CYS A 108 9.15 29.47 -3.68
N VAL A 109 8.71 29.02 -2.50
CA VAL A 109 7.89 29.89 -1.66
C VAL A 109 8.69 31.11 -1.22
N VAL A 110 9.96 30.92 -0.88
CA VAL A 110 10.78 32.02 -0.38
C VAL A 110 10.98 33.07 -1.46
N VAL A 111 11.33 32.65 -2.68
CA VAL A 111 11.53 33.63 -3.74
C VAL A 111 10.22 34.32 -4.09
N GLY A 112 9.08 33.64 -3.90
CA GLY A 112 7.81 34.28 -4.21
C GLY A 112 7.24 35.17 -3.11
N THR A 113 7.73 35.05 -1.88
CA THR A 113 7.06 35.74 -0.77
C THR A 113 7.94 36.64 0.06
N VAL A 114 9.26 36.57 -0.05
CA VAL A 114 10.17 37.34 0.81
C VAL A 114 10.88 38.35 -0.07
N HIS A 115 10.53 39.63 0.07
CA HIS A 115 10.79 40.60 -0.97
C HIS A 115 11.87 41.61 -0.58
N GLY A 116 12.42 42.25 -1.60
CA GLY A 116 13.43 43.29 -1.49
C GLY A 116 14.68 42.93 -2.28
N HIS A 117 15.02 43.81 -3.22
CA HIS A 117 16.27 43.70 -3.96
C HIS A 117 17.46 44.15 -3.13
N ASP A 118 17.24 44.87 -2.04
CA ASP A 118 18.31 45.43 -1.24
C ASP A 118 19.05 44.32 -0.48
N GLU A 119 20.07 44.74 0.25
CA GLU A 119 20.89 43.79 1.02
C GLU A 119 20.07 43.05 2.05
N ARG A 120 19.14 43.74 2.70
CA ARG A 120 18.36 43.10 3.77
C ARG A 120 17.46 42.01 3.21
N GLY A 121 16.82 42.26 2.07
CA GLY A 121 15.97 41.24 1.48
C GLY A 121 16.75 40.02 1.02
N ARG A 122 17.91 40.26 0.40
CA ARG A 122 18.79 39.15 0.02
C ARG A 122 19.22 38.36 1.24
N LEU A 123 19.56 39.05 2.33
CA LEU A 123 19.93 38.38 3.58
C LEU A 123 18.79 37.51 4.09
N TYR A 124 17.57 38.05 4.11
CA TYR A 124 16.42 37.28 4.55
C TYR A 124 16.26 36.01 3.72
N ARG A 125 16.27 36.14 2.40
CA ARG A 125 16.02 34.97 1.55
C ARG A 125 17.12 33.93 1.70
N ARG A 126 18.38 34.38 1.62
CA ARG A 126 19.52 33.46 1.73
C ARG A 126 19.56 32.79 3.08
N THR A 127 19.22 33.52 4.15
CA THR A 127 19.32 32.96 5.50
C THR A 127 18.19 31.97 5.76
N LEU A 128 16.97 32.25 5.29
CA LEU A 128 15.91 31.24 5.41
C LEU A 128 16.31 29.95 4.70
N MET A 129 16.81 30.09 3.46
CA MET A 129 17.21 28.89 2.73
C MET A 129 18.37 28.19 3.43
N ARG A 130 19.30 28.97 4.02
CA ARG A 130 20.44 28.38 4.68
C ARG A 130 20.05 27.65 5.96
N TYR A 131 19.07 28.18 6.69
CA TYR A 131 18.57 27.46 7.86
C TYR A 131 17.98 26.11 7.46
N ALA A 132 17.20 26.10 6.37
CA ALA A 132 16.68 24.81 5.91
C ALA A 132 17.81 23.86 5.54
N GLY A 133 18.80 24.35 4.78
CA GLY A 133 19.92 23.51 4.40
C GLY A 133 20.72 23.03 5.60
N LEU A 134 20.82 23.88 6.63
CA LEU A 134 21.54 23.54 7.84
C LEU A 134 20.83 22.42 8.60
N SER A 135 19.51 22.50 8.71
CA SER A 135 18.77 21.39 9.31
C SER A 135 19.00 20.10 8.56
N GLY A 136 18.97 20.17 7.22
CA GLY A 136 19.29 18.99 6.43
C GLY A 136 20.66 18.43 6.72
N VAL A 137 21.67 19.31 6.80
CA VAL A 137 23.04 18.86 7.07
C VAL A 137 23.12 18.20 8.45
N LEU A 138 22.47 18.81 9.44
CA LEU A 138 22.55 18.26 10.80
C LEU A 138 21.93 16.86 10.87
N ILE A 139 20.74 16.70 10.29
CA ILE A 139 20.13 15.37 10.34
C ILE A 139 20.93 14.37 9.51
N LEU A 140 21.51 14.81 8.39
CA LEU A 140 22.22 13.87 7.53
C LEU A 140 23.54 13.43 8.14
N ARG A 141 24.26 14.34 8.80
CA ARG A 141 25.44 13.92 9.54
C ARG A 141 25.05 13.06 10.74
N SER A 142 23.78 13.14 11.16
CA SER A 142 23.31 12.22 12.20
C SER A 142 23.04 10.82 11.64
N VAL A 143 22.56 10.71 10.41
CA VAL A 143 22.11 9.42 9.89
C VAL A 143 22.97 8.87 8.75
N SER A 144 23.83 9.67 8.14
CA SER A 144 24.64 9.21 7.00
C SER A 144 26.11 9.18 7.39
N THR A 145 26.73 8.01 7.21
CA THR A 145 28.14 7.88 7.57
C THR A 145 29.01 8.77 6.68
N ALA A 146 28.69 8.87 5.39
CA ALA A 146 29.47 9.72 4.49
C ALA A 146 29.39 11.19 4.89
N VAL A 147 28.19 11.67 5.19
CA VAL A 147 28.04 13.06 5.59
C VAL A 147 28.77 13.31 6.91
N PHE A 148 28.67 12.36 7.85
CA PHE A 148 29.37 12.54 9.12
C PHE A 148 30.88 12.59 8.90
N LYS A 149 31.41 11.78 7.99
CA LYS A 149 32.83 11.88 7.66
C LYS A 149 33.16 13.26 7.10
N ARG A 150 32.28 13.80 6.25
CA ARG A 150 32.53 15.15 5.76
C ARG A 150 32.44 16.20 6.86
N PHE A 151 31.52 16.02 7.82
CA PHE A 151 31.30 16.98 8.90
C PHE A 151 31.42 16.25 10.25
N PRO A 152 32.63 15.86 10.65
CA PRO A 152 32.78 15.18 11.95
C PRO A 152 32.44 16.06 13.14
N THR A 153 32.58 17.38 13.04
CA THR A 153 32.27 18.29 14.13
C THR A 153 31.43 19.44 13.57
N ILE A 154 30.75 20.14 14.48
CA ILE A 154 30.00 21.33 14.09
C ILE A 154 30.93 22.39 13.51
N ASP A 155 32.19 22.40 13.94
CA ASP A 155 33.18 23.31 13.37
C ASP A 155 33.30 23.12 11.87
N HIS A 156 33.22 21.87 11.39
CA HIS A 156 33.25 21.61 9.96
C HIS A 156 32.01 22.17 9.28
N VAL A 157 30.86 22.13 9.96
CA VAL A 157 29.66 22.74 9.42
C VAL A 157 29.84 24.24 9.27
N VAL A 158 30.44 24.88 10.27
CA VAL A 158 30.71 26.32 10.20
C VAL A 158 31.65 26.62 9.05
N GLU A 159 32.71 25.82 8.90
CA GLU A 159 33.70 26.11 7.87
C GLU A 159 33.14 25.93 6.47
N ALA A 160 32.18 25.03 6.28
CA ALA A 160 31.54 24.88 4.99
C ALA A 160 30.55 26.00 4.68
N GLY A 161 30.23 26.85 5.65
CA GLY A 161 29.35 27.97 5.42
C GLY A 161 27.88 27.73 5.72
N PHE A 162 27.51 26.54 6.20
CA PHE A 162 26.10 26.28 6.49
C PHE A 162 25.66 26.93 7.78
N MET A 163 26.61 27.37 8.62
CA MET A 163 26.33 27.93 9.92
C MET A 163 27.39 28.97 10.24
N THR A 164 26.95 30.11 10.77
CA THR A 164 27.89 31.15 11.16
C THR A 164 28.44 30.87 12.55
N ARG A 165 29.49 31.61 12.91
CA ARG A 165 30.12 31.41 14.22
C ARG A 165 29.19 31.84 15.35
N GLU A 166 28.49 32.96 15.20
CA GLU A 166 27.51 33.36 16.20
C GLU A 166 26.38 32.35 16.29
N GLU A 167 25.94 31.84 15.13
CA GLU A 167 24.94 30.78 15.12
C GLU A 167 25.48 29.55 15.84
N ARG A 168 26.76 29.24 15.63
CA ARG A 168 27.36 28.11 16.33
C ARG A 168 27.34 28.32 17.83
N LYS A 169 27.69 29.52 18.28
CA LYS A 169 27.67 29.82 19.71
C LYS A 169 26.29 29.63 20.29
N LYS A 170 25.26 30.16 19.62
CA LYS A 170 23.89 29.97 20.11
C LYS A 170 23.50 28.50 20.10
N PHE A 171 23.90 27.76 19.07
CA PHE A 171 23.56 26.35 18.94
C PHE A 171 24.14 25.54 20.10
N GLU A 172 25.41 25.80 20.45
CA GLU A 172 26.00 25.08 21.58
C GLU A 172 25.45 25.56 22.92
N ASN A 173 25.03 26.83 23.00
CA ASN A 173 24.53 27.32 24.29
C ASN A 173 23.16 26.74 24.64
N LEU A 174 22.42 26.25 23.65
CA LEU A 174 21.14 25.61 23.94
C LEU A 174 21.38 24.36 24.78
N ASN A 175 20.71 24.29 25.93
CA ASN A 175 20.90 23.18 26.85
C ASN A 175 19.91 22.08 26.51
N SER A 176 20.37 21.08 25.77
CA SER A 176 19.52 19.95 25.42
C SER A 176 20.40 18.76 25.06
N SER A 177 20.07 17.61 25.64
CA SER A 177 20.79 16.37 25.38
C SER A 177 20.28 15.64 24.14
N TYR A 178 19.20 16.10 23.54
CA TYR A 178 18.67 15.46 22.35
C TYR A 178 19.29 16.05 21.10
N ASN A 179 19.16 15.32 19.99
CA ASN A 179 19.70 15.78 18.72
C ASN A 179 19.06 17.12 18.35
N LYS A 180 19.90 18.09 17.99
CA LYS A 180 19.46 19.46 17.77
C LYS A 180 19.19 19.78 16.30
N TYR A 181 18.95 18.77 15.46
CA TYR A 181 18.73 19.02 14.04
C TYR A 181 17.55 19.95 13.81
N TRP A 182 16.59 19.99 14.74
CA TRP A 182 15.38 20.80 14.60
C TRP A 182 15.62 22.29 14.87
N VAL A 183 16.76 22.64 15.46
CA VAL A 183 17.00 24.02 15.87
C VAL A 183 16.90 25.01 14.71
N PRO A 184 17.57 24.80 13.56
CA PRO A 184 17.46 25.79 12.49
C PRO A 184 16.06 25.92 11.93
N CYS A 185 15.20 24.91 12.08
CA CYS A 185 13.80 25.08 11.67
C CYS A 185 13.07 26.06 12.57
N VAL A 186 13.39 26.05 13.87
CA VAL A 186 12.82 27.06 14.77
C VAL A 186 13.39 28.43 14.46
N TRP A 187 14.70 28.49 14.17
CA TRP A 187 15.28 29.74 13.70
C TRP A 187 14.58 30.25 12.45
N PHE A 188 14.26 29.33 11.53
CA PHE A 188 13.54 29.68 10.33
C PHE A 188 12.19 30.29 10.66
N CYS A 189 11.44 29.65 11.57
CA CYS A 189 10.14 30.18 11.94
C CYS A 189 10.26 31.58 12.54
N ASN A 190 11.25 31.78 13.42
CA ASN A 190 11.46 33.10 14.02
C ASN A 190 11.83 34.15 12.97
N LEU A 191 12.72 33.79 12.05
CA LEU A 191 13.15 34.74 11.02
C LEU A 191 11.99 35.08 10.09
N ALA A 192 11.13 34.10 9.79
CA ALA A 192 9.94 34.37 9.00
C ALA A 192 8.98 35.30 9.73
N ALA A 193 8.81 35.09 11.04
CA ALA A 193 7.98 36.00 11.82
C ALA A 193 8.53 37.41 11.75
N GLN A 194 9.85 37.57 11.88
CA GLN A 194 10.45 38.90 11.78
C GLN A 194 10.25 39.51 10.41
N ALA A 195 10.41 38.70 9.34
CA ALA A 195 10.19 39.21 8.00
C ALA A 195 8.76 39.69 7.81
N ARG A 196 7.79 38.95 8.36
CA ARG A 196 6.41 39.37 8.29
C ARG A 196 6.19 40.66 9.06
N ARG A 197 6.78 40.76 10.26
CA ARG A 197 6.60 41.96 11.08
C ARG A 197 7.17 43.20 10.39
N GLU A 198 8.29 43.04 9.69
CA GLU A 198 8.89 44.16 8.99
C GLU A 198 8.27 44.44 7.62
N GLY A 199 7.31 43.62 7.19
CA GLY A 199 6.69 43.84 5.90
C GLY A 199 7.38 43.21 4.70
N ARG A 200 8.52 42.55 4.92
CA ARG A 200 9.17 41.83 3.82
C ARG A 200 8.27 40.72 3.29
N ILE A 201 7.53 40.07 4.17
CA ILE A 201 6.43 39.19 3.77
C ILE A 201 5.17 40.04 3.79
N ARG A 202 4.57 40.24 2.61
CA ARG A 202 3.57 41.28 2.47
C ARG A 202 2.20 40.86 2.98
N ASP A 203 1.96 39.58 3.17
CA ASP A 203 0.61 39.16 3.53
C ASP A 203 0.65 37.94 4.44
N ASN A 204 -0.46 37.73 5.14
CA ASN A 204 -0.55 36.63 6.10
C ASN A 204 -0.58 35.28 5.39
N GLY A 205 -1.19 35.23 4.21
CA GLY A 205 -1.26 33.97 3.48
C GLY A 205 0.11 33.46 3.08
N ALA A 206 0.99 34.36 2.62
CA ALA A 206 2.35 33.98 2.27
C ALA A 206 3.12 33.49 3.49
N PHE A 207 2.98 34.18 4.62
CA PHE A 207 3.61 33.74 5.85
C PHE A 207 3.11 32.36 6.25
N LYS A 208 1.80 32.12 6.11
CA LYS A 208 1.25 30.80 6.41
C LYS A 208 1.83 29.74 5.49
N LEU A 209 1.93 30.04 4.18
CA LEU A 209 2.49 29.07 3.25
C LEU A 209 3.95 28.75 3.60
N LEU A 210 4.71 29.78 3.97
CA LEU A 210 6.09 29.58 4.39
C LEU A 210 6.15 28.63 5.58
N LEU A 211 5.32 28.86 6.59
CA LEU A 211 5.35 27.97 7.76
C LEU A 211 4.89 26.55 7.40
N GLU A 212 3.91 26.42 6.50
CA GLU A 212 3.48 25.09 6.06
C GLU A 212 4.62 24.33 5.41
N GLU A 213 5.31 24.97 4.46
CA GLU A 213 6.40 24.29 3.77
C GLU A 213 7.56 24.02 4.71
N LEU A 214 7.82 24.92 5.67
CA LEU A 214 8.81 24.64 6.69
C LEU A 214 8.46 23.39 7.45
N ASN A 215 7.19 23.23 7.83
CA ASN A 215 6.79 22.07 8.62
C ASN A 215 6.88 20.79 7.78
N VAL A 216 6.58 20.88 6.48
CA VAL A 216 6.77 19.71 5.61
C VAL A 216 8.24 19.31 5.60
N PHE A 217 9.13 20.29 5.42
CA PHE A 217 10.56 20.00 5.40
C PHE A 217 11.04 19.42 6.72
N ARG A 218 10.67 20.05 7.83
CA ARG A 218 11.05 19.57 9.15
C ARG A 218 10.54 18.16 9.38
N SER A 219 9.35 17.84 8.85
CA SER A 219 8.82 16.49 9.02
C SER A 219 9.63 15.48 8.22
N LYS A 220 10.14 15.87 7.05
CA LYS A 220 11.04 14.96 6.34
C LYS A 220 12.29 14.66 7.17
N CYS A 221 12.87 15.71 7.77
CA CYS A 221 14.03 15.50 8.64
C CYS A 221 13.67 14.58 9.83
N GLY A 222 12.49 14.79 10.42
CA GLY A 222 12.06 13.94 11.51
C GLY A 222 11.87 12.50 11.09
N MET A 223 11.35 12.29 9.88
CA MET A 223 11.19 10.93 9.37
C MET A 223 12.54 10.25 9.20
N LEU A 224 13.55 10.98 8.72
CA LEU A 224 14.88 10.39 8.63
C LEU A 224 15.38 10.02 10.02
N PHE A 225 15.18 10.89 11.00
CA PHE A 225 15.55 10.58 12.38
C PHE A 225 14.86 9.30 12.85
N HIS A 226 13.57 9.15 12.54
CA HIS A 226 12.81 8.01 13.04
C HIS A 226 13.22 6.72 12.36
N TYR A 227 13.44 6.75 11.04
CA TYR A 227 13.91 5.58 10.34
C TYR A 227 15.28 5.16 10.85
N ASP A 228 16.14 6.14 11.19
CA ASP A 228 17.43 5.80 11.76
C ASP A 228 17.28 5.18 13.15
N TRP A 229 16.39 5.73 13.97
CA TRP A 229 16.23 5.23 15.33
C TRP A 229 15.52 3.89 15.37
N ILE A 230 14.42 3.76 14.64
CA ILE A 230 13.61 2.53 14.66
C ILE A 230 14.12 1.66 13.51
N SER A 231 15.14 0.88 13.81
CA SER A 231 15.69 -0.04 12.81
C SER A 231 14.65 -1.10 12.45
N VAL A 232 14.94 -1.81 11.37
CA VAL A 232 14.23 -3.06 11.12
C VAL A 232 14.43 -3.90 12.37
N PRO A 233 13.39 -4.48 12.95
CA PRO A 233 13.55 -5.18 14.24
C PRO A 233 14.69 -6.18 14.21
N LEU A 234 15.53 -6.09 15.24
CA LEU A 234 16.73 -6.92 15.32
C LEU A 234 16.38 -8.40 15.24
N VAL A 235 15.25 -8.78 15.83
CA VAL A 235 14.80 -10.17 15.77
C VAL A 235 14.71 -10.63 14.32
N TYR A 236 14.16 -9.79 13.45
CA TYR A 236 14.01 -10.18 12.04
C TYR A 236 15.36 -10.36 11.36
N THR A 237 16.28 -9.43 11.58
CA THR A 237 17.59 -9.51 10.96
C THR A 237 18.33 -10.77 11.42
N GLN A 238 18.29 -11.05 12.72
CA GLN A 238 18.93 -12.24 13.25
C GLN A 238 18.30 -13.50 12.66
N VAL A 239 16.97 -13.57 12.64
CA VAL A 239 16.29 -14.77 12.18
C VAL A 239 16.58 -15.02 10.71
N VAL A 240 16.50 -13.98 9.88
CA VAL A 240 16.74 -14.18 8.45
C VAL A 240 18.18 -14.59 8.19
N THR A 241 19.10 -14.00 8.95
CA THR A 241 20.53 -14.31 8.79
C THR A 241 20.73 -15.78 9.12
N ILE A 242 20.20 -16.20 10.26
CA ILE A 242 20.35 -17.62 10.69
C ILE A 242 19.69 -18.52 9.63
N ALA A 243 18.56 -18.10 9.07
CA ALA A 243 17.90 -18.94 8.07
C ALA A 243 18.81 -19.23 6.89
N VAL A 244 19.34 -18.16 6.29
CA VAL A 244 20.23 -18.32 5.10
C VAL A 244 21.47 -19.13 5.49
N TYR A 245 22.16 -18.73 6.55
CA TYR A 245 23.43 -19.41 6.96
C TYR A 245 23.16 -20.88 7.34
N SER A 246 22.10 -21.13 8.10
CA SER A 246 21.79 -22.51 8.57
C SER A 246 21.51 -23.40 7.34
N TYR A 247 20.72 -22.88 6.39
CA TYR A 247 20.41 -23.65 5.19
C TYR A 247 21.67 -23.99 4.41
N PHE A 248 22.55 -23.01 4.17
CA PHE A 248 23.74 -23.30 3.32
C PHE A 248 24.76 -24.12 4.13
N LEU A 249 24.80 -23.92 5.45
CA LEU A 249 25.67 -24.80 6.27
C LEU A 249 25.21 -26.24 6.05
N ALA A 250 23.89 -26.48 6.09
CA ALA A 250 23.36 -27.81 5.84
C ALA A 250 23.67 -28.28 4.42
N CYS A 251 23.60 -27.37 3.44
CA CYS A 251 23.90 -27.72 2.06
C CYS A 251 25.36 -28.10 1.87
N LEU A 252 26.26 -27.54 2.66
CA LEU A 252 27.70 -27.94 2.60
C LEU A 252 27.82 -29.46 2.73
N ILE A 253 26.95 -30.10 3.50
CA ILE A 253 26.93 -31.54 3.63
C ILE A 253 25.96 -32.19 2.65
N GLY A 254 24.72 -31.71 2.61
CA GLY A 254 23.69 -32.39 1.84
C GLY A 254 23.91 -32.36 0.35
N ARG A 255 24.69 -31.40 -0.15
CA ARG A 255 24.94 -31.26 -1.57
C ARG A 255 26.27 -31.86 -2.01
N GLN A 256 26.94 -32.62 -1.14
CA GLN A 256 28.18 -33.28 -1.52
C GLN A 256 27.92 -34.31 -2.62
N PHE A 257 28.88 -34.42 -3.55
CA PHE A 257 28.79 -35.46 -4.57
C PHE A 257 29.24 -36.79 -3.98
N LEU A 258 28.33 -37.76 -3.98
CA LEU A 258 28.59 -39.07 -3.41
C LEU A 258 29.18 -40.00 -4.44
N ASP A 259 29.88 -41.03 -3.95
CA ASP A 259 30.56 -41.95 -4.83
C ASP A 259 29.53 -42.67 -5.70
N PRO A 260 29.59 -42.52 -7.02
CA PRO A 260 28.58 -43.15 -7.89
C PRO A 260 28.57 -44.66 -7.83
N ALA A 261 29.68 -45.29 -7.43
CA ALA A 261 29.70 -46.75 -7.36
C ALA A 261 28.79 -47.26 -6.25
N GLN A 262 28.49 -46.41 -5.26
CA GLN A 262 27.58 -46.80 -4.19
C GLN A 262 26.15 -46.93 -4.69
N GLY A 263 25.81 -46.31 -5.82
CA GLY A 263 24.52 -46.51 -6.42
C GLY A 263 23.35 -45.85 -5.72
N TYR A 264 23.60 -44.78 -4.96
CA TYR A 264 22.52 -44.06 -4.31
C TYR A 264 21.62 -43.42 -5.37
N LYS A 265 20.33 -43.39 -5.09
CA LYS A 265 19.38 -42.79 -6.01
C LYS A 265 19.71 -41.32 -6.23
N ASP A 266 19.66 -40.88 -7.49
CA ASP A 266 20.00 -39.54 -7.91
C ASP A 266 21.43 -39.14 -7.54
N HIS A 267 22.36 -40.09 -7.49
CA HIS A 267 23.75 -39.79 -7.20
C HIS A 267 24.71 -40.56 -8.11
N ASP A 268 24.36 -40.71 -9.38
CA ASP A 268 25.22 -41.42 -10.32
C ASP A 268 26.05 -40.50 -11.19
N LEU A 269 26.35 -39.28 -10.75
CA LEU A 269 27.10 -38.33 -11.55
C LEU A 269 27.87 -37.39 -10.65
N ASP A 270 29.20 -37.45 -10.73
CA ASP A 270 30.08 -36.61 -9.92
C ASP A 270 30.62 -35.50 -10.82
N LEU A 271 29.96 -34.34 -10.79
CA LEU A 271 30.43 -33.17 -11.52
C LEU A 271 31.46 -32.37 -10.74
N CYS A 272 31.62 -32.65 -9.46
CA CYS A 272 32.69 -32.16 -8.58
C CYS A 272 32.56 -30.68 -8.24
N VAL A 273 31.72 -29.95 -8.98
CA VAL A 273 31.41 -28.56 -8.67
C VAL A 273 29.89 -28.46 -8.52
N PRO A 274 29.37 -28.18 -7.34
CA PRO A 274 27.92 -28.17 -7.15
C PRO A 274 27.34 -26.87 -7.71
N ILE A 275 27.32 -26.79 -9.04
CA ILE A 275 27.02 -25.53 -9.70
C ILE A 275 25.59 -25.07 -9.43
N PHE A 276 24.65 -26.02 -9.30
CA PHE A 276 23.30 -25.60 -8.94
C PHE A 276 23.23 -25.13 -7.49
N THR A 277 24.00 -25.74 -6.60
CA THR A 277 24.06 -25.25 -5.23
C THR A 277 24.77 -23.91 -5.16
N LEU A 278 25.82 -23.72 -5.97
CA LEU A 278 26.46 -22.41 -6.04
C LEU A 278 25.50 -21.35 -6.56
N LEU A 279 24.68 -21.70 -7.56
CA LEU A 279 23.68 -20.77 -8.05
C LEU A 279 22.65 -20.46 -6.98
N GLN A 280 22.23 -21.48 -6.22
CA GLN A 280 21.25 -21.26 -5.17
C GLN A 280 21.80 -20.36 -4.06
N PHE A 281 23.08 -20.55 -3.73
CA PHE A 281 23.72 -19.65 -2.73
C PHE A 281 23.76 -18.25 -3.32
N PHE A 282 24.13 -18.15 -4.60
CA PHE A 282 24.13 -16.86 -5.27
C PHE A 282 22.81 -16.15 -5.07
N PHE A 283 21.71 -16.85 -5.35
CA PHE A 283 20.41 -16.19 -5.30
C PHE A 283 19.98 -15.87 -3.87
N TYR A 284 19.96 -16.86 -2.98
CA TYR A 284 19.44 -16.61 -1.63
C TYR A 284 20.37 -15.68 -0.84
N ALA A 285 21.66 -16.03 -0.77
CA ALA A 285 22.60 -15.18 -0.05
C ALA A 285 22.77 -13.82 -0.72
N GLY A 286 22.59 -13.73 -2.03
CA GLY A 286 22.65 -12.42 -2.67
C GLY A 286 21.43 -11.58 -2.38
N TRP A 287 20.27 -12.22 -2.29
CA TRP A 287 19.07 -11.52 -1.82
C TRP A 287 19.31 -10.94 -0.43
N LEU A 288 19.86 -11.76 0.46
CA LEU A 288 20.16 -11.27 1.81
C LEU A 288 21.19 -10.15 1.77
N LYS A 289 22.19 -10.29 0.89
CA LYS A 289 23.26 -9.27 0.75
C LYS A 289 22.69 -7.96 0.21
N VAL A 290 21.71 -8.01 -0.70
CA VAL A 290 21.06 -6.81 -1.18
C VAL A 290 20.29 -6.15 -0.05
N ALA A 291 19.58 -6.95 0.74
CA ALA A 291 18.92 -6.40 1.92
C ALA A 291 19.93 -5.73 2.85
N GLU A 292 21.12 -6.33 2.98
CA GLU A 292 22.19 -5.74 3.82
C GLU A 292 22.60 -4.37 3.26
N GLN A 293 22.74 -4.25 1.94
CA GLN A 293 23.08 -2.95 1.36
C GLN A 293 21.96 -1.94 1.57
N LEU A 294 20.70 -2.37 1.44
CA LEU A 294 19.59 -1.43 1.42
C LEU A 294 19.11 -1.04 2.82
N ILE A 295 19.44 -1.84 3.84
CA ILE A 295 18.82 -1.64 5.14
C ILE A 295 19.20 -0.29 5.73
N ASN A 296 20.42 0.16 5.48
CA ASN A 296 20.84 1.51 5.82
C ASN A 296 21.27 2.18 4.52
N PRO A 297 20.37 2.85 3.82
CA PRO A 297 20.71 3.43 2.51
C PRO A 297 21.58 4.68 2.59
N PHE A 298 22.00 5.09 3.77
CA PHE A 298 22.78 6.30 3.96
C PHE A 298 24.24 6.01 4.29
N GLY A 299 24.72 4.81 4.02
CA GLY A 299 26.11 4.47 4.21
C GLY A 299 26.93 4.74 2.97
N GLU A 300 28.01 3.97 2.82
CA GLU A 300 28.95 4.15 1.72
C GLU A 300 28.98 2.97 0.78
N ASP A 301 27.90 2.21 0.67
CA ASP A 301 27.78 1.26 -0.43
C ASP A 301 27.71 2.01 -1.75
N ASP A 302 28.15 1.34 -2.82
CA ASP A 302 28.10 1.94 -4.15
C ASP A 302 26.71 2.47 -4.48
N ASP A 303 25.68 1.71 -4.14
CA ASP A 303 24.31 2.08 -4.47
C ASP A 303 23.57 2.74 -3.31
N ASP A 304 24.27 3.11 -2.24
CA ASP A 304 23.62 3.94 -1.22
C ASP A 304 23.35 5.34 -1.79
N PHE A 305 22.48 6.08 -1.11
CA PHE A 305 22.07 7.38 -1.59
C PHE A 305 23.24 8.38 -1.57
N GLU A 306 23.23 9.30 -2.54
CA GLU A 306 24.30 10.29 -2.72
C GLU A 306 24.02 11.52 -1.86
N THR A 307 24.24 11.36 -0.55
CA THR A 307 23.80 12.37 0.40
C THR A 307 24.62 13.65 0.30
N ASN A 308 25.95 13.53 0.16
CA ASN A 308 26.79 14.71 0.00
C ASN A 308 26.46 15.47 -1.28
N PHE A 309 26.21 14.71 -2.36
CA PHE A 309 25.78 15.34 -3.62
C PHE A 309 24.49 16.13 -3.42
N LEU A 310 23.52 15.55 -2.71
CA LEU A 310 22.27 16.24 -2.50
C LEU A 310 22.45 17.49 -1.65
N ILE A 311 23.29 17.42 -0.61
CA ILE A 311 23.57 18.60 0.21
C ILE A 311 24.11 19.73 -0.67
N ASP A 312 25.13 19.42 -1.46
CA ASP A 312 25.76 20.44 -2.30
C ASP A 312 24.78 20.99 -3.34
N ARG A 313 24.02 20.10 -3.99
CA ARG A 313 23.07 20.56 -4.99
C ARG A 313 22.03 21.47 -4.38
N CYS A 314 21.46 21.07 -3.24
CA CYS A 314 20.42 21.88 -2.62
C CYS A 314 20.94 23.25 -2.23
N PHE A 315 22.13 23.32 -1.62
CA PHE A 315 22.65 24.63 -1.27
C PHE A 315 22.85 25.50 -2.52
N GLN A 316 23.46 24.93 -3.55
CA GLN A 316 23.74 25.71 -4.76
C GLN A 316 22.45 26.20 -5.41
N VAL A 317 21.47 25.30 -5.55
CA VAL A 317 20.24 25.64 -6.26
C VAL A 317 19.41 26.62 -5.45
N SER A 318 19.35 26.42 -4.13
CA SER A 318 18.60 27.33 -3.27
C SER A 318 19.18 28.73 -3.33
N MET A 319 20.51 28.84 -3.20
CA MET A 319 21.13 30.16 -3.26
C MET A 319 20.88 30.82 -4.61
N LEU A 320 21.05 30.07 -5.70
CA LEU A 320 20.77 30.62 -7.03
C LEU A 320 19.33 31.14 -7.11
N ALA A 321 18.38 30.29 -6.73
CA ALA A 321 16.96 30.59 -6.91
C ALA A 321 16.53 31.80 -6.10
N VAL A 322 16.98 31.90 -4.85
CA VAL A 322 16.48 32.98 -4.00
C VAL A 322 17.35 34.22 -4.02
N ASP A 323 18.55 34.17 -4.60
CA ASP A 323 19.37 35.37 -4.64
C ASP A 323 19.52 35.89 -6.05
N GLU A 324 20.06 35.07 -6.95
CA GLU A 324 20.34 35.55 -8.30
C GLU A 324 19.06 35.72 -9.11
N MET A 325 18.10 34.82 -8.93
CA MET A 325 16.89 34.81 -9.75
C MET A 325 15.70 35.51 -9.09
N TYR A 326 15.88 36.13 -7.93
CA TYR A 326 14.78 36.84 -7.30
C TYR A 326 14.38 38.03 -8.17
N ASP A 327 13.10 38.06 -8.55
CA ASP A 327 12.53 39.19 -9.30
C ASP A 327 13.41 39.57 -10.48
N ASP A 328 13.83 38.56 -11.24
CA ASP A 328 14.72 38.74 -12.38
C ASP A 328 14.11 37.99 -13.56
N LEU A 329 13.18 38.64 -14.24
CA LEU A 329 12.39 38.00 -15.27
C LEU A 329 12.70 38.61 -16.62
N ALA A 330 12.61 37.79 -17.67
CA ALA A 330 12.64 38.30 -19.02
C ALA A 330 11.37 39.11 -19.29
N MET A 331 11.45 39.97 -20.31
CA MET A 331 10.31 40.81 -20.66
C MET A 331 9.10 39.95 -20.97
N LEU A 332 7.93 40.38 -20.50
CA LEU A 332 6.68 39.75 -20.88
C LEU A 332 6.48 39.96 -22.37
N GLU A 333 6.62 38.91 -23.16
CA GLU A 333 6.53 38.99 -24.61
C GLU A 333 5.51 37.99 -25.13
N LYS A 334 4.93 38.33 -26.27
CA LYS A 334 4.05 37.40 -26.95
C LYS A 334 4.82 36.16 -27.39
N ASP A 335 4.24 34.99 -27.12
CA ASP A 335 4.88 33.74 -27.47
C ASP A 335 4.72 33.45 -28.96
N LEU A 336 5.30 32.35 -29.42
CA LEU A 336 5.24 32.01 -30.83
C LEU A 336 3.80 31.80 -31.29
N TYR A 337 2.98 31.15 -30.48
CA TYR A 337 1.61 30.84 -30.83
C TYR A 337 0.62 31.83 -30.23
N TRP A 338 1.03 33.10 -30.08
CA TRP A 338 0.14 34.13 -29.57
C TRP A 338 -1.07 34.31 -30.49
N ASP A 339 -0.83 34.35 -31.80
CA ASP A 339 -1.89 34.52 -32.78
C ASP A 339 -2.70 33.22 -32.96
N THR B 2 13.25 0.02 22.16
CA THR B 2 13.86 0.02 20.83
C THR B 2 15.35 -0.32 20.94
N VAL B 3 15.81 -1.26 20.13
CA VAL B 3 17.21 -1.65 20.08
C VAL B 3 17.72 -1.23 18.72
N THR B 4 18.40 -0.09 18.65
CA THR B 4 18.83 0.41 17.35
C THR B 4 20.18 -0.18 16.99
N TYR B 5 20.35 -0.49 15.71
CA TYR B 5 21.64 -0.94 15.21
C TYR B 5 21.92 -0.37 13.82
N THR B 6 21.23 0.71 13.46
CA THR B 6 21.29 1.23 12.10
C THR B 6 22.73 1.57 11.71
N ALA B 7 23.48 2.17 12.64
CA ALA B 7 24.84 2.59 12.33
C ALA B 7 25.73 1.40 12.01
N ARG B 8 25.52 0.26 12.68
CA ARG B 8 26.41 -0.89 12.50
C ARG B 8 26.23 -1.56 11.14
N VAL B 9 25.16 -1.26 10.42
CA VAL B 9 24.90 -1.92 9.15
C VAL B 9 24.85 -0.88 8.03
N ALA B 10 25.64 0.20 8.17
CA ALA B 10 25.63 1.25 7.15
C ALA B 10 26.16 0.73 5.83
N LYS B 11 27.10 -0.21 5.87
CA LYS B 11 27.76 -0.72 4.67
C LYS B 11 27.61 -2.22 4.62
N ALA B 12 27.40 -2.75 3.41
CA ALA B 12 27.52 -4.18 3.22
C ALA B 12 28.98 -4.58 3.43
N ARG B 13 29.18 -5.63 4.22
CA ARG B 13 30.52 -6.09 4.52
C ARG B 13 30.52 -7.61 4.51
N PHE B 14 31.73 -8.18 4.44
CA PHE B 14 31.89 -9.62 4.33
C PHE B 14 31.14 -10.35 5.44
N GLY B 15 31.29 -9.89 6.67
CA GLY B 15 30.61 -10.54 7.78
C GLY B 15 29.10 -10.54 7.66
N GLY B 16 28.53 -9.55 6.98
CA GLY B 16 27.08 -9.45 6.94
C GLY B 16 26.54 -9.12 8.31
N PHE B 17 25.37 -9.68 8.63
CA PHE B 17 24.73 -9.54 9.93
C PHE B 17 25.27 -10.51 10.98
N SER B 18 26.39 -11.17 10.69
CA SER B 18 26.91 -12.17 11.61
C SER B 18 27.24 -11.56 12.95
N LYS B 19 27.83 -10.35 12.94
CA LYS B 19 28.11 -9.65 14.19
C LYS B 19 26.83 -9.34 14.95
N LEU B 20 25.73 -9.07 14.23
CA LEU B 20 24.46 -8.85 14.90
C LEU B 20 23.97 -10.12 15.58
N LEU B 21 24.37 -11.28 15.06
CA LEU B 21 23.98 -12.53 15.73
C LEU B 21 24.50 -12.62 17.17
N LEU B 22 25.41 -11.75 17.59
CA LEU B 22 25.98 -11.84 18.93
C LEU B 22 25.21 -11.02 19.97
N LEU B 23 24.19 -10.29 19.57
CA LEU B 23 23.43 -9.42 20.45
C LEU B 23 22.41 -10.22 21.26
N TRP B 24 22.27 -9.87 22.54
CA TRP B 24 21.30 -10.50 23.44
C TRP B 24 20.05 -9.64 23.64
N ARG B 25 20.23 -8.38 24.02
CA ARG B 25 19.10 -7.50 24.25
C ARG B 25 18.34 -7.25 22.95
N GLY B 26 17.04 -7.53 22.96
CA GLY B 26 16.26 -7.41 21.75
C GLY B 26 16.46 -8.54 20.76
N SER B 27 17.09 -9.63 21.17
CA SER B 27 17.43 -10.71 20.26
C SER B 27 16.31 -11.75 20.20
N ILE B 28 16.35 -12.58 19.16
CA ILE B 28 15.40 -13.68 19.06
C ILE B 28 15.64 -14.71 20.15
N TYR B 29 16.91 -14.92 20.51
CA TYR B 29 17.24 -15.93 21.52
C TYR B 29 16.53 -15.63 22.83
N LYS B 30 16.60 -14.38 23.28
CA LYS B 30 16.00 -14.03 24.56
C LYS B 30 14.49 -14.20 24.52
N LEU B 31 13.88 -13.93 23.36
CA LEU B 31 12.45 -14.13 23.21
C LEU B 31 12.06 -15.61 23.25
N LEU B 32 12.92 -16.49 22.72
CA LEU B 32 12.47 -17.83 22.38
C LEU B 32 13.18 -18.99 23.11
N TRP B 33 14.17 -18.73 23.96
CA TRP B 33 14.94 -19.85 24.49
C TRP B 33 14.11 -20.74 25.41
N ARG B 34 13.18 -20.15 26.16
CA ARG B 34 12.34 -20.97 27.04
C ARG B 34 11.49 -21.94 26.23
N GLU B 35 10.81 -21.44 25.20
CA GLU B 35 9.94 -22.30 24.36
C GLU B 35 10.82 -23.35 23.64
N LEU B 36 11.98 -22.94 23.13
CA LEU B 36 12.86 -23.89 22.45
C LEU B 36 13.29 -25.00 23.40
N LEU B 37 13.64 -24.65 24.63
CA LEU B 37 14.04 -25.65 25.61
C LEU B 37 12.88 -26.57 25.96
N CYS B 38 11.66 -26.04 26.03
CA CYS B 38 10.47 -26.87 26.32
C CYS B 38 10.24 -27.87 25.17
N PHE B 39 10.32 -27.41 23.93
CA PHE B 39 10.17 -28.32 22.76
C PHE B 39 11.24 -29.40 22.83
N LEU B 40 12.50 -29.01 23.02
CA LEU B 40 13.58 -29.99 23.06
C LEU B 40 13.39 -30.99 24.20
N GLY B 41 12.99 -30.52 25.37
CA GLY B 41 12.78 -31.41 26.49
C GLY B 41 11.65 -32.40 26.25
N LEU B 42 10.56 -31.92 25.65
CA LEU B 42 9.40 -32.81 25.37
C LEU B 42 9.86 -33.86 24.35
N PHE B 43 10.58 -33.42 23.32
CA PHE B 43 11.05 -34.35 22.29
C PHE B 43 11.94 -35.41 22.90
N MET B 44 12.88 -35.01 23.75
CA MET B 44 13.80 -35.96 24.33
C MET B 44 13.11 -36.91 25.28
N ALA B 45 12.10 -36.45 26.02
CA ALA B 45 11.32 -37.34 26.86
C ALA B 45 10.61 -38.41 26.04
N LEU B 46 9.98 -37.99 24.93
CA LEU B 46 9.31 -38.97 24.08
C LEU B 46 10.32 -39.94 23.47
N SER B 47 11.49 -39.42 23.05
CA SER B 47 12.51 -40.29 22.49
C SER B 47 13.01 -41.30 23.52
N ALA B 48 13.24 -40.86 24.76
CA ALA B 48 13.69 -41.76 25.80
C ALA B 48 12.64 -42.82 26.10
N ALA B 49 11.37 -42.43 26.14
CA ALA B 49 10.31 -43.41 26.34
C ALA B 49 10.32 -44.46 25.24
N TYR B 50 10.43 -44.02 23.99
CA TYR B 50 10.49 -44.96 22.87
C TYR B 50 11.73 -45.85 22.94
N ARG B 51 12.84 -45.32 23.44
CA ARG B 51 14.10 -46.05 23.40
C ARG B 51 14.23 -47.05 24.55
N PHE B 52 13.62 -46.75 25.70
CA PHE B 52 13.90 -47.49 26.91
C PHE B 52 12.66 -48.09 27.56
N VAL B 53 11.49 -47.46 27.41
CA VAL B 53 10.31 -47.91 28.13
C VAL B 53 9.47 -48.84 27.27
N LEU B 54 9.26 -48.48 26.01
CA LEU B 54 8.33 -49.20 25.15
C LEU B 54 8.81 -50.62 24.88
N THR B 55 7.88 -51.57 24.93
CA THR B 55 8.13 -52.92 24.45
C THR B 55 8.22 -52.92 22.93
N GLU B 56 8.69 -54.04 22.38
CA GLU B 56 8.90 -54.15 20.94
C GLU B 56 7.61 -53.88 20.17
N GLU B 57 6.50 -54.50 20.57
CA GLU B 57 5.24 -54.30 19.87
C GLU B 57 4.77 -52.85 19.99
N GLN B 58 4.87 -52.29 21.19
CA GLN B 58 4.60 -50.87 21.38
C GLN B 58 5.51 -50.02 20.50
N LYS B 59 6.76 -50.45 20.33
CA LYS B 59 7.68 -49.72 19.47
C LYS B 59 7.22 -49.75 18.02
N ARG B 60 6.74 -50.89 17.54
CA ARG B 60 6.25 -50.98 16.17
C ARG B 60 5.04 -50.07 15.95
N TYR B 61 4.09 -50.09 16.89
CA TYR B 61 2.95 -49.19 16.77
C TYR B 61 3.39 -47.73 16.82
N PHE B 62 4.34 -47.41 17.71
CA PHE B 62 4.83 -46.04 17.79
C PHE B 62 5.49 -45.62 16.49
N GLU B 63 6.24 -46.52 15.85
CA GLU B 63 6.86 -46.19 14.57
C GLU B 63 5.81 -45.89 13.52
N LYS B 64 4.73 -46.66 13.52
CA LYS B 64 3.62 -46.37 12.60
C LYS B 64 3.06 -44.98 12.86
N LEU B 65 2.85 -44.64 14.14
CA LEU B 65 2.33 -43.31 14.48
C LEU B 65 3.30 -42.21 14.05
N VAL B 66 4.60 -42.42 14.24
CA VAL B 66 5.59 -41.42 13.85
C VAL B 66 5.54 -41.19 12.34
N LEU B 67 5.51 -42.28 11.57
CA LEU B 67 5.44 -42.14 10.12
C LEU B 67 4.18 -41.39 9.71
N TYR B 68 3.05 -41.71 10.34
CA TYR B 68 1.79 -41.04 10.02
C TYR B 68 1.85 -39.55 10.30
N CYS B 69 2.33 -39.17 11.49
CA CYS B 69 2.39 -37.76 11.84
C CYS B 69 3.36 -37.00 10.94
N ASP B 70 4.51 -37.59 10.64
CA ASP B 70 5.44 -36.95 9.72
C ASP B 70 4.80 -36.76 8.36
N ARG B 71 4.02 -37.75 7.92
CA ARG B 71 3.35 -37.67 6.63
C ARG B 71 2.32 -36.56 6.59
N TYR B 72 1.55 -36.37 7.67
CA TYR B 72 0.36 -35.54 7.58
C TYR B 72 0.43 -34.22 8.33
N ALA B 73 1.53 -33.93 9.04
CA ALA B 73 1.66 -32.63 9.68
C ALA B 73 1.67 -31.50 8.66
N SER B 74 2.14 -31.77 7.44
CA SER B 74 2.13 -30.74 6.39
C SER B 74 0.72 -30.30 6.01
N LEU B 75 -0.31 -31.06 6.39
CA LEU B 75 -1.67 -30.62 6.16
C LEU B 75 -1.98 -29.32 6.89
N ILE B 76 -1.28 -29.05 7.98
CA ILE B 76 -1.48 -27.82 8.76
C ILE B 76 -0.80 -26.66 8.04
N PRO B 77 -1.56 -25.66 7.60
CA PRO B 77 -0.98 -24.59 6.74
C PRO B 77 -0.33 -23.49 7.57
N VAL B 78 0.83 -23.81 8.15
CA VAL B 78 1.48 -22.89 9.09
C VAL B 78 1.96 -21.64 8.36
N SER B 79 2.61 -21.81 7.21
CA SER B 79 3.19 -20.65 6.53
C SER B 79 2.11 -19.72 6.00
N PHE B 80 1.00 -20.28 5.51
CA PHE B 80 -0.14 -19.48 5.05
C PHE B 80 -0.63 -18.52 6.12
N VAL B 81 -1.15 -19.07 7.23
CA VAL B 81 -1.73 -18.24 8.29
C VAL B 81 -0.67 -17.35 8.92
N LEU B 82 0.54 -17.88 9.12
CA LEU B 82 1.58 -17.12 9.80
C LEU B 82 2.06 -15.94 8.95
N GLY B 83 2.26 -16.16 7.64
CA GLY B 83 2.64 -15.05 6.78
C GLY B 83 1.61 -13.94 6.79
N PHE B 84 0.32 -14.31 6.66
CA PHE B 84 -0.72 -13.29 6.72
C PHE B 84 -0.68 -12.52 8.03
N TYR B 85 -0.62 -13.26 9.14
CA TYR B 85 -0.68 -12.64 10.47
C TYR B 85 0.48 -11.69 10.69
N VAL B 86 1.69 -12.13 10.33
CA VAL B 86 2.86 -11.29 10.56
C VAL B 86 2.82 -10.05 9.69
N THR B 87 2.36 -10.18 8.44
CA THR B 87 2.22 -9.00 7.59
C THR B 87 1.28 -7.97 8.22
N LEU B 88 0.12 -8.44 8.71
CA LEU B 88 -0.81 -7.51 9.36
C LEU B 88 -0.17 -6.84 10.58
N VAL B 89 0.48 -7.64 11.42
CA VAL B 89 1.06 -7.10 12.65
C VAL B 89 2.11 -6.04 12.34
N VAL B 90 2.98 -6.31 11.35
CA VAL B 90 4.07 -5.38 11.04
C VAL B 90 3.53 -4.09 10.45
N HIS B 91 2.55 -4.19 9.54
CA HIS B 91 1.91 -2.98 9.03
C HIS B 91 1.37 -2.12 10.16
N ARG B 92 0.61 -2.75 11.08
CA ARG B 92 0.10 -2.01 12.22
C ARG B 92 1.22 -1.43 13.07
N TRP B 93 2.34 -2.15 13.18
CA TRP B 93 3.46 -1.70 14.00
C TRP B 93 3.99 -0.37 13.51
N TRP B 94 4.31 -0.30 12.22
CA TRP B 94 4.85 0.96 11.71
C TRP B 94 3.80 2.07 11.77
N ASN B 95 2.54 1.77 11.48
CA ASN B 95 1.53 2.82 11.54
C ASN B 95 1.38 3.35 12.98
N GLN B 96 1.49 2.48 13.97
CA GLN B 96 1.41 2.92 15.35
C GLN B 96 2.59 3.79 15.73
N TYR B 97 3.79 3.44 15.28
CA TYR B 97 4.91 4.35 15.53
C TYR B 97 4.67 5.71 14.89
N LEU B 98 4.14 5.72 13.66
CA LEU B 98 3.88 6.98 12.97
C LEU B 98 2.83 7.81 13.70
N SER B 99 1.97 7.18 14.49
CA SER B 99 0.94 7.91 15.22
C SER B 99 1.42 8.43 16.57
N MET B 100 2.71 8.35 16.87
CA MET B 100 3.22 8.83 18.15
C MET B 100 2.97 10.32 18.28
N PRO B 101 2.49 10.79 19.45
CA PRO B 101 2.10 12.21 19.59
C PRO B 101 3.28 13.15 19.77
N LEU B 102 3.96 13.45 18.67
CA LEU B 102 5.09 14.37 18.67
C LEU B 102 4.62 15.81 18.48
N THR B 103 5.26 16.72 19.21
CA THR B 103 4.84 18.12 19.25
C THR B 103 5.77 19.06 18.48
N ASP B 104 6.63 18.54 17.61
CA ASP B 104 7.60 19.40 16.91
C ASP B 104 6.92 20.37 15.96
N ALA B 105 5.98 19.89 15.14
CA ALA B 105 5.29 20.79 14.22
C ALA B 105 4.53 21.88 14.98
N LEU B 106 3.85 21.48 16.06
CA LEU B 106 3.14 22.47 16.87
C LEU B 106 4.11 23.49 17.46
N MET B 107 5.27 23.04 17.94
CA MET B 107 6.21 23.99 18.54
C MET B 107 6.71 24.98 17.50
N CYS B 108 6.93 24.54 16.27
CA CYS B 108 7.30 25.47 15.21
C CYS B 108 6.22 26.51 14.99
N VAL B 109 4.97 26.08 14.84
CA VAL B 109 3.89 27.03 14.59
C VAL B 109 3.74 27.98 15.78
N VAL B 110 3.84 27.44 17.00
CA VAL B 110 3.64 28.24 18.20
C VAL B 110 4.70 29.31 18.32
N VAL B 111 5.97 28.94 18.13
CA VAL B 111 7.04 29.94 18.24
C VAL B 111 6.92 30.96 17.11
N GLY B 112 6.37 30.58 15.96
CA GLY B 112 6.23 31.53 14.88
C GLY B 112 5.00 32.42 14.94
N THR B 113 3.99 32.07 15.74
CA THR B 113 2.72 32.78 15.68
C THR B 113 2.21 33.37 16.99
N VAL B 114 2.76 32.97 18.13
CA VAL B 114 2.25 33.40 19.43
C VAL B 114 3.31 34.29 20.08
N HIS B 115 3.05 35.59 20.13
CA HIS B 115 4.10 36.57 20.30
C HIS B 115 4.08 37.23 21.68
N GLY B 116 5.22 37.82 22.02
CA GLY B 116 5.45 38.56 23.25
C GLY B 116 6.61 37.98 24.03
N HIS B 117 7.60 38.84 24.28
CA HIS B 117 8.72 38.49 25.16
C HIS B 117 8.34 38.56 26.63
N ASP B 118 7.24 39.20 26.95
CA ASP B 118 6.83 39.39 28.33
C ASP B 118 6.36 38.07 28.95
N GLU B 119 6.01 38.14 30.23
CA GLU B 119 5.57 36.97 30.97
C GLU B 119 4.34 36.34 30.36
N ARG B 120 3.40 37.17 29.90
CA ARG B 120 2.14 36.64 29.37
C ARG B 120 2.37 35.86 28.07
N GLY B 121 3.24 36.38 27.20
CA GLY B 121 3.52 35.67 25.96
C GLY B 121 4.22 34.34 26.21
N ARG B 122 5.19 34.34 27.13
CA ARG B 122 5.85 33.10 27.51
C ARG B 122 4.85 32.11 28.08
N LEU B 123 3.94 32.58 28.92
CA LEU B 123 2.90 31.72 29.48
C LEU B 123 2.04 31.12 28.37
N TYR B 124 1.61 31.94 27.41
CA TYR B 124 0.82 31.43 26.29
C TYR B 124 1.56 30.33 25.56
N ARG B 125 2.81 30.58 25.17
CA ARG B 125 3.54 29.60 24.37
C ARG B 125 3.77 28.32 25.15
N ARG B 126 4.27 28.44 26.38
CA ARG B 126 4.56 27.27 27.20
C ARG B 126 3.29 26.48 27.50
N THR B 127 2.17 27.16 27.72
CA THR B 127 0.95 26.46 28.09
C THR B 127 0.32 25.75 26.89
N LEU B 128 0.36 26.37 25.70
CA LEU B 128 -0.10 25.67 24.51
C LEU B 128 0.72 24.39 24.30
N MET B 129 2.04 24.52 24.39
CA MET B 129 2.89 23.33 24.21
C MET B 129 2.62 22.30 25.31
N ARG B 130 2.36 22.76 26.53
CA ARG B 130 2.14 21.84 27.64
C ARG B 130 0.81 21.12 27.50
N TYR B 131 -0.22 21.79 26.98
CA TYR B 131 -1.48 21.11 26.70
C TYR B 131 -1.29 20.00 25.68
N ALA B 132 -0.52 20.28 24.63
CA ALA B 132 -0.25 19.21 23.66
C ALA B 132 0.50 18.05 24.31
N GLY B 133 1.52 18.36 25.10
CA GLY B 133 2.27 17.31 25.78
C GLY B 133 1.41 16.54 26.77
N LEU B 134 0.47 17.23 27.41
CA LEU B 134 -0.43 16.59 28.36
C LEU B 134 -1.37 15.62 27.66
N SER B 135 -1.92 16.01 26.51
CA SER B 135 -2.73 15.08 25.74
C SER B 135 -1.92 13.84 25.36
N GLY B 136 -0.67 14.05 24.93
CA GLY B 136 0.21 12.92 24.65
C GLY B 136 0.39 12.00 25.84
N VAL B 137 0.64 12.59 27.02
CA VAL B 137 0.84 11.80 28.23
C VAL B 137 -0.42 11.00 28.56
N LEU B 138 -1.59 11.65 28.47
CA LEU B 138 -2.83 10.97 28.82
C LEU B 138 -3.08 9.77 27.91
N ILE B 139 -2.94 9.96 26.59
CA ILE B 139 -3.17 8.83 25.70
C ILE B 139 -2.11 7.74 25.90
N LEU B 140 -0.87 8.14 26.19
CA LEU B 140 0.19 7.15 26.30
C LEU B 140 0.06 6.33 27.59
N ARG B 141 -0.34 6.97 28.69
CA ARG B 141 -0.63 6.19 29.89
C ARG B 141 -1.87 5.35 29.69
N SER B 142 -2.70 5.69 28.70
CA SER B 142 -3.82 4.82 28.35
C SER B 142 -3.38 3.60 27.56
N VAL B 143 -2.38 3.74 26.69
CA VAL B 143 -2.02 2.65 25.79
C VAL B 143 -0.66 2.02 26.05
N SER B 144 0.21 2.64 26.84
CA SER B 144 1.54 2.12 27.09
C SER B 144 1.66 1.67 28.54
N THR B 145 2.06 0.41 28.74
CA THR B 145 2.21 -0.10 30.11
C THR B 145 3.32 0.63 30.86
N ALA B 146 4.42 0.93 30.18
CA ALA B 146 5.52 1.64 30.82
C ALA B 146 5.11 3.04 31.27
N VAL B 147 4.41 3.78 30.39
CA VAL B 147 3.97 5.11 30.77
C VAL B 147 2.97 5.05 31.91
N PHE B 148 2.07 4.06 31.87
CA PHE B 148 1.10 3.93 32.97
C PHE B 148 1.82 3.63 34.28
N LYS B 149 2.85 2.80 34.26
CA LYS B 149 3.63 2.59 35.48
C LYS B 149 4.26 3.89 35.96
N ARG B 150 4.76 4.71 35.04
CA ARG B 150 5.30 6.00 35.45
C ARG B 150 4.22 6.93 36.01
N PHE B 151 3.01 6.89 35.42
CA PHE B 151 1.90 7.76 35.84
C PHE B 151 0.69 6.90 36.18
N PRO B 152 0.71 6.19 37.30
CA PRO B 152 -0.46 5.36 37.67
C PRO B 152 -1.70 6.18 37.97
N THR B 153 -1.57 7.42 38.43
CA THR B 153 -2.71 8.27 38.72
C THR B 153 -2.48 9.64 38.09
N ILE B 154 -3.57 10.40 37.95
CA ILE B 154 -3.46 11.76 37.46
C ILE B 154 -2.61 12.61 38.40
N ASP B 155 -2.60 12.26 39.69
CA ASP B 155 -1.75 12.96 40.65
C ASP B 155 -0.28 12.90 40.23
N HIS B 156 0.15 11.76 39.68
CA HIS B 156 1.50 11.65 39.18
C HIS B 156 1.73 12.57 37.98
N VAL B 157 0.70 12.74 37.15
CA VAL B 157 0.80 13.67 36.03
C VAL B 157 0.99 15.09 36.55
N VAL B 158 0.24 15.45 37.58
CA VAL B 158 0.39 16.78 38.19
C VAL B 158 1.79 16.95 38.76
N GLU B 159 2.28 15.94 39.47
CA GLU B 159 3.58 16.07 40.11
C GLU B 159 4.72 16.17 39.11
N ALA B 160 4.58 15.55 37.93
CA ALA B 160 5.59 15.70 36.89
C ALA B 160 5.54 17.05 36.19
N GLY B 161 4.51 17.86 36.45
CA GLY B 161 4.42 19.18 35.86
C GLY B 161 3.64 19.28 34.56
N PHE B 162 3.08 18.18 34.06
CA PHE B 162 2.34 18.25 32.81
C PHE B 162 0.97 18.87 32.99
N MET B 163 0.51 18.97 34.23
CA MET B 163 -0.83 19.44 34.55
C MET B 163 -0.79 20.16 35.88
N THR B 164 -1.44 21.31 35.97
CA THR B 164 -1.51 22.04 37.22
C THR B 164 -2.64 21.50 38.08
N ARG B 165 -2.64 21.91 39.35
CA ARG B 165 -3.65 21.44 40.29
C ARG B 165 -5.04 21.96 39.93
N GLU B 166 -5.13 23.24 39.54
CA GLU B 166 -6.41 23.78 39.07
C GLU B 166 -6.86 23.07 37.80
N GLU B 167 -5.91 22.81 36.90
CA GLU B 167 -6.22 22.03 35.71
C GLU B 167 -6.71 20.64 36.10
N ARG B 168 -6.08 20.04 37.10
CA ARG B 168 -6.53 18.73 37.58
C ARG B 168 -7.95 18.79 38.10
N LYS B 169 -8.27 19.82 38.89
CA LYS B 169 -9.62 19.97 39.40
C LYS B 169 -10.65 20.08 38.27
N LYS B 170 -10.36 20.90 37.27
CA LYS B 170 -11.27 21.01 36.14
C LYS B 170 -11.39 19.68 35.38
N PHE B 171 -10.26 18.99 35.21
CA PHE B 171 -10.25 17.72 34.49
C PHE B 171 -11.13 16.68 35.18
N GLU B 172 -11.05 16.59 36.51
CA GLU B 172 -11.90 15.63 37.22
C GLU B 172 -13.35 16.11 37.28
N ASN B 173 -13.59 17.42 37.26
CA ASN B 173 -14.97 17.89 37.34
C ASN B 173 -15.75 17.63 36.06
N LEU B 174 -15.06 17.44 34.93
CA LEU B 174 -15.75 17.11 33.70
C LEU B 174 -16.45 15.77 33.85
N ASN B 175 -17.76 15.75 33.58
CA ASN B 175 -18.56 14.54 33.76
C ASN B 175 -18.55 13.76 32.45
N SER B 176 -17.69 12.76 32.37
CA SER B 176 -17.64 11.91 31.20
C SER B 176 -17.00 10.59 31.56
N SER B 177 -17.63 9.50 31.14
CA SER B 177 -17.13 8.16 31.38
C SER B 177 -16.14 7.70 30.32
N TYR B 178 -15.93 8.47 29.26
CA TYR B 178 -14.98 8.09 28.24
C TYR B 178 -13.60 8.63 28.56
N ASN B 179 -12.59 8.07 27.89
CA ASN B 179 -11.22 8.52 28.10
C ASN B 179 -11.10 9.99 27.76
N LYS B 180 -10.49 10.76 28.66
CA LYS B 180 -10.44 12.21 28.55
C LYS B 180 -9.15 12.73 27.92
N TYR B 181 -8.43 11.89 27.17
CA TYR B 181 -7.17 12.33 26.59
C TYR B 181 -7.35 13.55 25.68
N TRP B 182 -8.54 13.73 25.11
CA TRP B 182 -8.82 14.82 24.19
C TRP B 182 -9.02 16.16 24.89
N VAL B 183 -9.19 16.16 26.21
CA VAL B 183 -9.52 17.40 26.93
C VAL B 183 -8.46 18.49 26.74
N PRO B 184 -7.17 18.23 26.92
CA PRO B 184 -6.19 19.32 26.73
C PRO B 184 -6.14 19.85 25.31
N CYS B 185 -6.57 19.08 24.31
CA CYS B 185 -6.64 19.62 22.95
C CYS B 185 -7.74 20.67 22.84
N VAL B 186 -8.86 20.45 23.53
CA VAL B 186 -9.91 21.46 23.58
C VAL B 186 -9.44 22.69 24.37
N TRP B 187 -8.74 22.45 25.48
CA TRP B 187 -8.11 23.55 26.19
C TRP B 187 -7.17 24.33 25.28
N PHE B 188 -6.41 23.62 24.46
CA PHE B 188 -5.51 24.25 23.51
C PHE B 188 -6.29 25.14 22.55
N CYS B 189 -7.38 24.63 21.99
CA CYS B 189 -8.17 25.42 21.06
C CYS B 189 -8.71 26.68 21.74
N ASN B 190 -9.21 26.54 22.98
CA ASN B 190 -9.72 27.71 23.70
C ASN B 190 -8.62 28.73 23.99
N LEU B 191 -7.44 28.25 24.41
CA LEU B 191 -6.34 29.16 24.71
C LEU B 191 -5.87 29.87 23.46
N ALA B 192 -5.85 29.17 22.33
CA ALA B 192 -5.51 29.80 21.06
C ALA B 192 -6.53 30.86 20.67
N ALA B 193 -7.82 30.57 20.87
CA ALA B 193 -8.84 31.57 20.62
C ALA B 193 -8.61 32.81 21.46
N GLN B 194 -8.29 32.62 22.75
CA GLN B 194 -8.01 33.75 23.62
C GLN B 194 -6.78 34.53 23.15
N ALA B 195 -5.73 33.82 22.74
CA ALA B 195 -4.53 34.49 22.25
C ALA B 195 -4.85 35.33 21.02
N ARG B 196 -5.67 34.80 20.12
CA ARG B 196 -6.07 35.55 18.95
C ARG B 196 -6.88 36.78 19.34
N ARG B 197 -7.82 36.61 20.28
CA ARG B 197 -8.66 37.73 20.71
C ARG B 197 -7.84 38.85 21.33
N GLU B 198 -6.80 38.49 22.08
CA GLU B 198 -5.96 39.50 22.70
C GLU B 198 -4.87 40.04 21.78
N GLY B 199 -4.77 39.55 20.56
CA GLY B 199 -3.77 40.04 19.63
C GLY B 199 -2.41 39.38 19.71
N ARG B 200 -2.22 38.43 20.63
CA ARG B 200 -0.97 37.68 20.68
C ARG B 200 -0.75 36.90 19.40
N ILE B 201 -1.83 36.36 18.83
CA ILE B 201 -1.81 35.82 17.48
C ILE B 201 -2.26 36.96 16.56
N ARG B 202 -1.35 37.40 15.69
CA ARG B 202 -1.56 38.68 15.02
C ARG B 202 -2.49 38.57 13.82
N ASP B 203 -2.75 37.36 13.32
CA ASP B 203 -3.53 37.26 12.10
C ASP B 203 -4.35 35.98 12.10
N ASN B 204 -5.39 35.98 11.26
CA ASN B 204 -6.31 34.86 11.20
C ASN B 204 -5.64 33.63 10.58
N GLY B 205 -4.73 33.85 9.63
CA GLY B 205 -4.05 32.72 9.00
C GLY B 205 -3.21 31.93 9.99
N ALA B 206 -2.50 32.63 10.88
CA ALA B 206 -1.70 31.96 11.90
C ALA B 206 -2.58 31.17 12.86
N PHE B 207 -3.71 31.77 13.27
CA PHE B 207 -4.66 31.07 14.12
C PHE B 207 -5.19 29.81 13.44
N LYS B 208 -5.48 29.92 12.14
CA LYS B 208 -5.93 28.75 11.38
C LYS B 208 -4.86 27.68 11.33
N LEU B 209 -3.61 28.07 11.08
CA LEU B 209 -2.52 27.09 11.05
C LEU B 209 -2.36 26.40 12.39
N LEU B 210 -2.48 27.16 13.48
CA LEU B 210 -2.40 26.58 14.80
C LEU B 210 -3.49 25.53 15.00
N LEU B 211 -4.73 25.85 14.62
CA LEU B 211 -5.82 24.89 14.78
C LEU B 211 -5.60 23.67 13.88
N GLU B 212 -5.09 23.87 12.66
CA GLU B 212 -4.81 22.74 11.78
C GLU B 212 -3.80 21.78 12.41
N GLU B 213 -2.69 22.33 12.89
CA GLU B 213 -1.67 21.48 13.49
C GLU B 213 -2.16 20.82 14.78
N LEU B 214 -2.98 21.54 15.55
CA LEU B 214 -3.62 20.93 16.71
C LEU B 214 -4.44 19.72 16.30
N ASN B 215 -5.22 19.86 15.22
CA ASN B 215 -6.07 18.76 14.80
C ASN B 215 -5.25 17.58 14.27
N VAL B 216 -4.13 17.87 13.60
CA VAL B 216 -3.22 16.79 13.19
C VAL B 216 -2.72 16.03 14.42
N PHE B 217 -2.26 16.77 15.43
CA PHE B 217 -1.76 16.15 16.66
C PHE B 217 -2.85 15.33 17.35
N ARG B 218 -4.02 15.94 17.54
CA ARG B 218 -5.13 15.24 18.18
C ARG B 218 -5.50 13.99 17.41
N SER B 219 -5.40 14.02 16.08
CA SER B 219 -5.72 12.84 15.29
C SER B 219 -4.69 11.74 15.51
N LYS B 220 -3.42 12.10 15.70
CA LYS B 220 -2.44 11.07 16.05
C LYS B 220 -2.80 10.40 17.37
N CYS B 221 -3.18 11.20 18.37
CA CYS B 221 -3.61 10.62 19.63
C CYS B 221 -4.84 9.72 19.45
N GLY B 222 -5.80 10.16 18.63
CA GLY B 222 -6.97 9.32 18.36
C GLY B 222 -6.61 8.03 17.66
N MET B 223 -5.64 8.07 16.76
CA MET B 223 -5.20 6.86 16.08
C MET B 223 -4.59 5.89 17.07
N LEU B 224 -3.80 6.39 18.03
CA LEU B 224 -3.27 5.51 19.06
C LEU B 224 -4.40 4.87 19.86
N PHE B 225 -5.40 5.68 20.22
CA PHE B 225 -6.57 5.14 20.92
C PHE B 225 -7.25 4.03 20.10
N HIS B 226 -7.38 4.24 18.79
CA HIS B 226 -8.09 3.28 17.95
C HIS B 226 -7.29 1.99 17.76
N TYR B 227 -5.99 2.11 17.55
CA TYR B 227 -5.15 0.92 17.45
C TYR B 227 -5.17 0.14 18.75
N ASP B 228 -5.21 0.84 19.89
CA ASP B 228 -5.32 0.14 21.16
C ASP B 228 -6.66 -0.56 21.30
N TRP B 229 -7.74 0.11 20.90
CA TRP B 229 -9.07 -0.47 21.07
C TRP B 229 -9.34 -1.60 20.07
N ILE B 230 -9.02 -1.38 18.80
CA ILE B 230 -9.30 -2.35 17.74
C ILE B 230 -8.03 -3.21 17.61
N SER B 231 -7.96 -4.24 18.43
CA SER B 231 -6.84 -5.16 18.36
C SER B 231 -6.82 -5.89 17.02
N VAL B 232 -5.70 -6.55 16.73
CA VAL B 232 -5.68 -7.56 15.69
C VAL B 232 -6.80 -8.54 16.05
N PRO B 233 -7.68 -8.90 15.12
CA PRO B 233 -8.83 -9.73 15.50
C PRO B 233 -8.42 -10.98 16.27
N LEU B 234 -9.11 -11.20 17.40
CA LEU B 234 -8.77 -12.30 18.28
C LEU B 234 -8.80 -13.63 17.54
N VAL B 235 -9.73 -13.77 16.60
CA VAL B 235 -9.80 -15.00 15.81
C VAL B 235 -8.47 -15.29 15.14
N TYR B 236 -7.83 -14.25 14.58
CA TYR B 236 -6.57 -14.46 13.89
C TYR B 236 -5.47 -14.90 14.85
N THR B 237 -5.37 -14.24 16.00
CA THR B 237 -4.35 -14.59 16.98
C THR B 237 -4.53 -16.03 17.45
N GLN B 238 -5.77 -16.41 17.77
CA GLN B 238 -6.04 -17.78 18.20
C GLN B 238 -5.68 -18.78 17.10
N VAL B 239 -6.10 -18.51 15.87
CA VAL B 239 -5.88 -19.45 14.79
C VAL B 239 -4.39 -19.63 14.51
N VAL B 240 -3.65 -18.52 14.45
CA VAL B 240 -2.22 -18.62 14.15
C VAL B 240 -1.49 -19.35 15.28
N THR B 241 -1.91 -19.09 16.51
CA THR B 241 -1.26 -19.73 17.68
C THR B 241 -1.50 -21.23 17.58
N ILE B 242 -2.75 -21.61 17.35
CA ILE B 242 -3.09 -23.06 17.25
C ILE B 242 -2.30 -23.67 16.06
N ALA B 243 -2.14 -22.92 14.97
CA ALA B 243 -1.43 -23.47 13.82
C ALA B 243 -0.01 -23.85 14.20
N VAL B 244 0.73 -22.91 14.77
CA VAL B 244 2.15 -23.16 15.17
C VAL B 244 2.20 -24.29 16.20
N TYR B 245 1.42 -24.17 17.28
CA TYR B 245 1.48 -25.18 18.37
C TYR B 245 1.04 -26.56 17.86
N SER B 246 -0.04 -26.62 17.07
CA SER B 246 -0.55 -27.93 16.58
C SER B 246 0.51 -28.58 15.70
N TYR B 247 1.14 -27.80 14.82
CA TYR B 247 2.18 -28.35 13.93
C TYR B 247 3.34 -28.90 14.74
N PHE B 248 3.84 -28.16 15.73
CA PHE B 248 5.05 -28.64 16.46
C PHE B 248 4.63 -29.76 17.43
N LEU B 249 3.41 -29.72 17.95
CA LEU B 249 2.92 -30.86 18.76
C LEU B 249 3.00 -32.11 17.88
N ALA B 250 2.53 -32.02 16.64
CA ALA B 250 2.60 -33.15 15.71
C ALA B 250 4.04 -33.54 15.43
N CYS B 251 4.92 -32.54 15.29
CA CYS B 251 6.34 -32.82 15.03
C CYS B 251 7.01 -33.53 16.19
N LEU B 252 6.55 -33.29 17.43
CA LEU B 252 7.10 -34.03 18.59
C LEU B 252 7.04 -35.54 18.35
N ILE B 253 6.02 -36.01 17.64
CA ILE B 253 5.91 -37.42 17.28
C ILE B 253 6.52 -37.70 15.91
N GLY B 254 6.14 -36.93 14.89
CA GLY B 254 6.51 -37.25 13.53
C GLY B 254 8.00 -37.13 13.25
N ARG B 255 8.72 -36.36 14.06
CA ARG B 255 10.14 -36.14 13.87
C ARG B 255 11.00 -37.00 14.79
N GLN B 256 10.41 -37.99 15.47
CA GLN B 256 11.19 -38.90 16.30
C GLN B 256 12.16 -39.71 15.45
N PHE B 257 13.34 -39.98 15.99
CA PHE B 257 14.29 -40.85 15.31
C PHE B 257 13.91 -42.30 15.54
N LEU B 258 13.61 -43.01 14.45
CA LEU B 258 13.17 -44.38 14.53
C LEU B 258 14.36 -45.34 14.49
N ASP B 259 14.14 -46.53 15.00
CA ASP B 259 15.20 -47.52 15.11
C ASP B 259 15.69 -47.87 13.70
N PRO B 260 16.95 -47.61 13.38
CA PRO B 260 17.43 -47.87 12.01
C PRO B 260 17.39 -49.34 11.61
N ALA B 261 17.40 -50.27 12.58
CA ALA B 261 17.35 -51.68 12.23
C ALA B 261 16.00 -52.05 11.63
N GLN B 262 14.96 -51.25 11.90
CA GLN B 262 13.66 -51.51 11.30
C GLN B 262 13.64 -51.24 9.80
N GLY B 263 14.58 -50.44 9.31
CA GLY B 263 14.73 -50.26 7.88
C GLY B 263 13.67 -49.40 7.23
N TYR B 264 13.03 -48.51 7.98
CA TYR B 264 12.05 -47.61 7.39
C TYR B 264 12.73 -46.67 6.41
N LYS B 265 12.03 -46.34 5.33
CA LYS B 265 12.59 -45.43 4.33
C LYS B 265 12.88 -44.08 4.96
N ASP B 266 14.05 -43.53 4.62
CA ASP B 266 14.54 -42.27 5.16
C ASP B 266 14.68 -42.28 6.67
N HIS B 267 14.94 -43.44 7.28
CA HIS B 267 15.13 -43.52 8.73
C HIS B 267 16.32 -44.41 9.10
N ASP B 268 17.40 -44.34 8.34
CA ASP B 268 18.57 -45.14 8.63
C ASP B 268 19.67 -44.37 9.35
N LEU B 269 19.34 -43.32 10.08
CA LEU B 269 20.35 -42.51 10.76
C LEU B 269 19.75 -41.88 12.01
N ASP B 270 20.25 -42.26 13.17
CA ASP B 270 19.78 -41.75 14.45
C ASP B 270 20.80 -40.73 14.94
N LEU B 271 20.54 -39.45 14.68
CA LEU B 271 21.37 -38.36 15.16
C LEU B 271 20.99 -37.92 16.57
N CYS B 272 19.82 -38.34 17.06
CA CYS B 272 19.35 -38.23 18.43
C CYS B 272 18.97 -36.81 18.82
N VAL B 273 19.37 -35.82 18.03
CA VAL B 273 18.96 -34.44 18.21
C VAL B 273 18.32 -33.98 16.90
N PRO B 274 17.03 -33.71 16.89
CA PRO B 274 16.36 -33.35 15.62
C PRO B 274 16.69 -31.90 15.26
N ILE B 275 17.93 -31.68 14.84
CA ILE B 275 18.44 -30.32 14.70
C ILE B 275 17.70 -29.57 13.59
N PHE B 276 17.27 -30.26 12.53
CA PHE B 276 16.47 -29.56 11.53
C PHE B 276 15.09 -29.22 12.05
N THR B 277 14.51 -30.09 12.87
CA THR B 277 13.24 -29.78 13.50
C THR B 277 13.40 -28.65 14.52
N LEU B 278 14.51 -28.65 15.26
CA LEU B 278 14.77 -27.55 16.18
C LEU B 278 14.94 -26.24 15.42
N LEU B 279 15.60 -26.28 14.26
CA LEU B 279 15.72 -25.08 13.44
C LEU B 279 14.36 -24.64 12.94
N GLN B 280 13.52 -25.58 12.52
CA GLN B 280 12.20 -25.23 12.02
C GLN B 280 11.33 -24.62 13.13
N PHE B 281 11.43 -25.14 14.34
CA PHE B 281 10.71 -24.54 15.48
C PHE B 281 11.26 -23.13 15.70
N PHE B 282 12.59 -23.01 15.65
CA PHE B 282 13.21 -21.70 15.79
C PHE B 282 12.57 -20.71 14.83
N PHE B 283 12.48 -21.08 13.55
CA PHE B 283 11.98 -20.12 12.56
C PHE B 283 10.49 -19.85 12.72
N TYR B 284 9.66 -20.89 12.72
CA TYR B 284 8.21 -20.65 12.74
C TYR B 284 7.76 -20.07 14.09
N ALA B 285 8.13 -20.71 15.19
CA ALA B 285 7.77 -20.22 16.51
C ALA B 285 8.42 -18.87 16.80
N GLY B 286 9.61 -18.61 16.26
CA GLY B 286 10.22 -17.31 16.44
C GLY B 286 9.53 -16.23 15.65
N TRP B 287 9.06 -16.56 14.46
CA TRP B 287 8.20 -15.64 13.70
C TRP B 287 6.98 -15.27 14.53
N LEU B 288 6.32 -16.28 15.09
CA LEU B 288 5.15 -16.01 15.92
C LEU B 288 5.53 -15.18 17.14
N LYS B 289 6.69 -15.48 17.72
CA LYS B 289 7.17 -14.76 18.94
C LYS B 289 7.47 -13.30 18.59
N VAL B 290 7.99 -13.02 17.40
CA VAL B 290 8.22 -11.65 16.98
C VAL B 290 6.89 -10.92 16.81
N ALA B 291 5.92 -11.60 16.20
CA ALA B 291 4.58 -11.04 16.13
C ALA B 291 4.03 -10.72 17.52
N GLU B 292 4.32 -11.61 18.48
CA GLU B 292 3.87 -11.39 19.88
C GLU B 292 4.53 -10.12 20.45
N GLN B 293 5.81 -9.90 20.18
CA GLN B 293 6.47 -8.68 20.64
C GLN B 293 5.87 -7.45 19.96
N LEU B 294 5.59 -7.55 18.66
CA LEU B 294 5.22 -6.36 17.90
C LEU B 294 3.75 -6.01 18.01
N ILE B 295 2.90 -6.96 18.43
CA ILE B 295 1.46 -6.74 18.33
C ILE B 295 1.03 -5.59 19.22
N ASN B 296 1.67 -5.43 20.37
CA ASN B 296 1.47 -4.27 21.22
C ASN B 296 2.83 -3.60 21.38
N PRO B 297 3.18 -2.65 20.51
CA PRO B 297 4.53 -2.06 20.56
C PRO B 297 4.73 -1.08 21.70
N PHE B 298 3.74 -0.90 22.57
CA PHE B 298 3.83 0.06 23.66
C PHE B 298 4.01 -0.61 25.02
N GLY B 299 4.44 -1.86 25.04
CA GLY B 299 4.71 -2.55 26.28
C GLY B 299 6.16 -2.38 26.71
N GLU B 300 6.66 -3.37 27.44
CA GLU B 300 8.01 -3.32 27.99
C GLU B 300 8.93 -4.38 27.39
N ASP B 301 8.67 -4.82 26.18
CA ASP B 301 9.68 -5.61 25.47
C ASP B 301 10.90 -4.74 25.18
N ASP B 302 12.06 -5.38 25.05
CA ASP B 302 13.29 -4.66 24.75
C ASP B 302 13.13 -3.78 23.52
N ASP B 303 12.47 -4.29 22.49
CA ASP B 303 12.32 -3.56 21.24
C ASP B 303 10.97 -2.86 21.11
N ASP B 304 10.19 -2.77 22.19
CA ASP B 304 9.01 -1.91 22.14
C ASP B 304 9.44 -0.45 22.09
N PHE B 305 8.49 0.41 21.71
CA PHE B 305 8.80 1.83 21.53
C PHE B 305 9.17 2.49 22.86
N GLU B 306 10.06 3.48 22.79
CA GLU B 306 10.58 4.18 23.96
C GLU B 306 9.66 5.35 24.32
N THR B 307 8.51 5.01 24.89
CA THR B 307 7.46 6.00 25.07
C THR B 307 7.82 7.05 26.12
N ASN B 308 8.38 6.62 27.25
CA ASN B 308 8.81 7.57 28.29
C ASN B 308 9.89 8.50 27.76
N PHE B 309 10.84 7.94 27.00
CA PHE B 309 11.87 8.77 26.37
C PHE B 309 11.24 9.83 25.48
N LEU B 310 10.26 9.44 24.67
CA LEU B 310 9.63 10.40 23.78
C LEU B 310 8.88 11.47 24.55
N ILE B 311 8.19 11.10 25.62
CA ILE B 311 7.50 12.09 26.44
C ILE B 311 8.48 13.12 26.96
N ASP B 312 9.58 12.66 27.56
CA ASP B 312 10.57 13.57 28.12
C ASP B 312 11.21 14.45 27.05
N ARG B 313 11.59 13.84 25.91
CA ARG B 313 12.21 14.61 24.85
C ARG B 313 11.27 15.69 24.34
N CYS B 314 10.02 15.33 24.09
CA CYS B 314 9.07 16.30 23.56
C CYS B 314 8.86 17.45 24.52
N PHE B 315 8.69 17.17 25.81
CA PHE B 315 8.52 18.28 26.75
C PHE B 315 9.75 19.18 26.76
N GLN B 316 10.94 18.58 26.83
CA GLN B 316 12.16 19.39 26.91
C GLN B 316 12.34 20.24 25.65
N VAL B 317 12.16 19.64 24.48
CA VAL B 317 12.41 20.33 23.22
C VAL B 317 11.35 21.40 22.99
N SER B 318 10.09 21.09 23.31
CA SER B 318 9.01 22.08 23.14
C SER B 318 9.24 23.29 24.02
N MET B 319 9.58 23.05 25.30
CA MET B 319 9.83 24.18 26.20
C MET B 319 11.01 25.01 25.72
N LEU B 320 12.10 24.35 25.32
CA LEU B 320 13.24 25.08 24.79
C LEU B 320 12.84 25.95 23.59
N ALA B 321 12.17 25.32 22.62
CA ALA B 321 11.87 25.98 21.36
C ALA B 321 10.95 27.17 21.54
N VAL B 322 9.92 27.04 22.39
CA VAL B 322 8.94 28.11 22.49
C VAL B 322 9.24 29.11 23.60
N ASP B 323 10.18 28.81 24.48
CA ASP B 323 10.47 29.77 25.54
C ASP B 323 11.86 30.37 25.36
N GLU B 324 12.90 29.53 25.35
CA GLU B 324 14.26 30.06 25.30
C GLU B 324 14.59 30.62 23.92
N MET B 325 14.11 29.98 22.86
CA MET B 325 14.48 30.34 21.50
C MET B 325 13.45 31.25 20.81
N TYR B 326 12.42 31.68 21.51
CA TYR B 326 11.44 32.59 20.90
C TYR B 326 12.11 33.91 20.57
N ASP B 327 12.05 34.31 19.30
CA ASP B 327 12.55 35.60 18.85
C ASP B 327 13.95 35.87 19.37
N ASP B 328 14.82 34.86 19.23
CA ASP B 328 16.19 34.92 19.73
C ASP B 328 17.11 34.47 18.60
N LEU B 329 17.42 35.39 17.70
CA LEU B 329 18.15 35.08 16.49
C LEU B 329 19.52 35.72 16.50
N ALA B 330 20.47 35.06 15.86
CA ALA B 330 21.75 35.67 15.60
C ALA B 330 21.58 36.80 14.58
N MET B 331 22.56 37.69 14.54
CA MET B 331 22.49 38.82 13.62
C MET B 331 22.40 38.32 12.19
N LEU B 332 21.55 38.98 11.40
CA LEU B 332 21.49 38.72 9.97
C LEU B 332 22.83 39.12 9.36
N GLU B 333 23.64 38.15 8.97
CA GLU B 333 24.97 38.39 8.45
C GLU B 333 25.14 37.73 7.09
N LYS B 334 26.01 38.32 6.27
CA LYS B 334 26.36 37.70 5.01
C LYS B 334 27.05 36.36 5.25
N ASP B 335 26.62 35.36 4.49
CA ASP B 335 27.17 34.02 4.63
C ASP B 335 28.52 33.93 3.92
N LEU B 336 29.16 32.77 4.02
CA LEU B 336 30.48 32.59 3.42
C LEU B 336 30.44 32.80 1.91
N TYR B 337 29.40 32.29 1.25
CA TYR B 337 29.28 32.37 -0.21
C TYR B 337 28.37 33.51 -0.63
N TRP B 338 28.35 34.61 0.12
CA TRP B 338 27.56 35.78 -0.26
C TRP B 338 28.02 36.34 -1.60
N ASP B 339 29.34 36.45 -1.78
CA ASP B 339 29.90 36.96 -3.03
C ASP B 339 29.81 35.94 -4.16
N THR C 2 1.87 3.86 -25.45
CA THR C 2 0.71 3.26 -24.79
C THR C 2 -0.19 2.60 -25.83
N VAL C 3 -0.58 1.35 -25.58
CA VAL C 3 -1.47 0.62 -26.44
C VAL C 3 -2.75 0.41 -25.65
N THR C 4 -3.76 1.24 -25.88
CA THR C 4 -4.98 1.15 -25.08
C THR C 4 -5.93 0.14 -25.70
N TYR C 5 -6.60 -0.61 -24.84
CA TYR C 5 -7.64 -1.52 -25.29
C TYR C 5 -8.81 -1.54 -24.31
N THR C 6 -8.94 -0.50 -23.48
CA THR C 6 -9.91 -0.50 -22.41
C THR C 6 -11.32 -0.70 -22.94
N ALA C 7 -11.64 -0.05 -24.07
CA ALA C 7 -12.99 -0.13 -24.63
C ALA C 7 -13.33 -1.55 -25.05
N ARG C 8 -12.36 -2.30 -25.57
CA ARG C 8 -12.64 -3.63 -26.09
C ARG C 8 -12.95 -4.65 -25.00
N VAL C 9 -12.66 -4.33 -23.74
CA VAL C 9 -12.87 -5.28 -22.66
C VAL C 9 -13.85 -4.69 -21.64
N ALA C 10 -14.80 -3.88 -22.12
CA ALA C 10 -15.77 -3.27 -21.20
C ALA C 10 -16.64 -4.32 -20.55
N LYS C 11 -16.94 -5.41 -21.26
CA LYS C 11 -17.85 -6.44 -20.80
C LYS C 11 -17.16 -7.78 -20.82
N ALA C 12 -17.42 -8.59 -19.80
CA ALA C 12 -17.03 -9.99 -19.87
C ALA C 12 -17.83 -10.67 -20.97
N ARG C 13 -17.14 -11.41 -21.83
CA ARG C 13 -17.78 -12.08 -22.94
C ARG C 13 -17.16 -13.46 -23.11
N PHE C 14 -17.87 -14.32 -23.84
CA PHE C 14 -17.45 -15.71 -24.01
C PHE C 14 -16.01 -15.80 -24.49
N GLY C 15 -15.65 -15.02 -25.51
CA GLY C 15 -14.29 -15.05 -26.01
C GLY C 15 -13.24 -14.69 -25.00
N GLY C 16 -13.58 -13.87 -24.01
CA GLY C 16 -12.56 -13.41 -23.07
C GLY C 16 -11.57 -12.51 -23.78
N PHE C 17 -10.31 -12.60 -23.37
CA PHE C 17 -9.20 -11.88 -23.98
C PHE C 17 -8.65 -12.56 -25.22
N SER C 18 -9.37 -13.54 -25.76
CA SER C 18 -8.86 -14.28 -26.90
C SER C 18 -8.64 -13.37 -28.10
N LYS C 19 -9.58 -12.44 -28.32
CA LYS C 19 -9.41 -11.46 -29.39
C LYS C 19 -8.18 -10.59 -29.17
N LEU C 20 -7.86 -10.29 -27.90
CA LEU C 20 -6.65 -9.53 -27.62
C LEU C 20 -5.41 -10.33 -27.99
N LEU C 21 -5.50 -11.66 -27.95
CA LEU C 21 -4.35 -12.47 -28.36
C LEU C 21 -3.94 -12.21 -29.82
N LEU C 22 -4.75 -11.52 -30.62
CA LEU C 22 -4.43 -11.31 -32.03
C LEU C 22 -3.64 -10.02 -32.27
N LEU C 23 -3.39 -9.22 -31.25
CA LEU C 23 -2.72 -7.94 -31.39
C LEU C 23 -1.21 -8.13 -31.48
N TRP C 24 -0.57 -7.34 -32.35
CA TRP C 24 0.88 -7.36 -32.53
C TRP C 24 1.56 -6.19 -31.83
N ARG C 25 1.11 -4.97 -32.10
CA ARG C 25 1.72 -3.80 -31.49
C ARG C 25 1.49 -3.81 -29.98
N GLY C 26 2.58 -3.71 -29.22
CA GLY C 26 2.47 -3.80 -27.77
C GLY C 26 2.25 -5.20 -27.25
N SER C 27 2.45 -6.22 -28.08
CA SER C 27 2.16 -7.59 -27.68
C SER C 27 3.39 -8.26 -27.07
N ILE C 28 3.15 -9.36 -26.37
CA ILE C 28 4.25 -10.14 -25.82
C ILE C 28 5.07 -10.77 -26.93
N TYR C 29 4.41 -11.18 -28.01
CA TYR C 29 5.11 -11.85 -29.11
C TYR C 29 6.21 -10.97 -29.67
N LYS C 30 5.89 -9.69 -29.93
CA LYS C 30 6.86 -8.79 -30.51
C LYS C 30 8.04 -8.55 -29.58
N LEU C 31 7.76 -8.54 -28.28
CA LEU C 31 8.83 -8.39 -27.30
C LEU C 31 9.74 -9.62 -27.24
N LEU C 32 9.19 -10.82 -27.46
CA LEU C 32 9.90 -12.02 -27.05
C LEU C 32 10.23 -13.02 -28.18
N TRP C 33 9.84 -12.76 -29.42
CA TRP C 33 10.00 -13.81 -30.43
C TRP C 33 11.47 -14.09 -30.74
N ARG C 34 12.32 -13.06 -30.70
CA ARG C 34 13.74 -13.30 -30.95
C ARG C 34 14.34 -14.22 -29.90
N GLU C 35 14.09 -13.91 -28.62
CA GLU C 35 14.65 -14.76 -27.52
C GLU C 35 14.05 -16.17 -27.61
N LEU C 36 12.75 -16.27 -27.90
CA LEU C 36 12.13 -17.59 -27.99
C LEU C 36 12.76 -18.41 -29.12
N LEU C 37 13.00 -17.76 -30.25
CA LEU C 37 13.64 -18.45 -31.38
C LEU C 37 15.06 -18.86 -31.03
N CYS C 38 15.78 -18.03 -30.28
CA CYS C 38 17.17 -18.39 -29.88
C CYS C 38 17.14 -19.60 -28.94
N PHE C 39 16.24 -19.62 -27.96
CA PHE C 39 16.10 -20.79 -27.05
C PHE C 39 15.80 -22.03 -27.89
N LEU C 40 14.80 -21.94 -28.76
CA LEU C 40 14.42 -23.11 -29.56
C LEU C 40 15.57 -23.59 -30.44
N GLY C 41 16.30 -22.66 -31.05
CA GLY C 41 17.41 -23.04 -31.90
C GLY C 41 18.53 -23.72 -31.13
N LEU C 42 18.83 -23.19 -29.94
CA LEU C 42 19.89 -23.79 -29.10
C LEU C 42 19.46 -25.20 -28.70
N PHE C 43 18.19 -25.33 -28.29
CA PHE C 43 17.68 -26.64 -27.87
C PHE C 43 17.78 -27.64 -29.00
N MET C 44 17.36 -27.23 -30.21
CA MET C 44 17.37 -28.16 -31.34
C MET C 44 18.78 -28.51 -31.75
N ALA C 45 19.73 -27.58 -31.65
CA ALA C 45 21.12 -27.91 -31.94
C ALA C 45 21.65 -28.95 -30.96
N LEU C 46 21.36 -28.78 -29.67
CA LEU C 46 21.81 -29.78 -28.69
C LEU C 46 21.13 -31.12 -28.94
N SER C 47 19.84 -31.11 -29.27
CA SER C 47 19.13 -32.34 -29.56
C SER C 47 19.73 -33.04 -30.77
N ALA C 48 20.03 -32.29 -31.83
CA ALA C 48 20.61 -32.88 -33.03
C ALA C 48 21.99 -33.47 -32.74
N ALA C 49 22.79 -32.78 -31.93
CA ALA C 49 24.09 -33.31 -31.55
C ALA C 49 23.93 -34.64 -30.81
N TYR C 50 23.00 -34.68 -29.86
CA TYR C 50 22.76 -35.92 -29.11
C TYR C 50 22.24 -37.02 -30.01
N ARG C 51 21.45 -36.67 -31.04
CA ARG C 51 20.80 -37.68 -31.85
C ARG C 51 21.72 -38.23 -32.94
N PHE C 52 22.66 -37.42 -33.43
CA PHE C 52 23.40 -37.76 -34.64
C PHE C 52 24.91 -37.76 -34.44
N VAL C 53 25.43 -36.94 -33.54
CA VAL C 53 26.88 -36.80 -33.43
C VAL C 53 27.42 -37.71 -32.33
N LEU C 54 26.77 -37.73 -31.17
CA LEU C 54 27.30 -38.43 -30.02
C LEU C 54 27.39 -39.93 -30.25
N THR C 55 28.49 -40.52 -29.81
CA THR C 55 28.61 -41.97 -29.74
C THR C 55 27.74 -42.51 -28.61
N GLU C 56 27.57 -43.83 -28.60
CA GLU C 56 26.68 -44.45 -27.60
C GLU C 56 27.12 -44.12 -26.18
N GLU C 57 28.41 -44.25 -25.89
CA GLU C 57 28.90 -43.97 -24.53
C GLU C 57 28.72 -42.50 -24.19
N GLN C 58 29.04 -41.62 -25.13
CA GLN C 58 28.76 -40.21 -24.95
C GLN C 58 27.28 -39.97 -24.74
N LYS C 59 26.43 -40.75 -25.42
CA LYS C 59 24.99 -40.60 -25.23
C LYS C 59 24.58 -40.99 -23.82
N ARG C 60 25.15 -42.06 -23.27
CA ARG C 60 24.83 -42.46 -21.91
C ARG C 60 25.24 -41.39 -20.89
N TYR C 61 26.45 -40.85 -21.06
CA TYR C 61 26.87 -39.77 -20.16
C TYR C 61 25.96 -38.56 -20.32
N PHE C 62 25.60 -38.21 -21.55
CA PHE C 62 24.71 -37.08 -21.77
C PHE C 62 23.36 -37.30 -21.12
N GLU C 63 22.84 -38.52 -21.19
CA GLU C 63 21.56 -38.82 -20.53
C GLU C 63 21.67 -38.62 -19.03
N LYS C 64 22.79 -39.04 -18.44
CA LYS C 64 23.01 -38.78 -17.02
C LYS C 64 22.98 -37.28 -16.73
N LEU C 65 23.67 -36.49 -17.56
CA LEU C 65 23.70 -35.04 -17.37
C LEU C 65 22.30 -34.44 -17.50
N VAL C 66 21.53 -34.92 -18.47
CA VAL C 66 20.17 -34.40 -18.67
C VAL C 66 19.31 -34.68 -17.44
N LEU C 67 19.37 -35.91 -16.93
CA LEU C 67 18.61 -36.25 -15.74
C LEU C 67 19.01 -35.37 -14.56
N TYR C 68 20.31 -35.15 -14.40
CA TYR C 68 20.82 -34.33 -13.30
C TYR C 68 20.31 -32.89 -13.40
N CYS C 69 20.41 -32.29 -14.59
CA CYS C 69 19.99 -30.90 -14.75
C CYS C 69 18.48 -30.77 -14.56
N ASP C 70 17.71 -31.71 -15.10
CA ASP C 70 16.26 -31.68 -14.87
C ASP C 70 15.95 -31.79 -13.39
N ARG C 71 16.70 -32.62 -12.68
CA ARG C 71 16.48 -32.81 -11.25
C ARG C 71 16.77 -31.54 -10.47
N TYR C 72 17.83 -30.82 -10.81
CA TYR C 72 18.33 -29.77 -9.92
C TYR C 72 18.14 -28.34 -10.43
N ALA C 73 17.58 -28.15 -11.62
CA ALA C 73 17.28 -26.78 -12.06
C ALA C 73 16.27 -26.10 -11.15
N SER C 74 15.39 -26.87 -10.50
CA SER C 74 14.41 -26.29 -9.58
C SER C 74 15.08 -25.64 -8.37
N LEU C 75 16.36 -25.93 -8.12
CA LEU C 75 17.07 -25.25 -7.04
C LEU C 75 17.16 -23.74 -7.29
N ILE C 76 17.10 -23.32 -8.55
CA ILE C 76 17.15 -21.90 -8.90
C ILE C 76 15.79 -21.27 -8.62
N PRO C 77 15.71 -20.31 -7.72
CA PRO C 77 14.40 -19.77 -7.28
C PRO C 77 13.89 -18.68 -8.21
N VAL C 78 13.48 -19.08 -9.41
CA VAL C 78 13.11 -18.12 -10.44
C VAL C 78 11.86 -17.34 -10.04
N SER C 79 10.84 -18.05 -9.56
CA SER C 79 9.57 -17.38 -9.26
C SER C 79 9.71 -16.42 -8.08
N PHE C 80 10.50 -16.80 -7.08
CA PHE C 80 10.77 -15.94 -5.93
C PHE C 80 11.32 -14.57 -6.37
N VAL C 81 12.51 -14.57 -6.97
CA VAL C 81 13.16 -13.32 -7.35
C VAL C 81 12.35 -12.58 -8.41
N LEU C 82 11.77 -13.32 -9.36
CA LEU C 82 11.04 -12.68 -10.45
C LEU C 82 9.76 -12.02 -9.95
N GLY C 83 9.00 -12.70 -9.09
CA GLY C 83 7.81 -12.08 -8.52
C GLY C 83 8.13 -10.80 -7.77
N PHE C 84 9.17 -10.83 -6.93
CA PHE C 84 9.56 -9.62 -6.22
C PHE C 84 9.90 -8.50 -7.19
N TYR C 85 10.74 -8.81 -8.18
CA TYR C 85 11.24 -7.80 -9.10
C TYR C 85 10.10 -7.17 -9.90
N VAL C 86 9.19 -8.00 -10.40
CA VAL C 86 8.11 -7.47 -11.22
C VAL C 86 7.17 -6.63 -10.37
N THR C 87 6.90 -7.05 -9.12
CA THR C 87 6.07 -6.22 -8.25
C THR C 87 6.68 -4.83 -8.06
N LEU C 88 7.99 -4.78 -7.78
CA LEU C 88 8.65 -3.48 -7.62
C LEU C 88 8.54 -2.65 -8.89
N VAL C 89 8.82 -3.26 -10.04
CA VAL C 89 8.82 -2.52 -11.29
C VAL C 89 7.44 -1.95 -11.58
N VAL C 90 6.39 -2.74 -11.37
CA VAL C 90 5.04 -2.29 -11.70
C VAL C 90 4.59 -1.17 -10.75
N HIS C 91 4.88 -1.31 -9.46
CA HIS C 91 4.59 -0.22 -8.54
C HIS C 91 5.24 1.09 -9.00
N ARG C 92 6.54 1.02 -9.32
CA ARG C 92 7.23 2.21 -9.82
C ARG C 92 6.60 2.71 -11.11
N TRP C 93 6.13 1.80 -11.97
CA TRP C 93 5.55 2.18 -13.25
C TRP C 93 4.33 3.09 -13.05
N TRP C 94 3.39 2.64 -12.22
CA TRP C 94 2.20 3.47 -12.02
C TRP C 94 2.56 4.78 -11.31
N ASN C 95 3.46 4.74 -10.33
CA ASN C 95 3.83 5.98 -9.65
C ASN C 95 4.47 6.98 -10.62
N GLN C 96 5.28 6.48 -11.56
CA GLN C 96 5.88 7.37 -12.54
C GLN C 96 4.85 7.97 -13.47
N TYR C 97 3.85 7.18 -13.90
CA TYR C 97 2.79 7.79 -14.68
C TYR C 97 2.07 8.87 -13.89
N LEU C 98 1.81 8.62 -12.61
CA LEU C 98 1.13 9.60 -11.77
C LEU C 98 1.94 10.87 -11.60
N SER C 99 3.26 10.79 -11.76
CA SER C 99 4.12 11.97 -11.63
C SER C 99 4.26 12.75 -12.92
N MET C 100 3.49 12.44 -13.95
CA MET C 100 3.59 13.16 -15.21
C MET C 100 3.24 14.63 -15.01
N PRO C 101 4.02 15.56 -15.57
CA PRO C 101 3.80 17.00 -15.29
C PRO C 101 2.63 17.60 -16.06
N LEU C 102 1.42 17.32 -15.58
CA LEU C 102 0.21 17.86 -16.18
C LEU C 102 -0.14 19.23 -15.59
N THR C 103 -0.60 20.13 -16.45
CA THR C 103 -0.84 21.51 -16.09
C THR C 103 -2.32 21.87 -15.95
N ASP C 104 -3.22 20.88 -15.85
CA ASP C 104 -4.65 21.17 -15.82
C ASP C 104 -5.05 21.92 -14.55
N ALA C 105 -4.58 21.46 -13.39
CA ALA C 105 -4.93 22.15 -12.14
C ALA C 105 -4.40 23.59 -12.15
N LEU C 106 -3.17 23.76 -12.61
CA LEU C 106 -2.62 25.11 -12.71
C LEU C 106 -3.45 25.98 -13.65
N MET C 107 -3.87 25.43 -14.80
CA MET C 107 -4.63 26.24 -15.74
C MET C 107 -5.97 26.66 -15.14
N CYS C 108 -6.59 25.78 -14.35
CA CYS C 108 -7.83 26.18 -13.66
C CYS C 108 -7.57 27.34 -12.71
N VAL C 109 -6.54 27.22 -11.87
CA VAL C 109 -6.25 28.29 -10.91
C VAL C 109 -5.89 29.59 -11.65
N VAL C 110 -5.10 29.47 -12.72
CA VAL C 110 -4.66 30.66 -13.44
C VAL C 110 -5.82 31.38 -14.07
N VAL C 111 -6.71 30.64 -14.75
CA VAL C 111 -7.85 31.30 -15.37
C VAL C 111 -8.78 31.89 -14.32
N GLY C 112 -8.82 31.30 -13.12
CA GLY C 112 -9.69 31.84 -12.08
C GLY C 112 -9.10 33.00 -11.29
N THR C 113 -7.79 33.21 -11.33
CA THR C 113 -7.17 34.17 -10.42
C THR C 113 -6.34 35.27 -11.08
N VAL C 114 -5.97 35.15 -12.35
CA VAL C 114 -5.09 36.10 -13.00
C VAL C 114 -5.90 36.84 -14.07
N HIS C 115 -6.21 38.11 -13.80
CA HIS C 115 -7.31 38.77 -14.48
C HIS C 115 -6.84 39.83 -15.47
N GLY C 116 -7.73 40.17 -16.38
CA GLY C 116 -7.57 41.20 -17.40
C GLY C 116 -7.78 40.63 -18.80
N HIS C 117 -8.73 41.22 -19.51
CA HIS C 117 -8.96 40.90 -20.91
C HIS C 117 -7.92 41.55 -21.82
N ASP C 118 -7.19 42.53 -21.32
CA ASP C 118 -6.24 43.27 -22.14
C ASP C 118 -5.02 42.40 -22.47
N GLU C 119 -4.12 42.98 -23.24
CA GLU C 119 -2.92 42.27 -23.69
C GLU C 119 -2.06 41.83 -22.51
N ARG C 120 -1.95 42.68 -21.48
CA ARG C 120 -1.08 42.36 -20.35
C ARG C 120 -1.62 41.17 -19.57
N GLY C 121 -2.93 41.12 -19.36
CA GLY C 121 -3.52 39.98 -18.65
C GLY C 121 -3.36 38.68 -19.41
N ARG C 122 -3.59 38.73 -20.72
CA ARG C 122 -3.37 37.55 -21.56
C ARG C 122 -1.92 37.11 -21.50
N LEU C 123 -0.99 38.06 -21.53
CA LEU C 123 0.43 37.74 -21.43
C LEU C 123 0.73 37.06 -20.11
N TYR C 124 0.20 37.59 -19.01
CA TYR C 124 0.41 36.97 -17.70
C TYR C 124 -0.07 35.53 -17.69
N ARG C 125 -1.31 35.30 -18.13
CA ARG C 125 -1.88 33.96 -18.05
C ARG C 125 -1.11 32.99 -18.94
N ARG C 126 -0.87 33.38 -20.20
CA ARG C 126 -0.18 32.51 -21.14
C ARG C 126 1.24 32.23 -20.68
N THR C 127 1.92 33.22 -20.09
CA THR C 127 3.31 33.03 -19.70
C THR C 127 3.42 32.15 -18.46
N LEU C 128 2.51 32.31 -17.49
CA LEU C 128 2.52 31.40 -16.35
C LEU C 128 2.32 29.95 -16.83
N MET C 129 1.33 29.75 -17.70
CA MET C 129 1.09 28.40 -18.21
C MET C 129 2.30 27.89 -19.00
N ARG C 130 2.94 28.79 -19.76
CA ARG C 130 4.08 28.39 -20.58
C ARG C 130 5.29 28.03 -19.72
N TYR C 131 5.50 28.74 -18.61
CA TYR C 131 6.58 28.36 -17.70
C TYR C 131 6.34 26.96 -17.14
N ALA C 132 5.10 26.67 -16.76
CA ALA C 132 4.82 25.31 -16.28
C ALA C 132 5.10 24.28 -17.37
N GLY C 133 4.61 24.55 -18.59
CA GLY C 133 4.85 23.63 -19.69
C GLY C 133 6.33 23.49 -20.02
N LEU C 134 7.09 24.57 -19.86
CA LEU C 134 8.52 24.55 -20.13
C LEU C 134 9.24 23.68 -19.11
N SER C 135 8.89 23.80 -17.83
CA SER C 135 9.47 22.91 -16.82
C SER C 135 9.17 21.45 -17.16
N GLY C 136 7.92 21.17 -17.57
CA GLY C 136 7.59 19.82 -18.00
C GLY C 136 8.47 19.34 -19.15
N VAL C 137 8.65 20.19 -20.16
CA VAL C 137 9.47 19.82 -21.31
C VAL C 137 10.91 19.55 -20.88
N LEU C 138 11.46 20.41 -20.02
CA LEU C 138 12.85 20.24 -19.61
C LEU C 138 13.05 18.92 -18.87
N ILE C 139 12.17 18.61 -17.91
CA ILE C 139 12.34 17.36 -17.18
C ILE C 139 12.10 16.16 -18.11
N LEU C 140 11.16 16.28 -19.05
CA LEU C 140 10.85 15.15 -19.90
C LEU C 140 11.96 14.87 -20.91
N ARG C 141 12.57 15.91 -21.46
CA ARG C 141 13.75 15.69 -22.30
C ARG C 141 14.90 15.18 -21.47
N SER C 142 14.85 15.38 -20.15
CA SER C 142 15.86 14.78 -19.28
C SER C 142 15.62 13.29 -19.07
N VAL C 143 14.36 12.86 -19.00
CA VAL C 143 14.06 11.48 -18.61
C VAL C 143 13.45 10.64 -19.74
N SER C 144 12.97 11.23 -20.82
CA SER C 144 12.32 10.48 -21.89
C SER C 144 13.18 10.54 -23.14
N THR C 145 13.52 9.36 -23.68
CA THR C 145 14.33 9.31 -24.89
C THR C 145 13.60 9.93 -26.08
N ALA C 146 12.30 9.68 -26.20
CA ALA C 146 11.53 10.25 -27.30
C ALA C 146 11.50 11.78 -27.25
N VAL C 147 11.26 12.34 -26.06
CA VAL C 147 11.23 13.78 -25.93
C VAL C 147 12.61 14.37 -26.21
N PHE C 148 13.66 13.70 -25.73
CA PHE C 148 15.00 14.19 -26.02
C PHE C 148 15.30 14.18 -27.52
N LYS C 149 14.85 13.15 -28.23
CA LYS C 149 15.01 13.15 -29.67
C LYS C 149 14.26 14.32 -30.30
N ARG C 150 13.06 14.63 -29.80
CA ARG C 150 12.35 15.79 -30.31
C ARG C 150 13.08 17.09 -29.99
N PHE C 151 13.68 17.19 -28.80
CA PHE C 151 14.36 18.40 -28.35
C PHE C 151 15.80 18.06 -27.94
N PRO C 152 16.67 17.77 -28.92
CA PRO C 152 18.07 17.47 -28.57
C PRO C 152 18.82 18.63 -27.97
N THR C 153 18.46 19.87 -28.27
CA THR C 153 19.11 21.05 -27.71
C THR C 153 18.05 22.02 -27.21
N ILE C 154 18.47 22.94 -26.35
CA ILE C 154 17.56 23.99 -25.89
C ILE C 154 17.09 24.85 -27.05
N ASP C 155 17.90 24.96 -28.11
CA ASP C 155 17.48 25.67 -29.30
C ASP C 155 16.20 25.09 -29.88
N HIS C 156 16.06 23.76 -29.83
CA HIS C 156 14.82 23.13 -30.29
C HIS C 156 13.65 23.51 -29.40
N VAL C 157 13.91 23.66 -28.10
CA VAL C 157 12.86 24.12 -27.18
C VAL C 157 12.41 25.52 -27.56
N VAL C 158 13.37 26.40 -27.86
CA VAL C 158 13.04 27.76 -28.29
C VAL C 158 12.23 27.74 -29.57
N GLU C 159 12.64 26.92 -30.54
CA GLU C 159 11.96 26.90 -31.83
C GLU C 159 10.55 26.37 -31.73
N ALA C 160 10.29 25.46 -30.79
CA ALA C 160 8.92 24.98 -30.59
C ALA C 160 8.04 25.99 -29.86
N GLY C 161 8.60 27.07 -29.34
CA GLY C 161 7.82 28.09 -28.69
C GLY C 161 7.67 27.95 -27.19
N PHE C 162 8.27 26.94 -26.57
CA PHE C 162 8.13 26.78 -25.12
C PHE C 162 9.00 27.76 -24.36
N MET C 163 9.96 28.40 -25.04
CA MET C 163 10.92 29.28 -24.41
C MET C 163 11.31 30.36 -25.41
N THR C 164 11.36 31.61 -24.94
CA THR C 164 11.77 32.70 -25.80
C THR C 164 13.29 32.80 -25.84
N ARG C 165 13.79 33.59 -26.79
CA ARG C 165 15.24 33.75 -26.95
C ARG C 165 15.86 34.47 -25.76
N GLU C 166 15.20 35.51 -25.26
CA GLU C 166 15.69 36.18 -24.06
C GLU C 166 15.63 35.24 -22.86
N GLU C 167 14.57 34.44 -22.77
CA GLU C 167 14.48 33.43 -21.72
C GLU C 167 15.62 32.43 -21.88
N ARG C 168 15.94 32.06 -23.12
CA ARG C 168 17.05 31.15 -23.36
C ARG C 168 18.36 31.75 -22.87
N LYS C 169 18.58 33.03 -23.18
CA LYS C 169 19.80 33.69 -22.73
C LYS C 169 19.92 33.69 -21.22
N LYS C 170 18.84 34.02 -20.52
CA LYS C 170 18.88 33.99 -19.06
C LYS C 170 19.10 32.57 -18.55
N PHE C 171 18.47 31.58 -19.18
CA PHE C 171 18.60 30.19 -18.76
C PHE C 171 20.04 29.71 -18.86
N GLU C 172 20.72 30.04 -19.96
CA GLU C 172 22.12 29.64 -20.10
C GLU C 172 23.04 30.47 -19.20
N ASN C 173 22.65 31.72 -18.90
CA ASN C 173 23.54 32.54 -18.06
C ASN C 173 23.55 32.09 -16.61
N LEU C 174 22.52 31.36 -16.18
CA LEU C 174 22.51 30.83 -14.82
C LEU C 174 23.67 29.85 -14.65
N ASN C 175 24.50 30.09 -13.64
CA ASN C 175 25.68 29.26 -13.41
C ASN C 175 25.31 28.13 -12.48
N SER C 176 25.04 26.96 -13.06
CA SER C 176 24.72 25.78 -12.26
C SER C 176 24.98 24.53 -13.08
N SER C 177 25.68 23.59 -12.47
CA SER C 177 25.99 22.31 -13.12
C SER C 177 24.88 21.28 -12.95
N TYR C 178 23.85 21.58 -12.17
CA TYR C 178 22.75 20.65 -11.99
C TYR C 178 21.67 20.88 -13.04
N ASN C 179 20.80 19.88 -13.19
CA ASN C 179 19.71 19.98 -14.14
C ASN C 179 18.84 21.19 -13.80
N LYS C 180 18.55 22.02 -14.80
CA LYS C 180 17.86 23.28 -14.58
C LYS C 180 16.35 23.20 -14.84
N TYR C 181 15.76 22.00 -14.78
CA TYR C 181 14.33 21.88 -15.05
C TYR C 181 13.50 22.73 -14.09
N TRP C 182 14.01 23.02 -12.90
CA TRP C 182 13.28 23.77 -11.89
C TRP C 182 13.24 25.27 -12.17
N VAL C 183 14.08 25.76 -13.10
CA VAL C 183 14.19 27.21 -13.33
C VAL C 183 12.86 27.85 -13.71
N PRO C 184 12.09 27.33 -14.67
CA PRO C 184 10.82 27.99 -15.01
C PRO C 184 9.81 27.99 -13.88
N CYS C 185 9.92 27.07 -12.92
CA CYS C 185 9.04 27.13 -11.76
C CYS C 185 9.36 28.33 -10.88
N VAL C 186 10.65 28.67 -10.75
CA VAL C 186 11.04 29.88 -10.04
C VAL C 186 10.61 31.11 -10.82
N TRP C 187 10.77 31.09 -12.13
CA TRP C 187 10.23 32.16 -12.97
C TRP C 187 8.73 32.32 -12.75
N PHE C 188 8.02 31.20 -12.66
CA PHE C 188 6.59 31.21 -12.39
C PHE C 188 6.29 31.91 -11.07
N CYS C 189 7.02 31.54 -10.02
CA CYS C 189 6.80 32.17 -8.72
C CYS C 189 7.04 33.68 -8.78
N ASN C 190 8.12 34.10 -9.46
CA ASN C 190 8.41 35.52 -9.59
C ASN C 190 7.32 36.24 -10.37
N LEU C 191 6.86 35.65 -11.48
CA LEU C 191 5.83 36.28 -12.30
C LEU C 191 4.52 36.39 -11.54
N ALA C 192 4.20 35.37 -10.74
CA ALA C 192 3.01 35.42 -9.89
C ALA C 192 3.14 36.53 -8.85
N ALA C 193 4.32 36.67 -8.24
CA ALA C 193 4.52 37.77 -7.30
C ALA C 193 4.30 39.11 -7.97
N GLN C 194 4.82 39.27 -9.19
CA GLN C 194 4.61 40.52 -9.93
C GLN C 194 3.14 40.74 -10.24
N ALA C 195 2.43 39.68 -10.64
CA ALA C 195 0.99 39.81 -10.92
C ALA C 195 0.24 40.25 -9.68
N ARG C 196 0.59 39.69 -8.52
CA ARG C 196 -0.05 40.09 -7.27
C ARG C 196 0.27 41.55 -6.95
N ARG C 197 1.53 41.95 -7.13
CA ARG C 197 1.92 43.33 -6.83
C ARG C 197 1.18 44.33 -7.70
N GLU C 198 0.95 43.98 -8.96
CA GLU C 198 0.24 44.88 -9.87
C GLU C 198 -1.28 44.78 -9.75
N GLY C 199 -1.80 43.90 -8.90
CA GLY C 199 -3.23 43.77 -8.74
C GLY C 199 -3.92 42.83 -9.71
N ARG C 200 -3.19 42.23 -10.65
CA ARG C 200 -3.79 41.24 -11.54
C ARG C 200 -4.31 40.06 -10.75
N ILE C 201 -3.59 39.66 -9.71
CA ILE C 201 -4.10 38.72 -8.72
C ILE C 201 -4.71 39.56 -7.61
N ARG C 202 -6.04 39.44 -7.44
CA ARG C 202 -6.75 40.42 -6.65
C ARG C 202 -6.65 40.17 -5.15
N ASP C 203 -6.23 38.98 -4.73
CA ASP C 203 -6.25 38.69 -3.30
C ASP C 203 -5.11 37.75 -2.94
N ASN C 204 -4.79 37.75 -1.64
CA ASN C 204 -3.68 36.95 -1.15
C ASN C 204 -4.00 35.45 -1.20
N GLY C 205 -5.27 35.10 -1.00
CA GLY C 205 -5.63 33.70 -1.04
C GLY C 205 -5.42 33.08 -2.41
N ALA C 206 -5.77 33.82 -3.47
CA ALA C 206 -5.54 33.35 -4.83
C ALA C 206 -4.05 33.18 -5.13
N PHE C 207 -3.25 34.16 -4.69
CA PHE C 207 -1.80 34.05 -4.86
C PHE C 207 -1.26 32.83 -4.14
N LYS C 208 -1.77 32.57 -2.92
CA LYS C 208 -1.35 31.39 -2.17
C LYS C 208 -1.73 30.11 -2.90
N LEU C 209 -2.96 30.05 -3.44
CA LEU C 209 -3.38 28.86 -4.18
C LEU C 209 -2.51 28.64 -5.41
N LEU C 210 -2.17 29.72 -6.11
CA LEU C 210 -1.27 29.62 -7.25
C LEU C 210 0.06 29.01 -6.84
N LEU C 211 0.65 29.52 -5.76
CA LEU C 211 1.94 28.97 -5.32
C LEU C 211 1.81 27.52 -4.86
N GLU C 212 0.71 27.16 -4.22
CA GLU C 212 0.49 25.77 -3.82
C GLU C 212 0.46 24.84 -5.02
N GLU C 213 -0.33 25.21 -6.04
CA GLU C 213 -0.43 24.36 -7.22
C GLU C 213 0.89 24.33 -7.99
N LEU C 214 1.61 25.45 -8.01
CA LEU C 214 2.95 25.44 -8.60
C LEU C 214 3.84 24.44 -7.90
N ASN C 215 3.80 24.41 -6.56
CA ASN C 215 4.66 23.50 -5.83
C ASN C 215 4.25 22.04 -6.05
N VAL C 216 2.94 21.78 -6.18
CA VAL C 216 2.49 20.43 -6.53
C VAL C 216 3.08 20.01 -7.89
N PHE C 217 2.98 20.90 -8.88
CA PHE C 217 3.50 20.62 -10.20
C PHE C 217 5.01 20.39 -10.18
N ARG C 218 5.74 21.31 -9.53
CA ARG C 218 7.18 21.19 -9.43
C ARG C 218 7.57 19.90 -8.73
N SER C 219 6.78 19.46 -7.75
CA SER C 219 7.09 18.21 -7.06
C SER C 219 6.88 17.01 -7.98
N LYS C 220 5.90 17.07 -8.87
CA LYS C 220 5.77 16.00 -9.86
C LYS C 220 7.01 15.91 -10.74
N CYS C 221 7.50 17.07 -11.19
CA CYS C 221 8.73 17.09 -11.99
C CYS C 221 9.90 16.53 -11.18
N GLY C 222 10.01 16.91 -9.90
CA GLY C 222 11.07 16.37 -9.06
C GLY C 222 10.97 14.87 -8.88
N MET C 223 9.75 14.36 -8.75
CA MET C 223 9.56 12.92 -8.64
C MET C 223 10.04 12.21 -9.89
N LEU C 224 9.75 12.77 -11.06
CA LEU C 224 10.26 12.17 -12.29
C LEU C 224 11.78 12.16 -12.30
N PHE C 225 12.40 13.27 -11.87
CA PHE C 225 13.84 13.33 -11.75
C PHE C 225 14.37 12.23 -10.82
N HIS C 226 13.69 12.02 -9.69
CA HIS C 226 14.17 11.06 -8.70
C HIS C 226 14.01 9.62 -9.17
N TYR C 227 12.87 9.31 -9.80
CA TYR C 227 12.69 7.98 -10.36
C TYR C 227 13.72 7.71 -11.45
N ASP C 228 14.06 8.73 -12.24
CA ASP C 228 15.10 8.54 -13.25
C ASP C 228 16.46 8.31 -12.60
N TRP C 229 16.78 9.06 -11.55
CA TRP C 229 18.09 8.95 -10.93
C TRP C 229 18.22 7.67 -10.11
N ILE C 230 17.22 7.37 -9.29
CA ILE C 230 17.27 6.20 -8.40
C ILE C 230 16.61 5.06 -9.16
N SER C 231 17.42 4.36 -9.95
CA SER C 231 16.92 3.22 -10.69
C SER C 231 16.50 2.10 -9.73
N VAL C 232 15.78 1.12 -10.27
CA VAL C 232 15.63 -0.15 -9.56
C VAL C 232 17.05 -0.62 -9.27
N PRO C 233 17.37 -1.02 -8.04
CA PRO C 233 18.76 -1.35 -7.71
C PRO C 233 19.38 -2.32 -8.70
N LEU C 234 20.57 -1.98 -9.18
CA LEU C 234 21.24 -2.77 -10.20
C LEU C 234 21.42 -4.21 -9.75
N VAL C 235 21.67 -4.41 -8.46
CA VAL C 235 21.81 -5.76 -7.92
C VAL C 235 20.58 -6.59 -8.26
N TYR C 236 19.39 -6.01 -8.09
CA TYR C 236 18.16 -6.76 -8.35
C TYR C 236 18.03 -7.13 -9.83
N THR C 237 18.31 -6.17 -10.72
CA THR C 237 18.21 -6.44 -12.14
C THR C 237 19.18 -7.54 -12.57
N GLN C 238 20.42 -7.45 -12.09
CA GLN C 238 21.41 -8.48 -12.40
C GLN C 238 20.98 -9.84 -11.87
N VAL C 239 20.53 -9.88 -10.62
CA VAL C 239 20.18 -11.16 -10.01
C VAL C 239 19.01 -11.80 -10.73
N VAL C 240 17.97 -11.02 -11.02
CA VAL C 240 16.79 -11.59 -11.67
C VAL C 240 17.14 -12.07 -13.08
N THR C 241 17.99 -11.31 -13.76
CA THR C 241 18.39 -11.67 -15.13
C THR C 241 19.14 -13.00 -15.08
N ILE C 242 20.10 -13.09 -14.16
CA ILE C 242 20.88 -14.36 -14.03
C ILE C 242 19.92 -15.50 -13.65
N ALA C 243 18.93 -15.23 -12.82
CA ALA C 243 18.01 -16.30 -12.42
C ALA C 243 17.32 -16.90 -13.63
N VAL C 244 16.68 -16.04 -14.43
CA VAL C 244 15.94 -16.52 -15.63
C VAL C 244 16.91 -17.21 -16.60
N TYR C 245 18.00 -16.54 -16.95
CA TYR C 245 18.96 -17.10 -17.95
C TYR C 245 19.58 -18.41 -17.43
N SER C 246 19.98 -18.44 -16.15
CA SER C 246 20.64 -19.65 -15.59
C SER C 246 19.65 -20.82 -15.62
N TYR C 247 18.40 -20.57 -15.25
CA TYR C 247 17.39 -21.63 -15.25
C TYR C 247 17.18 -22.18 -16.65
N PHE C 248 17.03 -21.30 -17.65
CA PHE C 248 16.71 -21.82 -19.02
C PHE C 248 17.99 -22.40 -19.63
N LEU C 249 19.16 -21.87 -19.28
CA LEU C 249 20.41 -22.50 -19.75
C LEU C 249 20.41 -23.95 -19.24
N ALA C 250 20.07 -24.16 -17.97
CA ALA C 250 19.98 -25.50 -17.40
C ALA C 250 18.92 -26.32 -18.12
N CYS C 251 17.79 -25.71 -18.44
CA CYS C 251 16.72 -26.42 -19.14
C CYS C 251 17.13 -26.86 -20.53
N LEU C 252 18.01 -26.11 -21.19
CA LEU C 252 18.53 -26.53 -22.52
C LEU C 252 19.07 -27.96 -22.45
N ILE C 253 19.63 -28.36 -21.32
CA ILE C 253 20.11 -29.72 -21.12
C ILE C 253 19.04 -30.60 -20.46
N GLY C 254 18.48 -30.13 -19.34
CA GLY C 254 17.61 -30.97 -18.55
C GLY C 254 16.31 -31.35 -19.24
N ARG C 255 15.88 -30.57 -20.22
CA ARG C 255 14.63 -30.82 -20.92
C ARG C 255 14.84 -31.52 -22.26
N GLN C 256 16.03 -32.03 -22.53
CA GLN C 256 16.27 -32.78 -23.76
C GLN C 256 15.43 -34.06 -23.78
N PHE C 257 14.94 -34.43 -24.95
CA PHE C 257 14.24 -35.70 -25.10
C PHE C 257 15.25 -36.84 -25.20
N LEU C 258 15.18 -37.76 -24.25
CA LEU C 258 16.12 -38.87 -24.18
C LEU C 258 15.60 -40.05 -24.97
N ASP C 259 16.53 -40.92 -25.37
CA ASP C 259 16.19 -42.05 -26.21
C ASP C 259 15.23 -42.96 -25.45
N PRO C 260 14.01 -43.17 -25.94
CA PRO C 260 13.04 -43.99 -25.21
C PRO C 260 13.47 -45.43 -25.02
N ALA C 261 14.35 -45.95 -25.88
CA ALA C 261 14.79 -47.33 -25.74
C ALA C 261 15.63 -47.51 -24.47
N GLN C 262 16.20 -46.43 -23.95
CA GLN C 262 16.97 -46.52 -22.71
C GLN C 262 16.08 -46.76 -21.51
N GLY C 263 14.79 -46.45 -21.61
CA GLY C 263 13.85 -46.80 -20.57
C GLY C 263 13.94 -45.96 -19.31
N TYR C 264 14.45 -44.73 -19.42
CA TYR C 264 14.49 -43.86 -18.26
C TYR C 264 13.08 -43.50 -17.81
N LYS C 265 12.89 -43.38 -16.50
CA LYS C 265 11.58 -43.04 -15.97
C LYS C 265 11.14 -41.68 -16.49
N ASP C 266 9.87 -41.60 -16.89
CA ASP C 266 9.27 -40.41 -17.48
C ASP C 266 9.98 -39.96 -18.75
N HIS C 267 10.57 -40.87 -19.50
CA HIS C 267 11.23 -40.52 -20.76
C HIS C 267 10.91 -41.51 -21.87
N ASP C 268 9.67 -41.99 -21.94
CA ASP C 268 9.29 -42.93 -22.98
C ASP C 268 8.53 -42.29 -24.13
N LEU C 269 8.74 -41.00 -24.39
CA LEU C 269 8.02 -40.31 -25.45
C LEU C 269 8.87 -39.17 -25.98
N ASP C 270 9.27 -39.26 -27.25
CA ASP C 270 10.08 -38.24 -27.91
C ASP C 270 9.16 -37.43 -28.81
N LEU C 271 8.69 -36.29 -28.29
CA LEU C 271 7.89 -35.36 -29.08
C LEU C 271 8.73 -34.39 -29.90
N CYS C 272 10.03 -34.32 -29.60
CA CYS C 272 11.06 -33.63 -30.38
C CYS C 272 10.97 -32.11 -30.29
N VAL C 273 9.84 -31.59 -29.81
CA VAL C 273 9.68 -30.16 -29.55
C VAL C 273 9.27 -30.01 -28.09
N PRO C 274 10.11 -29.43 -27.25
CA PRO C 274 9.80 -29.34 -25.81
C PRO C 274 8.77 -28.24 -25.58
N ILE C 275 7.53 -28.51 -25.99
CA ILE C 275 6.52 -27.46 -26.05
C ILE C 275 6.17 -26.95 -24.66
N PHE C 276 6.21 -27.81 -23.63
CA PHE C 276 6.00 -27.30 -22.28
C PHE C 276 7.16 -26.45 -21.80
N THR C 277 8.38 -26.82 -22.19
CA THR C 277 9.53 -25.99 -21.86
C THR C 277 9.49 -24.67 -22.64
N LEU C 278 9.06 -24.72 -23.90
CA LEU C 278 8.89 -23.49 -24.66
C LEU C 278 7.83 -22.60 -24.02
N LEU C 279 6.74 -23.19 -23.54
CA LEU C 279 5.72 -22.41 -22.83
C LEU C 279 6.29 -21.82 -21.55
N GLN C 280 7.09 -22.58 -20.82
CA GLN C 280 7.66 -22.09 -19.58
C GLN C 280 8.63 -20.94 -19.84
N PHE C 281 9.41 -21.04 -20.92
CA PHE C 281 10.31 -19.92 -21.29
C PHE C 281 9.44 -18.72 -21.66
N PHE C 282 8.37 -18.98 -22.41
CA PHE C 282 7.45 -17.91 -22.77
C PHE C 282 7.00 -17.16 -21.53
N PHE C 283 6.56 -17.89 -20.50
CA PHE C 283 6.00 -17.23 -19.33
C PHE C 283 7.08 -16.53 -18.50
N TYR C 284 8.13 -17.25 -18.10
CA TYR C 284 9.13 -16.65 -17.20
C TYR C 284 9.93 -15.56 -17.91
N ALA C 285 10.50 -15.87 -19.08
CA ALA C 285 11.26 -14.89 -19.83
C ALA C 285 10.38 -13.74 -20.32
N GLY C 286 9.10 -14.01 -20.60
CA GLY C 286 8.21 -12.93 -20.98
C GLY C 286 7.87 -12.02 -19.81
N TRP C 287 7.72 -12.59 -18.62
CA TRP C 287 7.58 -11.79 -17.42
C TRP C 287 8.77 -10.86 -17.26
N LEU C 288 9.97 -11.41 -17.41
CA LEU C 288 11.17 -10.59 -17.31
C LEU C 288 11.20 -9.53 -18.41
N LYS C 289 10.77 -9.91 -19.61
CA LYS C 289 10.76 -8.98 -20.77
C LYS C 289 9.75 -7.85 -20.54
N VAL C 290 8.61 -8.14 -19.90
CA VAL C 290 7.65 -7.09 -19.56
C VAL C 290 8.26 -6.15 -18.54
N ALA C 291 8.94 -6.71 -17.53
CA ALA C 291 9.65 -5.86 -16.59
C ALA C 291 10.67 -4.98 -17.31
N GLU C 292 11.34 -5.53 -18.33
CA GLU C 292 12.31 -4.74 -19.13
C GLU C 292 11.61 -3.58 -19.84
N GLN C 293 10.43 -3.81 -20.39
CA GLN C 293 9.67 -2.73 -21.03
C GLN C 293 9.25 -1.68 -20.00
N LEU C 294 8.82 -2.12 -18.82
CA LEU C 294 8.20 -1.21 -17.86
C LEU C 294 9.21 -0.46 -17.01
N ILE C 295 10.45 -0.96 -16.92
CA ILE C 295 11.38 -0.41 -15.93
C ILE C 295 11.70 1.04 -16.24
N ASN C 296 11.77 1.39 -17.51
CA ASN C 296 11.89 2.79 -17.93
C ASN C 296 10.69 3.08 -18.82
N PRO C 297 9.58 3.55 -18.26
CA PRO C 297 8.36 3.76 -19.06
C PRO C 297 8.42 4.97 -19.97
N PHE C 298 9.53 5.68 -20.03
CA PHE C 298 9.66 6.89 -20.83
C PHE C 298 10.52 6.69 -22.07
N GLY C 299 10.73 5.44 -22.49
CA GLY C 299 11.45 5.16 -23.71
C GLY C 299 10.53 5.07 -24.91
N GLU C 300 10.95 4.29 -25.89
CA GLU C 300 10.21 4.16 -27.15
C GLU C 300 9.65 2.76 -27.36
N ASP C 301 9.38 2.01 -26.30
CA ASP C 301 8.58 0.81 -26.45
C ASP C 301 7.18 1.18 -26.88
N ASP C 302 6.51 0.25 -27.56
CA ASP C 302 5.13 0.47 -28.00
C ASP C 302 4.23 0.91 -26.85
N ASP C 303 4.40 0.28 -25.69
CA ASP C 303 3.55 0.56 -24.55
C ASP C 303 4.19 1.52 -23.54
N ASP C 304 5.31 2.15 -23.89
CA ASP C 304 5.80 3.23 -23.04
C ASP C 304 4.86 4.43 -23.11
N PHE C 305 5.01 5.33 -22.15
CA PHE C 305 4.11 6.46 -22.04
C PHE C 305 4.26 7.42 -23.23
N GLU C 306 3.16 8.05 -23.62
CA GLU C 306 3.11 8.94 -24.78
C GLU C 306 3.49 10.36 -24.37
N THR C 307 4.79 10.54 -24.15
CA THR C 307 5.26 11.78 -23.53
C THR C 307 5.13 12.98 -24.46
N ASN C 308 5.48 12.81 -25.74
CA ASN C 308 5.32 13.90 -26.71
C ASN C 308 3.85 14.29 -26.87
N PHE C 309 2.97 13.28 -26.91
CA PHE C 309 1.54 13.55 -26.96
C PHE C 309 1.10 14.38 -25.77
N LEU C 310 1.56 14.02 -24.57
CA LEU C 310 1.16 14.75 -23.38
C LEU C 310 1.68 16.19 -23.41
N ILE C 311 2.92 16.38 -23.86
CA ILE C 311 3.46 17.74 -23.97
C ILE C 311 2.58 18.59 -24.89
N ASP C 312 2.27 18.07 -26.07
CA ASP C 312 1.46 18.82 -27.02
C ASP C 312 0.06 19.08 -26.49
N ARG C 313 -0.57 18.06 -25.90
CA ARG C 313 -1.91 18.25 -25.36
C ARG C 313 -1.93 19.30 -24.28
N CYS C 314 -0.99 19.23 -23.34
CA CYS C 314 -0.96 20.18 -22.24
C CYS C 314 -0.78 21.60 -22.75
N PHE C 315 0.16 21.82 -23.68
CA PHE C 315 0.33 23.17 -24.18
C PHE C 315 -0.95 23.67 -24.85
N GLN C 316 -1.56 22.84 -25.71
CA GLN C 316 -2.76 23.27 -26.43
C GLN C 316 -3.89 23.58 -25.47
N VAL C 317 -4.14 22.69 -24.50
CA VAL C 317 -5.27 22.84 -23.61
C VAL C 317 -5.05 24.01 -22.66
N SER C 318 -3.81 24.17 -22.15
CA SER C 318 -3.51 25.29 -21.26
C SER C 318 -3.72 26.61 -21.97
N MET C 319 -3.19 26.74 -23.19
CA MET C 319 -3.36 27.99 -23.93
C MET C 319 -4.83 28.26 -24.19
N LEU C 320 -5.58 27.25 -24.62
CA LEU C 320 -7.02 27.43 -24.84
C LEU C 320 -7.70 27.92 -23.56
N ALA C 321 -7.46 27.22 -22.46
CA ALA C 321 -8.18 27.47 -21.21
C ALA C 321 -7.88 28.86 -20.66
N VAL C 322 -6.62 29.29 -20.70
CA VAL C 322 -6.28 30.56 -20.06
C VAL C 322 -6.32 31.74 -21.01
N ASP C 323 -6.44 31.52 -22.32
CA ASP C 323 -6.48 32.66 -23.22
C ASP C 323 -7.86 32.79 -23.86
N GLU C 324 -8.29 31.74 -24.58
CA GLU C 324 -9.54 31.85 -25.32
C GLU C 324 -10.74 31.81 -24.39
N MET C 325 -10.69 31.00 -23.34
CA MET C 325 -11.83 30.79 -22.46
C MET C 325 -11.80 31.65 -21.20
N TYR C 326 -10.83 32.55 -21.06
CA TYR C 326 -10.80 33.42 -19.88
C TYR C 326 -12.02 34.34 -19.90
N ASP C 327 -12.81 34.29 -18.83
CA ASP C 327 -13.95 35.18 -18.64
C ASP C 327 -14.83 35.22 -19.88
N ASP C 328 -15.13 34.04 -20.41
CA ASP C 328 -15.91 33.90 -21.64
C ASP C 328 -16.99 32.87 -21.37
N LEU C 329 -18.09 33.32 -20.77
CA LEU C 329 -19.14 32.44 -20.29
C LEU C 329 -20.43 32.67 -21.08
N ALA C 330 -21.20 31.60 -21.25
CA ALA C 330 -22.54 31.73 -21.76
C ALA C 330 -23.41 32.46 -20.73
N MET C 331 -24.52 33.01 -21.21
CA MET C 331 -25.42 33.74 -20.33
C MET C 331 -25.91 32.84 -19.20
N LEU C 332 -25.97 33.39 -18.00
CA LEU C 332 -26.58 32.70 -16.88
C LEU C 332 -28.06 32.51 -17.17
N GLU C 333 -28.46 31.29 -17.47
CA GLU C 333 -29.83 30.97 -17.85
C GLU C 333 -30.40 29.88 -16.96
N LYS C 334 -31.71 29.91 -16.81
CA LYS C 334 -32.40 28.85 -16.09
C LYS C 334 -32.23 27.53 -16.84
N ASP C 335 -31.90 26.48 -16.10
CA ASP C 335 -31.69 25.17 -16.69
C ASP C 335 -33.03 24.51 -16.97
N LEU C 336 -32.98 23.31 -17.57
CA LEU C 336 -34.20 22.60 -17.93
C LEU C 336 -35.06 22.30 -16.70
N TYR C 337 -34.42 21.89 -15.60
CA TYR C 337 -35.13 21.53 -14.39
C TYR C 337 -35.16 22.65 -13.36
N TRP C 338 -35.19 23.90 -13.83
CA TRP C 338 -35.28 25.04 -12.93
C TRP C 338 -36.56 24.98 -12.11
N ASP C 339 -37.68 24.67 -12.75
CA ASP C 339 -38.97 24.58 -12.06
C ASP C 339 -39.09 23.30 -11.24
N THR D 2 -16.43 -5.44 19.14
CA THR D 2 -14.98 -5.45 19.27
C THR D 2 -14.60 -6.16 20.56
N VAL D 3 -13.66 -7.10 20.47
CA VAL D 3 -13.15 -7.82 21.63
C VAL D 3 -11.68 -7.40 21.76
N THR D 4 -11.41 -6.47 22.66
CA THR D 4 -10.05 -5.96 22.77
C THR D 4 -9.26 -6.83 23.73
N TYR D 5 -7.99 -7.04 23.40
CA TYR D 5 -7.08 -7.75 24.29
C TYR D 5 -5.68 -7.13 24.24
N THR D 6 -5.59 -5.88 23.79
CA THR D 6 -4.29 -5.26 23.54
C THR D 6 -3.44 -5.25 24.81
N ALA D 7 -4.07 -4.95 25.95
CA ALA D 7 -3.33 -4.86 27.21
C ALA D 7 -2.71 -6.19 27.60
N ARG D 8 -3.41 -7.30 27.33
CA ARG D 8 -2.93 -8.61 27.77
C ARG D 8 -1.70 -9.08 27.00
N VAL D 9 -1.39 -8.45 25.86
CA VAL D 9 -0.26 -8.89 25.05
C VAL D 9 0.76 -7.76 24.92
N ALA D 10 0.88 -6.94 25.97
CA ALA D 10 1.83 -5.83 25.92
C ALA D 10 3.26 -6.33 25.83
N LYS D 11 3.55 -7.47 26.46
CA LYS D 11 4.90 -8.01 26.54
C LYS D 11 4.91 -9.42 25.99
N ALA D 12 5.99 -9.75 25.26
CA ALA D 12 6.22 -11.14 24.93
C ALA D 12 6.52 -11.91 26.21
N ARG D 13 5.86 -13.05 26.39
CA ARG D 13 6.02 -13.86 27.57
C ARG D 13 6.05 -15.32 27.17
N PHE D 14 6.53 -16.16 28.10
CA PHE D 14 6.70 -17.58 27.82
C PHE D 14 5.41 -18.20 27.29
N GLY D 15 4.29 -17.92 27.95
CA GLY D 15 3.02 -18.49 27.51
C GLY D 15 2.63 -18.10 26.11
N GLY D 16 3.07 -16.94 25.63
CA GLY D 16 2.62 -16.48 24.32
C GLY D 16 1.14 -16.16 24.36
N PHE D 17 0.46 -16.44 23.26
CA PHE D 17 -0.98 -16.28 23.12
C PHE D 17 -1.77 -17.45 23.69
N SER D 18 -1.12 -18.33 24.45
CA SER D 18 -1.80 -19.52 24.94
C SER D 18 -2.97 -19.14 25.83
N LYS D 19 -2.77 -18.12 26.69
CA LYS D 19 -3.86 -17.64 27.53
C LYS D 19 -5.01 -17.11 26.69
N LEU D 20 -4.71 -16.50 25.54
CA LEU D 20 -5.77 -16.04 24.65
C LEU D 20 -6.56 -17.21 24.09
N LEU D 21 -5.92 -18.37 23.97
CA LEU D 21 -6.67 -19.55 23.50
C LEU D 21 -7.85 -19.91 24.41
N LEU D 22 -7.95 -19.33 25.61
CA LEU D 22 -9.02 -19.69 26.54
C LEU D 22 -10.26 -18.82 26.38
N LEU D 23 -10.23 -17.82 25.51
CA LEU D 23 -11.33 -16.88 25.34
C LEU D 23 -12.42 -17.48 24.46
N TRP D 24 -13.69 -17.23 24.84
CA TRP D 24 -14.85 -17.69 24.08
C TRP D 24 -15.46 -16.57 23.24
N ARG D 25 -15.76 -15.44 23.85
CA ARG D 25 -16.39 -14.34 23.13
C ARG D 25 -15.41 -13.79 22.09
N GLY D 26 -15.86 -13.73 20.84
CA GLY D 26 -14.97 -13.30 19.77
C GLY D 26 -13.96 -14.34 19.33
N SER D 27 -14.13 -15.59 19.76
CA SER D 27 -13.14 -16.62 19.48
C SER D 27 -13.46 -17.35 18.17
N ILE D 28 -12.45 -18.05 17.66
CA ILE D 28 -12.66 -18.86 16.46
C ILE D 28 -13.60 -20.02 16.76
N TYR D 29 -13.51 -20.58 17.97
CA TYR D 29 -14.34 -21.73 18.32
C TYR D 29 -15.82 -21.41 18.18
N LYS D 30 -16.23 -20.25 18.71
CA LYS D 30 -17.64 -19.89 18.68
C LYS D 30 -18.11 -19.68 17.25
N LEU D 31 -17.23 -19.16 16.39
CA LEU D 31 -17.55 -18.98 14.99
C LEU D 31 -17.70 -20.31 14.26
N LEU D 32 -16.91 -21.32 14.63
CA LEU D 32 -16.73 -22.47 13.76
C LEU D 32 -17.16 -23.83 14.32
N TRP D 33 -17.64 -23.91 15.57
CA TRP D 33 -17.86 -25.24 16.15
C TRP D 33 -19.01 -25.98 15.45
N ARG D 34 -20.03 -25.26 15.00
CA ARG D 34 -21.13 -25.93 14.30
C ARG D 34 -20.64 -26.58 13.01
N GLU D 35 -19.90 -25.81 12.19
CA GLU D 35 -19.38 -26.36 10.91
C GLU D 35 -18.41 -27.51 11.19
N LEU D 36 -17.55 -27.36 12.20
CA LEU D 36 -16.60 -28.41 12.53
C LEU D 36 -17.33 -29.69 12.93
N LEU D 37 -18.39 -29.55 13.73
CA LEU D 37 -19.17 -30.71 14.14
C LEU D 37 -19.87 -31.35 12.95
N CYS D 38 -20.34 -30.54 12.02
CA CYS D 38 -21.02 -31.09 10.80
C CYS D 38 -20.01 -31.88 9.96
N PHE D 39 -18.80 -31.32 9.76
CA PHE D 39 -17.74 -32.05 9.00
C PHE D 39 -17.45 -33.37 9.71
N LEU D 40 -17.21 -33.32 11.01
CA LEU D 40 -16.87 -34.54 11.75
C LEU D 40 -18.00 -35.57 11.67
N GLY D 41 -19.24 -35.13 11.81
CA GLY D 41 -20.36 -36.05 11.75
C GLY D 41 -20.50 -36.70 10.37
N LEU D 42 -20.31 -35.90 9.33
CA LEU D 42 -20.42 -36.45 7.95
C LEU D 42 -19.29 -37.47 7.75
N PHE D 43 -18.08 -37.13 8.19
CA PHE D 43 -16.95 -38.04 8.05
C PHE D 43 -17.21 -39.35 8.77
N MET D 44 -17.71 -39.27 10.00
CA MET D 44 -17.93 -40.48 10.78
C MET D 44 -19.05 -41.31 10.20
N ALA D 45 -20.08 -40.68 9.64
CA ALA D 45 -21.14 -41.44 8.97
C ALA D 45 -20.58 -42.21 7.78
N LEU D 46 -19.76 -41.54 6.96
CA LEU D 46 -19.17 -42.24 5.82
C LEU D 46 -18.24 -43.36 6.29
N SER D 47 -17.47 -43.12 7.34
CA SER D 47 -16.58 -44.14 7.87
C SER D 47 -17.37 -45.34 8.38
N ALA D 48 -18.47 -45.09 9.09
CA ALA D 48 -19.29 -46.17 9.61
C ALA D 48 -19.92 -46.97 8.47
N ALA D 49 -20.37 -46.29 7.43
CA ALA D 49 -20.92 -46.99 6.26
C ALA D 49 -19.86 -47.90 5.64
N TYR D 50 -18.65 -47.39 5.47
CA TYR D 50 -17.57 -48.19 4.91
C TYR D 50 -17.21 -49.36 5.82
N ARG D 51 -17.31 -49.16 7.13
CA ARG D 51 -16.84 -50.18 8.06
C ARG D 51 -17.88 -51.28 8.29
N PHE D 52 -19.17 -50.96 8.18
CA PHE D 52 -20.20 -51.87 8.63
C PHE D 52 -21.23 -52.20 7.55
N VAL D 53 -21.48 -51.29 6.60
CA VAL D 53 -22.55 -51.51 5.64
C VAL D 53 -22.01 -52.12 4.35
N LEU D 54 -20.90 -51.58 3.85
CA LEU D 54 -20.39 -51.97 2.54
C LEU D 54 -19.96 -53.43 2.52
N THR D 55 -20.31 -54.11 1.43
CA THR D 55 -19.76 -55.43 1.15
C THR D 55 -18.30 -55.31 0.74
N GLU D 56 -17.61 -56.45 0.70
CA GLU D 56 -16.19 -56.45 0.40
C GLU D 56 -15.88 -55.80 -0.95
N GLU D 57 -16.64 -56.17 -1.98
CA GLU D 57 -16.41 -55.59 -3.31
C GLU D 57 -16.69 -54.10 -3.32
N GLN D 58 -17.79 -53.70 -2.69
CA GLN D 58 -18.07 -52.28 -2.49
C GLN D 58 -16.94 -51.61 -1.72
N LYS D 59 -16.36 -52.32 -0.75
CA LYS D 59 -15.26 -51.74 0.00
C LYS D 59 -14.03 -51.51 -0.89
N ARG D 60 -13.74 -52.45 -1.79
CA ARG D 60 -12.61 -52.27 -2.69
C ARG D 60 -12.82 -51.08 -3.62
N TYR D 61 -14.03 -50.97 -4.18
CA TYR D 61 -14.30 -49.80 -5.02
C TYR D 61 -14.22 -48.50 -4.22
N PHE D 62 -14.73 -48.52 -2.99
CA PHE D 62 -14.66 -47.32 -2.16
C PHE D 62 -13.22 -46.95 -1.86
N GLU D 63 -12.36 -47.95 -1.61
CA GLU D 63 -10.96 -47.66 -1.38
C GLU D 63 -10.32 -47.01 -2.60
N LYS D 64 -10.67 -47.49 -3.79
CA LYS D 64 -10.18 -46.84 -5.00
C LYS D 64 -10.63 -45.38 -5.05
N LEU D 65 -11.90 -45.12 -4.74
CA LEU D 65 -12.41 -43.75 -4.76
C LEU D 65 -11.70 -42.88 -3.73
N VAL D 66 -11.43 -43.43 -2.54
CA VAL D 66 -10.74 -42.67 -1.50
C VAL D 66 -9.34 -42.29 -1.96
N LEU D 67 -8.61 -43.25 -2.53
CA LEU D 67 -7.28 -42.97 -3.02
C LEU D 67 -7.31 -41.88 -4.09
N TYR D 68 -8.28 -41.98 -5.01
CA TYR D 68 -8.41 -40.99 -6.08
C TYR D 68 -8.68 -39.59 -5.54
N CYS D 69 -9.63 -39.47 -4.61
CA CYS D 69 -9.97 -38.16 -4.07
C CYS D 69 -8.81 -37.58 -3.28
N ASP D 70 -8.13 -38.40 -2.48
CA ASP D 70 -6.96 -37.92 -1.77
C ASP D 70 -5.88 -37.44 -2.74
N ARG D 71 -5.73 -38.16 -3.85
CA ARG D 71 -4.73 -37.80 -4.85
C ARG D 71 -5.05 -36.46 -5.51
N TYR D 72 -6.32 -36.20 -5.81
CA TYR D 72 -6.65 -35.09 -6.70
C TYR D 72 -7.36 -33.92 -6.04
N ALA D 73 -7.64 -33.98 -4.74
CA ALA D 73 -8.23 -32.82 -4.07
C ALA D 73 -7.27 -31.63 -4.09
N SER D 74 -5.96 -31.89 -4.13
CA SER D 74 -4.99 -30.79 -4.19
C SER D 74 -5.11 -29.98 -5.47
N LEU D 75 -5.81 -30.49 -6.50
CA LEU D 75 -6.04 -29.71 -7.70
C LEU D 75 -6.85 -28.45 -7.39
N ILE D 76 -7.65 -28.47 -6.33
CA ILE D 76 -8.46 -27.32 -5.93
C ILE D 76 -7.56 -26.29 -5.25
N PRO D 77 -7.42 -25.10 -5.80
CA PRO D 77 -6.43 -24.13 -5.28
C PRO D 77 -6.99 -23.31 -4.13
N VAL D 78 -7.16 -23.96 -2.97
CA VAL D 78 -7.83 -23.32 -1.84
C VAL D 78 -7.00 -22.17 -1.31
N SER D 79 -5.69 -22.38 -1.13
CA SER D 79 -4.87 -21.34 -0.51
C SER D 79 -4.74 -20.12 -1.42
N PHE D 80 -4.66 -20.33 -2.73
CA PHE D 80 -4.60 -19.24 -3.70
C PHE D 80 -5.80 -18.30 -3.53
N VAL D 81 -7.00 -18.81 -3.80
CA VAL D 81 -8.20 -17.97 -3.78
C VAL D 81 -8.46 -17.44 -2.38
N LEU D 82 -8.23 -18.26 -1.35
CA LEU D 82 -8.53 -17.86 0.01
C LEU D 82 -7.58 -16.76 0.49
N GLY D 83 -6.28 -16.89 0.20
CA GLY D 83 -5.35 -15.83 0.56
C GLY D 83 -5.72 -14.50 -0.08
N PHE D 84 -6.02 -14.53 -1.39
CA PHE D 84 -6.43 -13.29 -2.05
C PHE D 84 -7.67 -12.70 -1.38
N TYR D 85 -8.69 -13.53 -1.17
CA TYR D 85 -9.97 -13.05 -0.64
C TYR D 85 -9.80 -12.44 0.74
N VAL D 86 -9.05 -13.12 1.61
CA VAL D 86 -8.88 -12.63 2.97
C VAL D 86 -8.09 -11.33 2.98
N THR D 87 -7.06 -11.23 2.13
CA THR D 87 -6.32 -9.97 2.05
C THR D 87 -7.24 -8.81 1.66
N LEU D 88 -8.09 -9.02 0.65
CA LEU D 88 -9.02 -7.96 0.25
C LEU D 88 -9.96 -7.60 1.40
N VAL D 89 -10.52 -8.61 2.06
CA VAL D 89 -11.50 -8.35 3.11
C VAL D 89 -10.86 -7.56 4.26
N VAL D 90 -9.64 -7.94 4.66
CA VAL D 90 -8.99 -7.28 5.79
C VAL D 90 -8.62 -5.84 5.46
N HIS D 91 -8.09 -5.61 4.25
CA HIS D 91 -7.84 -4.23 3.82
C HIS D 91 -9.10 -3.38 3.92
N ARG D 92 -10.21 -3.89 3.36
CA ARG D 92 -11.46 -3.16 3.46
C ARG D 92 -11.90 -2.97 4.90
N TRP D 93 -11.62 -3.95 5.77
CA TRP D 93 -12.03 -3.87 7.17
C TRP D 93 -11.39 -2.67 7.86
N TRP D 94 -10.06 -2.55 7.74
CA TRP D 94 -9.42 -1.42 8.40
C TRP D 94 -9.85 -0.10 7.77
N ASN D 95 -9.98 -0.05 6.44
CA ASN D 95 -10.41 1.20 5.82
C ASN D 95 -11.80 1.62 6.29
N GLN D 96 -12.69 0.65 6.48
CA GLN D 96 -14.03 0.96 6.96
C GLN D 96 -14.00 1.47 8.40
N TYR D 97 -13.17 0.88 9.25
CA TYR D 97 -13.04 1.45 10.58
C TYR D 97 -12.54 2.88 10.51
N LEU D 98 -11.55 3.15 9.65
CA LEU D 98 -11.01 4.49 9.53
C LEU D 98 -12.04 5.48 9.03
N SER D 99 -13.07 5.01 8.33
CA SER D 99 -14.11 5.90 7.82
C SER D 99 -15.24 6.14 8.83
N MET D 100 -15.07 5.72 10.07
CA MET D 100 -16.12 5.93 11.07
C MET D 100 -16.35 7.42 11.29
N PRO D 101 -17.60 7.87 11.35
CA PRO D 101 -17.89 9.33 11.41
C PRO D 101 -17.67 9.92 12.81
N LEU D 102 -16.40 10.15 13.13
CA LEU D 102 -16.04 10.75 14.41
C LEU D 102 -16.05 12.28 14.31
N THR D 103 -16.52 12.93 15.36
CA THR D 103 -16.71 14.37 15.37
C THR D 103 -15.69 15.13 16.22
N ASP D 104 -14.57 14.51 16.58
CA ASP D 104 -13.61 15.16 17.47
C ASP D 104 -12.94 16.36 16.80
N ALA D 105 -12.49 16.21 15.56
CA ALA D 105 -11.85 17.33 14.88
C ALA D 105 -12.83 18.50 14.71
N LEU D 106 -14.07 18.18 14.34
CA LEU D 106 -15.09 19.23 14.22
C LEU D 106 -15.33 19.91 15.56
N MET D 107 -15.39 19.14 16.65
CA MET D 107 -15.65 19.77 17.94
C MET D 107 -14.51 20.70 18.34
N CYS D 108 -13.27 20.34 18.02
CA CYS D 108 -12.15 21.25 18.27
C CYS D 108 -12.32 22.55 17.49
N VAL D 109 -12.59 22.45 16.19
CA VAL D 109 -12.75 23.66 15.38
C VAL D 109 -13.93 24.49 15.88
N VAL D 110 -15.04 23.83 16.21
CA VAL D 110 -16.23 24.54 16.63
C VAL D 110 -16.00 25.29 17.93
N VAL D 111 -15.39 24.64 18.92
CA VAL D 111 -15.14 25.33 20.18
C VAL D 111 -14.14 26.45 19.98
N GLY D 112 -13.24 26.33 19.01
CA GLY D 112 -12.27 27.39 18.79
C GLY D 112 -12.75 28.55 17.93
N THR D 113 -13.85 28.38 17.18
CA THR D 113 -14.21 29.39 16.19
C THR D 113 -15.62 29.95 16.31
N VAL D 114 -16.51 29.32 17.06
CA VAL D 114 -17.91 29.73 17.13
C VAL D 114 -18.18 30.26 18.54
N HIS D 115 -18.33 31.58 18.66
CA HIS D 115 -18.15 32.24 19.94
C HIS D 115 -19.45 32.75 20.54
N GLY D 116 -19.40 33.00 21.84
CA GLY D 116 -20.50 33.54 22.64
C GLY D 116 -20.84 32.62 23.79
N HIS D 117 -20.75 33.17 25.00
CA HIS D 117 -21.19 32.48 26.20
C HIS D 117 -22.71 32.49 26.34
N ASP D 118 -23.40 33.35 25.61
CA ASP D 118 -24.83 33.50 25.73
C ASP D 118 -25.55 32.28 25.16
N GLU D 119 -26.88 32.31 25.27
CA GLU D 119 -27.71 31.20 24.81
C GLU D 119 -27.54 30.97 23.30
N ARG D 120 -27.44 32.05 22.53
CA ARG D 120 -27.34 31.90 21.07
C ARG D 120 -26.04 31.22 20.67
N GLY D 121 -24.93 31.60 21.30
CA GLY D 121 -23.66 30.95 20.98
C GLY D 121 -23.64 29.48 21.35
N ARG D 122 -24.19 29.15 22.53
CA ARG D 122 -24.32 27.75 22.92
C ARG D 122 -25.17 26.99 21.93
N LEU D 123 -26.28 27.59 21.49
CA LEU D 123 -27.14 26.96 20.50
C LEU D 123 -26.38 26.70 19.20
N TYR D 124 -25.64 27.69 18.72
CA TYR D 124 -24.85 27.51 17.51
C TYR D 124 -23.89 26.33 17.64
N ARG D 125 -23.11 26.31 18.72
CA ARG D 125 -22.09 25.26 18.88
C ARG D 125 -22.73 23.89 18.99
N ARG D 126 -23.74 23.77 19.88
CA ARG D 126 -24.39 22.48 20.09
C ARG D 126 -25.09 22.00 18.82
N THR D 127 -25.69 22.92 18.05
CA THR D 127 -26.43 22.51 16.87
C THR D 127 -25.50 22.10 15.74
N LEU D 128 -24.38 22.81 15.55
CA LEU D 128 -23.41 22.35 14.57
C LEU D 128 -22.92 20.95 14.91
N MET D 129 -22.56 20.72 16.18
CA MET D 129 -22.10 19.39 16.57
C MET D 129 -23.21 18.36 16.40
N ARG D 130 -24.45 18.74 16.69
CA ARG D 130 -25.56 17.81 16.58
C ARG D 130 -25.86 17.45 15.14
N TYR D 131 -25.73 18.41 14.22
CA TYR D 131 -25.88 18.08 12.80
C TYR D 131 -24.85 17.07 12.36
N ALA D 132 -23.60 17.25 12.79
CA ALA D 132 -22.58 16.25 12.45
C ALA D 132 -22.94 14.89 13.02
N GLY D 133 -23.34 14.85 14.29
CA GLY D 133 -23.72 13.59 14.91
C GLY D 133 -24.93 12.96 14.24
N LEU D 134 -25.86 13.80 13.77
CA LEU D 134 -27.04 13.31 13.08
C LEU D 134 -26.69 12.67 11.76
N SER D 135 -25.80 13.30 10.99
CA SER D 135 -25.33 12.68 9.75
C SER D 135 -24.69 11.32 10.05
N GLY D 136 -23.86 11.25 11.09
CA GLY D 136 -23.29 9.98 11.50
C GLY D 136 -24.35 8.93 11.81
N VAL D 137 -25.38 9.32 12.57
CA VAL D 137 -26.44 8.39 12.93
C VAL D 137 -27.17 7.90 11.68
N LEU D 138 -27.48 8.82 10.76
CA LEU D 138 -28.22 8.44 9.57
C LEU D 138 -27.45 7.43 8.72
N ILE D 139 -26.16 7.71 8.48
CA ILE D 139 -25.38 6.77 7.68
C ILE D 139 -25.20 5.44 8.42
N LEU D 140 -25.06 5.48 9.75
CA LEU D 140 -24.80 4.26 10.49
C LEU D 140 -26.05 3.38 10.55
N ARG D 141 -27.23 3.97 10.72
CA ARG D 141 -28.45 3.18 10.63
C ARG D 141 -28.66 2.69 9.22
N SER D 142 -28.01 3.33 8.23
CA SER D 142 -28.06 2.80 6.87
C SER D 142 -27.14 1.59 6.70
N VAL D 143 -25.99 1.55 7.37
CA VAL D 143 -25.01 0.52 7.11
C VAL D 143 -24.79 -0.46 8.27
N SER D 144 -25.27 -0.15 9.47
CA SER D 144 -25.04 -1.02 10.63
C SER D 144 -26.36 -1.61 11.09
N THR D 145 -26.41 -2.95 11.17
CA THR D 145 -27.64 -3.61 11.61
C THR D 145 -27.98 -3.25 13.05
N ALA D 146 -26.97 -3.16 13.93
CA ALA D 146 -27.22 -2.82 15.32
C ALA D 146 -27.79 -1.40 15.46
N VAL D 147 -27.21 -0.44 14.74
CA VAL D 147 -27.72 0.92 14.81
C VAL D 147 -29.14 0.99 14.25
N PHE D 148 -29.39 0.27 13.15
CA PHE D 148 -30.74 0.27 12.60
C PHE D 148 -31.74 -0.32 13.59
N LYS D 149 -31.36 -1.37 14.29
CA LYS D 149 -32.24 -1.89 15.34
C LYS D 149 -32.50 -0.84 16.41
N ARG D 150 -31.47 -0.08 16.79
CA ARG D 150 -31.69 0.99 17.76
C ARG D 150 -32.59 2.08 17.19
N PHE D 151 -32.45 2.41 15.90
CA PHE D 151 -33.21 3.47 15.26
C PHE D 151 -33.93 2.92 14.03
N PRO D 152 -34.98 2.11 14.23
CA PRO D 152 -35.71 1.58 13.06
C PRO D 152 -36.42 2.63 12.24
N THR D 153 -36.82 3.75 12.84
CA THR D 153 -37.49 4.83 12.12
C THR D 153 -36.84 6.15 12.49
N ILE D 154 -37.07 7.17 11.66
CA ILE D 154 -36.58 8.51 11.96
C ILE D 154 -37.20 9.02 13.26
N ASP D 155 -38.40 8.56 13.59
CA ASP D 155 -39.03 8.92 14.86
C ASP D 155 -38.14 8.53 16.04
N HIS D 156 -37.46 7.38 15.95
CA HIS D 156 -36.54 6.99 17.00
C HIS D 156 -35.34 7.94 17.06
N VAL D 157 -34.91 8.44 15.91
CA VAL D 157 -33.83 9.43 15.89
C VAL D 157 -34.27 10.70 16.60
N VAL D 158 -35.51 11.14 16.35
CA VAL D 158 -36.04 12.32 17.03
C VAL D 158 -36.12 12.09 18.53
N GLU D 159 -36.60 10.91 18.93
CA GLU D 159 -36.77 10.65 20.37
C GLU D 159 -35.45 10.57 21.10
N ALA D 160 -34.38 10.13 20.43
CA ALA D 160 -33.06 10.12 21.05
C ALA D 160 -32.44 11.51 21.15
N GLY D 161 -33.02 12.51 20.50
CA GLY D 161 -32.51 13.87 20.59
C GLY D 161 -31.55 14.28 19.49
N PHE D 162 -31.26 13.40 18.53
CA PHE D 162 -30.32 13.78 17.47
C PHE D 162 -30.97 14.69 16.44
N MET D 163 -32.30 14.79 16.45
CA MET D 163 -33.04 15.55 15.46
C MET D 163 -34.30 16.09 16.13
N THR D 164 -34.60 17.36 15.85
CA THR D 164 -35.81 17.95 16.39
C THR D 164 -37.00 17.63 15.50
N ARG D 165 -38.20 17.90 16.02
CA ARG D 165 -39.42 17.60 15.26
C ARG D 165 -39.55 18.49 14.03
N GLU D 166 -39.22 19.78 14.16
CA GLU D 166 -39.22 20.65 12.99
C GLU D 166 -38.16 20.21 11.98
N GLU D 167 -37.00 19.80 12.49
CA GLU D 167 -35.97 19.25 11.61
C GLU D 167 -36.49 18.00 10.93
N ARG D 168 -37.22 17.16 11.67
CA ARG D 168 -37.80 15.96 11.07
C ARG D 168 -38.76 16.33 9.95
N LYS D 169 -39.62 17.32 10.19
CA LYS D 169 -40.55 17.75 9.16
C LYS D 169 -39.85 18.21 7.90
N LYS D 170 -38.81 19.04 8.06
CA LYS D 170 -38.05 19.48 6.89
C LYS D 170 -37.37 18.30 6.19
N PHE D 171 -36.82 17.37 6.98
CA PHE D 171 -36.13 16.21 6.42
C PHE D 171 -37.06 15.36 5.56
N GLU D 172 -38.28 15.11 6.04
CA GLU D 172 -39.23 14.34 5.25
C GLU D 172 -39.77 15.14 4.07
N ASN D 173 -39.84 16.48 4.19
CA ASN D 173 -40.40 17.26 3.09
C ASN D 173 -39.44 17.33 1.90
N LEU D 174 -38.16 17.09 2.11
CA LEU D 174 -37.22 17.07 1.01
C LEU D 174 -37.58 15.92 0.06
N ASN D 175 -37.76 16.26 -1.22
CA ASN D 175 -38.18 15.27 -2.21
C ASN D 175 -36.94 14.65 -2.83
N SER D 176 -36.57 13.47 -2.34
CA SER D 176 -35.43 12.77 -2.89
C SER D 176 -35.54 11.30 -2.54
N SER D 177 -35.35 10.44 -3.55
CA SER D 177 -35.40 9.01 -3.37
C SER D 177 -34.06 8.41 -2.93
N TYR D 178 -33.01 9.22 -2.88
CA TYR D 178 -31.72 8.72 -2.44
C TYR D 178 -31.56 8.86 -0.94
N ASN D 179 -30.58 8.14 -0.38
CA ASN D 179 -30.32 8.21 1.04
C ASN D 179 -29.98 9.64 1.44
N LYS D 180 -30.64 10.14 2.49
CA LYS D 180 -30.54 11.54 2.88
C LYS D 180 -29.52 11.78 4.00
N TYR D 181 -28.56 10.86 4.19
CA TYR D 181 -27.59 11.04 5.26
C TYR D 181 -26.82 12.35 5.13
N TRP D 182 -26.68 12.87 3.90
CA TRP D 182 -25.91 14.08 3.65
C TRP D 182 -26.65 15.36 4.04
N VAL D 183 -27.95 15.27 4.31
CA VAL D 183 -28.75 16.48 4.58
C VAL D 183 -28.23 17.28 5.76
N PRO D 184 -27.96 16.69 6.94
CA PRO D 184 -27.47 17.52 8.05
C PRO D 184 -26.12 18.15 7.79
N CYS D 185 -25.31 17.61 6.87
CA CYS D 185 -24.07 18.29 6.52
C CYS D 185 -24.34 19.58 5.76
N VAL D 186 -25.36 19.59 4.89
CA VAL D 186 -25.76 20.82 4.23
C VAL D 186 -26.37 21.79 5.23
N TRP D 187 -27.17 21.29 6.17
CA TRP D 187 -27.66 22.12 7.26
C TRP D 187 -26.48 22.74 8.03
N PHE D 188 -25.45 21.94 8.27
CA PHE D 188 -24.25 22.42 8.95
C PHE D 188 -23.63 23.57 8.17
N CYS D 189 -23.46 23.39 6.87
CA CYS D 189 -22.86 24.45 6.05
C CYS D 189 -23.70 25.73 6.12
N ASN D 190 -25.01 25.60 6.03
CA ASN D 190 -25.89 26.77 6.10
C ASN D 190 -25.79 27.45 7.46
N LEU D 191 -25.80 26.67 8.54
CA LEU D 191 -25.73 27.24 9.88
C LEU D 191 -24.39 27.94 10.11
N ALA D 192 -23.31 27.36 9.57
CA ALA D 192 -22.01 28.01 9.64
C ALA D 192 -22.00 29.32 8.87
N ALA D 193 -22.60 29.35 7.68
CA ALA D 193 -22.71 30.59 6.94
C ALA D 193 -23.47 31.64 7.75
N GLN D 194 -24.56 31.24 8.40
CA GLN D 194 -25.31 32.19 9.23
C GLN D 194 -24.46 32.68 10.41
N ALA D 195 -23.71 31.77 11.05
CA ALA D 195 -22.86 32.18 12.16
C ALA D 195 -21.81 33.18 11.70
N ARG D 196 -21.23 32.96 10.52
CA ARG D 196 -20.26 33.91 9.98
C ARG D 196 -20.92 35.26 9.69
N ARG D 197 -22.12 35.23 9.10
CA ARG D 197 -22.82 36.47 8.76
C ARG D 197 -23.13 37.29 10.01
N GLU D 198 -23.49 36.61 11.10
CA GLU D 198 -23.82 37.32 12.34
C GLU D 198 -22.58 37.66 13.17
N GLY D 199 -21.39 37.28 12.74
CA GLY D 199 -20.18 37.60 13.48
C GLY D 199 -19.81 36.62 14.57
N ARG D 200 -20.60 35.56 14.79
CA ARG D 200 -20.21 34.53 15.74
C ARG D 200 -18.93 33.85 15.32
N ILE D 201 -18.74 33.65 14.01
CA ILE D 201 -17.45 33.26 13.46
C ILE D 201 -16.76 34.55 13.07
N ARG D 202 -15.64 34.84 13.73
CA ARG D 202 -15.08 36.20 13.65
C ARG D 202 -14.27 36.43 12.39
N ASP D 203 -13.87 35.38 11.69
CA ASP D 203 -12.99 35.60 10.55
C ASP D 203 -13.25 34.58 9.46
N ASN D 204 -12.80 34.91 8.26
CA ASN D 204 -13.03 34.06 7.10
C ASN D 204 -12.22 32.78 7.19
N GLY D 205 -11.02 32.85 7.76
CA GLY D 205 -10.19 31.66 7.88
C GLY D 205 -10.82 30.59 8.75
N ALA D 206 -11.42 31.00 9.87
CA ALA D 206 -12.13 30.06 10.74
C ALA D 206 -13.32 29.42 10.03
N PHE D 207 -14.09 30.24 9.31
CA PHE D 207 -15.21 29.71 8.54
C PHE D 207 -14.71 28.69 7.50
N LYS D 208 -13.59 29.00 6.84
CA LYS D 208 -13.02 28.07 5.88
C LYS D 208 -12.61 26.76 6.54
N LEU D 209 -11.95 26.86 7.71
CA LEU D 209 -11.54 25.66 8.43
C LEU D 209 -12.75 24.81 8.82
N LEU D 210 -13.82 25.47 9.27
CA LEU D 210 -15.04 24.75 9.61
C LEU D 210 -15.57 23.99 8.40
N LEU D 211 -15.64 24.65 7.24
CA LEU D 211 -16.14 23.98 6.05
C LEU D 211 -15.22 22.84 5.62
N GLU D 212 -13.89 23.02 5.76
CA GLU D 212 -12.96 21.95 5.43
C GLU D 212 -13.20 20.71 6.29
N GLU D 213 -13.29 20.92 7.61
CA GLU D 213 -13.50 19.78 8.51
C GLU D 213 -14.88 19.15 8.29
N LEU D 214 -15.88 19.97 7.98
CA LEU D 214 -17.18 19.42 7.61
C LEU D 214 -17.06 18.50 6.41
N ASN D 215 -16.31 18.93 5.39
CA ASN D 215 -16.19 18.12 4.19
C ASN D 215 -15.40 16.84 4.46
N VAL D 216 -14.40 16.90 5.34
CA VAL D 216 -13.69 15.68 5.75
C VAL D 216 -14.67 14.70 6.40
N PHE D 217 -15.48 15.20 7.33
CA PHE D 217 -16.46 14.37 8.01
C PHE D 217 -17.47 13.77 7.03
N ARG D 218 -18.05 14.63 6.18
CA ARG D 218 -19.02 14.17 5.20
C ARG D 218 -18.41 13.13 4.28
N SER D 219 -17.12 13.27 3.96
CA SER D 219 -16.47 12.28 3.10
C SER D 219 -16.31 10.95 3.81
N LYS D 220 -16.07 10.96 5.12
CA LYS D 220 -16.06 9.70 5.85
C LYS D 220 -17.42 9.01 5.78
N CYS D 221 -18.50 9.77 5.95
CA CYS D 221 -19.83 9.20 5.82
C CYS D 221 -20.05 8.65 4.40
N GLY D 222 -19.61 9.39 3.38
CA GLY D 222 -19.74 8.90 2.02
C GLY D 222 -18.95 7.63 1.76
N MET D 223 -17.76 7.53 2.37
CA MET D 223 -16.98 6.31 2.24
C MET D 223 -17.70 5.13 2.85
N LEU D 224 -18.33 5.33 4.00
CA LEU D 224 -19.11 4.24 4.58
C LEU D 224 -20.25 3.83 3.65
N PHE D 225 -20.92 4.82 3.06
CA PHE D 225 -21.97 4.52 2.08
C PHE D 225 -21.41 3.70 0.91
N HIS D 226 -20.23 4.06 0.42
CA HIS D 226 -19.67 3.39 -0.75
C HIS D 226 -19.21 1.97 -0.43
N TYR D 227 -18.57 1.79 0.72
CA TYR D 227 -18.18 0.45 1.13
C TYR D 227 -19.40 -0.44 1.33
N ASP D 228 -20.50 0.14 1.84
CA ASP D 228 -21.73 -0.65 1.97
C ASP D 228 -22.30 -1.00 0.60
N TRP D 229 -22.29 -0.04 -0.33
CA TRP D 229 -22.89 -0.29 -1.64
C TRP D 229 -22.03 -1.21 -2.50
N ILE D 230 -20.72 -0.95 -2.56
CA ILE D 230 -19.81 -1.73 -3.41
C ILE D 230 -19.26 -2.84 -2.54
N SER D 231 -19.98 -3.95 -2.48
CA SER D 231 -19.55 -5.10 -1.72
C SER D 231 -18.27 -5.67 -2.33
N VAL D 232 -17.61 -6.55 -1.58
CA VAL D 232 -16.60 -7.43 -2.16
C VAL D 232 -17.32 -8.13 -3.31
N PRO D 233 -16.74 -8.17 -4.52
CA PRO D 233 -17.46 -8.72 -5.67
C PRO D 233 -18.05 -10.11 -5.38
N LEU D 234 -19.33 -10.26 -5.70
CA LEU D 234 -20.04 -11.49 -5.40
C LEU D 234 -19.34 -12.70 -6.02
N VAL D 235 -18.76 -12.51 -7.20
CA VAL D 235 -18.02 -13.60 -7.85
C VAL D 235 -16.94 -14.14 -6.92
N TYR D 236 -16.21 -13.24 -6.25
CA TYR D 236 -15.14 -13.69 -5.37
C TYR D 236 -15.67 -14.48 -4.18
N THR D 237 -16.74 -13.98 -3.56
CA THR D 237 -17.31 -14.67 -2.41
C THR D 237 -17.80 -16.05 -2.79
N GLN D 238 -18.51 -16.15 -3.92
CA GLN D 238 -18.99 -17.44 -4.40
C GLN D 238 -17.82 -18.39 -4.68
N VAL D 239 -16.82 -17.90 -5.39
CA VAL D 239 -15.71 -18.76 -5.79
C VAL D 239 -14.95 -19.27 -4.57
N VAL D 240 -14.65 -18.37 -3.62
CA VAL D 240 -13.89 -18.80 -2.45
C VAL D 240 -14.70 -19.79 -1.62
N THR D 241 -16.00 -19.55 -1.54
CA THR D 241 -16.88 -20.44 -0.74
C THR D 241 -16.86 -21.83 -1.39
N ILE D 242 -17.05 -21.86 -2.70
CA ILE D 242 -17.04 -23.17 -3.43
C ILE D 242 -15.66 -23.83 -3.25
N ALA D 243 -14.59 -23.04 -3.26
CA ALA D 243 -13.26 -23.64 -3.13
C ALA D 243 -13.14 -24.39 -1.80
N VAL D 244 -13.45 -23.72 -0.70
CA VAL D 244 -13.34 -24.35 0.65
C VAL D 244 -14.29 -25.56 0.73
N TYR D 245 -15.56 -25.35 0.39
CA TYR D 245 -16.56 -26.45 0.53
C TYR D 245 -16.21 -27.62 -0.40
N SER D 246 -15.82 -27.33 -1.65
CA SER D 246 -15.52 -28.42 -2.62
C SER D 246 -14.31 -29.22 -2.11
N TYR D 247 -13.28 -28.54 -1.61
CA TYR D 247 -12.11 -29.24 -1.09
C TYR D 247 -12.46 -30.15 0.07
N PHE D 248 -13.25 -29.64 1.04
CA PHE D 248 -13.53 -30.48 2.24
C PHE D 248 -14.56 -31.55 1.87
N LEU D 249 -15.46 -31.26 0.94
CA LEU D 249 -16.38 -32.32 0.45
C LEU D 249 -15.51 -33.46 -0.09
N ALA D 250 -14.50 -33.14 -0.89
CA ALA D 250 -13.60 -34.14 -1.42
C ALA D 250 -12.84 -34.85 -0.31
N CYS D 251 -12.42 -34.10 0.73
CA CYS D 251 -11.70 -34.68 1.85
C CYS D 251 -12.56 -35.65 2.64
N LEU D 252 -13.88 -35.42 2.69
CA LEU D 252 -14.79 -36.39 3.37
C LEU D 252 -14.57 -37.80 2.82
N ILE D 253 -14.23 -37.93 1.55
CA ILE D 253 -13.91 -39.23 0.95
C ILE D 253 -12.42 -39.52 0.99
N GLY D 254 -11.60 -38.58 0.52
CA GLY D 254 -10.18 -38.85 0.35
C GLY D 254 -9.42 -39.08 1.64
N ARG D 255 -9.95 -38.58 2.76
CA ARG D 255 -9.29 -38.71 4.05
C ARG D 255 -9.87 -39.85 4.90
N GLN D 256 -10.69 -40.71 4.32
CA GLN D 256 -11.20 -41.86 5.05
C GLN D 256 -10.06 -42.81 5.44
N PHE D 257 -10.18 -43.41 6.63
CA PHE D 257 -9.21 -44.42 7.04
C PHE D 257 -9.54 -45.74 6.37
N LEU D 258 -8.61 -46.25 5.57
CA LEU D 258 -8.82 -47.48 4.82
C LEU D 258 -8.37 -48.67 5.63
N ASP D 259 -8.92 -49.83 5.29
CA ASP D 259 -8.64 -51.05 6.02
C ASP D 259 -7.15 -51.37 5.92
N PRO D 260 -6.42 -51.40 7.04
CA PRO D 260 -4.97 -51.65 6.97
C PRO D 260 -4.60 -53.00 6.42
N ALA D 261 -5.50 -53.99 6.48
CA ALA D 261 -5.17 -55.31 5.95
C ALA D 261 -5.06 -55.27 4.43
N GLN D 262 -5.66 -54.27 3.79
CA GLN D 262 -5.54 -54.15 2.34
C GLN D 262 -4.14 -53.72 1.92
N GLY D 263 -3.36 -53.14 2.83
CA GLY D 263 -1.97 -52.87 2.56
C GLY D 263 -1.72 -51.71 1.61
N TYR D 264 -2.65 -50.77 1.50
CA TYR D 264 -2.43 -49.60 0.67
C TYR D 264 -1.29 -48.76 1.22
N LYS D 265 -0.51 -48.17 0.33
CA LYS D 265 0.60 -47.33 0.75
C LYS D 265 0.10 -46.16 1.58
N ASP D 266 0.81 -45.89 2.68
CA ASP D 266 0.45 -44.84 3.64
C ASP D 266 -0.94 -45.04 4.24
N HIS D 267 -1.40 -46.28 4.38
CA HIS D 267 -2.70 -46.55 4.98
C HIS D 267 -2.64 -47.73 5.95
N ASP D 268 -1.57 -47.86 6.71
CA ASP D 268 -1.44 -48.95 7.64
C ASP D 268 -1.76 -48.55 9.08
N LEU D 269 -2.58 -47.53 9.29
CA LEU D 269 -2.89 -47.06 10.64
C LEU D 269 -4.27 -46.43 10.66
N ASP D 270 -5.18 -47.04 11.40
CA ASP D 270 -6.56 -46.55 11.51
C ASP D 270 -6.69 -45.87 12.87
N LEU D 271 -6.53 -44.54 12.88
CA LEU D 271 -6.74 -43.75 14.08
C LEU D 271 -8.20 -43.37 14.31
N CYS D 272 -9.04 -43.55 13.28
CA CYS D 272 -10.49 -43.45 13.33
C CYS D 272 -11.00 -42.02 13.48
N VAL D 273 -10.12 -41.09 13.87
CA VAL D 273 -10.45 -39.67 13.91
C VAL D 273 -9.44 -38.94 13.04
N PRO D 274 -9.85 -38.36 11.93
CA PRO D 274 -8.89 -37.72 11.00
C PRO D 274 -8.46 -36.37 11.57
N ILE D 275 -7.65 -36.43 12.62
CA ILE D 275 -7.36 -35.23 13.41
C ILE D 275 -6.58 -34.21 12.59
N PHE D 276 -5.71 -34.67 11.67
CA PHE D 276 -5.04 -33.69 10.81
C PHE D 276 -6.00 -33.08 9.80
N THR D 277 -6.96 -33.86 9.32
CA THR D 277 -7.98 -33.30 8.44
C THR D 277 -8.90 -32.36 9.21
N LEU D 278 -9.23 -32.71 10.46
CA LEU D 278 -10.02 -31.80 11.28
C LEU D 278 -9.25 -30.50 11.53
N LEU D 279 -7.95 -30.59 11.77
CA LEU D 279 -7.15 -29.38 11.93
C LEU D 279 -7.12 -28.57 10.64
N GLN D 280 -7.01 -29.23 9.49
CA GLN D 280 -6.99 -28.52 8.22
C GLN D 280 -8.32 -27.82 7.95
N PHE D 281 -9.42 -28.47 8.30
CA PHE D 281 -10.74 -27.82 8.16
C PHE D 281 -10.79 -26.63 9.12
N PHE D 282 -10.29 -26.83 10.34
CA PHE D 282 -10.23 -25.74 11.29
C PHE D 282 -9.55 -24.53 10.67
N PHE D 283 -8.38 -24.73 10.07
CA PHE D 283 -7.61 -23.59 9.56
C PHE D 283 -8.26 -22.98 8.33
N TYR D 284 -8.53 -23.77 7.29
CA TYR D 284 -9.05 -23.19 6.05
C TYR D 284 -10.47 -22.65 6.23
N ALA D 285 -11.38 -23.47 6.75
CA ALA D 285 -12.75 -23.03 6.96
C ALA D 285 -12.83 -21.93 8.02
N GLY D 286 -11.91 -21.92 8.99
CA GLY D 286 -11.90 -20.83 9.95
C GLY D 286 -11.40 -19.54 9.36
N TRP D 287 -10.42 -19.62 8.45
CA TRP D 287 -10.01 -18.45 7.69
C TRP D 287 -11.19 -17.87 6.92
N LEU D 288 -11.93 -18.74 6.24
CA LEU D 288 -13.11 -18.28 5.52
C LEU D 288 -14.15 -17.69 6.48
N LYS D 289 -14.31 -18.32 7.64
CA LYS D 289 -15.29 -17.86 8.65
C LYS D 289 -14.88 -16.50 9.21
N VAL D 290 -13.59 -16.24 9.37
CA VAL D 290 -13.12 -14.93 9.81
C VAL D 290 -13.42 -13.90 8.74
N ALA D 291 -13.17 -14.25 7.48
CA ALA D 291 -13.54 -13.36 6.39
C ALA D 291 -15.05 -13.06 6.42
N GLU D 292 -15.85 -14.08 6.75
CA GLU D 292 -17.32 -13.89 6.85
C GLU D 292 -17.65 -12.88 7.97
N GLN D 293 -16.97 -12.97 9.11
CA GLN D 293 -17.19 -12.00 10.18
C GLN D 293 -16.76 -10.60 9.74
N LEU D 294 -15.64 -10.49 9.05
CA LEU D 294 -15.04 -9.18 8.78
C LEU D 294 -15.65 -8.49 7.57
N ILE D 295 -16.32 -9.24 6.68
CA ILE D 295 -16.71 -8.66 5.40
C ILE D 295 -17.71 -7.53 5.59
N ASN D 296 -18.58 -7.65 6.58
CA ASN D 296 -19.46 -6.56 6.99
C ASN D 296 -19.16 -6.27 8.45
N PRO D 297 -18.23 -5.36 8.75
CA PRO D 297 -17.84 -5.13 10.14
C PRO D 297 -18.86 -4.34 10.95
N PHE D 298 -20.01 -4.01 10.37
CA PHE D 298 -21.02 -3.22 11.06
C PHE D 298 -22.23 -4.04 11.47
N GLY D 299 -22.11 -5.36 11.54
CA GLY D 299 -23.17 -6.21 12.02
C GLY D 299 -23.09 -6.45 13.51
N GLU D 300 -23.60 -7.60 13.94
CA GLU D 300 -23.66 -7.93 15.35
C GLU D 300 -22.78 -9.12 15.72
N ASP D 301 -21.71 -9.37 14.98
CA ASP D 301 -20.71 -10.30 15.46
C ASP D 301 -20.03 -9.73 16.71
N ASP D 302 -19.52 -10.63 17.55
CA ASP D 302 -18.82 -10.21 18.76
C ASP D 302 -17.73 -9.20 18.46
N ASP D 303 -16.98 -9.43 17.39
CA ASP D 303 -15.86 -8.57 17.05
C ASP D 303 -16.20 -7.54 15.97
N ASP D 304 -17.47 -7.38 15.63
CA ASP D 304 -17.83 -6.25 14.77
C ASP D 304 -17.65 -4.94 15.53
N PHE D 305 -17.62 -3.84 14.77
CA PHE D 305 -17.37 -2.54 15.37
C PHE D 305 -18.50 -2.11 16.30
N GLU D 306 -18.15 -1.38 17.36
CA GLU D 306 -19.09 -0.94 18.39
C GLU D 306 -19.74 0.38 17.99
N THR D 307 -20.66 0.28 17.03
CA THR D 307 -21.19 1.48 16.39
C THR D 307 -22.07 2.29 17.34
N ASN D 308 -22.94 1.62 18.10
CA ASN D 308 -23.78 2.33 19.07
C ASN D 308 -22.94 3.02 20.14
N PHE D 309 -21.89 2.32 20.61
CA PHE D 309 -20.97 2.93 21.56
C PHE D 309 -20.35 4.19 20.99
N LEU D 310 -19.91 4.14 19.73
CA LEU D 310 -19.29 5.30 19.12
C LEU D 310 -20.28 6.45 18.97
N ILE D 311 -21.52 6.16 18.59
CA ILE D 311 -22.54 7.20 18.49
C ILE D 311 -22.71 7.90 19.83
N ASP D 312 -22.89 7.12 20.89
CA ASP D 312 -23.11 7.70 22.21
C ASP D 312 -21.89 8.49 22.68
N ARG D 313 -20.69 7.93 22.50
CA ARG D 313 -19.49 8.62 22.93
C ARG D 313 -19.33 9.94 22.21
N CYS D 314 -19.51 9.94 20.89
CA CYS D 314 -19.34 11.16 20.11
C CYS D 314 -20.32 12.22 20.54
N PHE D 315 -21.59 11.87 20.72
CA PHE D 315 -22.55 12.88 21.15
C PHE D 315 -22.15 13.45 22.52
N GLN D 316 -21.82 12.57 23.47
CA GLN D 316 -21.49 13.04 24.82
C GLN D 316 -20.25 13.94 24.80
N VAL D 317 -19.20 13.52 24.10
CA VAL D 317 -17.94 14.25 24.12
C VAL D 317 -18.09 15.57 23.35
N SER D 318 -18.81 15.55 22.22
CA SER D 318 -19.02 16.78 21.47
C SER D 318 -19.78 17.80 22.28
N MET D 319 -20.88 17.37 22.93
CA MET D 319 -21.65 18.30 23.74
C MET D 319 -20.81 18.85 24.88
N LEU D 320 -20.06 17.99 25.57
CA LEU D 320 -19.18 18.47 26.64
C LEU D 320 -18.21 19.51 26.11
N ALA D 321 -17.51 19.18 25.02
CA ALA D 321 -16.42 20.01 24.53
C ALA D 321 -16.92 21.37 24.06
N VAL D 322 -18.05 21.41 23.36
CA VAL D 322 -18.49 22.68 22.78
C VAL D 322 -19.45 23.45 23.68
N ASP D 323 -19.96 22.85 24.75
CA ASP D 323 -20.88 23.60 25.61
C ASP D 323 -20.25 23.85 26.97
N GLU D 324 -19.88 22.79 27.69
CA GLU D 324 -19.39 22.97 29.04
C GLU D 324 -17.98 23.56 29.06
N MET D 325 -17.14 23.16 28.11
CA MET D 325 -15.74 23.56 28.10
C MET D 325 -15.44 24.75 27.19
N TYR D 326 -16.46 25.36 26.59
CA TYR D 326 -16.21 26.53 25.74
C TYR D 326 -15.69 27.67 26.60
N ASP D 327 -14.52 28.20 26.24
CA ASP D 327 -13.94 29.37 26.90
C ASP D 327 -13.96 29.22 28.41
N ASP D 328 -13.54 28.05 28.89
CA ASP D 328 -13.54 27.73 30.31
C ASP D 328 -12.16 27.17 30.66
N LEU D 329 -11.23 28.07 30.91
CA LEU D 329 -9.84 27.71 31.09
C LEU D 329 -9.40 27.99 32.51
N ALA D 330 -8.46 27.18 33.00
CA ALA D 330 -7.79 27.48 34.25
C ALA D 330 -6.90 28.71 34.05
N MET D 331 -6.55 29.34 35.17
CA MET D 331 -5.72 30.53 35.11
C MET D 331 -4.39 30.22 34.43
N LEU D 332 -3.94 31.13 33.59
CA LEU D 332 -2.61 31.04 33.02
C LEU D 332 -1.59 31.16 34.15
N GLU D 333 -0.94 30.06 34.50
CA GLU D 333 -0.01 30.01 35.60
C GLU D 333 1.34 29.47 35.14
N LYS D 334 2.40 29.90 35.83
CA LYS D 334 3.71 29.35 35.58
C LYS D 334 3.72 27.86 35.92
N ASP D 335 4.31 27.07 35.03
CA ASP D 335 4.38 25.63 35.22
C ASP D 335 5.50 25.29 36.20
N LEU D 336 5.63 24.00 36.50
CA LEU D 336 6.64 23.56 37.46
C LEU D 336 8.05 23.92 36.99
N TYR D 337 8.32 23.75 35.70
CA TYR D 337 9.65 24.00 35.15
C TYR D 337 9.74 25.37 34.48
N TRP D 338 9.01 26.35 35.00
CA TRP D 338 9.09 27.71 34.47
C TRP D 338 10.51 28.27 34.61
N ASP D 339 11.12 28.07 35.78
CA ASP D 339 12.47 28.56 36.03
C ASP D 339 13.52 27.69 35.32
N THR E 2 -23.47 -3.06 -10.28
CA THR E 2 -23.12 -3.45 -8.92
C THR E 2 -24.20 -4.35 -8.34
N VAL E 3 -23.79 -5.48 -7.77
CA VAL E 3 -24.70 -6.42 -7.12
C VAL E 3 -24.35 -6.39 -5.64
N THR E 4 -25.10 -5.65 -4.86
CA THR E 4 -24.77 -5.50 -3.45
C THR E 4 -25.38 -6.63 -2.65
N TYR E 5 -24.64 -7.11 -1.66
CA TYR E 5 -25.18 -8.11 -0.73
C TYR E 5 -24.67 -7.85 0.69
N THR E 6 -24.22 -6.63 0.96
CA THR E 6 -23.57 -6.33 2.24
C THR E 6 -24.48 -6.65 3.41
N ALA E 7 -25.77 -6.31 3.28
CA ALA E 7 -26.71 -6.54 4.38
C ALA E 7 -26.86 -8.01 4.70
N ARG E 8 -26.82 -8.88 3.69
CA ARG E 8 -27.05 -10.30 3.92
C ARG E 8 -25.92 -10.98 4.67
N VAL E 9 -24.75 -10.35 4.76
CA VAL E 9 -23.61 -10.97 5.41
C VAL E 9 -23.16 -10.13 6.59
N ALA E 10 -24.11 -9.46 7.25
CA ALA E 10 -23.76 -8.62 8.40
C ALA E 10 -23.19 -9.45 9.55
N LYS E 11 -23.67 -10.68 9.70
CA LYS E 11 -23.30 -11.53 10.81
C LYS E 11 -22.75 -12.85 10.28
N ALA E 12 -21.71 -13.35 10.93
CA ALA E 12 -21.30 -14.73 10.68
C ALA E 12 -22.40 -15.66 11.15
N ARG E 13 -22.77 -16.61 10.29
CA ARG E 13 -23.83 -17.56 10.61
C ARG E 13 -23.43 -18.94 10.11
N PHE E 14 -24.12 -19.95 10.63
CA PHE E 14 -23.79 -21.34 10.31
C PHE E 14 -23.72 -21.57 8.81
N GLY E 15 -24.72 -21.08 8.08
CA GLY E 15 -24.73 -21.28 6.63
C GLY E 15 -23.53 -20.66 5.93
N GLY E 16 -22.95 -19.61 6.49
CA GLY E 16 -21.87 -18.93 5.78
C GLY E 16 -22.40 -18.25 4.54
N PHE E 17 -21.59 -18.25 3.48
CA PHE E 17 -21.95 -17.72 2.18
C PHE E 17 -22.73 -18.72 1.32
N SER E 18 -23.22 -19.80 1.93
CA SER E 18 -23.90 -20.82 1.15
C SER E 18 -25.15 -20.25 0.47
N LYS E 19 -25.89 -19.41 1.20
CA LYS E 19 -27.05 -18.76 0.60
C LYS E 19 -26.65 -17.87 -0.57
N LEU E 20 -25.47 -17.25 -0.50
CA LEU E 20 -24.99 -16.46 -1.63
C LEU E 20 -24.71 -17.33 -2.83
N LEU E 21 -24.37 -18.61 -2.60
CA LEU E 21 -24.17 -19.51 -3.74
C LEU E 21 -25.42 -19.66 -4.62
N LEU E 22 -26.59 -19.19 -4.18
CA LEU E 22 -27.81 -19.35 -4.95
C LEU E 22 -28.10 -18.20 -5.91
N LEU E 23 -27.27 -17.16 -5.89
CA LEU E 23 -27.49 -15.96 -6.69
C LEU E 23 -27.03 -16.19 -8.12
N TRP E 24 -27.80 -15.67 -9.08
CA TRP E 24 -27.47 -15.75 -10.50
C TRP E 24 -26.90 -14.44 -11.04
N ARG E 25 -27.58 -13.33 -10.82
CA ARG E 25 -27.12 -12.04 -11.32
C ARG E 25 -25.83 -11.65 -10.62
N GLY E 26 -24.80 -11.36 -11.40
CA GLY E 26 -23.50 -11.07 -10.83
C GLY E 26 -22.73 -12.28 -10.33
N SER E 27 -23.17 -13.48 -10.68
CA SER E 27 -22.58 -14.69 -10.14
C SER E 27 -21.44 -15.19 -11.04
N ILE E 28 -20.62 -16.06 -10.47
CA ILE E 28 -19.55 -16.68 -11.26
C ILE E 28 -20.14 -17.58 -12.33
N TYR E 29 -21.23 -18.27 -12.01
CA TYR E 29 -21.84 -19.21 -12.96
C TYR E 29 -22.20 -18.51 -14.26
N LYS E 30 -22.85 -17.36 -14.16
CA LYS E 30 -23.29 -16.65 -15.36
C LYS E 30 -22.10 -16.19 -16.19
N LEU E 31 -21.00 -15.83 -15.51
CA LEU E 31 -19.79 -15.43 -16.22
C LEU E 31 -19.14 -16.61 -16.94
N LEU E 32 -19.22 -17.82 -16.37
CA LEU E 32 -18.32 -18.88 -16.79
C LEU E 32 -18.98 -20.14 -17.36
N TRP E 33 -20.32 -20.22 -17.42
CA TRP E 33 -20.92 -21.51 -17.80
C TRP E 33 -20.64 -21.87 -19.24
N ARG E 34 -20.56 -20.88 -20.14
CA ARG E 34 -20.27 -21.19 -21.53
C ARG E 34 -18.87 -21.80 -21.68
N GLU E 35 -17.87 -21.17 -21.06
CA GLU E 35 -16.48 -21.68 -21.15
C GLU E 35 -16.42 -23.07 -20.48
N LEU E 36 -17.08 -23.23 -19.32
CA LEU E 36 -17.06 -24.52 -18.64
C LEU E 36 -17.66 -25.61 -19.52
N LEU E 37 -18.77 -25.30 -20.18
CA LEU E 37 -19.41 -26.27 -21.07
C LEU E 37 -18.52 -26.58 -22.26
N CYS E 38 -17.80 -25.60 -22.79
CA CYS E 38 -16.88 -25.84 -23.93
C CYS E 38 -15.74 -26.76 -23.48
N PHE E 39 -15.15 -26.51 -22.31
CA PHE E 39 -14.08 -27.40 -21.78
C PHE E 39 -14.63 -28.82 -21.63
N LEU E 40 -15.78 -28.95 -20.98
CA LEU E 40 -16.36 -30.28 -20.76
C LEU E 40 -16.64 -30.99 -22.09
N GLY E 41 -17.19 -30.27 -23.06
CA GLY E 41 -17.49 -30.87 -24.34
C GLY E 41 -16.24 -31.33 -25.08
N LEU E 42 -15.20 -30.51 -25.02
CA LEU E 42 -13.94 -30.87 -25.71
C LEU E 42 -13.37 -32.12 -25.02
N PHE E 43 -13.38 -32.13 -23.69
CA PHE E 43 -12.85 -33.27 -22.95
C PHE E 43 -13.60 -34.53 -23.29
N MET E 44 -14.93 -34.46 -23.33
CA MET E 44 -15.74 -35.64 -23.61
C MET E 44 -15.55 -36.12 -25.04
N ALA E 45 -15.37 -35.20 -25.99
CA ALA E 45 -15.08 -35.61 -27.36
C ALA E 45 -13.76 -36.37 -27.45
N LEU E 46 -12.72 -35.85 -26.78
CA LEU E 46 -11.45 -36.56 -26.79
C LEU E 46 -11.57 -37.91 -26.09
N SER E 47 -12.29 -37.97 -24.99
CA SER E 47 -12.49 -39.23 -24.30
C SER E 47 -13.23 -40.24 -25.17
N ALA E 48 -14.27 -39.80 -25.87
CA ALA E 48 -15.02 -40.69 -26.75
C ALA E 48 -14.15 -41.19 -27.89
N ALA E 49 -13.31 -40.32 -28.46
CA ALA E 49 -12.40 -40.75 -29.50
C ALA E 49 -11.45 -41.83 -28.99
N TYR E 50 -10.89 -41.61 -27.80
CA TYR E 50 -9.99 -42.60 -27.22
C TYR E 50 -10.72 -43.90 -26.91
N ARG E 51 -11.99 -43.82 -26.53
CA ARG E 51 -12.71 -45.00 -26.07
C ARG E 51 -13.25 -45.83 -27.23
N PHE E 52 -13.58 -45.19 -28.35
CA PHE E 52 -14.35 -45.86 -29.40
C PHE E 52 -13.67 -45.82 -30.76
N VAL E 53 -12.87 -44.79 -31.05
CA VAL E 53 -12.31 -44.63 -32.39
C VAL E 53 -10.92 -45.23 -32.47
N LEU E 54 -10.08 -44.94 -31.48
CA LEU E 54 -8.67 -45.31 -31.54
C LEU E 54 -8.49 -46.82 -31.55
N THR E 55 -7.58 -47.29 -32.39
CA THR E 55 -7.11 -48.66 -32.33
C THR E 55 -6.24 -48.87 -31.10
N GLU E 56 -5.96 -50.14 -30.80
CA GLU E 56 -5.20 -50.46 -29.59
C GLU E 56 -3.83 -49.78 -29.57
N GLU E 57 -3.11 -49.84 -30.69
CA GLU E 57 -1.79 -49.21 -30.75
C GLU E 57 -1.89 -47.70 -30.61
N GLN E 58 -2.86 -47.10 -31.30
CA GLN E 58 -3.14 -45.68 -31.12
C GLN E 58 -3.50 -45.39 -29.68
N LYS E 59 -4.21 -46.31 -29.02
CA LYS E 59 -4.55 -46.11 -27.62
C LYS E 59 -3.31 -46.10 -26.74
N ARG E 60 -2.36 -46.99 -27.00
CA ARG E 60 -1.13 -47.01 -26.21
C ARG E 60 -0.34 -45.72 -26.39
N TYR E 61 -0.21 -45.25 -27.63
CA TYR E 61 0.48 -43.98 -27.84
C TYR E 61 -0.26 -42.84 -27.16
N PHE E 62 -1.59 -42.83 -27.25
CA PHE E 62 -2.37 -41.79 -26.60
C PHE E 62 -2.18 -41.82 -25.09
N GLU E 63 -2.11 -43.01 -24.50
CA GLU E 63 -1.87 -43.10 -23.07
C GLU E 63 -0.51 -42.51 -22.70
N LYS E 64 0.50 -42.77 -23.52
CA LYS E 64 1.80 -42.15 -23.30
C LYS E 64 1.68 -40.62 -23.34
N LEU E 65 0.96 -40.09 -24.33
CA LEU E 65 0.79 -38.64 -24.44
C LEU E 65 0.05 -38.08 -23.22
N VAL E 66 -0.97 -38.80 -22.74
CA VAL E 66 -1.73 -38.33 -21.58
C VAL E 66 -0.83 -38.26 -20.35
N LEU E 67 -0.05 -39.32 -20.13
CA LEU E 67 0.87 -39.33 -18.99
C LEU E 67 1.85 -38.17 -19.09
N TYR E 68 2.39 -37.93 -20.29
CA TYR E 68 3.35 -36.85 -20.49
C TYR E 68 2.73 -35.48 -20.18
N CYS E 69 1.54 -35.21 -20.72
CA CYS E 69 0.90 -33.92 -20.51
C CYS E 69 0.54 -33.72 -19.04
N ASP E 70 0.02 -34.76 -18.39
CA ASP E 70 -0.26 -34.66 -16.96
C ASP E 70 1.01 -34.37 -16.18
N ARG E 71 2.12 -34.99 -16.57
CA ARG E 71 3.38 -34.79 -15.89
C ARG E 71 3.88 -33.36 -16.04
N TYR E 72 3.74 -32.76 -17.22
CA TYR E 72 4.46 -31.53 -17.51
C TYR E 72 3.59 -30.28 -17.63
N ALA E 73 2.26 -30.41 -17.50
CA ALA E 73 1.43 -29.21 -17.50
C ALA E 73 1.76 -28.30 -16.32
N SER E 74 2.23 -28.86 -15.21
CA SER E 74 2.60 -28.04 -14.06
C SER E 74 3.77 -27.10 -14.37
N LEU E 75 4.50 -27.32 -15.46
CA LEU E 75 5.55 -26.39 -15.85
C LEU E 75 4.98 -25.00 -16.15
N ILE E 76 3.71 -24.93 -16.55
CA ILE E 76 3.05 -23.66 -16.85
C ILE E 76 2.69 -22.96 -15.55
N PRO E 77 3.26 -21.79 -15.27
CA PRO E 77 3.08 -21.15 -13.94
C PRO E 77 1.79 -20.33 -13.86
N VAL E 78 0.66 -21.04 -13.83
CA VAL E 78 -0.64 -20.37 -13.90
C VAL E 78 -0.88 -19.51 -12.67
N SER E 79 -0.61 -20.05 -11.48
CA SER E 79 -0.93 -19.32 -10.26
C SER E 79 -0.04 -18.08 -10.11
N PHE E 80 1.22 -18.18 -10.51
CA PHE E 80 2.15 -17.05 -10.48
C PHE E 80 1.59 -15.86 -11.27
N VAL E 81 1.44 -16.03 -12.58
CA VAL E 81 1.01 -14.93 -13.43
C VAL E 81 -0.41 -14.49 -13.07
N LEU E 82 -1.29 -15.44 -12.76
CA LEU E 82 -2.68 -15.11 -12.49
C LEU E 82 -2.82 -14.33 -11.18
N GLY E 83 -2.11 -14.75 -10.13
CA GLY E 83 -2.16 -13.99 -8.89
C GLY E 83 -1.69 -12.56 -9.08
N PHE E 84 -0.55 -12.38 -9.78
CA PHE E 84 -0.08 -11.02 -10.04
C PHE E 84 -1.13 -10.21 -10.79
N TYR E 85 -1.67 -10.78 -11.87
CA TYR E 85 -2.59 -10.05 -12.73
C TYR E 85 -3.85 -9.65 -11.98
N VAL E 86 -4.41 -10.58 -11.20
CA VAL E 86 -5.64 -10.27 -10.48
C VAL E 86 -5.40 -9.22 -9.42
N THR E 87 -4.26 -9.28 -8.72
CA THR E 87 -3.93 -8.25 -7.74
C THR E 87 -3.89 -6.87 -8.39
N LEU E 88 -3.22 -6.76 -9.54
CA LEU E 88 -3.17 -5.47 -10.24
C LEU E 88 -4.57 -5.00 -10.62
N VAL E 89 -5.37 -5.91 -11.20
CA VAL E 89 -6.69 -5.52 -11.68
C VAL E 89 -7.55 -5.03 -10.52
N VAL E 90 -7.52 -5.73 -9.39
CA VAL E 90 -8.39 -5.37 -8.26
C VAL E 90 -7.96 -4.03 -7.65
N HIS E 91 -6.65 -3.83 -7.49
CA HIS E 91 -6.18 -2.52 -7.03
C HIS E 91 -6.71 -1.40 -7.92
N ARG E 92 -6.54 -1.56 -9.24
CA ARG E 92 -7.05 -0.56 -10.16
C ARG E 92 -8.57 -0.41 -10.04
N TRP E 93 -9.27 -1.50 -9.77
CA TRP E 93 -10.74 -1.47 -9.68
C TRP E 93 -11.18 -0.53 -8.56
N TRP E 94 -10.63 -0.73 -7.36
CA TRP E 94 -11.05 0.13 -6.26
C TRP E 94 -10.61 1.57 -6.49
N ASN E 95 -9.41 1.79 -7.03
CA ASN E 95 -8.97 3.17 -7.27
C ASN E 95 -9.88 3.86 -8.29
N GLN E 96 -10.35 3.12 -9.30
CA GLN E 96 -11.26 3.71 -10.28
C GLN E 96 -12.60 4.05 -9.66
N TYR E 97 -13.13 3.19 -8.78
CA TYR E 97 -14.34 3.58 -8.09
C TYR E 97 -14.13 4.85 -7.27
N LEU E 98 -12.99 4.94 -6.58
CA LEU E 98 -12.70 6.11 -5.76
C LEU E 98 -12.58 7.37 -6.61
N SER E 99 -12.27 7.24 -7.89
CA SER E 99 -12.16 8.40 -8.77
C SER E 99 -13.48 8.82 -9.41
N MET E 100 -14.59 8.25 -8.97
CA MET E 100 -15.88 8.61 -9.54
C MET E 100 -16.18 10.08 -9.29
N PRO E 101 -16.67 10.82 -10.30
CA PRO E 101 -16.84 12.29 -10.14
C PRO E 101 -18.08 12.67 -9.34
N LEU E 102 -17.96 12.55 -8.03
CA LEU E 102 -19.06 12.91 -7.13
C LEU E 102 -18.98 14.39 -6.75
N THR E 103 -20.13 15.04 -6.67
CA THR E 103 -20.22 16.48 -6.47
C THR E 103 -20.69 16.87 -5.07
N ASP E 104 -20.65 15.95 -4.10
CA ASP E 104 -21.17 16.26 -2.77
C ASP E 104 -20.33 17.32 -2.04
N ALA E 105 -19.01 17.19 -2.07
CA ALA E 105 -18.16 18.18 -1.42
C ALA E 105 -18.35 19.55 -2.04
N LEU E 106 -18.41 19.60 -3.38
CA LEU E 106 -18.64 20.86 -4.06
C LEU E 106 -19.99 21.45 -3.67
N MET E 107 -21.04 20.62 -3.58
CA MET E 107 -22.35 21.17 -3.25
C MET E 107 -22.35 21.75 -1.84
N CYS E 108 -21.63 21.11 -0.91
CA CYS E 108 -21.51 21.69 0.43
C CYS E 108 -20.84 23.06 0.38
N VAL E 109 -19.71 23.16 -0.31
CA VAL E 109 -19.00 24.44 -0.39
C VAL E 109 -19.87 25.49 -1.08
N VAL E 110 -20.56 25.09 -2.15
CA VAL E 110 -21.35 26.03 -2.93
C VAL E 110 -22.50 26.57 -2.10
N VAL E 111 -23.23 25.69 -1.41
CA VAL E 111 -24.34 26.17 -0.60
C VAL E 111 -23.84 27.03 0.55
N GLY E 112 -22.61 26.78 1.04
CA GLY E 112 -22.10 27.59 2.13
C GLY E 112 -21.46 28.91 1.72
N THR E 113 -21.11 29.09 0.45
CA THR E 113 -20.31 30.26 0.06
C THR E 113 -20.90 31.12 -1.04
N VAL E 114 -21.92 30.66 -1.77
CA VAL E 114 -22.45 31.40 -2.91
C VAL E 114 -23.86 31.84 -2.56
N HIS E 115 -24.04 33.13 -2.31
CA HIS E 115 -25.19 33.60 -1.56
C HIS E 115 -26.20 34.36 -2.43
N GLY E 116 -27.41 34.45 -1.89
CA GLY E 116 -28.53 35.17 -2.50
C GLY E 116 -29.72 34.25 -2.68
N HIS E 117 -30.84 34.64 -2.07
CA HIS E 117 -32.11 33.97 -2.27
C HIS E 117 -32.75 34.34 -3.60
N ASP E 118 -32.31 35.41 -4.23
CA ASP E 118 -32.90 35.89 -5.46
C ASP E 118 -32.59 34.95 -6.62
N GLU E 119 -33.14 35.30 -7.78
CA GLU E 119 -32.97 34.49 -8.99
C GLU E 119 -31.50 34.37 -9.37
N ARG E 120 -30.73 35.46 -9.23
CA ARG E 120 -29.33 35.44 -9.65
C ARG E 120 -28.50 34.50 -8.79
N GLY E 121 -28.74 34.52 -7.47
CA GLY E 121 -28.01 33.63 -6.59
C GLY E 121 -28.33 32.16 -6.84
N ARG E 122 -29.61 31.87 -7.05
CA ARG E 122 -30.01 30.51 -7.41
C ARG E 122 -29.37 30.08 -8.72
N LEU E 123 -29.32 30.98 -9.70
CA LEU E 123 -28.67 30.68 -10.97
C LEU E 123 -27.20 30.37 -10.77
N TYR E 124 -26.50 31.18 -9.97
CA TYR E 124 -25.09 30.93 -9.69
C TYR E 124 -24.88 29.55 -9.09
N ARG E 125 -25.64 29.23 -8.04
CA ARG E 125 -25.43 27.96 -7.35
C ARG E 125 -25.74 26.78 -8.26
N ARG E 126 -26.91 26.82 -8.92
CA ARG E 126 -27.32 25.72 -9.79
C ARG E 126 -26.36 25.56 -10.95
N THR E 127 -25.84 26.66 -11.50
CA THR E 127 -24.97 26.57 -12.67
C THR E 127 -23.59 26.06 -12.29
N LEU E 128 -23.05 26.48 -11.14
CA LEU E 128 -21.78 25.90 -10.69
C LEU E 128 -21.93 24.39 -10.52
N MET E 129 -23.00 23.97 -9.84
CA MET E 129 -23.21 22.53 -9.65
C MET E 129 -23.40 21.82 -10.99
N ARG E 130 -24.09 22.47 -11.93
CA ARG E 130 -24.36 21.85 -13.22
C ARG E 130 -23.09 21.73 -14.05
N TYR E 131 -22.19 22.70 -13.96
CA TYR E 131 -20.90 22.57 -14.64
C TYR E 131 -20.12 21.38 -14.11
N ALA E 132 -20.12 21.20 -12.78
CA ALA E 132 -19.45 20.02 -12.24
C ALA E 132 -20.09 18.74 -12.75
N GLY E 133 -21.43 18.68 -12.71
CA GLY E 133 -22.12 17.49 -13.19
C GLY E 133 -21.89 17.25 -14.68
N LEU E 134 -21.76 18.33 -15.45
CA LEU E 134 -21.51 18.23 -16.88
C LEU E 134 -20.13 17.65 -17.15
N SER E 135 -19.12 18.11 -16.42
CA SER E 135 -17.79 17.52 -16.55
C SER E 135 -17.83 16.02 -16.23
N GLY E 136 -18.55 15.65 -15.16
CA GLY E 136 -18.73 14.24 -14.86
C GLY E 136 -19.36 13.46 -16.00
N VAL E 137 -20.43 14.02 -16.59
CA VAL E 137 -21.11 13.35 -17.69
C VAL E 137 -20.17 13.18 -18.88
N LEU E 138 -19.42 14.23 -19.21
CA LEU E 138 -18.53 14.16 -20.37
C LEU E 138 -17.47 13.09 -20.20
N ILE E 139 -16.82 13.06 -19.03
CA ILE E 139 -15.79 12.04 -18.83
C ILE E 139 -16.41 10.64 -18.78
N LEU E 140 -17.62 10.52 -18.22
CA LEU E 140 -18.21 9.20 -18.08
C LEU E 140 -18.69 8.65 -19.42
N ARG E 141 -19.25 9.50 -20.27
CA ARG E 141 -19.56 9.05 -21.62
C ARG E 141 -18.28 8.77 -22.40
N SER E 142 -17.16 9.32 -21.96
CA SER E 142 -15.88 8.96 -22.56
C SER E 142 -15.40 7.58 -22.12
N VAL E 143 -15.65 7.19 -20.87
CA VAL E 143 -15.06 5.98 -20.33
C VAL E 143 -16.07 4.88 -20.03
N SER E 144 -17.37 5.16 -19.99
CA SER E 144 -18.38 4.16 -19.64
C SER E 144 -19.24 3.87 -20.85
N THR E 145 -19.32 2.58 -21.24
CA THR E 145 -20.14 2.21 -22.38
C THR E 145 -21.62 2.50 -22.14
N ALA E 146 -22.10 2.24 -20.91
CA ALA E 146 -23.51 2.50 -20.60
C ALA E 146 -23.83 3.99 -20.71
N VAL E 147 -22.98 4.85 -20.15
CA VAL E 147 -23.24 6.28 -20.23
C VAL E 147 -23.17 6.75 -21.68
N PHE E 148 -22.22 6.23 -22.46
CA PHE E 148 -22.15 6.62 -23.86
C PHE E 148 -23.41 6.20 -24.61
N LYS E 149 -23.94 5.02 -24.31
CA LYS E 149 -25.22 4.63 -24.93
C LYS E 149 -26.32 5.61 -24.54
N ARG E 150 -26.34 6.05 -23.29
CA ARG E 150 -27.34 7.03 -22.90
C ARG E 150 -27.11 8.37 -23.60
N PHE E 151 -25.85 8.78 -23.79
CA PHE E 151 -25.52 10.06 -24.41
C PHE E 151 -24.59 9.82 -25.60
N PRO E 152 -25.11 9.27 -26.71
CA PRO E 152 -24.26 9.06 -27.88
C PRO E 152 -23.74 10.33 -28.52
N THR E 153 -24.45 11.45 -28.38
CA THR E 153 -24.00 12.73 -28.94
C THR E 153 -24.15 13.80 -27.87
N ILE E 154 -23.45 14.92 -28.09
CA ILE E 154 -23.59 16.06 -27.19
C ILE E 154 -25.02 16.59 -27.20
N ASP E 155 -25.73 16.40 -28.31
CA ASP E 155 -27.14 16.78 -28.38
C ASP E 155 -27.96 16.07 -27.29
N HIS E 156 -27.63 14.81 -27.01
CA HIS E 156 -28.31 14.09 -25.94
C HIS E 156 -27.98 14.70 -24.58
N VAL E 157 -26.74 15.19 -24.42
CA VAL E 157 -26.38 15.89 -23.18
C VAL E 157 -27.22 17.15 -23.02
N VAL E 158 -27.39 17.90 -24.10
CA VAL E 158 -28.22 19.11 -24.06
C VAL E 158 -29.66 18.75 -23.71
N GLU E 159 -30.20 17.70 -24.33
CA GLU E 159 -31.59 17.35 -24.10
C GLU E 159 -31.84 16.88 -22.68
N ALA E 160 -30.85 16.25 -22.05
CA ALA E 160 -31.00 15.86 -20.65
C ALA E 160 -30.89 17.03 -19.68
N GLY E 161 -30.49 18.20 -20.15
CA GLY E 161 -30.41 19.38 -19.31
C GLY E 161 -29.06 19.65 -18.67
N PHE E 162 -28.05 18.83 -18.94
CA PHE E 162 -26.74 19.06 -18.33
C PHE E 162 -26.00 20.20 -19.00
N MET E 163 -26.44 20.62 -20.19
CA MET E 163 -25.77 21.63 -20.98
C MET E 163 -26.83 22.40 -21.77
N THR E 164 -26.69 23.72 -21.79
CA THR E 164 -27.60 24.54 -22.56
C THR E 164 -27.16 24.61 -24.02
N ARG E 165 -28.05 25.12 -24.87
CA ARG E 165 -27.75 25.21 -26.30
C ARG E 165 -26.63 26.21 -26.57
N GLU E 166 -26.65 27.37 -25.89
CA GLU E 166 -25.56 28.32 -26.03
C GLU E 166 -24.26 27.74 -25.51
N GLU E 167 -24.34 27.00 -24.40
CA GLU E 167 -23.17 26.30 -23.89
C GLU E 167 -22.69 25.29 -24.91
N ARG E 168 -23.61 24.59 -25.55
CA ARG E 168 -23.23 23.64 -26.59
C ARG E 168 -22.51 24.34 -27.74
N LYS E 169 -23.02 25.49 -28.18
CA LYS E 169 -22.37 26.23 -29.24
C LYS E 169 -20.95 26.63 -28.88
N LYS E 170 -20.76 27.15 -27.66
CA LYS E 170 -19.41 27.50 -27.23
C LYS E 170 -18.52 26.27 -27.13
N PHE E 171 -19.06 25.15 -26.65
CA PHE E 171 -18.30 23.92 -26.49
C PHE E 171 -17.78 23.42 -27.84
N GLU E 172 -18.64 23.44 -28.87
CA GLU E 172 -18.20 23.00 -30.19
C GLU E 172 -17.28 24.03 -30.84
N ASN E 173 -17.44 25.32 -30.52
CA ASN E 173 -16.59 26.32 -31.16
C ASN E 173 -15.16 26.27 -30.66
N LEU E 174 -14.92 25.69 -29.48
CA LEU E 174 -13.56 25.55 -28.99
C LEU E 174 -12.78 24.63 -29.93
N ASN E 175 -11.64 25.12 -30.41
CA ASN E 175 -10.83 24.38 -31.38
C ASN E 175 -9.83 23.53 -30.61
N SER E 176 -10.15 22.25 -30.43
CA SER E 176 -9.25 21.34 -29.75
C SER E 176 -9.60 19.91 -30.14
N SER E 177 -8.58 19.15 -30.51
CA SER E 177 -8.74 17.75 -30.88
C SER E 177 -8.71 16.81 -29.68
N TYR E 178 -8.42 17.32 -28.49
CA TYR E 178 -8.39 16.48 -27.31
C TYR E 178 -9.77 16.43 -26.64
N ASN E 179 -9.95 15.45 -25.78
CA ASN E 179 -11.20 15.30 -25.06
C ASN E 179 -11.48 16.56 -24.24
N LYS E 180 -12.70 17.10 -24.37
CA LYS E 180 -13.05 18.38 -23.78
C LYS E 180 -13.75 18.25 -22.43
N TYR E 181 -13.61 17.12 -21.75
CA TYR E 181 -14.29 16.94 -20.47
C TYR E 181 -13.92 18.03 -19.46
N TRP E 182 -12.73 18.62 -19.59
CA TRP E 182 -12.25 19.62 -18.66
C TRP E 182 -12.88 20.99 -18.86
N VAL E 183 -13.57 21.20 -19.99
CA VAL E 183 -14.10 22.54 -20.31
C VAL E 183 -15.05 23.07 -19.24
N PRO E 184 -16.05 22.32 -18.78
CA PRO E 184 -16.95 22.88 -17.75
C PRO E 184 -16.25 23.19 -16.44
N CYS E 185 -15.12 22.55 -16.14
CA CYS E 185 -14.37 22.94 -14.94
C CYS E 185 -13.75 24.32 -15.09
N VAL E 186 -13.30 24.67 -16.30
CA VAL E 186 -12.81 26.02 -16.55
C VAL E 186 -13.97 27.01 -16.51
N TRP E 187 -15.12 26.63 -17.08
CA TRP E 187 -16.31 27.44 -16.95
C TRP E 187 -16.66 27.67 -15.48
N PHE E 188 -16.53 26.63 -14.67
CA PHE E 188 -16.78 26.73 -13.24
C PHE E 188 -15.85 27.75 -12.61
N CYS E 189 -14.56 27.67 -12.92
CA CYS E 189 -13.60 28.62 -12.36
C CYS E 189 -13.95 30.06 -12.76
N ASN E 190 -14.30 30.27 -14.02
CA ASN E 190 -14.68 31.60 -14.49
C ASN E 190 -15.94 32.10 -13.78
N LEU E 191 -16.95 31.24 -13.65
CA LEU E 191 -18.19 31.64 -12.99
C LEU E 191 -17.96 31.96 -11.53
N ALA E 192 -17.09 31.20 -10.87
CA ALA E 192 -16.73 31.49 -9.49
C ALA E 192 -16.02 32.83 -9.38
N ALA E 193 -15.11 33.12 -10.31
CA ALA E 193 -14.45 34.42 -10.31
C ALA E 193 -15.47 35.54 -10.45
N GLN E 194 -16.45 35.36 -11.35
CA GLN E 194 -17.50 36.38 -11.50
C GLN E 194 -18.33 36.52 -10.23
N ALA E 195 -18.66 35.41 -9.59
CA ALA E 195 -19.43 35.47 -8.35
C ALA E 195 -18.66 36.22 -7.27
N ARG E 196 -17.36 35.99 -7.19
CA ARG E 196 -16.53 36.71 -6.23
C ARG E 196 -16.49 38.20 -6.56
N ARG E 197 -16.34 38.53 -7.84
CA ARG E 197 -16.27 39.93 -8.25
C ARG E 197 -17.56 40.68 -7.94
N GLU E 198 -18.70 40.01 -8.09
CA GLU E 198 -19.98 40.64 -7.79
C GLU E 198 -20.35 40.59 -6.32
N GLY E 199 -19.54 39.97 -5.48
CA GLY E 199 -19.84 39.91 -4.06
C GLY E 199 -20.74 38.76 -3.63
N ARG E 200 -21.19 37.92 -4.56
CA ARG E 200 -21.96 36.73 -4.18
C ARG E 200 -21.12 35.80 -3.32
N ILE E 201 -19.83 35.69 -3.62
CA ILE E 201 -18.87 35.06 -2.73
C ILE E 201 -18.27 36.17 -1.88
N ARG E 202 -18.52 36.10 -0.57
CA ARG E 202 -18.29 37.28 0.27
C ARG E 202 -16.83 37.43 0.66
N ASP E 203 -16.02 36.39 0.52
CA ASP E 203 -14.66 36.49 1.02
C ASP E 203 -13.70 35.67 0.17
N ASN E 204 -12.42 36.00 0.27
CA ASN E 204 -11.40 35.35 -0.53
C ASN E 204 -11.19 33.91 -0.10
N GLY E 205 -11.34 33.62 1.19
CA GLY E 205 -11.16 32.26 1.66
C GLY E 205 -12.18 31.31 1.08
N ALA E 206 -13.44 31.74 1.00
CA ALA E 206 -14.49 30.92 0.39
C ALA E 206 -14.22 30.67 -1.09
N PHE E 207 -13.80 31.72 -1.80
CA PHE E 207 -13.43 31.56 -3.21
C PHE E 207 -12.29 30.56 -3.36
N LYS E 208 -11.29 30.64 -2.47
CA LYS E 208 -10.18 29.70 -2.50
C LYS E 208 -10.66 28.27 -2.26
N LEU E 209 -11.54 28.08 -1.27
CA LEU E 209 -12.07 26.75 -0.98
C LEU E 209 -12.83 26.20 -2.18
N LEU E 210 -13.62 27.06 -2.84
CA LEU E 210 -14.34 26.64 -4.03
C LEU E 210 -13.37 26.15 -5.10
N LEU E 211 -12.30 26.92 -5.36
CA LEU E 211 -11.35 26.51 -6.38
C LEU E 211 -10.62 25.22 -5.97
N GLU E 212 -10.31 25.07 -4.68
CA GLU E 212 -9.67 23.83 -4.21
C GLU E 212 -10.55 22.61 -4.49
N GLU E 213 -11.83 22.70 -4.10
CA GLU E 213 -12.73 21.57 -4.30
C GLU E 213 -12.98 21.32 -5.79
N LEU E 214 -13.03 22.39 -6.59
CA LEU E 214 -13.13 22.22 -8.03
C LEU E 214 -11.93 21.42 -8.54
N ASN E 215 -10.73 21.75 -8.07
CA ASN E 215 -9.55 21.06 -8.56
C ASN E 215 -9.52 19.60 -8.10
N VAL E 216 -10.01 19.33 -6.89
CA VAL E 216 -10.15 17.94 -6.45
C VAL E 216 -11.09 17.16 -7.39
N PHE E 217 -12.24 17.76 -7.70
CA PHE E 217 -13.21 17.13 -8.59
C PHE E 217 -12.61 16.90 -9.99
N ARG E 218 -12.01 17.95 -10.55
CA ARG E 218 -11.40 17.85 -11.87
C ARG E 218 -10.32 16.78 -11.88
N SER E 219 -9.59 16.63 -10.78
CA SER E 219 -8.55 15.60 -10.72
C SER E 219 -9.16 14.21 -10.71
N LYS E 220 -10.31 14.04 -10.07
CA LYS E 220 -10.99 12.74 -10.16
C LYS E 220 -11.36 12.42 -11.60
N CYS E 221 -11.89 13.40 -12.32
CA CYS E 221 -12.20 13.20 -13.74
C CYS E 221 -10.94 12.86 -14.53
N GLY E 222 -9.84 13.56 -14.26
CA GLY E 222 -8.59 13.26 -14.94
C GLY E 222 -8.08 11.86 -14.64
N MET E 223 -8.25 11.41 -13.40
CA MET E 223 -7.85 10.06 -13.05
C MET E 223 -8.66 9.04 -13.82
N LEU E 224 -9.96 9.27 -13.97
CA LEU E 224 -10.75 8.36 -14.80
C LEU E 224 -10.24 8.33 -16.23
N PHE E 225 -9.93 9.51 -16.78
CA PHE E 225 -9.34 9.58 -18.11
C PHE E 225 -8.05 8.77 -18.20
N HIS E 226 -7.20 8.87 -17.18
CA HIS E 226 -5.90 8.20 -17.22
C HIS E 226 -6.03 6.69 -17.08
N TYR E 227 -6.91 6.24 -16.18
CA TYR E 227 -7.15 4.81 -16.06
C TYR E 227 -7.73 4.24 -17.33
N ASP E 228 -8.59 5.01 -18.02
CA ASP E 228 -9.10 4.55 -19.30
C ASP E 228 -8.01 4.49 -20.36
N TRP E 229 -7.13 5.49 -20.39
CA TRP E 229 -6.10 5.54 -21.41
C TRP E 229 -4.99 4.52 -21.15
N ILE E 230 -4.51 4.46 -19.91
CA ILE E 230 -3.39 3.56 -19.56
C ILE E 230 -4.02 2.27 -19.07
N SER E 231 -4.31 1.38 -20.02
CA SER E 231 -4.85 0.08 -19.67
C SER E 231 -3.85 -0.72 -18.87
N VAL E 232 -4.34 -1.81 -18.27
CA VAL E 232 -3.43 -2.85 -17.77
C VAL E 232 -2.57 -3.23 -18.97
N PRO E 233 -1.25 -3.30 -18.84
CA PRO E 233 -0.40 -3.55 -20.01
C PRO E 233 -0.86 -4.76 -20.81
N LEU E 234 -0.98 -4.55 -22.12
CA LEU E 234 -1.49 -5.61 -23.01
C LEU E 234 -0.66 -6.88 -22.88
N VAL E 235 0.65 -6.73 -22.68
CA VAL E 235 1.51 -7.88 -22.52
C VAL E 235 1.01 -8.76 -21.38
N TYR E 236 0.61 -8.14 -20.26
CA TYR E 236 0.15 -8.92 -19.12
C TYR E 236 -1.14 -9.67 -19.43
N THR E 237 -2.10 -8.99 -20.07
CA THR E 237 -3.36 -9.62 -20.40
C THR E 237 -3.15 -10.81 -21.34
N GLN E 238 -2.32 -10.61 -22.38
CA GLN E 238 -2.02 -11.69 -23.30
C GLN E 238 -1.35 -12.86 -22.60
N VAL E 239 -0.35 -12.57 -21.76
CA VAL E 239 0.41 -13.63 -21.12
C VAL E 239 -0.48 -14.43 -20.18
N VAL E 240 -1.29 -13.74 -19.36
CA VAL E 240 -2.15 -14.45 -18.41
C VAL E 240 -3.18 -15.29 -19.15
N THR E 241 -3.70 -14.75 -20.23
CA THR E 241 -4.73 -15.47 -21.01
C THR E 241 -4.10 -16.74 -21.57
N ILE E 242 -2.92 -16.59 -22.18
CA ILE E 242 -2.22 -17.79 -22.75
C ILE E 242 -1.93 -18.78 -21.61
N ALA E 243 -1.56 -18.29 -20.43
CA ALA E 243 -1.24 -19.21 -19.33
C ALA E 243 -2.44 -20.09 -19.01
N VAL E 244 -3.59 -19.47 -18.75
CA VAL E 244 -4.81 -20.24 -18.39
C VAL E 244 -5.19 -21.18 -19.55
N TYR E 245 -5.31 -20.63 -20.76
CA TYR E 245 -5.76 -21.46 -21.92
C TYR E 245 -4.75 -22.58 -22.20
N SER E 246 -3.45 -22.28 -22.17
CA SER E 246 -2.42 -23.30 -22.50
C SER E 246 -2.49 -24.43 -21.46
N TYR E 247 -2.63 -24.07 -20.18
CA TYR E 247 -2.71 -25.09 -19.13
C TYR E 247 -3.92 -25.99 -19.33
N PHE E 248 -5.10 -25.41 -19.59
CA PHE E 248 -6.31 -26.26 -19.68
C PHE E 248 -6.31 -27.00 -21.03
N LEU E 249 -5.73 -26.40 -22.07
CA LEU E 249 -5.56 -27.15 -23.33
C LEU E 249 -4.76 -28.41 -23.02
N ALA E 250 -3.66 -28.27 -22.28
CA ALA E 250 -2.84 -29.41 -21.88
C ALA E 250 -3.64 -30.39 -21.03
N CYS E 251 -4.48 -29.88 -20.13
CA CYS E 251 -5.29 -30.72 -19.27
C CYS E 251 -6.31 -31.52 -20.05
N LEU E 252 -6.80 -30.98 -21.17
CA LEU E 252 -7.73 -31.75 -22.04
C LEU E 252 -7.13 -33.12 -22.39
N ILE E 253 -5.82 -33.20 -22.52
CA ILE E 253 -5.14 -34.48 -22.77
C ILE E 253 -4.68 -35.13 -21.47
N GLY E 254 -3.97 -34.38 -20.63
CA GLY E 254 -3.32 -34.97 -19.47
C GLY E 254 -4.29 -35.50 -18.43
N ARG E 255 -5.53 -35.01 -18.42
CA ARG E 255 -6.52 -35.42 -17.44
C ARG E 255 -7.50 -36.46 -17.99
N GLN E 256 -7.22 -37.03 -19.16
CA GLN E 256 -8.07 -38.09 -19.69
C GLN E 256 -8.05 -39.31 -18.79
N PHE E 257 -9.20 -39.98 -18.67
CA PHE E 257 -9.24 -41.23 -17.92
C PHE E 257 -8.71 -42.36 -18.79
N LEU E 258 -7.65 -43.00 -18.34
CA LEU E 258 -7.00 -44.05 -19.09
C LEU E 258 -7.61 -45.41 -18.75
N ASP E 259 -7.44 -46.35 -19.65
CA ASP E 259 -8.03 -47.67 -19.49
C ASP E 259 -7.43 -48.33 -18.26
N PRO E 260 -8.24 -48.65 -17.25
CA PRO E 260 -7.70 -49.24 -16.02
C PRO E 260 -7.03 -50.59 -16.22
N ALA E 261 -7.38 -51.33 -17.27
CA ALA E 261 -6.76 -52.62 -17.50
C ALA E 261 -5.29 -52.47 -17.87
N GLN E 262 -4.89 -51.29 -18.36
CA GLN E 262 -3.49 -51.05 -18.68
C GLN E 262 -2.64 -50.96 -17.42
N GLY E 263 -3.24 -50.68 -16.27
CA GLY E 263 -2.51 -50.73 -15.01
C GLY E 263 -1.55 -49.58 -14.78
N TYR E 264 -1.78 -48.44 -15.42
CA TYR E 264 -0.92 -47.28 -15.18
C TYR E 264 -1.07 -46.81 -13.74
N LYS E 265 0.02 -46.34 -13.15
CA LYS E 265 -0.01 -45.85 -11.78
C LYS E 265 -0.97 -44.68 -11.67
N ASP E 266 -1.78 -44.70 -10.60
CA ASP E 266 -2.81 -43.70 -10.34
C ASP E 266 -3.84 -43.61 -11.45
N HIS E 267 -4.10 -44.70 -12.17
CA HIS E 267 -5.11 -44.70 -13.23
C HIS E 267 -5.99 -45.94 -13.19
N ASP E 268 -6.35 -46.40 -12.00
CA ASP E 268 -7.18 -47.59 -11.87
C ASP E 268 -8.64 -47.26 -11.59
N LEU E 269 -9.13 -46.10 -12.00
CA LEU E 269 -10.51 -45.71 -11.72
C LEU E 269 -10.99 -44.75 -12.81
N ASP E 270 -11.98 -45.18 -13.57
CA ASP E 270 -12.56 -44.39 -14.65
C ASP E 270 -13.89 -43.83 -14.16
N LEU E 271 -13.86 -42.59 -13.66
CA LEU E 271 -15.07 -41.90 -13.25
C LEU E 271 -15.77 -41.19 -14.40
N CYS E 272 -15.09 -41.04 -15.54
CA CYS E 272 -15.62 -40.60 -16.83
C CYS E 272 -15.95 -39.11 -16.85
N VAL E 273 -16.02 -38.48 -15.69
CA VAL E 273 -16.19 -37.03 -15.60
C VAL E 273 -15.04 -36.49 -14.76
N PRO E 274 -14.13 -35.72 -15.34
CA PRO E 274 -12.95 -35.25 -14.60
C PRO E 274 -13.35 -34.11 -13.66
N ILE E 275 -14.07 -34.47 -12.59
CA ILE E 275 -14.73 -33.47 -11.77
C ILE E 275 -13.70 -32.59 -11.05
N PHE E 276 -12.54 -33.15 -10.67
CA PHE E 276 -11.52 -32.30 -10.08
C PHE E 276 -10.90 -31.37 -11.11
N THR E 277 -10.76 -31.84 -12.35
CA THR E 277 -10.28 -30.96 -13.41
C THR E 277 -11.32 -29.90 -13.75
N LEU E 278 -12.60 -30.28 -13.74
CA LEU E 278 -13.65 -29.29 -13.94
C LEU E 278 -13.65 -28.25 -12.83
N LEU E 279 -13.43 -28.68 -11.59
CA LEU E 279 -13.32 -27.73 -10.49
C LEU E 279 -12.11 -26.83 -10.66
N GLN E 280 -10.99 -27.38 -11.11
CA GLN E 280 -9.79 -26.56 -11.30
C GLN E 280 -9.99 -25.55 -12.41
N PHE E 281 -10.67 -25.94 -13.48
CA PHE E 281 -10.99 -24.97 -14.55
C PHE E 281 -11.91 -23.90 -13.97
N PHE E 282 -12.90 -24.34 -13.18
CA PHE E 282 -13.79 -23.39 -12.53
C PHE E 282 -12.99 -22.34 -11.79
N PHE E 283 -12.04 -22.76 -10.97
CA PHE E 283 -11.31 -21.81 -10.14
C PHE E 283 -10.37 -20.93 -10.96
N TYR E 284 -9.48 -21.53 -11.75
CA TYR E 284 -8.49 -20.72 -12.46
C TYR E 284 -9.13 -19.86 -13.55
N ALA E 285 -9.93 -20.48 -14.43
CA ALA E 285 -10.59 -19.74 -15.48
C ALA E 285 -11.61 -18.76 -14.93
N GLY E 286 -12.22 -19.07 -13.78
CA GLY E 286 -13.14 -18.12 -13.17
C GLY E 286 -12.42 -16.94 -12.56
N TRP E 287 -11.24 -17.17 -11.98
CA TRP E 287 -10.39 -16.07 -11.55
C TRP E 287 -10.08 -15.14 -12.71
N LEU E 288 -9.67 -15.73 -13.84
CA LEU E 288 -9.39 -14.92 -15.01
C LEU E 288 -10.64 -14.19 -15.49
N LYS E 289 -11.79 -14.87 -15.44
CA LYS E 289 -13.07 -14.29 -15.89
C LYS E 289 -13.48 -13.13 -14.98
N VAL E 290 -13.21 -13.22 -13.68
CA VAL E 290 -13.47 -12.12 -12.77
C VAL E 290 -12.57 -10.93 -13.10
N ALA E 291 -11.30 -11.21 -13.36
CA ALA E 291 -10.41 -10.16 -13.83
C ALA E 291 -10.94 -9.50 -15.10
N GLU E 292 -11.51 -10.32 -15.99
CA GLU E 292 -12.10 -9.78 -17.25
C GLU E 292 -13.28 -8.85 -16.93
N GLN E 293 -14.12 -9.21 -15.97
CA GLN E 293 -15.21 -8.32 -15.57
C GLN E 293 -14.67 -7.03 -14.95
N LEU E 294 -13.65 -7.14 -14.12
CA LEU E 294 -13.21 -6.00 -13.31
C LEU E 294 -12.28 -5.06 -14.07
N ILE E 295 -11.66 -5.53 -15.17
CA ILE E 295 -10.59 -4.75 -15.78
C ILE E 295 -11.11 -3.43 -16.32
N ASN E 296 -12.33 -3.43 -16.83
CA ASN E 296 -13.02 -2.20 -17.21
C ASN E 296 -14.31 -2.14 -16.39
N PRO E 297 -14.28 -1.52 -15.21
CA PRO E 297 -15.47 -1.53 -14.35
C PRO E 297 -16.58 -0.60 -14.80
N PHE E 298 -16.43 0.05 -15.95
CA PHE E 298 -17.41 1.00 -16.44
C PHE E 298 -18.21 0.47 -17.62
N GLY E 299 -18.21 -0.85 -17.83
CA GLY E 299 -19.01 -1.44 -18.88
C GLY E 299 -20.38 -1.84 -18.38
N GLU E 300 -20.94 -2.86 -19.02
CA GLU E 300 -22.29 -3.31 -18.72
C GLU E 300 -22.34 -4.71 -18.12
N ASP E 301 -21.27 -5.14 -17.45
CA ASP E 301 -21.38 -6.34 -16.62
C ASP E 301 -22.34 -6.08 -15.47
N ASP E 302 -22.95 -7.16 -14.97
CA ASP E 302 -23.86 -7.04 -13.83
C ASP E 302 -23.22 -6.30 -12.66
N ASP E 303 -21.96 -6.60 -12.39
CA ASP E 303 -21.28 -6.02 -11.25
C ASP E 303 -20.39 -4.84 -11.63
N ASP E 304 -20.49 -4.32 -12.85
CA ASP E 304 -19.81 -3.07 -13.16
C ASP E 304 -20.48 -1.92 -12.40
N PHE E 305 -19.77 -0.80 -12.33
CA PHE E 305 -20.27 0.34 -11.55
C PHE E 305 -21.53 0.93 -12.17
N GLU E 306 -22.41 1.45 -11.31
CA GLU E 306 -23.71 2.00 -11.73
C GLU E 306 -23.55 3.47 -12.11
N THR E 307 -22.95 3.70 -13.28
CA THR E 307 -22.54 5.05 -13.64
C THR E 307 -23.74 5.96 -13.93
N ASN E 308 -24.74 5.45 -14.65
CA ASN E 308 -25.94 6.26 -14.92
C ASN E 308 -26.67 6.60 -13.63
N PHE E 309 -26.76 5.62 -12.71
CA PHE E 309 -27.36 5.88 -11.40
C PHE E 309 -26.62 7.00 -10.69
N LEU E 310 -25.29 6.97 -10.71
CA LEU E 310 -24.52 8.00 -10.02
C LEU E 310 -24.73 9.36 -10.66
N ILE E 311 -24.77 9.42 -11.99
CA ILE E 311 -25.02 10.69 -12.68
C ILE E 311 -26.35 11.28 -12.21
N ASP E 312 -27.41 10.47 -12.25
CA ASP E 312 -28.73 10.95 -11.87
C ASP E 312 -28.78 11.37 -10.40
N ARG E 313 -28.21 10.54 -9.52
CA ARG E 313 -28.21 10.87 -8.10
C ARG E 313 -27.49 12.18 -7.84
N CYS E 314 -26.31 12.34 -8.43
CA CYS E 314 -25.53 13.55 -8.19
C CYS E 314 -26.28 14.78 -8.67
N PHE E 315 -26.86 14.74 -9.87
CA PHE E 315 -27.61 15.91 -10.32
C PHE E 315 -28.77 16.22 -9.38
N GLN E 316 -29.54 15.20 -9.00
CA GLN E 316 -30.71 15.44 -8.15
C GLN E 316 -30.29 16.00 -6.79
N VAL E 317 -29.27 15.41 -6.17
CA VAL E 317 -28.87 15.80 -4.83
C VAL E 317 -28.22 17.18 -4.85
N SER E 318 -27.39 17.45 -5.87
CA SER E 318 -26.75 18.76 -5.98
C SER E 318 -27.80 19.86 -6.15
N MET E 319 -28.77 19.64 -7.04
CA MET E 319 -29.79 20.66 -7.24
C MET E 319 -30.60 20.87 -5.96
N LEU E 320 -30.99 19.78 -5.30
CA LEU E 320 -31.71 19.92 -4.03
C LEU E 320 -30.90 20.74 -3.03
N ALA E 321 -29.63 20.35 -2.83
CA ALA E 321 -28.82 20.93 -1.78
C ALA E 321 -28.55 22.41 -2.02
N VAL E 322 -28.28 22.81 -3.27
CA VAL E 322 -27.88 24.19 -3.51
C VAL E 322 -29.07 25.09 -3.89
N ASP E 323 -30.24 24.52 -4.18
CA ASP E 323 -31.35 25.39 -4.53
C ASP E 323 -32.43 25.35 -3.45
N GLU E 324 -32.97 24.16 -3.18
CA GLU E 324 -34.09 24.08 -2.24
C GLU E 324 -33.64 24.30 -0.80
N MET E 325 -32.45 23.80 -0.44
CA MET E 325 -31.99 23.83 0.94
C MET E 325 -31.05 25.00 1.23
N TYR E 326 -30.83 25.90 0.27
CA TYR E 326 -29.96 27.05 0.53
C TYR E 326 -30.60 27.94 1.59
N ASP E 327 -29.88 28.19 2.67
CA ASP E 327 -30.31 29.11 3.72
C ASP E 327 -31.74 28.82 4.16
N ASP E 328 -32.04 27.54 4.37
CA ASP E 328 -33.38 27.09 4.74
C ASP E 328 -33.23 26.18 5.95
N LEU E 329 -33.17 26.80 7.13
CA LEU E 329 -32.87 26.08 8.35
C LEU E 329 -34.08 26.11 9.29
N ALA E 330 -34.22 25.04 10.07
CA ALA E 330 -35.17 25.05 11.16
C ALA E 330 -34.71 26.03 12.24
N MET E 331 -35.64 26.44 13.08
CA MET E 331 -35.32 27.39 14.13
C MET E 331 -34.24 26.83 15.04
N LEU E 332 -33.30 27.69 15.42
CA LEU E 332 -32.32 27.32 16.43
C LEU E 332 -33.03 27.08 17.75
N GLU E 333 -33.14 25.81 18.16
CA GLU E 333 -33.87 25.44 19.35
C GLU E 333 -32.97 24.63 20.28
N LYS E 334 -33.28 24.71 21.57
CA LYS E 334 -32.60 23.87 22.54
C LYS E 334 -32.90 22.41 22.27
N ASP E 335 -31.86 21.59 22.30
CA ASP E 335 -32.00 20.17 22.05
C ASP E 335 -32.54 19.46 23.29
N LEU E 336 -32.77 18.15 23.16
CA LEU E 336 -33.33 17.38 24.27
C LEU E 336 -32.42 17.43 25.49
N TYR E 337 -31.11 17.32 25.29
CA TYR E 337 -30.15 17.30 26.39
C TYR E 337 -29.51 18.66 26.62
N TRP E 338 -30.25 19.73 26.39
CA TRP E 338 -29.75 21.08 26.65
C TRP E 338 -29.41 21.26 28.13
N ASP E 339 -30.30 20.79 29.00
CA ASP E 339 -30.08 20.90 30.45
C ASP E 339 -29.05 19.89 30.94
CA CA F . 23.92 0.66 2.85
C1 MC3 G . 39.30 -5.69 -6.13
C2 MC3 G . 39.22 -7.11 -6.63
C3 MC3 G . 39.58 -8.14 -5.57
C11 MC3 G . 41.43 -8.77 -4.28
C12 MC3 G . 42.12 -9.91 -4.97
C13 MC3 G . 41.46 -11.23 -4.77
C14 MC3 G . 40.33 -11.46 -5.75
C15 MC3 G . 40.19 -12.89 -6.22
C16 MC3 G . 39.91 -13.88 -5.12
C17 MC3 G . 40.84 -15.07 -5.11
C18 MC3 G . 40.27 -16.30 -5.77
C19 MC3 G . 39.85 -16.10 -7.20
C20 MC3 G . 39.29 -17.32 -7.86
C21 MC3 G . 38.25 -18.03 -7.04
C22 MC3 G . 37.14 -18.65 -7.86
C23 MC3 G . 37.59 -19.80 -8.71
C24 MC3 G . 36.52 -20.82 -8.97
C31 MC3 G . 37.65 -8.49 -7.78
C32 MC3 G . 37.07 -9.57 -6.92
C33 MC3 G . 37.60 -10.92 -7.23
C34 MC3 G . 36.84 -11.61 -8.34
C35 MC3 G . 36.14 -12.86 -7.90
C36 MC3 G . 37.05 -13.90 -7.30
C37 MC3 G . 36.44 -15.28 -7.17
C38 MC3 G . 34.94 -15.31 -7.29
C39 MC3 G . 34.33 -16.67 -7.09
C40 MC3 G . 33.48 -17.14 -8.24
C41 MC3 G . 33.80 -18.54 -8.70
C42 MC3 G . 33.55 -19.60 -7.65
C43 MC3 G . 32.67 -20.72 -8.12
C44 MC3 G . 33.36 -21.63 -9.12
O2 MC3 G . 37.87 -7.37 -7.09
O3 MC3 G . 40.94 -7.90 -5.14
O11 MC3 G . 41.33 -8.66 -3.08
O31 MC3 G . 37.91 -8.61 -8.94
O1P MC3 G . 39.89 -6.17 -3.03
O2P MC3 G . 39.67 -3.68 -3.79
O3P MC3 G . 38.43 -5.52 -4.98
O4P MC3 G . 37.77 -4.85 -2.65
P MC3 G . 39.06 -5.05 -3.58
H11 MC3 G . 39.03 -5.08 -6.84
H12 MC3 G . 40.23 -5.48 -5.87
H2 MC3 G . 39.85 -7.22 -7.38
H31 MC3 G . 39.51 -9.04 -5.95
H32 MC3 G . 38.97 -8.07 -4.81
H121 MC3 G . 43.04 -9.97 -4.65
H122 MC3 G . 42.15 -9.72 -5.94
H131 MC3 G . 41.10 -11.27 -3.86
H132 MC3 G . 42.11 -11.95 -4.87
H141 MC3 G . 40.46 -10.89 -6.53
H142 MC3 G . 39.48 -11.20 -5.32
H151 MC3 G . 41.02 -13.15 -6.67
H152 MC3 G . 39.47 -12.93 -6.88
H161 MC3 G . 38.99 -14.21 -5.21
H162 MC3 G . 39.98 -13.43 -4.25
H171 MC3 G . 41.07 -15.29 -4.18
H172 MC3 G . 41.67 -14.83 -5.57
H181 MC3 G . 39.49 -16.59 -5.26
H182 MC3 G . 40.94 -17.01 -5.73
H191 MC3 G . 40.62 -15.78 -7.71
H192 MC3 G . 39.17 -15.38 -7.24
H201 MC3 G . 40.03 -17.95 -8.04
H202 MC3 G . 38.90 -17.07 -8.72
H211 MC3 G . 37.85 -17.38 -6.42
H212 MC3 G . 38.68 -18.72 -6.51
H221 MC3 G . 36.75 -17.97 -8.43
H222 MC3 G . 36.45 -18.98 -7.25
H231 MC3 G . 38.35 -20.24 -8.27
H232 MC3 G . 37.91 -19.45 -9.58
H241 MC3 G . 36.15 -21.12 -8.11
H242 MC3 G . 36.89 -21.58 -9.46
H243 MC3 G . 35.80 -20.41 -9.49
H321 MC3 G . 36.09 -9.58 -7.03
H322 MC3 G . 37.25 -9.37 -5.98
H331 MC3 G . 37.57 -11.48 -6.42
H332 MC3 G . 38.54 -10.84 -7.50
H341 MC3 G . 37.46 -11.84 -9.06
H342 MC3 G . 36.17 -10.99 -8.70
H351 MC3 G . 35.67 -13.25 -8.67
H352 MC3 G . 35.46 -12.62 -7.23
H361 MC3 G . 37.33 -13.60 -6.42
H362 MC3 G . 37.85 -13.97 -7.86
H371 MC3 G . 36.70 -15.65 -6.30
H372 MC3 G . 36.82 -15.86 -7.86
H381 MC3 G . 34.69 -14.99 -8.17
H382 MC3 G . 34.56 -14.69 -6.62
H391 MC3 G . 33.78 -16.66 -6.27
H392 MC3 G . 35.05 -17.32 -6.94
H401 MC3 G . 33.62 -16.54 -9.00
H402 MC3 G . 32.54 -17.10 -7.98
H411 MC3 G . 34.74 -18.58 -8.96
H412 MC3 G . 33.25 -18.75 -9.48
H421 MC3 G . 33.13 -19.18 -6.87
H422 MC3 G . 34.41 -19.97 -7.36
H431 MC3 G . 31.87 -20.34 -8.55
H432 MC3 G . 32.38 -21.25 -7.35
H441 MC3 G . 33.72 -21.10 -9.85
H442 MC3 G . 32.71 -22.26 -9.47
H443 MC3 G . 34.07 -22.11 -8.67
C1 MC3 H . 34.52 -0.87 -13.45
C2 MC3 H . 35.18 -2.18 -13.82
C3 MC3 H . 35.37 -3.09 -12.64
C11 MC3 H . 37.08 -4.37 -11.65
C12 MC3 H . 37.09 -5.72 -12.30
C13 MC3 H . 35.77 -6.43 -12.22
C14 MC3 H . 35.87 -7.75 -11.46
C15 MC3 H . 35.00 -8.83 -12.04
C16 MC3 H . 35.01 -10.12 -11.26
C17 MC3 H . 33.84 -11.02 -11.55
C18 MC3 H . 33.69 -12.18 -10.61
C19 MC3 H . 33.16 -11.78 -9.25
C20 MC3 H . 32.86 -12.93 -8.33
C21 MC3 H . 32.32 -14.16 -8.99
C22 MC3 H . 30.98 -13.96 -9.65
C23 MC3 H . 30.74 -14.91 -10.78
C24 MC3 H . 30.97 -16.36 -10.41
C31 MC3 H . 34.76 -4.05 -15.26
C32 MC3 H . 33.61 -4.96 -15.59
C33 MC3 H . 33.05 -5.67 -14.40
C34 MC3 H . 33.03 -7.17 -14.57
C35 MC3 H . 31.85 -7.84 -13.90
C36 MC3 H . 31.26 -8.97 -14.70
C37 MC3 H . 31.72 -10.32 -14.25
C38 MC3 H . 30.88 -10.91 -13.15
C39 MC3 H . 31.05 -12.39 -12.98
C40 MC3 H . 29.81 -13.19 -13.32
C41 MC3 H . 29.20 -12.88 -14.66
C42 MC3 H . 27.74 -13.25 -14.77
C43 MC3 H . 27.42 -14.67 -14.41
C44 MC3 H . 27.29 -14.93 -12.93
O2 MC3 H . 34.35 -2.85 -14.82
O3 MC3 H . 36.78 -3.42 -12.52
O11 MC3 H . 37.31 -4.15 -10.49
O31 MC3 H . 35.91 -4.35 -15.36
O1P MC3 H . 30.64 -0.94 -13.20
O2P MC3 H . 32.14 -1.44 -15.26
O3P MC3 H . 33.16 -1.10 -12.99
O4P MC3 H . 32.13 0.83 -14.20
P MC3 H . 31.93 -0.74 -13.95
H11 MC3 H . 34.49 -0.28 -14.24
H12 MC3 H . 35.04 -0.42 -12.75
H2 MC3 H . 36.06 -1.98 -14.22
H31 MC3 H . 34.85 -3.93 -12.76
H32 MC3 H . 35.06 -2.65 -11.81
H121 MC3 H . 37.78 -6.27 -11.87
H122 MC3 H . 37.33 -5.62 -13.24
H131 MC3 H . 35.44 -6.60 -13.12
H132 MC3 H . 35.13 -5.85 -11.75
H141 MC3 H . 35.60 -7.60 -10.53
H142 MC3 H . 36.80 -8.05 -11.48
H151 MC3 H . 35.29 -9.02 -12.96
H152 MC3 H . 34.08 -8.50 -12.09
H161 MC3 H . 35.01 -9.90 -10.30
H162 MC3 H . 35.84 -10.60 -11.47
H171 MC3 H . 33.93 -11.37 -12.46
H172 MC3 H . 33.02 -10.48 -11.53
H181 MC3 H . 34.57 -12.59 -10.49
H182 MC3 H . 33.09 -12.84 -11.01
H191 MC3 H . 32.33 -11.27 -9.39
H192 MC3 H . 33.80 -11.19 -8.82
H201 MC3 H . 32.22 -12.63 -7.65
H202 MC3 H . 33.69 -13.18 -7.85
H211 MC3 H . 32.23 -14.87 -8.32
H212 MC3 H . 32.96 -14.47 -9.67
H221 MC3 H . 30.93 -13.04 -10.00
H222 MC3 H . 30.27 -14.07 -8.98
H231 MC3 H . 31.33 -14.68 -11.53
H232 MC3 H . 29.80 -14.81 -11.09
H241 MC3 H . 30.35 -16.93 -10.89
H242 MC3 H . 30.83 -16.47 -9.45
H243 MC3 H . 31.88 -16.61 -10.63
H321 MC3 H . 33.90 -5.62 -16.24
H322 MC3 H . 32.89 -4.43 -16.01
H331 MC3 H . 32.14 -5.34 -14.23
H332 MC3 H . 33.60 -5.44 -13.62
H341 MC3 H . 33.85 -7.55 -14.20
H342 MC3 H . 33.01 -7.38 -15.53
H351 MC3 H . 31.14 -7.16 -13.76
H352 MC3 H . 32.13 -8.17 -13.04
H361 MC3 H . 31.51 -8.85 -15.64
H362 MC3 H . 30.29 -8.93 -14.65
H371 MC3 H . 32.65 -10.26 -13.94
H372 MC3 H . 31.70 -10.94 -15.02
H381 MC3 H . 29.95 -10.71 -13.32
H382 MC3 H . 31.13 -10.47 -12.30
H391 MC3 H . 31.30 -12.58 -12.05
H392 MC3 H . 31.78 -12.70 -13.56
H401 MC3 H . 29.14 -13.02 -12.62
H402 MC3 H . 30.03 -14.15 -13.28
H411 MC3 H . 29.69 -13.37 -15.35
H412 MC3 H . 29.30 -11.93 -14.83
H421 MC3 H . 27.44 -13.08 -15.68
H422 MC3 H . 27.23 -12.65 -14.17
H431 MC3 H . 28.12 -15.26 -14.77
H432 MC3 H . 26.58 -14.92 -14.86
H441 MC3 H . 28.14 -15.23 -12.58
H442 MC3 H . 26.61 -15.60 -12.77
H443 MC3 H . 27.02 -14.10 -12.48
C31 MC3 I . 29.26 -42.57 14.87
C32 MC3 I . 28.63 -41.22 15.12
C33 MC3 I . 29.30 -40.10 14.40
C34 MC3 I . 29.01 -38.75 15.01
C35 MC3 I . 27.96 -37.95 14.30
C36 MC3 I . 28.49 -36.76 13.57
C37 MC3 I . 27.46 -36.04 12.76
C38 MC3 I . 26.85 -34.88 13.46
C39 MC3 I . 27.47 -33.56 13.09
C40 MC3 I . 26.92 -32.94 11.83
C41 MC3 I . 25.43 -32.82 11.80
C42 MC3 I . 24.91 -31.87 10.74
C43 MC3 I . 24.87 -30.42 11.16
C44 MC3 I . 24.13 -29.54 10.18
H321 MC3 I . 27.69 -41.26 14.85
H322 MC3 I . 28.66 -41.03 16.08
H331 MC3 I . 29.01 -40.09 13.46
H332 MC3 I . 30.27 -40.25 14.39
H341 MC3 I . 29.83 -38.22 15.04
H342 MC3 I . 28.72 -38.89 15.94
H351 MC3 I . 27.29 -37.64 14.95
H352 MC3 I . 27.49 -38.54 13.66
H361 MC3 I . 29.21 -37.05 12.97
H362 MC3 I . 28.88 -36.14 14.22
H371 MC3 I . 27.88 -35.72 11.92
H372 MC3 I . 26.75 -36.67 12.51
H381 MC3 I . 26.94 -35.01 14.43
H382 MC3 I . 25.90 -34.84 13.25
H391 MC3 I . 28.44 -33.68 12.98
H392 MC3 I . 27.34 -32.93 13.83
H401 MC3 I . 27.20 -33.49 11.07
H402 MC3 I . 27.31 -32.05 11.72
H411 MC3 I . 25.13 -32.51 12.68
H412 MC3 I . 25.05 -33.71 11.65
H421 MC3 I . 24.01 -32.15 10.50
H422 MC3 I . 25.47 -31.96 9.95
H431 MC3 I . 24.44 -30.36 12.04
H432 MC3 I . 25.78 -30.09 11.24
H441 MC3 I . 24.76 -29.10 9.60
H442 MC3 I . 23.61 -28.87 10.67
H443 MC3 I . 23.52 -30.09 9.65
C31 MC3 J . 38.62 -39.03 11.70
C32 MC3 J . 38.44 -38.49 10.31
C33 MC3 J . 39.39 -37.39 9.99
C34 MC3 J . 39.11 -36.14 10.78
C35 MC3 J . 37.77 -35.54 10.50
C36 MC3 J . 37.50 -35.27 9.05
C37 MC3 J . 38.62 -34.55 8.36
C38 MC3 J . 39.08 -33.31 9.07
C39 MC3 J . 37.96 -32.36 9.41
C40 MC3 J . 37.07 -32.00 8.27
C41 MC3 J . 37.80 -31.37 7.12
C42 MC3 J . 37.46 -29.93 6.89
C43 MC3 J . 36.09 -29.72 6.32
C44 MC3 J . 35.57 -28.33 6.54
H321 MC3 J . 37.53 -38.16 10.21
H322 MC3 J . 38.56 -39.22 9.67
H331 MC3 J . 39.34 -37.19 9.03
H332 MC3 J . 40.30 -37.69 10.17
H341 MC3 J . 39.81 -35.48 10.57
H342 MC3 J . 39.18 -36.34 11.73
H351 MC3 J . 37.69 -34.69 11.00
H352 MC3 J . 37.08 -36.14 10.85
H361 MC3 J . 36.67 -34.74 8.97
H362 MC3 J . 37.34 -36.13 8.60
H371 MC3 J . 39.38 -35.16 8.27
H372 MC3 J . 38.32 -34.31 7.46
H381 MC3 J . 39.72 -32.85 8.50
H382 MC3 J . 39.54 -33.57 9.89
H391 MC3 J . 38.35 -31.54 9.79
H392 MC3 J . 37.41 -32.77 10.12
H401 MC3 J . 36.38 -31.38 8.58
H402 MC3 J . 36.62 -32.81 7.95
H411 MC3 J . 37.59 -31.87 6.30
H412 MC3 J . 38.76 -31.45 7.27
H421 MC3 J . 38.12 -29.54 6.29
H422 MC3 J . 37.52 -29.46 7.75
H431 MC3 J . 35.48 -30.36 6.73
H432 MC3 J . 36.12 -29.90 5.35
H441 MC3 J . 35.03 -28.30 7.35
H442 MC3 J . 35.02 -28.06 5.78
H443 MC3 J . 36.31 -27.71 6.62
C33 MC3 K . 46.22 -37.19 1.16
C34 MC3 K . 45.44 -36.00 0.65
C35 MC3 K . 45.04 -35.01 1.71
C36 MC3 K . 44.91 -33.61 1.21
C37 MC3 K . 43.55 -33.00 1.46
C38 MC3 K . 43.33 -32.58 2.89
C39 MC3 K . 41.88 -32.42 3.26
C40 MC3 K . 41.35 -31.04 3.04
C41 MC3 K . 41.35 -30.18 4.26
C42 MC3 K . 41.96 -28.82 4.07
C43 MC3 K . 41.58 -27.82 5.13
C44 MC3 K . 41.76 -26.39 4.68
H331 MC3 K . 46.85 -36.88 1.83
H332 MC3 K . 45.60 -37.81 1.59
H341 MC3 K . 44.63 -36.32 0.19
H342 MC3 K . 45.99 -35.52 -0.03
H351 MC3 K . 45.71 -35.03 2.41
H352 MC3 K . 44.19 -35.30 2.09
H361 MC3 K . 45.08 -33.59 0.24
H362 MC3 K . 45.58 -33.05 1.65
H371 MC3 K . 43.44 -32.22 0.88
H372 MC3 K . 42.87 -33.66 1.21
H381 MC3 K . 43.79 -31.74 3.03
H382 MC3 K . 43.73 -33.25 3.48
H391 MC3 K . 41.77 -32.65 4.21
H392 MC3 K . 41.35 -33.05 2.74
H401 MC3 K . 40.44 -31.10 2.70
H402 MC3 K . 41.90 -30.59 2.35
H411 MC3 K . 41.84 -30.63 4.98
H412 MC3 K . 40.42 -30.07 4.57
H421 MC3 K . 41.66 -28.47 3.20
H422 MC3 K . 42.93 -28.90 4.05
H431 MC3 K . 42.14 -27.98 5.92
H432 MC3 K . 40.64 -27.96 5.38
H441 MC3 K . 41.27 -26.25 3.86
H442 MC3 K . 42.71 -26.21 4.53
H443 MC3 K . 41.43 -25.79 5.37
C31 MC3 L . 45.03 -37.30 -4.24
C32 MC3 L . 45.04 -35.82 -4.01
C33 MC3 L . 45.13 -35.44 -2.57
C34 MC3 L . 44.13 -34.37 -2.19
C35 MC3 L . 44.62 -32.98 -2.45
C36 MC3 L . 43.58 -31.92 -2.20
C37 MC3 L . 42.77 -31.56 -3.41
C38 MC3 L . 42.33 -30.12 -3.45
C39 MC3 L . 42.01 -29.53 -2.11
C40 MC3 L . 41.16 -28.29 -2.16
C41 MC3 L . 40.26 -28.10 -0.96
C42 MC3 L . 40.57 -26.88 -0.15
C43 MC3 L . 39.93 -25.63 -0.65
C44 MC3 L . 40.20 -25.36 -2.10
H321 MC3 L . 44.24 -35.42 -4.39
H322 MC3 L . 45.82 -35.43 -4.48
H331 MC3 L . 46.03 -35.13 -2.37
H332 MC3 L . 44.97 -36.24 -2.02
H341 MC3 L . 43.92 -34.46 -1.23
H342 MC3 L . 43.31 -34.52 -2.70
H351 MC3 L . 44.91 -32.92 -3.39
H352 MC3 L . 45.40 -32.81 -1.88
H361 MC3 L . 44.04 -31.11 -1.88
H362 MC3 L . 42.98 -32.22 -1.49
H371 MC3 L . 43.29 -31.75 -4.22
H372 MC3 L . 41.97 -32.13 -3.44
H381 MC3 L . 41.54 -30.05 -4.03
H382 MC3 L . 43.04 -29.59 -3.86
H391 MC3 L . 42.84 -29.31 -1.65
H392 MC3 L . 41.54 -30.21 -1.57
H401 MC3 L . 40.59 -28.33 -2.96
H402 MC3 L . 41.74 -27.51 -2.24
H411 MC3 L . 40.34 -28.90 -0.39
H412 MC3 L . 39.33 -28.05 -1.27
H421 MC3 L . 41.54 -26.75 -0.14
H422 MC3 L . 40.29 -27.03 0.79
H431 MC3 L . 40.24 -24.87 -0.11
H432 MC3 L . 38.95 -25.70 -0.51
H441 MC3 L . 41.15 -25.42 -2.27
H442 MC3 L . 39.90 -24.45 -2.33
H443 MC3 L . 39.72 -26.00 -2.65
C31 MC3 M . 37.29 -9.27 4.65
C32 MC3 M . 37.23 -10.76 4.61
C33 MC3 M . 36.88 -11.32 3.27
C34 MC3 M . 37.07 -12.82 3.19
C35 MC3 M . 37.46 -13.32 1.83
C36 MC3 M . 37.01 -14.73 1.54
C37 MC3 M . 37.91 -15.50 0.62
C38 MC3 M . 37.58 -16.97 0.53
C39 MC3 M . 38.76 -17.85 0.22
C40 MC3 M . 38.46 -19.33 0.27
C41 MC3 M . 39.12 -20.13 -0.82
C42 MC3 M . 38.26 -20.30 -2.05
C43 MC3 M . 37.95 -21.73 -2.42
C44 MC3 M . 38.59 -22.17 -3.72
H321 MC3 M . 36.56 -11.07 5.27
H322 MC3 M . 38.10 -11.13 4.89
H331 MC3 M . 37.45 -10.90 2.59
H332 MC3 M . 35.95 -11.11 3.06
H341 MC3 M . 36.22 -13.26 3.45
H342 MC3 M . 37.75 -13.09 3.84
H351 MC3 M . 38.44 -13.29 1.75
H352 MC3 M . 37.09 -12.72 1.15
H361 MC3 M . 36.11 -14.69 1.14
H362 MC3 M . 36.93 -15.21 2.39
H371 MC3 M . 37.85 -15.11 -0.28
H372 MC3 M . 38.83 -15.40 0.93
H381 MC3 M . 36.90 -17.10 -0.17
H382 MC3 M . 37.19 -17.26 1.37
H391 MC3 M . 39.48 -17.65 0.86
H392 MC3 M . 39.10 -17.63 -0.67
H401 MC3 M . 37.49 -19.45 0.21
H402 MC3 M . 38.75 -19.68 1.14
H411 MC3 M . 39.35 -21.02 -0.47
H412 MC3 M . 39.95 -19.68 -1.09
H421 MC3 M . 38.71 -19.87 -2.80
H422 MC3 M . 37.42 -19.84 -1.90
H431 MC3 M . 36.98 -21.83 -2.50
H432 MC3 M . 38.26 -22.32 -1.70
H441 MC3 M . 38.15 -21.72 -4.46
H442 MC3 M . 38.50 -23.13 -3.81
H443 MC3 M . 39.53 -21.93 -3.72
C33 MC3 N . 35.49 -33.39 -13.73
C34 MC3 N . 34.14 -33.91 -14.20
C35 MC3 N . 33.11 -32.84 -14.46
C36 MC3 N . 33.67 -31.44 -14.61
C37 MC3 N . 32.65 -30.40 -14.95
C38 MC3 N . 33.20 -29.00 -15.01
C39 MC3 N . 33.08 -28.24 -13.70
C40 MC3 N . 33.13 -26.75 -13.85
C41 MC3 N . 31.98 -26.17 -14.64
C42 MC3 N . 31.17 -25.14 -13.91
C43 MC3 N . 31.98 -24.12 -13.17
C44 MC3 N . 31.43 -22.72 -13.27
H331 MC3 N . 35.89 -32.86 -14.45
H332 MC3 N . 35.35 -32.79 -12.96
H341 MC3 N . 33.79 -34.53 -13.51
H342 MC3 N . 34.27 -34.42 -15.02
H351 MC3 N . 32.47 -32.83 -13.70
H352 MC3 N . 32.61 -33.06 -15.27
H361 MC3 N . 34.36 -31.45 -15.31
H362 MC3 N . 34.11 -31.19 -13.77
H371 MC3 N . 32.25 -30.61 -15.83
H372 MC3 N . 31.93 -30.43 -14.29
H381 MC3 N . 32.73 -28.50 -15.70
H382 MC3 N . 34.15 -29.05 -15.26
H391 MC3 N . 33.82 -28.52 -13.12
H392 MC3 N . 32.25 -28.49 -13.27
H401 MC3 N . 33.97 -26.49 -14.27
H402 MC3 N . 33.12 -26.35 -12.95
H411 MC3 N . 31.39 -26.90 -14.92
H412 MC3 N . 32.35 -25.76 -15.46
H421 MC3 N . 30.59 -25.60 -13.27
H422 MC3 N . 30.60 -24.68 -14.56
H431 MC3 N . 32.90 -24.12 -13.53
H432 MC3 N . 32.03 -24.38 -12.22
H441 MC3 N . 31.53 -22.40 -14.18
H442 MC3 N . 31.92 -22.13 -12.67
H443 MC3 N . 30.49 -22.73 -13.03
C37 MC3 O . 39.13 -36.87 -8.43
C38 MC3 O . 39.38 -35.44 -8.02
C39 MC3 O . 38.20 -34.54 -8.23
C40 MC3 O . 37.72 -33.88 -6.97
C41 MC3 O . 38.45 -32.62 -6.61
C42 MC3 O . 38.21 -32.16 -5.20
C43 MC3 O . 39.38 -31.46 -4.59
C44 MC3 O . 39.00 -30.27 -3.75
H371 MC3 O . 38.87 -36.88 -9.38
H372 MC3 O . 38.39 -37.23 -7.91
H381 MC3 O . 40.14 -35.10 -8.53
H382 MC3 O . 39.62 -35.44 -7.06
H391 MC3 O . 37.47 -35.05 -8.62
H392 MC3 O . 38.45 -33.83 -8.87
H401 MC3 O . 37.80 -34.52 -6.23
H402 MC3 O . 36.76 -33.67 -7.07
H411 MC3 O . 38.19 -31.92 -7.23
H412 MC3 O . 39.41 -32.78 -6.72
H421 MC3 O . 37.98 -32.94 -4.65
H422 MC3 O . 37.43 -31.56 -5.20
H431 MC3 O . 39.98 -31.15 -5.32
H432 MC3 O . 39.88 -32.10 -4.03
H441 MC3 O . 39.23 -29.45 -4.21
H442 MC3 O . 39.48 -30.31 -2.90
H443 MC3 O . 38.04 -30.28 -3.59
C13 DU0 P . 30.55 -27.48 6.66
C15 DU0 P . 32.38 -29.71 8.20
C17 DU0 P . 31.60 -35.99 9.55
C20 DU0 P . 31.84 -38.84 9.62
C21 DU0 P . 32.08 -40.33 9.53
C22 DU0 P . 32.21 -40.94 10.91
C24 DU0 P . 31.78 -43.11 11.71
C26 DU0 P . 31.15 -45.52 11.51
C01 DU0 P . 33.23 -33.53 9.02
C02 DU0 P . 32.35 -33.68 10.27
C03 DU0 P . 31.17 -34.62 10.00
C04 DU0 P . 30.20 -33.80 9.14
C05 DU0 P . 30.44 -32.38 9.60
C06 DU0 P . 31.60 -32.38 10.61
C07 DU0 P . 32.26 -31.01 10.41
C08 DU0 P . 32.29 -30.13 11.64
C09 DU0 P . 31.53 -30.44 9.20
C11 DU0 P . 29.90 -28.79 8.68
C12 DU0 P . 30.84 -27.74 8.12
C14 DU0 P . 32.28 -28.21 8.36
C18 DU0 P . 30.41 -36.85 9.22
C19 DU0 P . 30.80 -38.29 9.05
C25 DU0 P . 32.28 -44.51 11.64
C27 DU0 P . 31.68 -46.94 11.58
C51 DU0 P . 30.07 -45.33 12.56
C75 DU0 P . 33.33 -40.27 11.65
C76 DU0 P . 33.04 -38.77 11.78
C77 DU0 P . 32.88 -38.06 10.42
C78 DU0 P . 34.21 -38.11 9.66
C79 DU0 P . 32.42 -36.60 10.68
C80 DU0 P . 33.59 -35.71 11.10
C81 DU0 P . 33.16 -34.27 11.41
O10 DU0 P . 30.52 -29.57 9.70
O16 DU0 P . 30.94 -31.54 8.55
O23 DU0 P . 32.48 -42.32 10.77
O28 DU0 P . 30.75 -47.88 11.06
O52 DU0 P . 29.12 -46.38 12.52
H1 DU0 P . 31.13 -26.77 6.34
H2 DU0 P . 29.63 -27.21 6.55
H3 DU0 P . 30.71 -28.29 6.15
H4 DU0 P . 33.31 -29.98 8.31
H5 DU0 P . 32.09 -29.96 7.29
H6 DU0 P . 32.17 -35.90 8.74
H7 DU0 P . 31.32 -40.74 9.06
H8 DU0 P . 32.88 -40.51 9.01
H9 DU0 P . 31.37 -40.81 11.40
H10 DU0 P . 31.92 -42.75 12.61
H11 DU0 P . 30.82 -43.08 11.52
H12 DU0 P . 30.73 -45.40 10.61
H13 DU0 P . 33.64 -34.39 8.80
H14 DU0 P . 33.91 -32.87 9.18
H15 DU0 P . 32.67 -33.26 8.27
H16 DU0 P . 30.72 -34.74 10.88
H17 DU0 P . 29.27 -34.08 9.30
H18 DU0 P . 30.41 -33.91 8.19
H19 DU0 P . 29.63 -31.99 10.01
H20 DU0 P . 31.24 -32.43 11.53
H21 DU0 P . 33.20 -31.17 10.12
H22 DU0 P . 31.44 -30.16 12.08
H23 DU0 P . 32.49 -29.21 11.37
H24 DU0 P . 32.98 -30.45 12.25
H25 DU0 P . 29.61 -29.37 7.95
H26 DU0 P . 29.11 -28.35 9.05
H27 DU0 P . 30.70 -26.90 8.63
H28 DU0 P . 32.87 -27.77 7.73
H29 DU0 P . 32.56 -27.95 9.27
H30 DU0 P . 29.99 -36.54 8.39
H31 DU0 P . 29.74 -36.79 9.94
H32 DU0 P . 30.25 -38.84 8.51
H33 DU0 P . 32.79 -44.72 12.44
H34 DU0 P . 32.86 -44.59 10.87
H35 DU0 P . 31.89 -47.17 12.51
H36 DU0 P . 32.51 -47.01 11.06
H37 DU0 P . 29.61 -44.47 12.40
H38 DU0 P . 30.48 -45.29 13.45
H39 DU0 P . 34.18 -40.39 11.15
H40 DU0 P . 33.42 -40.66 12.54
H41 DU0 P . 33.78 -38.35 12.27
H42 DU0 P . 32.22 -38.65 12.30
H43 DU0 P . 34.94 -37.89 10.27
H44 DU0 P . 34.20 -37.48 8.93
H45 DU0 P . 34.36 -39.00 9.30
H46 DU0 P . 31.82 -36.65 11.46
H47 DU0 P . 34.25 -35.68 10.38
H48 DU0 P . 34.02 -36.08 11.88
H49 DU0 P . 32.63 -34.26 12.23
H50 DU0 P . 33.96 -33.72 11.56
H51 DU0 P . 30.48 -47.61 10.32
H52 DU0 P . 28.96 -46.58 11.73
C1 MC3 Q . 35.27 -10.87 10.39
C2 MC3 Q . 33.79 -10.60 10.26
C3 MC3 Q . 33.03 -11.65 9.47
C11 MC3 Q . 32.53 -13.89 9.90
C12 MC3 Q . 31.99 -14.21 8.54
C13 MC3 Q . 31.74 -15.65 8.34
C14 MC3 Q . 31.16 -15.96 6.98
C15 MC3 Q . 29.66 -15.84 6.92
C16 MC3 Q . 29.15 -15.32 5.61
C17 MC3 Q . 29.01 -16.37 4.55
C18 MC3 Q . 30.24 -17.19 4.35
C19 MC3 Q . 30.25 -17.95 3.07
C20 MC3 Q . 30.12 -19.43 3.23
C21 MC3 Q . 28.79 -19.90 3.69
C22 MC3 Q . 28.83 -21.12 4.55
C23 MC3 Q . 27.53 -21.48 5.18
C24 MC3 Q . 27.00 -20.40 6.11
C31 MC3 Q . 33.23 -11.50 12.43
C32 MC3 Q . 32.36 -11.27 13.65
C33 MC3 Q . 32.08 -12.52 14.44
C34 MC3 Q . 30.64 -13.00 14.27
C35 MC3 Q . 30.51 -14.50 14.22
C36 MC3 Q . 29.13 -15.00 14.54
C37 MC3 Q . 28.94 -16.47 14.28
C38 MC3 Q . 27.58 -16.85 13.76
C39 MC3 Q . 27.32 -18.34 13.72
C40 MC3 Q . 26.71 -18.82 12.42
C41 MC3 Q . 25.24 -18.55 12.29
C42 MC3 Q . 24.46 -19.64 11.60
C43 MC3 Q . 24.34 -20.91 12.39
C44 MC3 Q . 23.67 -22.02 11.62
O2 MC3 Q . 33.17 -10.47 11.57
O3 MC3 Q . 33.48 -12.96 9.83
O11 MC3 Q . 32.18 -14.40 10.92
O31 MC3 Q . 33.90 -12.48 12.24
O1P MC3 Q . 37.00 -8.36 12.60
O2P MC3 Q . 35.29 -8.07 10.66
O3P MC3 Q . 35.77 -10.34 11.65
O4P MC3 Q . 34.53 -8.63 13.00
P MC3 Q . 35.72 -8.76 11.92
H11 MC3 Q . 35.75 -10.46 9.65
H12 MC3 Q . 35.43 -11.84 10.36
H2 MC3 Q . 33.68 -9.74 9.78
H31 MC3 Q . 33.18 -11.51 8.50
H32 MC3 Q . 32.07 -11.57 9.64
H121 MC3 Q . 31.16 -13.72 8.41
H122 MC3 Q . 32.63 -13.90 7.86
H131 MC3 Q . 31.11 -15.97 9.02
H132 MC3 Q . 32.58 -16.16 8.45
H141 MC3 Q . 31.55 -15.35 6.32
H142 MC3 Q . 31.41 -16.87 6.73
H151 MC3 Q . 29.27 -16.71 7.08
H152 MC3 Q . 29.37 -15.23 7.64
H161 MC3 Q . 28.26 -14.90 5.76
H162 MC3 Q . 29.75 -14.61 5.29
H171 MC3 Q . 28.27 -16.96 4.79
H172 MC3 Q . 28.78 -15.93 3.70
H181 MC3 Q . 30.32 -17.82 5.09
H182 MC3 Q . 31.02 -16.61 4.38
H191 MC3 Q . 31.08 -17.76 2.59
H192 MC3 Q . 29.51 -17.64 2.51
H201 MC3 Q . 30.80 -19.74 3.87
H202 MC3 Q . 30.32 -19.86 2.37
H211 MC3 Q . 28.36 -19.17 4.20
H212 MC3 Q . 28.23 -20.07 2.90
H221 MC3 Q . 29.13 -21.87 3.99
H222 MC3 Q . 29.50 -20.99 5.25
H231 MC3 Q . 26.86 -21.64 4.48
H232 MC3 Q . 27.64 -22.31 5.69
H241 MC3 Q . 26.41 -19.80 5.62
H242 MC3 Q . 26.51 -20.81 6.84
H243 MC3 Q . 27.75 -19.89 6.47
H321 MC3 Q . 32.81 -10.62 14.23
H322 MC3 Q . 31.52 -10.88 13.36
H331 MC3 Q . 32.68 -13.23 14.14
H332 MC3 Q . 32.25 -12.34 15.38
H341 MC3 Q . 30.27 -12.61 13.44
H342 MC3 Q . 30.12 -12.66 15.02
H351 MC3 Q . 31.14 -14.89 14.85
H352 MC3 Q . 30.75 -14.79 13.31
H361 MC3 Q . 28.48 -14.51 13.99
H362 MC3 Q . 28.94 -14.82 15.48
H371 MC3 Q . 29.10 -16.96 15.12
H372 MC3 Q . 29.62 -16.76 13.63
H381 MC3 Q . 26.90 -16.42 14.33
H382 MC3 Q . 27.48 -16.49 12.86
H391 MC3 Q . 26.71 -18.57 14.46
H392 MC3 Q . 28.16 -18.80 13.87
H401 MC3 Q . 26.86 -19.79 12.35
H402 MC3 Q . 27.18 -18.39 11.67
H411 MC3 Q . 25.10 -17.71 11.80
H412 MC3 Q . 24.86 -18.43 13.19
H421 MC3 Q . 24.90 -19.85 10.75
H422 MC3 Q . 23.57 -19.31 11.40
H431 MC3 Q . 23.81 -20.73 13.20
H432 MC3 Q . 25.23 -21.21 12.66
H441 MC3 Q . 22.78 -21.73 11.34
H442 MC3 Q . 23.60 -22.80 12.18
H443 MC3 Q . 24.20 -22.22 10.82
CA CA R . 5.31 -5.56 22.85
C1 MC3 S . 18.97 -14.59 32.27
C2 MC3 S . 19.43 -15.89 31.66
C3 MC3 S . 18.57 -17.08 32.05
C11 MC3 S . 17.97 -18.27 33.99
C12 MC3 S . 18.87 -19.48 34.08
C13 MC3 S . 18.47 -20.60 33.20
C14 MC3 S . 19.02 -20.46 31.78
C15 MC3 S . 19.43 -21.74 31.14
C16 MC3 S . 18.31 -22.74 30.97
C17 MC3 S . 18.63 -24.11 31.50
C18 MC3 S . 19.07 -25.09 30.45
C19 MC3 S . 20.28 -24.65 29.67
C20 MC3 S . 20.73 -25.63 28.62
C21 MC3 S . 19.61 -26.14 27.74
C22 MC3 S . 20.01 -26.38 26.31
C23 MC3 S . 20.98 -27.52 26.14
C24 MC3 S . 20.88 -28.21 24.81
C31 MC3 S . 20.00 -16.73 29.50
C32 MC3 S . 19.01 -17.70 28.95
C33 MC3 S . 19.50 -19.11 28.99
C34 MC3 S . 20.30 -19.47 27.75
C35 MC3 S . 19.65 -20.55 26.92
C36 MC3 S . 19.41 -21.84 27.66
C37 MC3 S . 19.10 -23.03 26.79
C38 MC3 S . 18.70 -22.68 25.38
C39 MC3 S . 18.32 -23.86 24.53
C40 MC3 S . 19.14 -23.99 23.27
C41 MC3 S . 19.68 -25.37 23.03
C42 MC3 S . 18.63 -26.43 22.85
C43 MC3 S . 18.80 -27.24 21.61
C44 MC3 S . 19.97 -28.19 21.67
O2 MC3 S . 19.42 -15.76 30.22
O3 MC3 S . 18.61 -17.22 33.49
O11 MC3 S . 16.81 -18.26 34.31
O31 MC3 S . 21.19 -16.79 29.33
O1P MC3 S . 16.26 -15.51 33.67
O2P MC3 S . 16.88 -12.99 33.89
O3P MC3 S . 17.59 -14.33 31.89
O4P MC3 S . 15.17 -13.75 32.22
P MC3 S . 16.49 -14.16 33.04
H11 MC3 S . 19.55 -13.86 31.96
H12 MC3 S . 19.03 -14.64 33.25
H2 MC3 S . 20.36 -16.08 31.96
H31 MC3 S . 18.91 -17.89 31.63
H32 MC3 S . 17.64 -16.93 31.76
H121 MC3 S . 18.88 -19.79 35.01
H122 MC3 S . 19.79 -19.20 33.85
H131 MC3 S . 17.49 -20.65 33.15
H132 MC3 S . 18.79 -21.45 33.57
H141 MC3 S . 19.79 -19.86 31.82
H142 MC3 S . 18.34 -20.03 31.23
H151 MC3 S . 20.13 -22.16 31.68
H152 MC3 S . 19.81 -21.55 30.26
H161 MC3 S . 18.10 -22.82 30.02
H162 MC3 S . 17.52 -22.40 31.43
H171 MC3 S . 17.82 -24.47 31.95
H172 MC3 S . 19.34 -24.04 32.18
H181 MC3 S . 18.32 -25.23 29.83
H182 MC3 S . 19.27 -25.95 30.88
H191 MC3 S . 21.01 -24.50 30.29
H192 MC3 S . 20.07 -23.80 29.23
H201 MC3 S . 21.15 -26.40 29.06
H202 MC3 S . 21.41 -25.21 28.05
H211 MC3 S . 18.88 -25.47 27.75
H212 MC3 S . 19.26 -26.97 28.12
H221 MC3 S . 20.42 -25.57 25.95
H222 MC3 S . 19.21 -26.59 25.78
H231 MC3 S . 20.84 -28.17 26.86
H232 MC3 S . 21.90 -27.17 26.25
H241 MC3 S . 19.95 -28.50 24.68
H242 MC3 S . 21.46 -28.99 24.79
H243 MC3 S . 21.12 -27.59 24.10
H321 MC3 S . 18.79 -17.46 28.03
H322 MC3 S . 18.18 -17.65 29.47
H331 MC3 S . 18.73 -19.71 29.06
H332 MC3 S . 20.06 -19.23 29.77
H341 MC3 S . 21.18 -19.78 28.02
H342 MC3 S . 20.40 -18.67 27.19
H351 MC3 S . 20.23 -20.73 26.15
H352 MC3 S . 18.80 -20.22 26.59
H361 MC3 S . 18.67 -21.70 28.29
H362 MC3 S . 20.21 -22.05 28.20
H371 MC3 S . 18.37 -23.53 27.20
H372 MC3 S . 19.88 -23.61 26.76
H381 MC3 S . 19.45 -22.22 24.95
H382 MC3 S . 17.94 -22.05 25.40
H391 MC3 S . 17.37 -23.79 24.29
H392 MC3 S . 18.44 -24.67 25.06
H401 MC3 S . 19.88 -23.36 23.30
H402 MC3 S . 18.58 -23.74 22.50
H411 MC3 S . 20.26 -25.61 23.79
H412 MC3 S . 20.25 -25.35 22.23
H421 MC3 S . 17.75 -25.99 22.84
H422 MC3 S . 18.65 -27.03 23.64
H431 MC3 S . 18.92 -26.64 20.85
H432 MC3 S . 17.97 -27.76 21.46
H441 MC3 S . 20.77 -27.71 21.92
H442 MC3 S . 20.09 -28.61 20.80
H443 MC3 S . 19.79 -28.88 22.34
C1 MC3 T . 24.23 -8.04 26.86
C2 MC3 T . 24.81 -9.43 26.99
C3 MC3 T . 23.77 -10.48 27.31
C11 MC3 T . 23.41 -12.23 28.84
C12 MC3 T . 24.05 -13.47 28.28
C13 MC3 T . 23.53 -13.83 26.93
C14 MC3 T . 22.88 -15.20 26.89
C15 MC3 T . 23.14 -15.97 25.63
C16 MC3 T . 22.42 -17.30 25.55
C17 MC3 T . 22.32 -17.85 24.16
C18 MC3 T . 21.38 -19.02 24.01
C19 MC3 T . 19.93 -18.64 24.07
C20 MC3 T . 18.96 -19.77 23.79
C21 MC3 T . 19.42 -20.75 22.76
C22 MC3 T . 19.60 -20.16 21.38
C23 MC3 T . 20.59 -20.91 20.54
C24 MC3 T . 20.33 -22.40 20.50
C31 MC3 T . 26.05 -10.99 25.66
C32 MC3 T . 25.98 -11.55 24.26
C33 MC3 T . 24.68 -12.21 23.96
C34 MC3 T . 24.85 -13.64 23.47
C35 MC3 T . 23.84 -14.05 22.44
C36 MC3 T . 24.40 -14.92 21.35
C37 MC3 T . 24.14 -16.39 21.54
C38 MC3 T . 22.83 -16.85 20.99
C39 MC3 T . 22.74 -18.34 20.79
C40 MC3 T . 22.65 -18.77 19.35
C41 MC3 T . 23.70 -18.19 18.45
C42 MC3 T . 23.32 -18.17 16.99
C43 MC3 T . 22.90 -19.50 16.43
C44 MC3 T . 21.46 -19.86 16.72
O2 MC3 T . 25.48 -9.78 25.75
O3 MC3 T . 24.13 -11.15 28.54
O11 MC3 T . 22.40 -12.19 29.47
O31 MC3 T . 26.54 -11.56 26.60
O1P MC3 T . 22.69 -7.18 23.39
O2P MC3 T . 25.15 -7.83 23.98
O3P MC3 T . 23.34 -7.98 25.71
O4P MC3 T . 24.12 -5.74 24.90
P MC3 T . 23.83 -7.23 24.38
H11 MC3 T . 24.96 -7.40 26.75
H12 MC3 T . 23.73 -7.81 27.67
H2 MC3 T . 25.47 -9.43 27.73
H31 MC3 T . 23.72 -11.14 26.58
H32 MC3 T . 22.88 -10.06 27.42
H121 MC3 T . 23.88 -14.21 28.90
H122 MC3 T . 25.02 -13.34 28.23
H131 MC3 T . 24.28 -13.83 26.29
H132 MC3 T . 22.88 -13.16 26.63
H141 MC3 T . 21.91 -15.09 27.00
H142 MC3 T . 23.20 -15.73 27.66
H151 MC3 T . 24.11 -16.13 25.56
H152 MC3 T . 22.88 -15.43 24.87
H161 MC3 T . 21.52 -17.18 25.92
H162 MC3 T . 22.90 -17.94 26.11
H171 MC3 T . 23.21 -18.12 23.85
H172 MC3 T . 22.01 -17.12 23.56
H181 MC3 T . 21.57 -19.65 24.74
H182 MC3 T . 21.57 -19.47 23.16
H191 MC3 T . 19.77 -17.92 23.41
H192 MC3 T . 19.74 -18.27 24.96
H201 MC3 T . 18.11 -19.38 23.50
H202 MC3 T . 18.81 -20.25 24.63
H211 MC3 T . 18.77 -21.48 22.70
H212 MC3 T . 20.28 -21.15 23.04
H221 MC3 T . 19.89 -19.24 21.47
H222 MC3 T . 18.73 -20.16 20.93
H231 MC3 T . 21.49 -20.76 20.90
H232 MC3 T . 20.57 -20.55 19.63
H241 MC3 T . 20.58 -22.75 19.62
H242 MC3 T . 19.38 -22.57 20.64
H243 MC3 T . 20.85 -22.84 21.18
H321 MC3 T . 26.71 -12.21 24.15
H322 MC3 T . 26.13 -10.83 23.63
H331 MC3 T . 24.21 -11.69 23.27
H332 MC3 T . 24.12 -12.22 24.76
H341 MC3 T . 24.78 -14.24 24.24
H342 MC3 T . 25.74 -13.74 23.09
H351 MC3 T . 23.46 -13.24 22.03
H352 MC3 T . 23.11 -14.54 22.88
H361 MC3 T . 25.37 -14.78 21.31
H362 MC3 T . 24.01 -14.65 20.49
H371 MC3 T . 24.16 -16.59 22.51
H372 MC3 T . 24.86 -16.90 21.13
H381 MC3 T . 22.68 -16.41 20.14
H382 MC3 T . 22.10 -16.58 21.59
H391 MC3 T . 21.95 -18.67 21.26
H392 MC3 T . 23.53 -18.76 21.20
H401 MC3 T . 21.77 -18.51 19.00
H402 MC3 T . 22.71 -19.75 19.32
H411 MC3 T . 24.52 -18.72 18.55
H412 MC3 T . 23.90 -17.27 18.73
H421 MC3 T . 24.09 -17.84 16.47
H422 MC3 T . 22.58 -17.53 16.87
H431 MC3 T . 23.48 -20.20 16.80
H432 MC3 T . 23.03 -19.49 15.46
H441 MC3 T . 21.42 -20.39 17.53
H442 MC3 T . 21.10 -20.36 15.97
H443 MC3 T . 20.95 -19.04 16.84
C31 MC3 U . -3.79 -49.72 20.05
C32 MC3 U . -4.25 -48.30 19.92
C33 MC3 U . -3.35 -47.31 20.60
C34 MC3 U . -4.05 -45.99 20.88
C35 MC3 U . -3.73 -44.89 19.90
C36 MC3 U . -2.88 -43.81 20.48
C37 MC3 U . -2.47 -42.78 19.48
C38 MC3 U . -3.34 -41.57 19.46
C39 MC3 U . -2.81 -40.42 20.25
C40 MC3 U . -1.81 -39.57 19.52
C41 MC3 U . -2.28 -39.08 18.18
C42 MC3 U . -1.47 -37.94 17.63
C43 MC3 U . -1.89 -36.56 18.09
C44 MC3 U . -1.23 -35.43 17.34
H321 MC3 U . -4.31 -48.07 18.96
H322 MC3 U . -5.15 -48.22 20.31
H331 MC3 U . -2.57 -47.14 20.03
H332 MC3 U . -3.03 -47.69 21.44
H341 MC3 U . -3.80 -45.70 21.78
H342 MC3 U . -5.02 -46.15 20.88
H351 MC3 U . -4.58 -44.50 19.59
H352 MC3 U . -3.28 -45.28 19.14
H361 MC3 U . -2.07 -44.21 20.86
H362 MC3 U . -3.37 -43.36 21.20
H371 MC3 U . -1.55 -42.49 19.68
H372 MC3 U . -2.47 -43.19 18.58
H381 MC3 U . -4.22 -41.82 19.81
H382 MC3 U . -3.47 -41.29 18.52
H391 MC3 U . -2.38 -40.78 21.06
H392 MC3 U . -3.56 -39.85 20.53
H401 MC3 U . -0.99 -40.09 19.38
H402 MC3 U . -1.58 -38.80 20.07
H411 MC3 U . -3.21 -38.80 18.27
H412 MC3 U . -2.25 -39.82 17.55
H421 MC3 U . -1.54 -37.96 16.64
H422 MC3 U . -0.53 -38.07 17.86
H431 MC3 U . -2.86 -36.49 18.00
H432 MC3 U . -1.67 -36.49 19.05
H441 MC3 U . -0.47 -35.10 17.86
H442 MC3 U . -1.86 -34.72 17.21
H443 MC3 U . -0.91 -35.75 16.48
C31 MC3 V . 2.29 -48.32 28.49
C32 MC3 V . 3.53 -47.61 28.03
C33 MC3 V . 4.15 -46.76 29.08
C34 MC3 V . 3.29 -45.56 29.41
C35 MC3 V . 3.09 -44.62 28.26
C36 MC3 V . 4.36 -44.15 27.62
C37 MC3 V . 5.40 -43.67 28.61
C38 MC3 V . 4.86 -42.65 29.59
C39 MC3 V . 4.15 -41.49 28.94
C40 MC3 V . 4.94 -40.82 27.86
C41 MC3 V . 6.26 -40.28 28.31
C42 MC3 V . 6.33 -38.79 28.31
C43 MC3 V . 6.42 -38.19 26.94
C44 MC3 V . 6.02 -36.73 26.92
H321 MC3 V . 3.31 -47.05 27.25
H322 MC3 V . 4.18 -48.28 27.74
H331 MC3 V . 5.02 -46.45 28.77
H332 MC3 V . 4.28 -47.29 29.89
H341 MC3 V . 3.71 -45.07 30.15
H342 MC3 V . 2.41 -45.87 29.73
H351 MC3 V . 2.60 -43.84 28.58
H352 MC3 V . 2.55 -45.07 27.58
H361 MC3 V . 4.16 -43.43 27.00
H362 MC3 V . 4.75 -44.89 27.11
H371 MC3 V . 5.73 -44.44 29.11
H372 MC3 V . 6.14 -43.28 28.12
H381 MC3 V . 5.61 -42.30 30.12
H382 MC3 V . 4.24 -43.10 30.20
H391 MC3 V . 3.93 -40.84 29.63
H392 MC3 V . 3.31 -41.83 28.55
H401 MC3 V . 4.41 -40.08 27.49
H402 MC3 V . 5.09 -41.46 27.12
H411 MC3 V . 6.97 -40.63 27.73
H412 MC3 V . 6.43 -40.61 29.22
H421 MC3 V . 7.12 -38.51 28.84
H422 MC3 V . 5.54 -38.43 28.77
H431 MC3 V . 5.83 -38.69 26.34
H432 MC3 V . 7.34 -38.27 26.62
H441 MC3 V . 5.08 -36.66 26.69
H442 MC3 V . 6.56 -36.26 26.24
H443 MC3 V . 6.19 -36.34 27.79
C33 MC3 W . 14.75 -47.39 32.52
C34 MC3 W . 14.96 -45.99 31.96
C35 MC3 W . 13.81 -45.05 32.21
C36 MC3 W . 14.22 -43.61 32.29
C37 MC3 W . 13.52 -42.72 31.31
C38 MC3 W . 12.10 -42.40 31.67
C39 MC3 W . 11.26 -41.92 30.52
C40 MC3 W . 11.29 -40.44 30.34
C41 MC3 W . 10.12 -39.73 30.95
C42 MC3 W . 10.49 -38.54 31.80
C43 MC3 W . 9.36 -37.59 32.07
C44 MC3 W . 9.82 -36.22 32.46
H331 MC3 W . 14.32 -47.31 33.40
H332 MC3 W . 14.14 -47.86 31.93
H341 MC3 W . 15.11 -46.05 31.00
H342 MC3 W . 15.77 -45.61 32.37
H351 MC3 W . 13.37 -45.30 33.04
H352 MC3 W . 13.17 -45.15 31.48
H361 MC3 W . 15.19 -43.55 32.15
H362 MC3 W . 14.03 -43.28 33.20
H371 MC3 W . 14.02 -41.88 31.23
H372 MC3 W . 13.53 -43.16 30.43
H381 MC3 W . 12.10 -41.71 32.37
H382 MC3 W . 11.69 -43.20 32.04
H391 MC3 W . 10.34 -42.21 30.66
H392 MC3 W . 11.60 -42.35 29.70
H401 MC3 W . 11.31 -40.24 29.37
H402 MC3 W . 12.11 -40.08 30.73
H411 MC3 W . 9.61 -40.36 31.50
H412 MC3 W . 9.51 -39.41 30.23
H421 MC3 W . 11.21 -38.05 31.35
H422 MC3 W . 10.84 -38.87 32.65
H431 MC3 W . 8.79 -37.97 32.77
H432 MC3 W . 8.80 -37.53 31.25
H441 MC3 W . 10.44 -35.88 31.79
H442 MC3 W . 10.28 -36.27 33.32
H443 MC3 W . 9.06 -35.63 32.53
C31 MC3 X . 19.43 -46.67 29.69
C32 MC3 X . 19.21 -45.26 30.17
C33 MC3 X . 17.88 -45.06 30.81
C34 MC3 X . 17.17 -43.82 30.31
C35 MC3 X . 17.57 -42.57 31.03
C36 MC3 X . 16.97 -41.32 30.45
C37 MC3 X . 17.84 -40.65 29.42
C38 MC3 X . 17.71 -39.15 29.39
C39 MC3 X . 16.33 -38.64 29.68
C40 MC3 X . 16.09 -37.23 29.22
C41 MC3 X . 14.65 -36.94 28.84
C42 MC3 X . 13.98 -35.92 29.71
C43 MC3 X . 14.22 -34.51 29.30
C44 MC3 X . 15.68 -34.17 29.15
H321 MC3 X . 19.30 -44.65 29.41
H322 MC3 X . 19.91 -45.04 30.82
H331 MC3 X . 17.98 -45.00 31.78
H332 MC3 X . 17.31 -45.85 30.62
H341 MC3 X . 16.21 -43.95 30.39
H342 MC3 X . 17.38 -43.71 29.35
H351 MC3 X . 18.55 -42.50 31.02
H352 MC3 X . 17.29 -42.66 31.97
H361 MC3 X . 16.82 -40.69 31.18
H362 MC3 X . 16.11 -41.54 30.05
H371 MC3 X . 18.77 -40.89 29.59
H372 MC3 X . 17.60 -41.01 28.54
H381 MC3 X . 18.00 -38.83 28.50
H382 MC3 X . 18.34 -38.78 30.06
H391 MC3 X . 16.17 -38.68 30.65
H392 MC3 X . 15.68 -39.23 29.24
H401 MC3 X . 16.66 -37.05 28.44
H402 MC3 X . 16.35 -36.61 29.93
H411 MC3 X . 14.15 -37.79 28.89
H412 MC3 X . 14.63 -36.63 27.91
H421 MC3 X . 14.30 -36.04 30.64
H422 MC3 X . 13.02 -36.09 29.70
H431 MC3 X . 13.81 -33.91 29.95
H432 MC3 X . 13.78 -34.35 28.43
H441 MC3 X . 16.16 -34.45 29.94
H442 MC3 X . 15.78 -33.20 29.04
H443 MC3 X . 16.05 -34.61 28.37
C31 MC3 Y . 8.19 -18.60 32.94
C32 MC3 Y . 8.22 -20.03 32.47
C33 MC3 Y . 9.37 -20.35 31.57
C34 MC3 Y . 9.52 -21.83 31.32
C35 MC3 Y . 10.94 -22.28 31.12
C36 MC3 Y . 11.08 -23.49 30.23
C37 MC3 Y . 12.25 -24.37 30.56
C38 MC3 Y . 12.25 -25.70 29.84
C39 MC3 Y . 12.94 -26.81 30.58
C40 MC3 Y . 12.81 -28.16 29.93
C41 MC3 Y . 14.06 -28.99 29.97
C42 MC3 Y . 14.93 -28.82 28.75
C43 MC3 Y . 15.20 -30.09 27.97
C44 MC3 Y . 16.63 -30.53 28.02
H321 MC3 Y . 7.38 -20.23 31.99
H322 MC3 Y . 8.25 -20.62 33.26
H331 MC3 Y . 10.19 -20.01 31.98
H332 MC3 Y . 9.25 -19.88 30.72
H341 MC3 Y . 9.00 -22.06 30.53
H342 MC3 Y . 9.14 -22.32 32.08
H351 MC3 Y . 11.34 -22.48 31.99
H352 MC3 Y . 11.45 -21.54 30.72
H361 MC3 Y . 11.15 -23.20 29.30
H362 MC3 Y . 10.25 -24.03 30.31
H371 MC3 Y . 13.08 -23.89 30.32
H372 MC3 Y . 12.27 -24.53 31.52
H381 MC3 Y . 12.68 -25.59 28.97
H382 MC3 Y . 11.31 -25.96 29.68
H391 MC3 Y . 12.57 -26.85 31.49
H392 MC3 Y . 13.90 -26.59 30.66
H401 MC3 Y . 12.53 -28.03 29.00
H402 MC3 Y . 12.09 -28.66 30.38
H411 MC3 Y . 13.81 -29.93 30.05
H412 MC3 Y . 14.59 -28.74 30.76
H421 MC3 Y . 15.80 -28.44 29.02
H422 MC3 Y . 14.51 -28.18 28.15
H431 MC3 Y . 14.94 -29.94 27.03
H432 MC3 Y . 14.63 -30.80 28.32
H441 MC3 Y . 17.19 -29.92 27.50
H442 MC3 Y . 16.71 -31.43 27.64
H443 MC3 Y . 16.94 -30.55 28.94
C33 MC3 Z . 25.14 -39.61 19.01
C34 MC3 Z . 25.14 -39.73 17.50
C35 MC3 Z . 25.02 -38.41 16.76
C36 MC3 Z . 25.35 -37.19 17.59
C37 MC3 Z . 25.32 -35.90 16.83
C38 MC3 Z . 25.54 -34.68 17.69
C39 MC3 Z . 24.27 -34.05 18.21
C40 MC3 Z . 24.40 -32.61 18.59
C41 MC3 Z . 24.76 -31.69 17.45
C42 MC3 Z . 23.79 -30.57 17.22
C43 MC3 Z . 23.36 -29.86 18.46
C44 MC3 Z . 23.25 -28.36 18.30
H331 MC3 Z . 25.95 -39.13 19.29
H332 MC3 Z . 24.37 -39.07 19.29
H341 MC3 Z . 24.40 -40.30 17.23
H342 MC3 Z . 25.97 -40.17 17.22
H351 MC3 Z . 24.11 -38.32 16.42
H352 MC3 Z . 25.63 -38.42 16.00
H361 MC3 Z . 26.24 -37.30 17.98
H362 MC3 Z . 24.71 -37.14 18.33
H371 MC3 Z . 26.02 -35.92 16.14
H372 MC3 Z . 24.45 -35.82 16.39
H381 MC3 Z . 26.04 -34.01 17.16
H382 MC3 Z . 26.10 -34.94 18.46
H391 MC3 Z . 23.97 -34.56 18.99
H392 MC3 Z . 23.58 -34.13 17.51
H401 MC3 Z . 25.08 -32.52 19.29
H402 MC3 Z . 23.55 -32.31 18.97
H411 MC3 Z . 24.83 -32.22 16.63
H412 MC3 Z . 25.65 -31.30 17.62
H421 MC3 Z . 23.00 -30.94 16.77
H422 MC3 Z . 24.20 -29.92 16.61
H431 MC3 Z . 24.00 -30.05 19.19
H432 MC3 Z . 22.48 -30.21 18.75
H441 MC3 Z . 24.14 -27.98 18.19
H442 MC3 Z . 22.84 -27.98 19.10
H443 MC3 Z . 22.71 -28.16 17.53
C37 MC3 AA . 21.41 -44.38 23.10
C38 MC3 AA . 21.09 -43.11 23.83
C39 MC3 AA . 20.88 -41.93 22.93
C40 MC3 AA . 19.53 -41.29 23.07
C41 MC3 AA . 19.42 -40.30 24.19
C42 MC3 AA . 18.01 -39.93 24.54
C43 MC3 AA . 17.81 -39.60 25.99
C44 MC3 AA . 16.89 -38.45 26.23
H371 MC3 AA . 22.21 -44.23 22.54
H372 MC3 AA . 20.67 -44.59 22.48
H381 MC3 AA . 21.81 -42.91 24.45
H382 MC3 AA . 20.28 -43.25 24.36
H391 MC3 AA . 21.02 -42.20 22.00
H392 MC3 AA . 21.57 -41.24 23.14
H401 MC3 AA . 18.87 -42.00 23.21
H402 MC3 AA . 19.30 -40.84 22.23
H411 MC3 AA . 19.91 -39.48 23.94
H412 MC3 AA . 19.85 -40.68 24.98
H421 MC3 AA . 17.42 -40.68 24.30
H422 MC3 AA . 17.75 -39.16 24.00
H431 MC3 AA . 18.70 -39.39 26.38
H432 MC3 AA . 17.46 -40.39 26.45
H441 MC3 AA . 17.39 -37.67 26.52
H442 MC3 AA . 16.24 -38.69 26.92
H443 MC3 AA . 16.41 -38.23 25.41
C13 DU0 BA . 4.22 -34.68 22.62
C15 DU0 BA . 3.40 -37.45 24.17
C17 DU0 BA . 1.94 -43.44 22.22
C20 DU0 BA . 1.98 -46.26 21.73
C21 DU0 BA . 2.16 -47.74 21.50
C22 DU0 BA . 0.92 -48.49 21.91
C24 DU0 BA . 0.03 -50.56 21.19
C26 DU0 BA . 0.04 -52.70 19.90
C01 DU0 BA . 2.96 -41.42 24.19
C02 DU0 BA . 1.49 -41.47 23.76
C03 DU0 BA . 1.35 -42.05 22.35
C04 DU0 BA . 1.83 -40.95 21.41
C05 DU0 BA . 1.46 -39.68 22.16
C06 DU0 BA . 0.89 -40.06 23.53
C07 DU0 BA . 1.31 -38.89 24.43
C08 DU0 BA . 0.14 -38.17 25.09
C09 DU0 BA . 2.18 -38.03 23.53
C11 DU0 BA . 2.11 -35.99 22.32
C12 DU0 BA . 2.94 -35.16 23.28
C14 DU0 BA . 3.20 -35.98 24.53
C18 DU0 BA . 1.85 -43.95 20.80
C19 DU0 BA . 2.16 -45.41 20.73
C25 DU0 BA . 0.28 -52.02 21.24
C27 DU0 BA . 0.16 -54.22 20.04
C51 DU0 BA . -1.31 -52.36 19.31
C75 DU0 BA . 0.59 -48.19 23.34
C76 DU0 BA . 0.35 -46.70 23.51
C77 DU0 BA . 1.56 -45.84 23.12
C78 DU0 BA . 2.72 -46.15 24.07
C79 DU0 BA . 1.15 -44.35 23.17
C80 DU0 BA . 1.14 -43.80 24.61
C81 DU0 BA . 0.69 -42.35 24.71
O10 DU0 BA . 1.37 -37.00 23.00
O16 DU0 BA . 2.61 -38.89 22.49
O23 DU0 BA . 1.15 -49.89 21.73
O28 DU0 BA . 0.35 -54.84 18.78
O52 DU0 BA . -1.59 -53.13 18.17
H1 DU0 BA . 4.72 -34.12 23.23
H2 DU0 BA . 4.00 -34.18 21.82
H3 DU0 BA . 4.77 -35.45 22.38
H4 DU0 BA . 3.61 -37.95 24.99
H5 DU0 BA . 4.17 -37.52 23.56
H6 DU0 BA . 2.89 -43.42 22.51
H7 DU0 BA . 2.35 -47.91 20.55
H8 DU0 BA . 2.93 -48.05 22.02
H9 DU0 BA . 0.17 -48.22 21.33
H10 DU0 BA . -0.78 -50.33 21.70
H11 DU0 BA . -0.11 -50.27 20.27
H12 DU0 BA . 0.74 -52.40 19.28
H13 DU0 BA . 3.30 -42.33 24.27
H14 DU0 BA . 3.02 -40.96 25.04
H15 DU0 BA . 3.48 -40.94 23.52
H16 DU0 BA . 0.38 -42.14 22.19
H17 DU0 BA . 1.38 -41.00 20.54
H18 DU0 BA . 2.81 -41.01 21.27
H19 DU0 BA . 0.81 -39.15 21.64
H20 DU0 BA . -0.09 -40.12 23.48
H21 DU0 BA . 1.88 -39.25 25.15
H22 DU0 BA . -0.57 -38.03 24.44
H23 DU0 BA . 0.44 -37.31 25.42
H24 DU0 BA . -0.19 -38.70 25.82
H25 DU0 BA . 2.71 -36.41 21.66
H26 DU0 BA . 1.50 -35.41 21.82
H27 DU0 BA . 2.41 -34.36 23.53
H28 DU0 BA . 3.99 -35.64 24.99
H29 DU0 BA . 2.45 -35.90 25.15
H30 DU0 BA . 2.50 -43.45 20.24
H31 DU0 BA . 0.96 -43.78 20.45
H32 DU0 BA . 2.49 -45.74 19.92
H33 DU0 BA . -0.30 -52.43 21.91
H34 DU0 BA . 1.21 -52.18 21.51
H35 DU0 BA . -0.65 -54.58 20.47
H36 DU0 BA . 0.93 -54.43 20.62
H37 DU0 BA . -1.32 -51.41 19.07
H38 DU0 BA . -2.02 -52.50 19.99
H39 DU0 BA . 1.33 -48.48 23.92
H40 DU0 BA . -0.22 -48.69 23.61
H41 DU0 BA . 0.12 -46.51 24.46
H42 DU0 BA . -0.42 -46.43 22.97
H43 DU0 BA . 2.40 -46.17 24.98
H44 DU0 BA . 3.40 -45.45 24.00
H45 DU0 BA . 3.12 -47.00 23.85
H46 DU0 BA . 0.22 -44.31 22.87
H47 DU0 BA . 2.04 -43.88 24.98
H48 DU0 BA . 0.55 -44.36 25.16
H49 DU0 BA . -0.26 -42.29 24.48
H50 DU0 BA . 0.80 -42.03 25.62
H51 DU0 BA . 0.96 -54.43 18.37
H52 DU0 BA . -0.89 -53.21 17.71
C1 MC3 CA . 2.11 -20.22 32.51
C2 MC3 CA . 1.74 -19.57 31.19
C3 MC3 CA . 2.25 -20.32 29.97
C11 MC3 CA . 1.70 -22.40 29.07
C12 MC3 CA . 2.79 -22.44 28.06
C13 MC3 CA . 2.91 -23.75 27.37
C14 MC3 CA . 4.01 -23.77 26.33
C15 MC3 CA . 3.56 -23.28 24.99
C16 MC3 CA . 4.61 -22.51 24.23
C17 MC3 CA . 5.58 -23.39 23.49
C18 MC3 CA . 6.19 -24.47 24.33
C19 MC3 CA . 7.41 -25.08 23.72
C20 MC3 CA . 7.23 -26.50 23.27
C21 MC3 CA . 6.35 -26.65 22.08
C22 MC3 CA . 5.58 -27.93 22.06
C23 MC3 CA . 4.54 -28.02 20.98
C24 MC3 CA . 3.48 -26.93 21.09
C31 MC3 CA . -0.48 -20.52 31.14
C32 MC3 CA . -1.92 -20.20 30.81
C33 MC3 CA . -2.75 -21.41 30.46
C34 MC3 CA . -3.07 -21.50 28.99
C35 MC3 CA . -3.05 -22.90 28.44
C36 MC3 CA . -3.81 -23.08 27.16
C37 MC3 CA . -3.62 -24.43 26.52
C38 MC3 CA . -3.57 -24.40 25.00
C39 MC3 CA . -3.61 -25.77 24.36
C40 MC3 CA . -2.59 -25.96 23.27
C41 MC3 CA . -2.96 -25.33 21.95
C42 MC3 CA . -2.55 -26.11 20.74
C43 MC3 CA . -3.32 -27.39 20.54
C44 MC3 CA . -2.81 -28.21 19.39
O2 MC3 CA . 0.29 -19.43 31.10
O3 MC3 CA . 2.06 -21.73 30.15
O11 MC3 CA . 0.61 -22.90 28.93
O31 MC3 CA . -0.06 -21.61 31.44
O1P MC3 CA . 0.59 -18.44 35.45
O2P MC3 CA . 1.84 -17.54 33.36
O3P MC3 CA . 1.09 -19.95 33.51
O4P MC3 CA . -0.62 -18.13 33.27
P MC3 CA . 0.80 -18.44 33.96
H11 MC3 CA . 2.97 -19.86 32.82
H12 MC3 CA . 2.21 -21.19 32.39
H2 MC3 CA . 2.14 -18.67 31.18
H31 MC3 CA . 3.20 -20.12 29.84
H32 MC3 CA . 1.75 -20.03 29.18
H121 MC3 CA . 2.63 -21.74 27.39
H122 MC3 CA . 3.64 -22.24 28.50
H131 MC3 CA . 2.06 -23.96 26.94
H132 MC3 CA . 3.09 -24.45 28.04
H141 MC3 CA . 4.74 -23.20 26.64
H142 MC3 CA . 4.34 -24.68 26.24
H151 MC3 CA . 3.28 -24.04 24.44
H152 MC3 CA . 2.78 -22.69 25.11
H161 MC3 CA . 4.17 -21.92 23.59
H162 MC3 CA . 5.11 -21.96 24.86
H171 MC3 CA . 5.12 -23.80 22.73
H172 MC3 CA . 6.30 -22.83 23.13
H181 MC3 CA . 5.52 -25.18 24.46
H182 MC3 CA . 6.42 -24.10 25.20
H191 MC3 CA . 8.13 -25.05 24.38
H192 MC3 CA . 7.68 -24.54 22.95
H201 MC3 CA . 6.85 -27.02 24.00
H202 MC3 CA . 8.10 -26.87 23.06
H211 MC3 CA . 5.72 -25.91 22.05
H212 MC3 CA . 6.90 -26.61 21.27
H221 MC3 CA . 6.20 -28.68 21.95
H222 MC3 CA . 5.14 -28.03 22.93
H231 MC3 CA . 4.99 -27.94 20.11
H232 MC3 CA . 4.11 -28.90 21.03
H241 MC3 CA . 3.74 -26.17 20.56
H242 MC3 CA . 2.63 -27.28 20.76
H243 MC3 CA . 3.38 -26.67 22.02
H321 MC3 CA . -2.33 -19.75 31.57
H322 MC3 CA . -1.94 -19.58 30.05
H331 MC3 CA . -2.27 -22.22 30.73
H332 MC3 CA . -3.58 -21.38 30.96
H341 MC3 CA . -2.41 -20.96 28.49
H342 MC3 CA . -3.96 -21.12 28.83
H351 MC3 CA . -3.43 -23.50 29.11
H352 MC3 CA . -2.11 -23.17 28.29
H361 MC3 CA . -3.52 -22.39 26.52
H362 MC3 CA . -4.76 -22.95 27.33
H371 MC3 CA . -4.34 -25.02 26.80
H372 MC3 CA . -2.77 -24.82 26.84
H381 MC3 CA . -4.33 -23.89 24.68
H382 MC3 CA . -2.75 -23.95 24.72
H391 MC3 CA . -4.50 -25.92 23.99
H392 MC3 CA . -3.46 -26.45 25.05
H401 MC3 CA . -2.45 -26.92 23.12
H402 MC3 CA . -1.72 -25.59 23.56
H411 MC3 CA . -2.54 -24.44 21.91
H412 MC3 CA . -3.93 -25.20 21.93
H421 MC3 CA . -1.60 -26.34 20.82
H422 MC3 CA . -2.66 -25.55 19.94
H431 MC3 CA . -4.26 -27.16 20.37
H432 MC3 CA . -3.28 -27.92 21.36
H441 MC3 CA . -2.85 -27.69 18.57
H442 MC3 CA . -3.35 -29.01 19.29
H443 MC3 CA . -1.89 -28.46 19.57
CA CA DA . 10.43 1.14 -21.71
C1 MC3 EA . 8.97 -7.53 -38.43
C2 MC3 EA . 8.84 -9.04 -38.39
C3 MC3 EA . 10.16 -9.75 -38.28
C11 MC3 EA . 12.12 -10.04 -39.55
C12 MC3 EA . 11.99 -11.32 -40.31
C13 MC3 EA . 12.28 -12.53 -39.48
C14 MC3 EA . 11.08 -13.01 -38.71
C15 MC3 EA . 10.96 -14.51 -38.59
C16 MC3 EA . 12.11 -15.17 -37.88
C17 MC3 EA . 12.72 -16.31 -38.64
C18 MC3 EA . 12.24 -17.67 -38.19
C19 MC3 EA . 10.74 -17.85 -38.28
C20 MC3 EA . 10.26 -19.20 -37.84
C21 MC3 EA . 10.82 -19.66 -36.52
C22 MC3 EA . 9.88 -20.47 -35.68
C23 MC3 EA . 9.53 -21.80 -36.26
C24 MC3 EA . 9.20 -22.84 -35.22
C31 MC3 EA . 7.61 -10.65 -37.13
C32 MC3 EA . 8.45 -11.46 -36.20
C33 MC3 EA . 8.69 -12.85 -36.67
C34 MC3 EA . 7.59 -13.80 -36.23
C35 MC3 EA . 8.07 -14.88 -35.31
C36 MC3 EA . 9.17 -15.73 -35.89
C37 MC3 EA . 9.43 -17.02 -35.13
C38 MC3 EA . 8.83 -17.07 -33.74
C39 MC3 EA . 9.15 -18.32 -32.97
C40 MC3 EA . 7.94 -19.08 -32.50
C41 MC3 EA . 7.97 -20.54 -32.80
C42 MC3 EA . 9.10 -21.28 -32.13
C43 MC3 EA . 8.65 -22.47 -31.35
C44 MC3 EA . 8.20 -23.62 -32.21
O2 MC3 EA . 8.02 -9.39 -37.24
O3 MC3 EA . 10.95 -9.41 -39.44
O11 MC3 EA . 13.14 -9.60 -39.09
O31 MC3 EA . 6.66 -11.08 -37.74
O1P MC3 EA . 12.09 -7.18 -37.95
O2P MC3 EA . 10.71 -4.99 -38.25
O3P MC3 EA . 9.68 -7.06 -37.26
O4P MC3 EA . 11.41 -5.78 -35.96
P MC3 EA . 11.04 -6.23 -37.46
H11 MC3 EA . 8.07 -7.12 -38.46
H12 MC3 EA . 9.45 -7.27 -39.25
H2 MC3 EA . 8.38 -9.34 -39.21
H31 MC3 EA . 10.03 -10.72 -38.24
H32 MC3 EA . 10.64 -9.47 -37.47
H121 MC3 EA . 12.61 -11.30 -41.08
H122 MC3 EA . 11.08 -11.40 -40.67
H131 MC3 EA . 13.01 -12.33 -38.85
H132 MC3 EA . 12.60 -13.26 -40.07
H141 MC3 EA . 10.27 -12.66 -39.14
H142 MC3 EA . 11.11 -12.63 -37.80
H151 MC3 EA . 10.89 -14.88 -39.50
H152 MC3 EA . 10.13 -14.72 -38.11
H161 MC3 EA . 11.79 -15.49 -37.01
H162 MC3 EA . 12.80 -14.50 -37.72
H171 MC3 EA . 13.69 -16.28 -38.53
H172 MC3 EA . 12.52 -16.21 -39.59
H181 MC3 EA . 12.52 -17.82 -37.26
H182 MC3 EA . 12.66 -18.36 -38.74
H191 MC3 EA . 10.45 -17.70 -39.20
H192 MC3 EA . 10.31 -17.17 -37.71
H201 MC3 EA . 10.50 -19.86 -38.52
H202 MC3 EA . 9.28 -19.19 -37.77
H211 MC3 EA . 11.10 -18.87 -36.01
H212 MC3 EA . 11.62 -20.19 -36.69
H221 MC3 EA . 9.05 -19.95 -35.55
H222 MC3 EA . 10.27 -20.60 -34.79
H231 MC3 EA . 10.29 -22.12 -36.80
H232 MC3 EA . 8.76 -21.70 -36.87
H241 MC3 EA . 9.92 -22.90 -34.58
H242 MC3 EA . 9.06 -23.70 -35.65
H243 MC3 EA . 8.37 -22.57 -34.76
H321 MC3 EA . 8.02 -11.49 -35.32
H322 MC3 EA . 9.32 -11.01 -36.09
H331 MC3 EA . 9.55 -13.17 -36.33
H332 MC3 EA . 8.74 -12.85 -37.65
H341 MC3 EA . 7.19 -14.22 -37.03
H342 MC3 EA . 6.89 -13.29 -35.78
H351 MC3 EA . 7.31 -15.45 -35.07
H352 MC3 EA . 8.39 -14.46 -34.49
H361 MC3 EA . 10.00 -15.21 -35.89
H362 MC3 EA . 8.94 -15.96 -36.81
H371 MC3 EA . 10.40 -17.15 -35.06
H372 MC3 EA . 9.07 -17.77 -35.65
H381 MC3 EA . 7.86 -16.99 -33.82
H382 MC3 EA . 9.16 -16.29 -33.24
H391 MC3 EA . 9.69 -18.08 -32.20
H392 MC3 EA . 9.68 -18.91 -33.54
H401 MC3 EA . 7.14 -18.69 -32.93
H402 MC3 EA . 7.85 -18.95 -31.53
H411 MC3 EA . 8.05 -20.66 -33.77
H412 MC3 EA . 7.12 -20.94 -32.52
H421 MC3 EA . 9.56 -20.66 -31.52
H422 MC3 EA . 9.74 -21.57 -32.81
H431 MC3 EA . 7.91 -22.21 -30.76
H432 MC3 EA . 9.39 -22.78 -30.77
H441 MC3 EA . 7.53 -23.31 -32.85
H442 MC3 EA . 7.82 -24.32 -31.66
H443 MC3 EA . 8.96 -23.99 -32.70
C1 MC3 FA . -0.49 -4.78 -36.74
C2 MC3 FA . -0.29 -6.15 -37.35
C3 MC3 FA . 1.09 -6.71 -37.07
C11 MC3 FA . 2.87 -7.70 -38.23
C12 MC3 FA . 2.62 -9.18 -38.32
C13 MC3 FA . 2.44 -9.82 -36.98
C14 MC3 FA . 3.47 -10.90 -36.70
C15 MC3 FA . 2.92 -12.08 -35.95
C16 MC3 FA . 3.95 -13.12 -35.59
C17 MC3 FA . 3.52 -14.05 -34.49
C18 MC3 FA . 4.62 -14.91 -33.94
C19 MC3 FA . 5.57 -14.16 -33.04
C20 MC3 FA . 6.60 -15.02 -32.35
C21 MC3 FA . 6.13 -16.38 -31.93
C22 MC3 FA . 5.03 -16.35 -30.90
C23 MC3 FA . 4.15 -17.57 -30.94
C24 MC3 FA . 4.93 -18.87 -30.90
C31 MC3 FA . -1.27 -8.34 -37.23
C32 MC3 FA . -1.72 -9.28 -36.17
C33 MC3 FA . -0.66 -9.64 -35.19
C34 MC3 FA . -0.45 -11.13 -35.07
C35 MC3 FA . -0.08 -11.59 -33.68
C36 MC3 FA . -0.71 -12.88 -33.27
C37 MC3 FA . 0.19 -14.07 -33.42
C38 MC3 FA . 1.06 -14.33 -32.22
C39 MC3 FA . 1.63 -15.73 -32.18
C40 MC3 FA . 1.11 -16.57 -31.04
C41 MC3 FA . -0.39 -16.62 -30.93
C42 MC3 FA . -0.88 -16.99 -29.54
C43 MC3 FA . -0.32 -18.26 -28.99
C44 MC3 FA . 1.04 -18.12 -28.37
O2 MC3 FA . -1.30 -7.05 -36.83
O3 MC3 FA . 1.74 -7.01 -38.31
O11 MC3 FA . 3.95 -7.19 -38.10
O31 MC3 FA . -0.90 -8.66 -38.32
O1P MC3 FA . -1.53 -4.74 -33.00
O2P MC3 FA . -2.78 -5.78 -35.02
O3P MC3 FA . -0.46 -4.86 -35.28
O4P MC3 FA . -2.39 -3.31 -34.89
P MC3 FA . -1.84 -4.76 -34.46
H11 MC3 FA . -1.36 -4.43 -37.02
H12 MC3 FA . 0.21 -4.17 -37.05
H2 MC3 FA . -0.39 -6.07 -38.33
H31 MC3 FA . 1.01 -7.55 -36.53
H32 MC3 FA . 1.63 -6.07 -36.56
H121 MC3 FA . 3.37 -9.60 -38.77
H122 MC3 FA . 1.82 -9.33 -38.86
H131 MC3 FA . 1.54 -10.23 -36.94
H132 MC3 FA . 2.49 -9.14 -36.28
H141 MC3 FA . 4.19 -10.50 -36.17
H142 MC3 FA . 3.85 -11.20 -37.55
H151 MC3 FA . 2.23 -12.51 -36.51
H152 MC3 FA . 2.49 -11.77 -35.13
H161 MC3 FA . 4.77 -12.66 -35.31
H162 MC3 FA . 4.17 -13.64 -36.39
H171 MC3 FA . 2.80 -14.63 -34.84
H172 MC3 FA . 3.14 -13.52 -33.76
H181 MC3 FA . 5.12 -15.29 -34.69
H182 MC3 FA . 4.21 -15.65 -33.44
H191 MC3 FA . 5.05 -13.69 -32.36
H192 MC3 FA . 6.03 -13.49 -33.57
H201 MC3 FA . 6.92 -14.55 -31.57
H202 MC3 FA . 7.37 -15.14 -32.97
H211 MC3 FA . 6.88 -16.89 -31.57
H212 MC3 FA . 5.80 -16.87 -32.72
H221 MC3 FA . 4.47 -15.56 -31.05
H222 MC3 FA . 5.43 -16.27 -30.01
H231 MC3 FA . 3.61 -17.55 -31.76
H232 MC3 FA . 3.53 -17.54 -30.17
H241 MC3 FA . 4.42 -19.53 -30.41
H242 MC3 FA . 5.78 -18.71 -30.45
H243 MC3 FA . 5.09 -19.17 -31.80
H321 MC3 FA . -2.06 -10.11 -36.59
H322 MC3 FA . -2.47 -8.88 -35.68
H331 MC3 FA . -0.88 -9.27 -34.30
H332 MC3 FA . 0.18 -9.23 -35.48
H341 MC3 FA . 0.26 -11.41 -35.68
H342 MC3 FA . -1.28 -11.59 -35.34
H351 MC3 FA . -0.34 -10.89 -33.04
H352 MC3 FA . 0.90 -11.69 -33.63
H361 MC3 FA . -1.52 -13.02 -33.82
H362 MC3 FA . -0.99 -12.82 -32.34
H371 MC3 FA . 0.77 -13.94 -34.21
H372 MC3 FA . -0.36 -14.87 -33.59
H381 MC3 FA . 0.54 -14.19 -31.42
H382 MC3 FA . 1.80 -13.69 -32.23
H391 MC3 FA . 2.60 -15.66 -32.10
H392 MC3 FA . 1.43 -16.18 -33.02
H401 MC3 FA . 1.49 -16.22 -30.20
H402 MC3 FA . 1.45 -17.49 -31.15
H411 MC3 FA . -0.72 -17.28 -31.57
H412 MC3 FA . -0.76 -15.75 -31.17
H421 MC3 FA . -1.86 -17.06 -29.57
H422 MC3 FA . -0.66 -16.25 -28.94
H431 MC3 FA . -0.26 -18.93 -29.72
H432 MC3 FA . -0.94 -18.61 -28.32
H441 MC3 FA . 1.73 -18.32 -29.03
H442 MC3 FA . 1.13 -18.72 -27.61
H443 MC3 FA . 1.17 -17.19 -28.07
C31 MC3 GA . 33.83 -37.39 -18.63
C32 MC3 GA . 33.51 -36.02 -18.10
C33 MC3 GA . 32.80 -35.14 -19.08
C34 MC3 GA . 32.93 -33.66 -18.73
C35 MC3 GA . 31.74 -33.08 -18.04
C36 MC3 GA . 30.95 -32.13 -18.90
C37 MC3 GA . 29.69 -31.64 -18.26
C38 MC3 GA . 29.84 -30.32 -17.58
C39 MC3 GA . 29.39 -29.16 -18.41
C40 MC3 GA . 27.91 -28.89 -18.35
C41 MC3 GA . 27.35 -28.77 -16.97
C42 MC3 GA . 25.99 -28.13 -16.91
C43 MC3 GA . 25.98 -26.62 -16.88
C44 MC3 GA . 24.63 -26.02 -16.58
H321 MC3 GA . 32.96 -36.11 -17.29
H322 MC3 GA . 34.35 -35.58 -17.84
H331 MC3 GA . 31.85 -35.38 -19.09
H332 MC3 GA . 33.16 -35.28 -19.97
H341 MC3 GA . 33.10 -33.16 -19.55
H342 MC3 GA . 33.71 -33.55 -18.15
H351 MC3 GA . 32.03 -32.60 -17.24
H352 MC3 GA . 31.14 -33.81 -17.76
H361 MC3 GA . 30.72 -32.58 -19.74
H362 MC3 GA . 31.52 -31.36 -19.12
H371 MC3 GA . 28.99 -31.56 -18.95
H372 MC3 GA . 29.38 -32.30 -17.61
H381 MC3 GA . 30.78 -30.19 -17.34
H382 MC3 GA . 29.33 -30.34 -16.75
H391 MC3 GA . 29.65 -29.32 -19.34
H392 MC3 GA . 29.86 -28.36 -18.11
H401 MC3 GA . 27.44 -29.62 -18.81
H402 MC3 GA . 27.72 -28.07 -18.85
H411 MC3 GA . 27.98 -28.23 -16.44
H412 MC3 GA . 27.30 -29.66 -16.57
H421 MC3 GA . 25.53 -28.46 -16.11
H422 MC3 GA . 25.46 -28.42 -17.68
H431 MC3 GA . 26.62 -26.32 -16.20
H432 MC3 GA . 26.29 -26.29 -17.75
H441 MC3 GA . 24.20 -25.75 -17.41
H442 MC3 GA . 24.74 -25.25 -16.00
H443 MC3 GA . 24.08 -26.69 -16.12
C31 MC3 HA . 33.20 -34.92 -28.82
C32 MC3 HA . 31.74 -34.76 -29.15
C33 MC3 HA . 31.48 -33.81 -30.26
C34 MC3 HA . 31.80 -32.38 -29.87
C35 MC3 HA . 30.96 -31.86 -28.74
C36 MC3 HA . 29.49 -31.99 -28.97
C37 MC3 HA . 29.04 -31.50 -30.32
C38 MC3 HA . 29.54 -30.11 -30.66
C39 MC3 HA . 29.26 -29.09 -29.59
C40 MC3 HA . 27.82 -29.04 -29.16
C41 MC3 HA . 26.86 -28.75 -30.27
C42 MC3 HA . 26.18 -27.42 -30.16
C43 MC3 HA . 25.15 -27.35 -29.07
C44 MC3 HA . 24.83 -25.94 -28.66
H321 MC3 HA . 31.27 -34.46 -28.35
H322 MC3 HA . 31.37 -35.64 -29.39
H331 MC3 HA . 30.55 -33.86 -30.53
H332 MC3 HA . 32.03 -34.05 -31.03
H341 MC3 HA . 31.68 -31.81 -30.65
H342 MC3 HA . 32.74 -32.33 -29.60
H351 MC3 HA . 31.17 -30.92 -28.59
H352 MC3 HA . 31.20 -32.34 -27.92
H361 MC3 HA . 29.01 -31.49 -28.28
H362 MC3 HA . 29.23 -32.94 -28.89
H371 MC3 HA . 29.37 -32.11 -31.00
H372 MC3 HA . 28.06 -31.50 -30.35
H381 MC3 HA . 29.12 -29.82 -31.49
H382 MC3 HA . 30.50 -30.15 -30.80
H391 MC3 HA . 29.51 -28.21 -29.92
H392 MC3 HA . 29.81 -29.29 -28.81
H401 MC3 HA . 27.72 -28.35 -28.46
H402 MC3 HA . 27.58 -29.90 -28.75
H411 MC3 HA . 26.17 -29.45 -30.28
H412 MC3 HA . 27.33 -28.79 -31.12
H421 MC3 HA . 25.77 -27.20 -31.02
H422 MC3 HA . 26.88 -26.74 -29.98
H431 MC3 HA . 25.48 -27.85 -28.29
H432 MC3 HA . 24.34 -27.78 -29.39
H441 MC3 HA . 25.38 -25.70 -27.89
H442 MC3 HA . 23.89 -25.88 -28.40
H443 MC3 HA . 25.01 -25.33 -29.39
C33 MC3 IA . 25.68 -36.03 -39.54
C34 MC3 IA . 24.66 -35.01 -39.07
C35 MC3 IA . 25.25 -33.77 -38.46
C36 MC3 IA . 24.41 -32.55 -38.63
C37 MC3 IA . 24.04 -31.88 -37.33
C38 MC3 IA . 25.16 -31.10 -36.71
C39 MC3 IA . 24.97 -30.83 -35.24
C40 MC3 IA . 24.24 -29.55 -34.95
C41 MC3 IA . 25.16 -28.39 -34.63
C42 MC3 IA . 24.84 -27.14 -35.40
C43 MC3 IA . 25.44 -25.89 -34.82
C44 MC3 IA . 24.74 -24.63 -35.27
H331 MC3 IA . 26.43 -35.56 -39.94
H332 MC3 IA . 26.02 -36.51 -38.75
H341 MC3 IA . 24.06 -35.44 -38.43
H342 MC3 IA . 24.11 -34.75 -39.85
H351 MC3 IA . 26.13 -33.61 -38.86
H352 MC3 IA . 25.39 -33.94 -37.50
H361 MC3 IA . 23.58 -32.79 -39.10
H362 MC3 IA . 24.89 -31.90 -39.18
H371 MC3 IA . 23.28 -31.28 -37.48
H372 MC3 IA . 23.73 -32.58 -36.70
H381 MC3 IA . 25.24 -30.25 -37.18
H382 MC3 IA . 25.99 -31.59 -36.83
H391 MC3 IA . 25.86 -30.80 -34.82
H392 MC3 IA . 24.47 -31.57 -34.84
H401 MC3 IA . 23.64 -29.69 -34.19
H402 MC3 IA . 23.70 -29.31 -35.73
H411 MC3 IA . 26.08 -28.66 -34.82
H412 MC3 IA . 25.09 -28.20 -33.67
H421 MC3 IA . 23.87 -27.03 -35.45
H422 MC3 IA . 25.17 -27.24 -36.32
H431 MC3 IA . 26.38 -25.85 -35.07
H432 MC3 IA . 25.39 -25.95 -33.83
H441 MC3 IA . 23.78 -24.71 -35.08
H442 MC3 IA . 24.87 -24.52 -36.22
H443 MC3 IA . 25.10 -23.87 -34.79
C31 MC3 JA . 20.41 -37.56 -40.11
C32 MC3 JA . 20.26 -36.07 -40.21
C33 MC3 JA . 21.50 -35.33 -39.87
C34 MC3 JA . 21.25 -34.19 -38.92
C35 MC3 JA . 20.82 -32.91 -39.58
C36 MC3 JA . 20.44 -31.82 -38.63
C37 MC3 JA . 18.98 -31.78 -38.28
C38 MC3 JA . 18.45 -30.40 -38.03
C39 MC3 JA . 19.41 -29.47 -37.35
C40 MC3 JA . 18.78 -28.28 -36.69
C41 MC3 JA . 19.52 -27.78 -35.48
C42 MC3 JA . 20.07 -26.38 -35.64
C43 MC3 JA . 19.09 -25.30 -35.31
C44 MC3 JA . 17.79 -25.43 -36.06
H321 MC3 JA . 19.54 -35.78 -39.61
H322 MC3 JA . 19.98 -35.84 -41.12
H331 MC3 JA . 21.90 -34.98 -40.68
H332 MC3 JA . 22.15 -35.95 -39.46
H341 MC3 JA . 22.07 -34.01 -38.39
H342 MC3 JA . 20.55 -34.46 -38.28
H351 MC3 JA . 20.06 -33.11 -40.17
H352 MC3 JA . 21.57 -32.60 -40.15
H361 MC3 JA . 20.69 -30.96 -39.03
H362 MC3 JA . 20.96 -31.91 -37.81
H371 MC3 JA . 18.47 -32.19 -39.02
H372 MC3 JA . 18.84 -32.33 -37.48
H381 MC3 JA . 17.64 -30.47 -37.47
H382 MC3 JA . 18.18 -30.00 -38.89
H391 MC3 JA . 20.06 -29.15 -38.01
H392 MC3 JA . 19.91 -29.98 -36.68
H401 MC3 JA . 17.87 -28.53 -36.41
H402 MC3 JA . 18.71 -27.56 -37.34
H411 MC3 JA . 20.27 -28.38 -35.29
H412 MC3 JA . 18.93 -27.79 -34.71
H421 MC3 JA . 20.36 -26.26 -36.56
H422 MC3 JA . 20.85 -26.28 -35.05
H431 MC3 JA . 19.49 -24.43 -35.51
H432 MC3 JA . 18.90 -25.32 -34.35
H441 MC3 JA . 17.97 -25.55 -37.01
H442 MC3 JA . 17.26 -24.61 -35.94
H443 MC3 JA . 17.29 -26.19 -35.72
C31 MC3 KA . 18.98 -8.09 -32.76
C32 MC3 KA . 19.29 -9.54 -32.56
C33 MC3 KA . 18.10 -10.43 -32.60
C34 MC3 KA . 18.45 -11.91 -32.65
C35 MC3 KA . 17.48 -12.75 -33.41
C36 MC3 KA . 17.40 -14.18 -32.93
C37 MC3 KA . 17.06 -15.18 -34.00
C38 MC3 KA . 17.23 -16.62 -33.58
C39 MC3 KA . 17.56 -17.56 -34.71
C40 MC3 KA . 17.87 -18.96 -34.26
C41 MC3 KA . 17.29 -20.04 -35.16
C42 MC3 KA . 15.94 -20.53 -34.71
C43 MC3 KA . 15.85 -21.99 -34.40
C44 MC3 KA . 14.99 -22.77 -35.37
H321 MC3 KA . 19.74 -9.66 -31.70
H322 MC3 KA . 19.92 -9.83 -33.26
H331 MC3 KA . 17.55 -10.21 -33.39
H332 MC3 KA . 17.54 -10.27 -31.81
H341 MC3 KA . 18.52 -12.25 -31.73
H342 MC3 KA . 19.34 -12.00 -33.06
H351 MC3 KA . 17.72 -12.76 -34.36
H352 MC3 KA . 16.58 -12.35 -33.34
H361 MC3 KA . 16.73 -14.24 -32.22
H362 MC3 KA . 18.27 -14.42 -32.55
H371 MC3 KA . 16.13 -15.04 -34.27
H372 MC3 KA . 17.62 -15.01 -34.79
H381 MC3 KA . 16.40 -16.92 -33.15
H382 MC3 KA . 17.94 -16.67 -32.91
H391 MC3 KA . 18.33 -17.20 -35.20
H392 MC3 KA . 16.80 -17.59 -35.33
H401 MC3 KA . 17.52 -19.09 -33.35
H402 MC3 KA . 18.84 -19.07 -34.23
H411 MC3 KA . 17.92 -20.80 -35.17
H412 MC3 KA . 17.23 -19.69 -36.06
H421 MC3 KA . 15.29 -20.31 -35.41
H422 MC3 KA . 15.68 -20.02 -33.91
H431 MC3 KA . 15.48 -22.10 -33.50
H432 MC3 KA . 16.75 -22.37 -34.41
H441 MC3 KA . 14.05 -22.53 -35.24
H442 MC3 KA . 15.11 -23.72 -35.22
H443 MC3 KA . 15.25 -22.55 -36.28
C33 MC3 LA . 7.63 -36.22 -34.53
C34 MC3 LA . 6.88 -36.82 -33.37
C35 MC3 LA . 6.03 -35.84 -32.58
C36 MC3 LA . 5.74 -34.55 -33.29
C37 MC3 LA . 4.82 -33.62 -32.55
C38 MC3 LA . 4.61 -32.29 -33.22
C39 MC3 LA . 5.57 -31.22 -32.78
C40 MC3 LA . 5.09 -29.81 -33.00
C41 MC3 LA . 3.83 -29.46 -32.24
C42 MC3 LA . 3.98 -28.26 -31.34
C43 MC3 LA . 4.67 -27.09 -31.97
C44 MC3 LA . 4.05 -25.77 -31.63
H331 MC3 LA . 6.98 -35.91 -35.20
H332 MC3 LA . 8.12 -35.43 -34.22
H341 MC3 LA . 7.53 -37.23 -32.76
H342 MC3 LA . 6.30 -37.53 -33.70
H351 MC3 LA . 6.50 -35.63 -31.74
H352 MC3 LA . 5.18 -36.28 -32.34
H361 MC3 LA . 5.32 -34.77 -34.16
H362 MC3 LA . 6.58 -34.08 -33.46
H371 MC3 LA . 3.95 -34.06 -32.43
H372 MC3 LA . 5.19 -33.47 -31.65
H381 MC3 LA . 3.69 -31.99 -33.04
H382 MC3 LA . 4.70 -32.42 -34.19
H391 MC3 LA . 6.41 -31.34 -33.26
H392 MC3 LA . 5.75 -31.33 -31.82
H401 MC3 LA . 4.92 -29.69 -33.96
H402 MC3 LA . 5.80 -29.19 -32.75
H411 MC3 LA . 3.57 -30.23 -31.69
H412 MC3 LA . 3.11 -29.28 -32.88
H421 MC3 LA . 4.48 -28.53 -30.55
H422 MC3 LA . 3.08 -27.98 -31.06
H431 MC3 LA . 4.65 -27.21 -32.94
H432 MC3 LA . 5.61 -27.08 -31.69
H441 MC3 LA . 3.17 -25.69 -32.04
H442 MC3 LA . 4.61 -25.04 -31.94
H443 MC3 LA . 3.96 -25.69 -30.66
C37 MC3 MA . 14.51 -38.20 -35.94
C38 MC3 MA . 14.62 -36.71 -36.18
C39 MC3 MA . 13.81 -35.89 -35.22
C40 MC3 MA . 14.64 -34.91 -34.43
C41 MC3 MA . 14.90 -33.61 -35.13
C42 MC3 MA . 15.98 -32.79 -34.50
C43 MC3 MA . 16.75 -31.96 -35.48
C44 MC3 MA . 17.10 -30.59 -34.97
H371 MC3 MA . 13.57 -38.46 -35.99
H372 MC3 MA . 14.83 -38.39 -35.03
H381 MC3 MA . 14.33 -36.52 -37.09
H382 MC3 MA . 15.57 -36.46 -36.10
H391 MC3 MA . 13.34 -36.48 -34.61
H392 MC3 MA . 13.14 -35.39 -35.74
H401 MC3 MA . 15.49 -35.34 -34.22
H402 MC3 MA . 14.17 -34.72 -33.58
H411 MC3 MA . 14.08 -33.09 -35.16
H412 MC3 MA . 15.15 -33.80 -36.06
H421 MC3 MA . 16.61 -33.38 -34.03
H422 MC3 MA . 15.58 -32.19 -33.83
H431 MC3 MA . 16.22 -31.87 -36.30
H432 MC3 MA . 17.58 -32.43 -35.72
H441 MC3 MA . 16.55 -29.92 -35.43
H442 MC3 MA . 18.04 -30.40 -35.14
H443 MC3 MA . 16.93 -30.54 -34.01
C13 DU0 NA . 23.07 -25.03 -23.96
C15 DU0 NA . 25.62 -26.80 -24.98
C17 DU0 NA . 28.14 -32.49 -23.19
C20 DU0 NA . 29.00 -35.22 -23.12
C21 DU0 NA . 29.35 -36.68 -23.22
C22 DU0 NA . 30.80 -36.90 -22.86
C24 DU0 NA . 31.94 -38.77 -21.96
C26 DU0 NA . 32.13 -41.15 -21.19
C01 DU0 NA . 27.59 -30.28 -25.14
C02 DU0 NA . 28.48 -30.07 -23.90
C03 DU0 NA . 28.07 -31.03 -22.77
C04 DU0 NA . 26.76 -30.47 -22.22
C05 DU0 NA . 26.91 -28.98 -22.44
C06 DU0 NA . 28.22 -28.73 -23.20
C07 DU0 NA . 27.91 -27.47 -24.03
C08 DU0 NA . 28.82 -26.29 -23.75
C09 DU0 NA . 26.43 -27.23 -23.78
C11 DU0 NA . 25.00 -25.76 -22.58
C12 DU0 NA . 24.56 -24.91 -23.74
C14 DU0 NA . 25.36 -25.30 -24.97
C18 DU0 NA . 27.66 -33.40 -22.08
C19 DU0 NA . 27.99 -34.82 -22.36
C25 DU0 NA . 32.38 -40.15 -22.32
C27 DU0 NA . 32.73 -42.50 -21.54
C51 DU0 NA . 32.67 -40.67 -19.87
C75 DU0 NA . 31.68 -36.07 -23.74
C76 DU0 NA . 31.35 -34.59 -23.57
C77 DU0 NA . 29.88 -34.26 -23.92
C78 DU0 NA . 29.65 -34.53 -25.40
C79 DU0 NA . 29.60 -32.79 -23.54
C80 DU0 NA . 30.14 -31.81 -24.60
C81 DU0 NA . 29.93 -30.35 -24.24
O10 DU0 NA . 26.33 -26.25 -22.75
O16 DU0 NA . 25.91 -28.45 -23.32
O23 DU0 NA . 31.12 -38.28 -23.01
O28 DU0 NA . 32.18 -43.53 -20.73
O52 DU0 NA . 32.60 -41.68 -18.88
H1 DU0 NA . 22.79 -24.45 -24.69
H2 DU0 NA . 22.59 -24.80 -23.15
H3 DU0 NA . 22.85 -25.96 -24.20
H4 DU0 NA . 26.11 -27.04 -25.78
H5 DU0 NA . 24.77 -27.28 -24.97
H6 DU0 NA . 27.58 -32.62 -24.00
H7 DU0 NA . 28.78 -37.19 -22.61
H8 DU0 NA . 29.19 -37.00 -24.13
H9 DU0 NA . 30.95 -36.64 -21.91
H10 DU0 NA . 32.71 -38.19 -21.85
H11 DU0 NA . 31.43 -38.78 -21.13
H12 DU0 NA . 31.15 -41.27 -21.10
H13 DU0 NA . 27.75 -31.16 -25.51
H14 DU0 NA . 27.81 -29.60 -25.80
H15 DU0 NA . 26.66 -30.20 -24.88
H16 DU0 NA . 28.75 -30.91 -22.06
H17 DU0 NA . 26.66 -30.69 -21.27
H18 DU0 NA . 26.00 -30.83 -22.71
H19 DU0 NA . 26.92 -28.49 -21.58
H20 DU0 NA . 28.95 -28.53 -22.57
H21 DU0 NA . 28.01 -27.71 -24.99
H22 DU0 NA . 28.96 -26.20 -22.80
H23 DU0 NA . 28.42 -25.48 -24.11
H24 DU0 NA . 29.69 -26.43 -24.18
H25 DU0 NA . 24.39 -26.51 -22.48
H26 DU0 NA . 24.96 -25.23 -21.76
H27 DU0 NA . 24.76 -23.96 -23.53
H28 DU0 NA . 24.88 -25.06 -25.79
H29 DU0 NA . 26.22 -24.82 -24.98
H30 DU0 NA . 26.69 -33.31 -21.98
H31 DU0 NA . 28.08 -33.12 -21.23
H32 DU0 NA . 27.45 -35.48 -21.97
H33 DU0 NA . 33.33 -40.14 -22.53
H34 DU0 NA . 31.89 -40.44 -23.11
H35 DU0 NA . 33.70 -42.47 -21.41
H36 DU0 NA . 32.55 -42.71 -22.48
H37 DU0 NA . 32.17 -39.88 -19.57
H38 DU0 NA . 33.61 -40.40 -19.98
H39 DU0 NA . 31.55 -36.33 -24.67
H40 DU0 NA . 32.62 -36.21 -23.50
H41 DU0 NA . 31.93 -34.06 -24.14
H42 DU0 NA . 31.52 -34.32 -22.64
H43 DU0 NA . 30.39 -34.17 -25.92
H44 DU0 NA . 28.82 -34.10 -25.68
H45 DU0 NA . 29.59 -35.49 -25.57
H46 DU0 NA . 30.12 -32.61 -22.72
H47 DU0 NA . 29.70 -32.00 -25.45
H48 DU0 NA . 31.10 -31.98 -24.73
H49 DU0 NA . 30.50 -30.12 -23.47
H50 DU0 NA . 30.20 -29.79 -25.00
H51 DU0 NA . 31.33 -43.47 -20.74
H52 DU0 NA . 31.87 -42.09 -18.97
C1 MC3 OA . 23.92 -8.09 -28.86
C2 MC3 OA . 23.24 -7.85 -27.53
C3 MC3 OA . 22.53 -9.06 -26.97
C11 MC3 OA . 23.31 -11.11 -26.14
C12 MC3 OA . 21.97 -11.76 -26.03
C13 MC3 OA . 22.06 -13.20 -25.70
C14 MC3 OA . 20.70 -13.86 -25.56
C15 MC3 OA . 20.12 -13.74 -24.18
C16 MC3 OA . 18.63 -13.57 -24.17
C17 MC3 OA . 17.88 -14.88 -24.28
C18 MC3 OA . 18.31 -15.73 -25.41
C19 MC3 OA . 17.34 -16.81 -25.76
C20 MC3 OA . 17.80 -18.19 -25.45
C21 MC3 OA . 17.90 -18.50 -23.99
C22 MC3 OA . 18.99 -19.45 -23.64
C23 MC3 OA . 19.23 -19.61 -22.17
C24 MC3 OA . 19.63 -18.33 -21.49
C31 MC3 OA . 25.26 -8.13 -26.22
C32 MC3 OA . 26.02 -7.58 -25.05
C33 MC3 OA . 26.94 -8.57 -24.40
C34 MC3 OA . 26.44 -9.05 -23.05
C35 MC3 OA . 26.70 -10.52 -22.79
C36 MC3 OA . 26.66 -10.90 -21.34
C37 MC3 OA . 26.74 -12.39 -21.10
C38 MC3 OA . 25.90 -12.88 -19.94
C39 MC3 OA . 26.14 -14.32 -19.56
C40 MC3 OA . 24.88 -15.12 -19.36
C41 MC3 OA . 24.20 -14.88 -18.03
C42 MC3 OA . 23.59 -16.11 -17.42
C43 MC3 OA . 24.57 -17.12 -16.92
C44 MC3 OA . 23.92 -18.38 -16.43
O2 MC3 OA . 24.20 -7.36 -26.55
O3 MC3 OA . 23.34 -10.23 -27.15
O11 MC3 OA . 24.24 -11.32 -25.42
O31 MC3 OA . 25.55 -9.13 -26.83
O1P MC3 OA . 25.89 -5.10 -30.03
O2P MC3 OA . 23.48 -5.32 -29.07
O3P MC3 OA . 25.11 -7.25 -28.98
O4P MC3 OA . 25.50 -5.22 -27.56
P MC3 OA . 24.95 -5.65 -28.99
H11 MC3 OA . 23.30 -7.89 -29.58
H12 MC3 OA . 24.19 -9.03 -28.93
H2 MC3 OA . 22.57 -7.14 -27.67
H31 MC3 OA . 21.67 -9.19 -27.42
H32 MC3 OA . 22.35 -8.93 -26.01
H121 MC3 OA . 21.45 -11.32 -25.34
H122 MC3 OA . 21.49 -11.66 -26.88
H131 MC3 OA . 22.56 -13.32 -24.88
H132 MC3 OA . 22.56 -13.67 -26.41
H141 MC3 OA . 20.09 -13.44 -26.21
H142 MC3 OA . 20.78 -14.81 -25.80
H151 MC3 OA . 20.36 -14.54 -23.67
H152 MC3 OA . 20.53 -12.96 -23.74
H161 MC3 OA . 18.38 -13.13 -23.33
H162 MC3 OA . 18.37 -12.99 -24.91
H171 MC3 OA . 17.99 -15.37 -23.44
H172 MC3 OA . 16.93 -14.67 -24.38
H181 MC3 OA . 19.17 -16.15 -25.19
H182 MC3 OA . 18.45 -15.17 -26.20
H191 MC3 OA . 17.13 -16.75 -26.71
H192 MC3 OA . 16.50 -16.64 -25.27
H201 MC3 OA . 18.70 -18.32 -25.85
H202 MC3 OA . 17.21 -18.83 -25.87
H211 MC3 OA . 18.04 -17.66 -23.50
H212 MC3 OA . 17.04 -18.87 -23.69
H221 MC3 OA . 18.78 -20.33 -24.02
H222 MC3 OA . 19.82 -19.15 -24.06
H231 MC3 OA . 18.41 -19.95 -21.76
H232 MC3 OA . 19.93 -20.28 -22.04
H241 MC3 OA . 18.84 -17.87 -21.15
H242 MC3 OA . 20.22 -18.52 -20.75
H243 MC3 OA . 20.08 -17.75 -22.13
H321 MC3 OA . 26.54 -6.80 -25.34
H322 MC3 OA . 25.37 -7.27 -24.38
H331 MC3 OA . 27.05 -9.33 -24.99
H332 MC3 OA . 27.83 -8.14 -24.27
H341 MC3 OA . 25.47 -8.90 -23.00
H342 MC3 OA . 26.86 -8.53 -22.34
H351 MC3 OA . 27.59 -10.74 -23.14
H352 MC3 OA . 26.04 -11.05 -23.27
H361 MC3 OA . 25.83 -10.55 -20.94
H362 MC3 OA . 27.41 -10.47 -20.87
H371 MC3 OA . 27.67 -12.64 -20.94
H372 MC3 OA . 26.44 -12.85 -21.91
H381 MC3 OA . 26.08 -12.30 -19.16
H382 MC3 OA . 24.95 -12.77 -20.17
H391 MC3 OA . 26.67 -14.34 -18.73
H392 MC3 OA . 26.68 -14.74 -20.26
H401 MC3 OA . 25.10 -16.08 -19.43
H402 MC3 OA . 24.25 -14.91 -20.08
H411 MC3 OA . 23.50 -14.20 -18.15
H412 MC3 OA . 24.87 -14.51 -17.40
H421 MC3 OA . 23.01 -16.53 -18.09
H422 MC3 OA . 23.02 -15.82 -16.67
H431 MC3 OA . 25.09 -16.72 -16.20
H432 MC3 OA . 25.19 -17.34 -17.65
H441 MC3 OA . 23.31 -18.17 -15.71
H442 MC3 OA . 24.60 -18.99 -16.11
H443 MC3 OA . 23.43 -18.80 -17.16
CL CL PA . -5.43 27.67 3.54
CA CA QA . -19.70 -8.92 10.66
C1 MC3 RA . -23.90 -21.93 23.70
C2 MC3 RA . -23.17 -23.25 23.57
C3 MC3 RA . -23.80 -24.20 22.60
C11 MC3 RA . -25.82 -25.41 22.36
C12 MC3 RA . -25.60 -26.79 22.89
C13 MC3 RA . -24.87 -27.69 21.94
C14 MC3 RA . -23.38 -27.55 22.03
C15 MC3 RA . -22.61 -28.83 21.85
C16 MC3 RA . -22.82 -29.49 20.52
C17 MC3 RA . -23.20 -30.95 20.61
C18 MC3 RA . -22.05 -31.90 20.41
C19 MC3 RA . -20.90 -31.69 21.38
C20 MC3 RA . -19.76 -32.65 21.19
C21 MC3 RA . -19.30 -32.77 19.77
C22 MC3 RA . -17.81 -32.97 19.61
C23 MC3 RA . -17.32 -34.29 20.13
C24 MC3 RA . -16.10 -34.79 19.41
C31 MC3 RA . -20.93 -23.97 23.18
C32 MC3 RA . -20.73 -24.61 21.84
C33 MC3 RA . -20.58 -26.09 21.93
C34 MC3 RA . -19.15 -26.52 22.15
C35 MC3 RA . -18.57 -27.32 21.02
C36 MC3 RA . -19.35 -28.57 20.70
C37 MC3 RA . -18.61 -29.55 19.82
C38 MC3 RA . -17.41 -28.98 19.10
C39 MC3 RA . -16.73 -29.94 18.17
C40 MC3 RA . -15.27 -30.15 18.46
C41 MC3 RA . -14.85 -31.59 18.53
C42 MC3 RA . -15.02 -32.33 17.23
C43 MC3 RA . -13.79 -33.03 16.76
C44 MC3 RA . -13.44 -34.24 17.60
O2 MC3 RA . -21.81 -22.97 23.15
O3 MC3 RA . -25.14 -24.49 23.06
O11 MC3 RA . -26.51 -25.13 21.41
O31 MC3 RA . -20.37 -24.31 24.20
O1P MC3 RA . -26.12 -22.28 21.44
O2P MC3 RA . -26.15 -20.03 22.74
O3P MC3 RA . -24.01 -21.31 22.40
O4P MC3 RA . -25.14 -20.17 20.45
P MC3 RA . -25.46 -20.97 21.80
H11 MC3 RA . -23.43 -21.34 24.31
H12 MC3 RA . -24.80 -22.09 24.06
H2 MC3 RA . -23.14 -23.67 24.47
H31 MC3 RA . -23.29 -25.04 22.56
H32 MC3 RA . -23.85 -23.81 21.70
H121 MC3 RA . -26.46 -27.18 23.12
H122 MC3 RA . -25.08 -26.73 23.73
H131 MC3 RA . -25.17 -27.48 21.03
H132 MC3 RA . -25.12 -28.62 22.12
H141 MC3 RA . -23.14 -27.16 22.90
H142 MC3 RA . -23.08 -26.91 21.34
H151 MC3 RA . -22.88 -29.45 22.57
H152 MC3 RA . -21.65 -28.65 21.97
H161 MC3 RA . -21.99 -29.42 20.00
H162 MC3 RA . -23.52 -29.02 20.04
H171 MC3 RA . -23.88 -31.14 19.93
H172 MC3 RA . -23.60 -31.12 21.49
H181 MC3 RA . -21.70 -31.79 19.50
H182 MC3 RA . -22.37 -32.81 20.51
H191 MC3 RA . -21.25 -31.79 22.30
H192 MC3 RA . -20.57 -30.78 21.28
H201 MC3 RA . -20.03 -33.53 21.51
H202 MC3 RA . -19.01 -32.35 21.74
H211 MC3 RA . -19.56 -31.96 19.28
H212 MC3 RA . -19.76 -33.52 19.35
H221 MC3 RA . -17.35 -32.24 20.07
H222 MC3 RA . -17.59 -32.91 18.66
H231 MC3 RA . -18.04 -34.95 20.05
H232 MC3 RA . -17.12 -34.19 21.09
H241 MC3 RA . -16.27 -34.83 18.46
H242 MC3 RA . -15.86 -35.68 19.75
H243 MC3 RA . -15.35 -34.18 19.59
H321 MC3 RA . -19.93 -24.23 21.41
H322 MC3 RA . -21.50 -24.40 21.28
H331 MC3 RA . -20.91 -26.49 21.09
H332 MC3 RA . -21.14 -26.43 22.66
H341 MC3 RA . -19.11 -27.06 22.97
H342 MC3 RA . -18.60 -25.72 22.29
H351 MC3 RA . -17.65 -27.55 21.25
H352 MC3 RA . -18.55 -26.75 20.23
H361 MC3 RA . -20.17 -28.31 20.26
H362 MC3 RA . -19.57 -29.02 21.54
H371 MC3 RA . -19.24 -29.90 19.14
H372 MC3 RA . -18.31 -30.30 20.37
H381 MC3 RA . -16.77 -28.68 19.77
H382 MC3 RA . -17.70 -28.19 18.58
H391 MC3 RA . -16.82 -29.61 17.25
H392 MC3 RA . -17.18 -30.80 18.22
H401 MC3 RA . -15.05 -29.72 19.32
H402 MC3 RA . -14.74 -29.69 17.77
H411 MC3 RA . -15.36 -32.03 19.22
H412 MC3 RA . -13.90 -31.63 18.79
H421 MC3 RA . -15.31 -31.69 16.53
H422 MC3 RA . -15.75 -32.99 17.34
H431 MC3 RA . -13.03 -32.40 16.79
H432 MC3 RA . -13.91 -33.32 15.83
H441 MC3 RA . -13.41 -33.99 18.54
H442 MC3 RA . -12.58 -34.59 17.32
H443 MC3 RA . -14.12 -34.93 17.47
C1 MC3 SA . -17.11 -16.38 28.49
C2 MC3 SA . -17.03 -17.87 28.68
C3 MC3 SA . -17.66 -18.67 27.56
C11 MC3 SA . -19.20 -20.41 27.27
C12 MC3 SA . -18.46 -21.71 27.33
C13 MC3 SA . -17.35 -21.80 26.34
C14 MC3 SA . -17.52 -22.95 25.37
C15 MC3 SA . -16.24 -23.64 25.00
C16 MC3 SA . -16.39 -24.73 23.97
C17 MC3 SA . -15.10 -25.09 23.28
C18 MC3 SA . -15.27 -25.98 22.07
C19 MC3 SA . -15.81 -25.25 20.86
C20 MC3 SA . -15.87 -26.08 19.61
C21 MC3 SA . -14.72 -27.04 19.42
C22 MC3 SA . -13.37 -26.38 19.30
C23 MC3 SA . -12.24 -27.26 19.73
C24 MC3 SA . -12.27 -28.63 19.08
C31 MC3 SA . -15.34 -19.56 28.96
C32 MC3 SA . -14.05 -19.94 28.32
C33 MC3 SA . -14.18 -20.23 26.86
C34 MC3 SA . -13.65 -21.59 26.47
C35 MC3 SA . -13.01 -21.64 25.12
C36 MC3 SA . -11.79 -22.51 25.05
C37 MC3 SA . -12.05 -23.88 24.49
C38 MC3 SA . -11.96 -23.95 23.00
C39 MC3 SA . -11.79 -25.34 22.45
C40 MC3 SA . -10.46 -25.59 21.79
C41 MC3 SA . -9.26 -25.21 22.63
C42 MC3 SA . -8.01 -24.95 21.81
C43 MC3 SA . -7.61 -26.07 20.89
C44 MC3 SA . -8.36 -26.09 19.58
O2 MC3 SA . -15.64 -18.25 28.81
O3 MC3 SA . -18.69 -19.51 28.10
O11 MC3 SA . -20.14 -20.19 26.55
O31 MC3 SA . -16.06 -20.31 29.56
O1P MC3 SA . -14.37 -14.83 26.21
O2P MC3 SA . -14.09 -16.12 28.45
O3P MC3 SA . -16.33 -15.98 27.33
O4P MC3 SA . -15.33 -13.94 28.37
P MC3 SA . -14.92 -15.25 27.55
H11 MC3 SA . -16.77 -15.93 29.28
H12 MC3 SA . -18.04 -16.12 28.36
H2 MC3 SA . -17.50 -18.11 29.52
H31 MC3 SA . -16.99 -19.22 27.11
H32 MC3 SA . -18.06 -18.05 26.91
H121 MC3 SA . -19.09 -22.44 27.18
H122 MC3 SA . -18.08 -21.81 28.23
H131 MC3 SA . -16.50 -21.92 26.81
H132 MC3 SA . -17.30 -20.96 25.83
H141 MC3 SA . -17.95 -22.61 24.55
H142 MC3 SA . -18.12 -23.61 25.76
H151 MC3 SA . -15.84 -24.02 25.81
H152 MC3 SA . -15.61 -22.97 24.66
H161 MC3 SA . -17.03 -24.44 23.29
H162 MC3 SA . -16.75 -25.53 24.40
H171 MC3 SA . -14.51 -25.54 23.92
H172 MC3 SA . -14.65 -24.27 22.99
H181 MC3 SA . -15.89 -26.71 22.30
H182 MC3 SA . -14.41 -26.38 21.85
H191 MC3 SA . -15.25 -24.47 20.69
H192 MC3 SA . -16.71 -24.94 21.07
H201 MC3 SA . -15.88 -25.47 18.84
H202 MC3 SA . -16.70 -26.59 19.60
H211 MC3 SA . -14.88 -27.58 18.62
H212 MC3 SA . -14.70 -27.66 20.19
H221 MC3 SA . -13.37 -25.57 19.84
H222 MC3 SA . -13.23 -26.12 18.37
H231 MC3 SA . -12.29 -27.38 20.71
H232 MC3 SA . -11.39 -26.82 19.51
H241 MC3 SA . -11.36 -28.94 18.95
H242 MC3 SA . -12.73 -28.57 18.23
H243 MC3 SA . -12.75 -29.25 19.66
H321 MC3 SA . -13.69 -20.74 28.76
H322 MC3 SA . -13.40 -19.22 28.44
H331 MC3 SA . -13.70 -19.54 26.35
H332 MC3 SA . -15.13 -20.17 26.61
H341 MC3 SA . -14.39 -22.23 26.50
H342 MC3 SA . -13.00 -21.88 27.15
H351 MC3 SA . -12.77 -20.73 24.86
H352 MC3 SA . -13.67 -21.98 24.47
H361 MC3 SA . -11.43 -22.62 25.95
H362 MC3 SA . -11.11 -22.07 24.50
H371 MC3 SA . -12.94 -24.17 24.76
H372 MC3 SA . -11.40 -24.51 24.87
H381 MC3 SA . -11.20 -23.41 22.69
H382 MC3 SA . -12.77 -23.56 22.60
H391 MC3 SA . -12.50 -25.51 21.80
H392 MC3 SA . -11.90 -25.98 23.19
H401 MC3 SA . -10.42 -25.10 20.95
H402 MC3 SA . -10.39 -26.55 21.58
H411 MC3 SA . -9.07 -25.93 23.26
H412 MC3 SA . -9.46 -24.40 23.13
H421 MC3 SA . -7.27 -24.77 22.42
H422 MC3 SA . -8.15 -24.14 21.27
H431 MC3 SA . -7.77 -26.93 21.35
H432 MC3 SA . -6.65 -26.00 20.70
H441 MC3 SA . -9.13 -26.67 19.65
H442 MC3 SA . -7.77 -26.41 18.88
H443 MC3 SA . -8.67 -25.19 19.37
C31 MC3 TA . -19.64 -48.97 -10.25
C32 MC3 TA . -19.69 -47.47 -10.33
C33 MC3 TA . -20.04 -46.81 -9.04
C34 MC3 TA . -20.56 -45.39 -9.22
C35 MC3 TA . -19.54 -44.32 -8.97
C36 MC3 TA . -19.80 -43.54 -7.71
C37 MC3 TA . -18.73 -42.55 -7.39
C38 MC3 TA . -19.02 -41.17 -7.86
C39 MC3 TA . -19.60 -40.26 -6.81
C40 MC3 TA . -18.58 -39.62 -5.91
C41 MC3 TA . -17.49 -38.91 -6.64
C42 MC3 TA . -16.70 -37.94 -5.78
C43 MC3 TA . -17.31 -36.56 -5.64
C44 MC3 TA . -16.39 -35.56 -4.98
H321 MC3 TA . -18.82 -47.14 -10.63
H322 MC3 TA . -20.35 -47.21 -11.00
H331 MC3 TA . -19.25 -46.78 -8.46
H332 MC3 TA . -20.72 -47.34 -8.57
H341 MC3 TA . -21.32 -45.26 -8.62
H342 MC3 TA . -20.87 -45.30 -10.15
H351 MC3 TA . -19.54 -43.70 -9.72
H352 MC3 TA . -18.66 -44.73 -8.89
H361 MC3 TA . -19.89 -44.16 -6.96
H362 MC3 TA . -20.66 -43.07 -7.80
H371 MC3 TA . -18.61 -42.51 -6.41
H372 MC3 TA . -17.89 -42.86 -7.78
H381 MC3 TA . -19.65 -41.22 -8.61
H382 MC3 TA . -18.19 -40.77 -8.20
H391 MC3 TA . -20.22 -40.80 -6.26
H392 MC3 TA . -20.12 -39.57 -7.25
H401 MC3 TA . -18.18 -40.31 -5.35
H402 MC3 TA . -19.05 -38.99 -5.33
H411 MC3 TA . -17.89 -38.40 -7.39
H412 MC3 TA . -16.88 -39.56 -7.02
H421 MC3 TA . -15.81 -37.85 -6.16
H422 MC3 TA . -16.61 -38.33 -4.89
H431 MC3 TA . -17.54 -36.24 -6.54
H432 MC3 TA . -18.13 -36.64 -5.12
H441 MC3 TA . -16.63 -35.48 -4.05
H442 MC3 TA . -16.48 -34.70 -5.42
H443 MC3 TA . -15.46 -35.87 -5.07
C31 MC3 UA . -25.57 -49.95 -1.64
C32 MC3 UA . -24.73 -49.53 -0.48
C33 MC3 UA . -25.52 -48.97 0.65
C34 MC3 UA . -26.14 -47.62 0.30
C35 MC3 UA . -25.13 -46.57 -0.01
C36 MC3 UA . -24.11 -46.37 1.07
C37 MC3 UA . -24.70 -46.25 2.45
C38 MC3 UA . -25.80 -45.24 2.55
C39 MC3 UA . -25.44 -43.88 2.01
C40 MC3 UA . -24.17 -43.31 2.56
C41 MC3 UA . -24.16 -43.17 4.05
C42 MC3 UA . -24.15 -41.74 4.51
C43 MC3 UA . -22.84 -41.05 4.31
C44 MC3 UA . -22.96 -39.55 4.33
H321 MC3 UA . -24.08 -48.87 -0.77
H322 MC3 UA . -24.23 -50.31 -0.15
H331 MC3 UA . -24.95 -48.86 1.44
H332 MC3 UA . -26.24 -49.59 0.90
H341 MC3 UA . -26.69 -47.34 1.05
H342 MC3 UA . -26.72 -47.74 -0.48
H351 MC3 UA . -25.61 -45.72 -0.15
H352 MC3 UA . -24.67 -46.79 -0.84
H361 MC3 UA . -23.59 -45.55 0.88
H362 MC3 UA . -23.48 -47.13 1.06
H371 MC3 UA . -25.04 -47.12 2.73
H372 MC3 UA . -23.99 -46.00 3.08
H381 MC3 UA . -26.05 -45.14 3.49
H382 MC3 UA . -26.58 -45.58 2.07
H391 MC3 UA . -26.18 -43.26 2.21
H392 MC3 UA . -25.36 -43.95 1.03
H401 MC3 UA . -24.01 -42.43 2.16
H402 MC3 UA . -23.43 -43.89 2.29
H411 MC3 UA . -23.37 -43.62 4.41
H412 MC3 UA . -24.96 -43.61 4.42
H421 MC3 UA . -24.38 -41.73 5.47
H422 MC3 UA . -24.85 -41.25 4.03
H431 MC3 UA . -22.47 -41.34 3.44
H432 MC3 UA . -22.22 -41.34 5.02
H441 MC3 UA . -23.07 -39.22 3.41
H442 MC3 UA . -22.16 -39.17 4.72
H443 MC3 UA . -23.74 -39.29 4.86
C33 MC3 VA . -25.21 -52.53 11.23
C34 MC3 VA . -24.62 -51.18 11.61
C35 MC3 VA . -25.25 -50.00 10.90
C36 MC3 VA . -25.21 -48.73 11.68
C37 MC3 VA . -24.52 -47.60 10.97
C38 MC3 VA . -25.34 -46.99 9.87
C39 MC3 VA . -24.55 -46.20 8.87
C40 MC3 VA . -24.38 -44.75 9.22
C41 MC3 VA . -25.36 -43.84 8.55
C42 MC3 VA . -26.05 -42.88 9.47
C43 MC3 VA . -26.69 -41.71 8.78
C44 MC3 VA . -26.92 -40.53 9.69
H331 MC3 VA . -26.18 -52.43 11.13
H332 MC3 VA . -24.85 -52.78 10.35
H341 MC3 VA . -23.66 -51.19 11.43
H342 MC3 VA . -24.74 -51.05 12.58
H351 MC3 VA . -26.19 -50.23 10.70
H352 MC3 VA . -24.78 -49.88 10.05
H361 MC3 VA . -24.75 -48.89 12.52
H362 MC3 VA . -26.13 -48.45 11.88
H371 MC3 VA . -24.29 -46.91 11.62
H372 MC3 VA . -23.69 -47.94 10.58
H381 MC3 VA . -26.01 -46.39 10.28
H382 MC3 VA . -25.83 -47.69 9.41
H391 MC3 VA . -24.98 -46.26 8.00
H392 MC3 VA . -23.66 -46.61 8.78
H401 MC3 VA . -23.47 -44.47 8.99
H402 MC3 VA . -24.48 -44.65 10.19
H411 MC3 VA . -26.04 -44.39 8.09
H412 MC3 VA . -24.88 -43.33 7.85
H421 MC3 VA . -25.39 -42.54 10.12
H422 MC3 VA . -26.73 -43.36 9.98
H431 MC3 VA . -27.55 -42.00 8.39
H432 MC3 VA . -26.11 -41.43 8.04
H441 MC3 VA . -26.09 -40.29 10.13
H442 MC3 VA . -27.58 -40.78 10.37
H443 MC3 VA . -27.26 -39.79 9.18
C31 MC3 WA . -20.97 -52.71 14.77
C32 MC3 WA . -21.52 -51.36 15.09
C33 MC3 WA . -22.57 -50.90 14.14
C34 MC3 WA . -22.35 -49.48 13.67
C35 MC3 WA . -22.91 -48.43 14.59
C36 MC3 WA . -22.57 -47.02 14.21
C37 MC3 WA . -21.32 -46.49 14.84
C38 MC3 WA . -21.36 -45.01 15.11
C39 MC3 WA . -22.09 -44.20 14.09
C40 MC3 WA . -21.76 -42.74 14.08
C41 MC3 WA . -21.88 -42.08 12.74
C42 MC3 WA . -22.94 -41.01 12.67
C43 MC3 WA . -22.48 -39.66 13.14
C44 MC3 WA . -21.86 -39.68 14.51
H321 MC3 WA . -20.78 -50.70 15.09
H322 MC3 WA . -21.90 -51.37 15.99
H331 MC3 WA . -23.45 -50.95 14.56
H332 MC3 WA . -22.57 -51.49 13.36
H341 MC3 WA . -22.75 -49.36 12.79
H342 MC3 WA . -21.38 -49.33 13.57
H351 MC3 WA . -22.57 -48.61 15.50
H352 MC3 WA . -23.89 -48.54 14.62
H361 MC3 WA . -23.32 -46.45 14.46
H362 MC3 WA . -22.49 -46.98 13.22
H371 MC3 WA . -21.16 -46.97 15.67
H372 MC3 WA . -20.56 -46.69 14.24
H381 MC3 WA . -20.43 -44.68 15.17
H382 MC3 WA . -21.77 -44.86 15.99
H391 MC3 WA . -23.05 -44.31 14.24
H392 MC3 WA . -21.89 -44.57 13.19
H401 MC3 WA . -20.83 -42.63 14.40
H402 MC3 WA . -22.35 -42.28 14.71
H411 MC3 WA . -22.08 -42.76 12.07
H412 MC3 WA . -21.02 -41.67 12.50
H421 MC3 WA . -23.71 -41.29 13.23
H422 MC3 WA . -23.26 -40.93 11.75
H431 MC3 WA . -23.24 -39.05 13.14
H432 MC3 WA . -21.82 -39.31 12.50
H441 MC3 WA . -22.45 -40.15 15.12
H442 MC3 WA . -21.73 -38.76 14.82
H443 MC3 WA . -20.99 -40.13 14.47
C31 MC3 XA . -28.10 -23.20 13.05
C32 MC3 XA . -27.64 -24.53 12.54
C33 MC3 XA . -26.41 -25.04 13.21
C34 MC3 XA . -26.10 -26.48 12.87
C35 MC3 XA . -25.42 -27.24 13.98
C36 MC3 XA . -24.54 -28.36 13.50
C37 MC3 XA . -24.44 -29.53 14.44
C38 MC3 XA . -23.74 -30.74 13.85
C39 MC3 XA . -24.20 -32.05 14.43
C40 MC3 XA . -23.62 -33.25 13.74
C41 MC3 XA . -23.22 -34.37 14.67
C42 MC3 XA . -21.79 -34.31 15.12
C43 MC3 XA . -20.95 -35.51 14.77
C44 MC3 XA . -20.51 -36.31 15.97
H321 MC3 XA . -27.47 -24.47 11.57
H322 MC3 XA . -28.36 -25.19 12.67
H331 MC3 XA . -26.52 -24.95 14.18
H332 MC3 XA . -25.65 -24.48 12.95
H341 MC3 XA . -25.52 -26.50 12.08
H342 MC3 XA . -26.94 -26.94 12.64
H351 MC3 XA . -26.11 -27.63 14.57
H352 MC3 XA . -24.89 -26.62 14.52
H361 MC3 XA . -23.63 -28.00 13.35
H362 MC3 XA . -24.88 -28.68 12.64
H371 MC3 XA . -23.95 -29.25 15.25
H372 MC3 XA . -25.34 -29.78 14.72
H381 MC3 XA . -22.78 -30.65 14.00
H382 MC3 XA . -23.91 -30.75 12.89
H391 MC3 XA . -25.18 -32.09 14.37
H392 MC3 XA . -23.96 -32.08 15.37
H401 MC3 XA . -22.84 -32.97 13.23
H402 MC3 XA . -24.28 -33.60 13.10
H411 MC3 XA . -23.38 -35.23 14.22
H412 MC3 XA . -23.80 -34.34 15.46
H421 MC3 XA . -21.76 -34.17 16.09
H422 MC3 XA . -21.37 -33.52 14.71
H431 MC3 XA . -20.15 -35.21 14.28
H432 MC3 XA . -21.46 -36.09 14.18
H441 MC3 XA . -19.85 -35.80 16.47
H442 MC3 XA . -20.13 -37.15 15.68
H443 MC3 XA . -21.28 -36.48 16.55
C33 MC3 YA . -9.08 -46.27 18.42
C34 MC3 YA . -7.65 -46.23 17.90
C35 MC3 YA . -7.01 -44.86 17.91
C36 MC3 YA . -7.70 -43.85 18.80
C37 MC3 YA . -7.00 -42.51 18.87
C38 MC3 YA . -7.75 -41.48 19.67
C39 MC3 YA . -8.68 -40.61 18.84
C40 MC3 YA . -9.01 -39.29 19.46
C41 MC3 YA . -7.83 -38.38 19.68
C42 MC3 YA . -7.94 -37.04 19.01
C43 MC3 YA . -9.27 -36.37 19.21
C44 MC3 YA . -9.17 -34.89 19.46
H331 MC3 YA . -9.08 -46.04 19.37
H332 MC3 YA . -9.61 -45.58 17.95
H341 MC3 YA . -7.65 -46.57 16.99
H342 MC3 YA . -7.10 -46.83 18.45
H351 MC3 YA . -7.01 -44.52 16.99
H352 MC3 YA . -6.08 -44.95 18.20
H361 MC3 YA . -7.77 -44.22 19.70
H362 MC3 YA . -8.61 -43.70 18.46
H371 MC3 YA . -6.12 -42.65 19.27
H372 MC3 YA . -6.88 -42.18 17.96
H381 MC3 YA . -7.10 -40.91 20.12
H382 MC3 YA . -8.29 -41.94 20.35
H391 MC3 YA . -9.51 -41.10 18.68
H392 MC3 YA . -8.25 -40.45 17.97
H401 MC3 YA . -9.44 -39.45 20.33
H402 MC3 YA . -9.66 -38.83 18.89
H411 MC3 YA . -7.02 -38.83 19.33
H412 MC3 YA . -7.69 -38.24 20.64
H421 MC3 YA . -7.78 -37.15 18.06
H422 MC3 YA . -7.24 -36.45 19.37
H431 MC3 YA . -9.73 -36.79 19.97
H432 MC3 YA . -9.82 -36.52 18.41
H441 MC3 YA . -8.77 -34.73 20.33
H442 MC3 YA . -10.06 -34.49 19.45
H443 MC3 YA . -8.62 -34.48 18.77
C37 MC3 ZA . -14.13 -50.35 15.06
C38 MC3 ZA . -14.94 -49.11 15.35
C39 MC3 ZA . -14.18 -47.83 15.18
C40 MC3 ZA . -14.76 -46.90 14.17
C41 MC3 ZA . -15.87 -46.03 14.69
C42 MC3 ZA . -16.68 -45.36 13.61
C43 MC3 ZA . -18.11 -45.13 14.00
C44 MC3 ZA . -18.66 -43.82 13.53
H371 MC3 ZA . -13.34 -50.35 15.66
H372 MC3 ZA . -13.80 -50.30 14.14
H381 MC3 ZA . -15.29 -49.16 16.26
H382 MC3 ZA . -15.70 -49.10 14.73
H391 MC3 ZA . -13.26 -48.04 14.94
H392 MC3 ZA . -14.15 -47.37 16.06
H401 MC3 ZA . -15.11 -47.44 13.42
H402 MC3 ZA . -14.05 -46.33 13.82
H411 MC3 ZA . -15.48 -45.34 15.27
H412 MC3 ZA . -16.47 -46.57 15.24
H421 MC3 ZA . -16.64 -45.90 12.80
H422 MC3 ZA . -16.27 -44.49 13.40
H431 MC3 ZA . -18.18 -45.18 14.98
H432 MC3 ZA . -18.66 -45.86 13.61
H441 MC3 ZA . -18.77 -43.22 14.29
H442 MC3 ZA . -19.52 -43.95 13.10
H443 MC3 ZA . -18.05 -43.41 12.90
C13 DU0 AB . -19.54 -36.70 1.85
C15 DU0 AB . -21.26 -39.32 0.88
C17 DU0 AB . -19.84 -44.55 -2.67
C20 DU0 AB . -19.32 -47.22 -3.54
C21 DU0 AB . -19.03 -48.67 -3.84
C22 DU0 AB . -19.83 -49.13 -5.04
C24 DU0 AB . -19.43 -50.83 -6.63
C26 DU0 AB . -18.19 -52.79 -7.60
C01 DU0 AB . -21.37 -43.04 -0.58
C02 DU0 AB . -21.45 -42.68 -2.07
C03 DU0 AB . -20.17 -43.07 -2.80
C04 DU0 AB . -19.12 -42.03 -2.36
C05 DU0 AB . -19.97 -40.79 -2.12
C06 DU0 AB . -21.46 -41.15 -2.30
C07 DU0 AB . -22.18 -40.22 -1.33
C08 DU0 AB . -23.20 -39.30 -1.99
C09 DU0 AB . -21.04 -39.52 -0.60
C11 DU0 AB . -19.95 -37.42 -0.50
C12 DU0 AB . -20.58 -36.91 0.78
C14 DU0 AB . -21.67 -37.89 1.19
C18 DU0 AB . -18.53 -44.87 -3.33
C19 DU0 AB . -18.33 -46.35 -3.48
C25 DU0 AB . -19.38 -52.31 -6.77
C27 DU0 AB . -18.26 -54.28 -7.85
C51 DU0 AB . -18.09 -52.05 -8.93
C75 DU0 AB . -21.29 -48.90 -4.80
C76 DU0 AB . -21.55 -47.41 -4.57
C77 DU0 AB . -20.78 -46.85 -3.36
C78 DU0 AB . -21.29 -47.53 -2.08
C79 DU0 AB . -20.99 -45.32 -3.32
C80 DU0 AB . -22.35 -44.93 -2.73
C81 DU0 AB . -22.61 -43.43 -2.73
O10 DU0 AB . -20.82 -38.27 -1.24
O16 DU0 AB . -19.90 -40.35 -0.77
O23 DU0 AB . -19.58 -50.51 -5.26
O28 DU0 AB . -17.01 -54.80 -8.25
O52 DU0 AB . -17.10 -52.62 -9.75
H1 DU0 AB . -19.95 -36.34 2.65
H2 DU0 AB . -18.85 -36.10 1.53
H3 DU0 AB . -19.13 -37.57 2.07
H4 DU0 AB . -21.94 -39.94 1.20
H5 DU0 AB . -20.41 -39.53 1.36
H6 DU0 AB . -19.79 -44.78 -1.71
H7 DU0 AB . -18.08 -48.78 -4.02
H8 DU0 AB . -19.27 -49.22 -3.06
H9 DU0 AB . -19.54 -48.62 -5.84
H10 DU0 AB . -20.18 -50.47 -7.14
H11 DU0 AB . -18.60 -50.43 -6.97
H12 DU0 AB . -17.37 -52.60 -7.09
H13 DU0 AB . -21.33 -44.01 -0.48
H14 DU0 AB . -22.16 -42.70 -0.12
H15 DU0 AB . -20.58 -42.64 -0.20
H16 DU0 AB . -20.33 -42.90 -3.76
H17 DU0 AB . -18.47 -41.89 -3.06
H18 DU0 AB . -18.67 -42.31 -1.55
H19 DU0 AB . -19.71 -40.06 -2.75
H20 DU0 AB . -21.73 -40.97 -3.22
H21 DU0 AB . -22.66 -40.78 -0.67
H22 DU0 AB . -22.83 -38.93 -2.80
H23 DU0 AB . -23.41 -38.57 -1.38
H24 DU0 AB . -24.00 -39.80 -2.20
H25 DU0 AB . -19.13 -37.90 -0.28
H26 DU0 AB . -19.70 -36.65 -1.06
H27 DU0 AB . -21.01 -36.04 0.59
H28 DU0 AB . -21.84 -37.81 2.16
H29 DU0 AB . -22.50 -37.69 0.72
H30 DU0 AB . -17.79 -44.50 -2.80
H31 DU0 AB . -18.49 -44.45 -4.22
H32 DU0 AB . -17.45 -46.67 -3.52
H33 DU0 AB . -20.20 -52.63 -7.19
H34 DU0 AB . -19.32 -52.71 -5.89
H35 DU0 AB . -18.93 -54.46 -8.54
H36 DU0 AB . -18.55 -54.73 -7.02
H37 DU0 AB . -17.88 -51.11 -8.76
H38 DU0 AB . -18.96 -52.09 -9.39
H39 DU0 AB . -21.58 -49.41 -4.02
H40 DU0 AB . -21.80 -49.20 -5.58
H41 DU0 AB . -22.52 -47.28 -4.43
H42 DU0 AB . -21.30 -46.91 -5.38
H43 DU0 AB . -22.27 -47.56 -2.10
H44 DU0 AB . -21.00 -47.01 -1.31
H45 DU0 AB . -20.94 -48.43 -2.02
H46 DU0 AB . -21.01 -45.03 -4.26
H47 DU0 AB . -22.40 -45.26 -1.81
H48 DU0 AB . -23.05 -45.37 -3.24
H49 DU0 AB . -22.71 -43.12 -3.65
H50 DU0 AB . -23.44 -43.24 -2.24
H51 DU0 AB . -16.41 -54.52 -7.71
H52 DU0 AB . -16.44 -52.82 -9.28
C1 MC3 BB . -29.72 -23.21 6.95
C2 MC3 BB . -28.60 -22.37 6.36
C3 MC3 BB . -27.28 -23.09 6.23
C11 MC3 BB . -26.59 -24.88 4.89
C12 MC3 BB . -25.27 -25.09 5.56
C13 MC3 BB . -24.58 -26.31 5.09
C14 MC3 BB . -23.22 -26.49 5.75
C15 MC3 BB . -22.11 -25.77 5.04
C16 MC3 BB . -21.06 -25.22 5.96
C17 MC3 BB . -20.02 -26.24 6.37
C18 MC3 BB . -20.59 -27.51 6.91
C19 MC3 BB . -19.61 -28.34 7.66
C20 MC3 BB . -19.23 -29.62 6.98
C21 MC3 BB . -18.40 -29.44 5.76
C22 MC3 BB . -18.64 -30.47 4.70
C23 MC3 BB . -17.96 -30.19 3.39
C24 MC3 BB . -18.43 -28.90 2.75
C31 MC3 BB . -29.29 -22.73 4.07
C32 MC3 BB . -29.46 -22.04 2.74
C33 MC3 BB . -29.41 -22.97 1.56
C34 MC3 BB . -28.12 -22.83 0.77
C35 MC3 BB . -27.57 -24.13 0.24
C36 MC3 BB . -26.62 -23.99 -0.91
C37 MC3 BB . -25.93 -25.27 -1.29
C38 MC3 BB . -24.51 -25.10 -1.73
C39 MC3 BB . -23.89 -26.35 -2.34
C40 MC3 BB . -22.52 -26.69 -1.81
C41 MC3 BB . -21.42 -25.85 -2.39
C42 MC3 BB . -20.12 -26.59 -2.63
C43 MC3 BB . -20.18 -27.60 -3.73
C44 MC3 BB . -18.92 -28.41 -3.85
O2 MC3 BB . -29.00 -21.86 5.05
O3 MC3 BB . -27.50 -24.43 5.74
O11 MC3 BB . -26.81 -25.08 3.73
O31 MC3 BB . -29.41 -23.91 4.25
O1P MC3 BB . -33.02 -21.41 6.98
O2P MC3 BB . -30.64 -20.65 7.69
O3P MC3 BB . -31.01 -22.80 6.41
O4P MC3 BB . -31.38 -20.60 5.27
P MC3 BB . -31.55 -21.32 6.68
H11 MC3 BB . -29.73 -23.11 7.93
H12 MC3 BB . -29.56 -24.16 6.74
H2 MC3 BB . -28.47 -21.60 6.97
H31 MC3 BB . -26.84 -23.14 7.11
H32 MC3 BB . -26.70 -22.61 5.60
H121 MC3 BB . -24.70 -24.30 5.38
H122 MC3 BB . -25.40 -25.14 6.53
H131 MC3 BB . -24.45 -26.27 4.12
H132 MC3 BB . -25.13 -27.09 5.29
H141 MC3 BB . -23.27 -26.17 6.67
H142 MC3 BB . -23.01 -27.45 5.78
H151 MC3 BB . -21.68 -26.39 4.41
H152 MC3 BB . -22.49 -25.03 4.53
H161 MC3 BB . -20.60 -24.48 5.51
H162 MC3 BB . -21.49 -24.88 6.76
H171 MC3 BB . -19.46 -26.44 5.60
H172 MC3 BB . -19.44 -25.84 7.06
H181 MC3 BB . -20.94 -28.04 6.16
H182 MC3 BB . -21.35 -27.30 7.49
H191 MC3 BB . -19.99 -28.56 8.54
H192 MC3 BB . -18.80 -27.81 7.81
H201 MC3 BB . -20.05 -30.11 6.73
H202 MC3 BB . -18.73 -30.17 7.61
H211 MC3 BB . -18.58 -28.55 5.37
H212 MC3 BB . -17.45 -29.45 6.01
H221 MC3 BB . -18.32 -31.34 5.04
H222 MC3 BB . -19.60 -30.56 4.56
H231 MC3 BB . -16.99 -30.14 3.54
H232 MC3 BB . -18.14 -30.94 2.78
H241 MC3 BB . -17.85 -28.17 3.03
H242 MC3 BB . -18.40 -28.99 1.78
H243 MC3 BB . -19.34 -28.71 3.03
H321 MC3 BB . -30.33 -21.57 2.73
H322 MC3 BB . -28.75 -21.35 2.65
H331 MC3 BB . -29.49 -23.88 1.87
H332 MC3 BB . -30.16 -22.77 0.97
H341 MC3 BB . -27.44 -22.42 1.34
H342 MC3 BB . -28.27 -22.22 0.01
H351 MC3 BB . -28.33 -24.69 -0.04
H352 MC3 BB . -27.13 -24.60 0.97
H361 MC3 BB . -25.94 -23.32 -0.67
H362 MC3 BB . -27.11 -23.64 -1.69
H371 MC3 BB . -26.44 -25.69 -2.02
H372 MC3 BB . -25.96 -25.88 -0.53
H381 MC3 BB . -24.46 -24.38 -2.40
H382 MC3 BB . -23.97 -24.84 -0.97
H391 MC3 BB . -23.84 -26.23 -3.30
H392 MC3 BB . -24.49 -27.11 -2.16
H401 MC3 BB . -22.33 -27.63 -1.99
H402 MC3 BB . -22.52 -26.56 -0.84
H411 MC3 BB . -21.24 -25.09 -1.80
H412 MC3 BB . -21.72 -25.48 -3.26
H421 MC3 BB . -19.88 -27.04 -1.80
H422 MC3 BB . -19.42 -25.94 -2.83
H431 MC3 BB . -20.34 -27.14 -4.58
H432 MC3 BB . -20.94 -28.20 -3.57
H441 MC3 BB . -18.17 -27.82 -4.01
H442 MC3 BB . -19.00 -29.04 -4.59
H443 MC3 BB . -18.77 -28.90 -3.02
CA CA CB . -16.53 -4.78 -16.88
C1 MC3 DB . -30.09 -17.56 -19.99
C2 MC3 DB . -29.72 -19.00 -19.71
C3 MC3 DB . -29.01 -19.67 -20.85
C11 MC3 DB . -29.43 -20.31 -23.08
C12 MC3 DB . -29.85 -21.75 -23.08
C13 MC3 DB . -28.70 -22.70 -22.96
C14 MC3 DB . -28.28 -22.95 -21.54
C15 MC3 DB . -27.85 -24.36 -21.24
C16 MC3 DB . -26.66 -24.81 -22.02
C17 MC3 DB . -26.85 -26.13 -22.73
C18 MC3 DB . -26.27 -27.31 -21.99
C19 MC3 DB . -26.81 -27.49 -20.60
C20 MC3 DB . -26.23 -28.67 -19.87
C21 MC3 DB . -24.73 -28.77 -19.94
C22 MC3 DB . -24.09 -29.31 -18.69
C23 MC3 DB . -24.41 -30.75 -18.43
C24 MC3 DB . -23.31 -31.47 -17.68
C31 MC3 DB . -28.59 -20.21 -17.99
C32 MC3 DB . -27.26 -20.75 -18.42
C33 MC3 DB . -27.27 -22.22 -18.64
C34 MC3 DB . -27.00 -23.01 -17.39
C35 MC3 DB . -25.74 -23.81 -17.44
C36 MC3 DB . -25.67 -24.80 -18.56
C37 MC3 DB . -24.58 -25.84 -18.44
C38 MC3 DB . -23.52 -25.51 -17.43
C39 MC3 DB . -22.40 -26.51 -17.36
C40 MC3 DB . -22.19 -27.10 -15.99
C41 MC3 DB . -22.09 -28.60 -15.98
C42 MC3 DB . -20.92 -29.15 -16.75
C43 MC3 DB . -20.06 -30.09 -15.95
C44 MC3 DB . -20.71 -31.42 -15.70
O2 MC3 DB . -28.86 -19.03 -18.54
O3 MC3 DB . -29.88 -19.67 -22.01
O11 MC3 DB . -28.78 -19.78 -23.94
O31 MC3 DB . -29.35 -20.78 -17.25
O1P MC3 DB . -28.70 -17.13 -22.82
O2P MC3 DB . -29.96 -15.08 -21.84
O3P MC3 DB . -28.91 -16.80 -20.34
O4P MC3 DB . -27.46 -15.25 -21.69
P MC3 DB . -28.83 -16.07 -21.77
H11 MC3 DB . -30.52 -17.17 -19.21
H12 MC3 DB . -30.73 -17.53 -20.74
H2 MC3 DB . -30.54 -19.51 -19.51
H31 MC3 DB . -28.77 -20.60 -20.62
H32 MC3 DB . -28.18 -19.19 -21.08
H121 MC3 DB . -30.34 -21.94 -23.90
H122 MC3 DB . -30.46 -21.91 -22.32
H131 MC3 DB . -27.94 -22.35 -23.47
H132 MC3 DB . -28.95 -23.56 -23.38
H141 MC3 DB . -29.03 -22.72 -20.94
H142 MC3 DB . -27.55 -22.34 -21.32
H151 MC3 DB . -28.61 -24.96 -21.42
H152 MC3 DB . -27.64 -24.42 -20.28
H161 MC3 DB . -25.89 -24.89 -21.43
H162 MC3 DB . -26.43 -24.13 -22.69
H171 MC3 DB . -26.44 -26.08 -23.62
H172 MC3 DB . -27.81 -26.28 -22.86
H181 MC3 DB . -25.29 -27.21 -21.96
H182 MC3 DB . -26.46 -28.12 -22.52
H191 MC3 DB . -27.78 -27.58 -20.65
H192 MC3 DB . -26.61 -26.67 -20.09
H201 MC3 DB . -26.61 -29.49 -20.25
H202 MC3 DB . -26.50 -28.63 -18.93
H211 MC3 DB . -24.37 -27.87 -20.12
H212 MC3 DB . -24.49 -29.33 -20.70
H221 MC3 DB . -24.39 -28.77 -17.93
H222 MC3 DB . -23.11 -29.22 -18.78
H231 MC3 DB . -24.56 -31.20 -19.28
H232 MC3 DB . -25.24 -30.80 -17.91
H241 MC3 DB . -22.48 -31.37 -18.15
H242 MC3 DB . -23.54 -32.42 -17.60
H243 MC3 DB . -23.24 -31.09 -16.78
H321 MC3 DB . -26.59 -20.54 -17.73
H322 MC3 DB . -26.98 -20.30 -19.24
H331 MC3 DB . -26.59 -22.45 -19.31
H332 MC3 DB . -28.14 -22.48 -19.00
H341 MC3 DB . -27.75 -23.62 -17.22
H342 MC3 DB . -26.95 -22.39 -16.62
H351 MC3 DB . -25.64 -24.29 -16.59
H352 MC3 DB . -24.98 -23.19 -17.51
H361 MC3 DB . -25.54 -24.30 -19.40
H362 MC3 DB . -26.54 -25.26 -18.63
H371 MC3 DB . -24.16 -25.95 -19.32
H372 MC3 DB . -25.00 -26.69 -18.19
H381 MC3 DB . -23.94 -25.45 -16.55
H382 MC3 DB . -23.14 -24.63 -17.65
H391 MC3 DB . -21.57 -26.09 -17.65
H392 MC3 DB . -22.59 -27.24 -17.99
H401 MC3 DB . -22.93 -26.84 -15.42
H402 MC3 DB . -21.37 -26.73 -15.61
H411 MC3 DB . -22.92 -28.98 -16.34
H412 MC3 DB . -22.02 -28.90 -15.04
H421 MC3 DB . -20.37 -28.39 -17.06
H422 MC3 DB . -21.26 -29.61 -17.55
H431 MC3 DB . -19.84 -29.67 -15.10
H432 MC3 DB . -19.22 -30.23 -16.45
H441 MC3 DB . -21.59 -31.28 -15.31
H442 MC3 DB . -20.17 -31.94 -15.09
H443 MC3 DB . -20.82 -31.90 -16.54
C1 MC3 EB . -32.40 -14.36 -10.81
C2 MC3 EB . -32.54 -15.85 -11.07
C3 MC3 EB . -31.68 -16.33 -12.22
C11 MC3 EB . -31.91 -17.62 -14.17
C12 MC3 EB . -31.71 -19.05 -13.82
C13 MC3 EB . -30.39 -19.32 -13.15
C14 MC3 EB . -29.52 -20.29 -13.93
C15 MC3 EB . -28.74 -21.23 -13.06
C16 MC3 EB . -27.81 -22.15 -13.82
C17 MC3 EB . -26.72 -22.75 -12.95
C18 MC3 EB . -25.64 -23.44 -13.73
C19 MC3 EB . -24.68 -22.49 -14.42
C20 MC3 EB . -23.51 -23.15 -15.09
C21 MC3 EB . -22.94 -24.34 -14.37
C22 MC3 EB . -22.39 -24.03 -13.01
C23 MC3 EB . -22.41 -25.20 -12.07
C24 MC3 EB . -21.79 -26.44 -12.66
C31 MC3 EB . -32.22 -17.91 -9.89
C32 MC3 EB . -31.17 -18.54 -9.02
C33 MC3 EB . -29.84 -18.63 -9.69
C34 MC3 EB . -29.29 -20.05 -9.69
C35 MC3 EB . -27.79 -20.12 -9.55
C36 MC3 EB . -27.32 -21.25 -8.70
C37 MC3 EB . -26.86 -22.45 -9.48
C38 MC3 EB . -25.41 -22.39 -9.89
C39 MC3 EB . -24.83 -23.73 -10.27
C40 MC3 EB . -23.76 -24.23 -9.34
C41 MC3 EB . -24.15 -24.24 -7.88
C42 MC3 EB . -22.97 -24.22 -6.94
C43 MC3 EB . -21.96 -25.31 -7.17
C44 MC3 EB . -20.98 -25.01 -8.27
O2 MC3 EB . -32.19 -16.57 -9.86
O3 MC3 EB . -32.54 -16.96 -13.20
O11 MC3 EB . -31.55 -17.10 -15.19
O31 MC3 EB . -33.02 -18.52 -10.56
O1P MC3 EB . -29.35 -13.32 -8.63
O2P MC3 EB . -31.35 -14.85 -8.00
O3P MC3 EB . -31.04 -14.06 -10.37
O4P MC3 EB . -31.71 -12.44 -8.57
P MC3 EB . -30.79 -13.72 -8.81
H11 MC3 EB . -33.03 -14.09 -10.12
H12 MC3 EB . -32.59 -13.86 -11.63
H2 MC3 EB . -33.49 -16.04 -11.29
H31 MC3 EB . -31.02 -16.99 -11.90
H32 MC3 EB . -31.20 -15.58 -12.62
H121 MC3 EB . -31.76 -19.59 -14.64
H122 MC3 EB . -32.42 -19.34 -13.22
H131 MC3 EB . -30.55 -19.69 -12.26
H132 MC3 EB . -29.90 -18.48 -13.05
H141 MC3 EB . -28.90 -19.78 -14.49
H142 MC3 EB . -30.09 -20.82 -14.53
H151 MC3 EB . -29.37 -21.78 -12.54
H152 MC3 EB . -28.21 -20.71 -12.42
H161 MC3 EB . -27.39 -21.63 -14.54
H162 MC3 EB . -28.33 -22.86 -14.22
H171 MC3 EB . -27.13 -23.39 -12.35
H172 MC3 EB . -26.32 -22.03 -12.42
H181 MC3 EB . -26.05 -24.01 -14.41
H182 MC3 EB . -25.13 -24.01 -13.12
H191 MC3 EB . -24.35 -21.85 -13.75
H192 MC3 EB . -25.19 -21.99 -15.10
H201 MC3 EB . -22.79 -22.48 -15.19
H202 MC3 EB . -23.77 -23.44 -15.99
H211 MC3 EB . -22.23 -24.74 -14.91
H212 MC3 EB . -23.65 -25.02 -14.27
H221 MC3 EB . -22.90 -23.30 -12.60
H222 MC3 EB . -21.46 -23.72 -13.10
H231 MC3 EB . -23.34 -25.39 -11.83
H232 MC3 EB . -21.92 -24.96 -11.25
H241 MC3 EB . -21.35 -26.96 -11.96
H242 MC3 EB . -21.14 -26.19 -13.34
H243 MC3 EB . -22.49 -26.99 -13.08
H321 MC3 EB . -31.46 -19.43 -8.76
H322 MC3 EB . -31.09 -18.01 -8.20
H331 MC3 EB . -29.21 -18.04 -9.23
H332 MC3 EB . -29.93 -18.32 -10.61
H341 MC3 EB . -29.55 -20.48 -10.54
H342 MC3 EB . -29.70 -20.55 -8.95
H351 MC3 EB . -27.48 -19.27 -9.17
H352 MC3 EB . -27.40 -20.20 -10.45
H361 MC3 EB . -28.04 -21.53 -8.09
H362 MC3 EB . -26.57 -20.93 -8.14
H371 MC3 EB . -27.41 -22.54 -10.28
H372 MC3 EB . -26.99 -23.26 -8.94
H381 MC3 EB . -24.89 -22.02 -9.16
H382 MC3 EB . -25.33 -21.78 -10.65
H391 MC3 EB . -24.45 -23.65 -11.18
H392 MC3 EB . -25.56 -24.39 -10.31
H401 MC3 EB . -22.96 -23.67 -9.45
H402 MC3 EB . -23.53 -25.15 -9.61
H411 MC3 EB . -24.68 -25.04 -7.70
H412 MC3 EB . -24.72 -23.46 -7.70
H421 MC3 EB . -23.30 -24.29 -6.02
H422 MC3 EB . -22.52 -23.35 -7.03
H431 MC3 EB . -22.44 -26.14 -7.39
H432 MC3 EB . -21.47 -25.46 -6.34
H441 MC3 EB . -21.30 -25.39 -9.11
H442 MC3 EB . -20.11 -25.39 -8.05
H443 MC3 EB . -20.89 -24.05 -8.38
C31 MC3 FB . 3.60 -41.35 -34.15
C32 MC3 FB . 3.65 -39.88 -33.82
C33 MC3 FB . 2.30 -39.29 -33.54
C34 MC3 FB . 2.29 -37.77 -33.71
C35 MC3 FB . 2.38 -37.02 -32.41
C36 MC3 FB . 1.10 -36.32 -32.03
C37 MC3 FB . 1.14 -35.66 -30.70
C38 MC3 FB . 1.49 -34.21 -30.75
C39 MC3 FB . 0.30 -33.31 -30.71
C40 MC3 FB . -0.22 -33.02 -29.32
C41 MC3 FB . 0.82 -32.53 -28.37
C42 MC3 FB . 0.27 -31.88 -27.12
C43 MC3 FB . -0.08 -30.42 -27.25
C44 MC3 FB . -0.41 -29.75 -25.95
H321 MC3 FB . 4.22 -39.75 -33.04
H322 MC3 FB . 4.05 -39.40 -34.57
H331 MC3 FB . 2.03 -39.51 -32.63
H332 MC3 FB . 1.65 -39.67 -34.15
H341 MC3 FB . 1.48 -37.51 -34.17
H342 MC3 FB . 3.06 -37.52 -34.26
H351 MC3 FB . 3.09 -36.34 -32.48
H352 MC3 FB . 2.62 -37.64 -31.69
H361 MC3 FB . 0.37 -36.97 -32.05
H362 MC3 FB . 0.90 -35.64 -32.73
H371 MC3 FB . 0.27 -35.76 -30.28
H372 MC3 FB . 1.80 -36.13 -30.14
H381 MC3 FB . 1.99 -34.04 -31.58
H382 MC3 FB . 2.07 -34.00 -30.00
H391 MC3 FB . -0.43 -33.71 -31.23
H392 MC3 FB . 0.53 -32.46 -31.13
H401 MC3 FB . -0.61 -33.84 -28.95
H402 MC3 FB . -0.94 -32.36 -29.37
H411 MC3 FB . 1.39 -31.87 -28.83
H412 MC3 FB . 1.39 -33.27 -28.11
H421 MC3 FB . 0.92 -31.98 -26.40
H422 MC3 FB . -0.54 -32.36 -26.85
H431 MC3 FB . 0.68 -29.96 -27.67
H432 MC3 FB . -0.85 -30.33 -27.85
H441 MC3 FB . -1.38 -29.70 -25.83
H442 MC3 FB . -0.04 -28.85 -25.94
H443 MC3 FB . -0.02 -30.26 -25.21
C31 MC3 GB . -6.48 -41.67 -37.05
C32 MC3 GB . -7.30 -41.59 -35.80
C33 MC3 GB . -8.63 -40.96 -36.02
C34 MC3 GB . -8.52 -39.48 -36.33
C35 MC3 GB . -7.90 -38.68 -35.23
C36 MC3 GB . -8.59 -38.85 -33.90
C37 MC3 GB . -10.08 -38.72 -33.96
C38 MC3 GB . -10.55 -37.48 -34.67
C39 MC3 GB . -9.93 -36.21 -34.16
C40 MC3 GB . -10.03 -36.03 -32.67
C41 MC3 GB . -11.44 -36.04 -32.15
C42 MC3 GB . -11.89 -34.72 -31.62
C43 MC3 GB . -11.27 -34.35 -30.30
C44 MC3 GB . -11.34 -32.88 -30.01
H321 MC3 GB . -6.81 -41.08 -35.13
H322 MC3 GB . -7.43 -42.50 -35.46
H331 MC3 GB . -9.18 -41.08 -35.21
H332 MC3 GB . -9.09 -41.41 -36.76
H341 MC3 GB . -9.42 -39.14 -36.52
H342 MC3 GB . -7.98 -39.37 -37.14
H351 MC3 GB . -7.94 -37.73 -35.48
H352 MC3 GB . -6.97 -38.93 -35.14
H361 MC3 GB . -8.24 -38.17 -33.27
H362 MC3 GB . -8.36 -39.73 -33.53
H371 MC3 GB . -10.44 -39.51 -34.42
H372 MC3 GB . -10.43 -38.72 -33.05
H381 MC3 GB . -11.53 -37.42 -34.57
H382 MC3 GB . -10.36 -37.57 -35.63
H391 MC3 GB . -10.37 -35.45 -34.59
H392 MC3 GB . -8.98 -36.20 -34.42
H401 MC3 GB . -9.61 -35.18 -32.42
H402 MC3 GB . -9.53 -36.75 -32.24
H411 MC3 GB . -11.51 -36.71 -31.43
H412 MC3 GB . -12.04 -36.31 -32.88
H421 MC3 GB . -12.87 -34.73 -31.52
H422 MC3 GB . -11.67 -34.02 -32.27
H431 MC3 GB . -10.33 -34.64 -30.31
H432 MC3 GB . -11.73 -34.85 -29.59
H441 MC3 GB . -10.53 -32.45 -30.31
H442 MC3 GB . -11.44 -32.75 -29.04
H443 MC3 GB . -12.10 -32.49 -30.47
C33 MC3 HB . -18.46 -45.51 -33.29
C34 MC3 HB . -18.64 -44.39 -32.29
C35 MC3 HB . -18.19 -43.04 -32.76
C36 MC3 HB . -18.92 -41.89 -32.14
C37 MC3 HB . -18.03 -40.91 -31.44
C38 MC3 HB . -17.28 -39.99 -32.37
C39 MC3 HB . -16.08 -39.34 -31.76
C40 MC3 HB . -16.38 -38.02 -31.12
C41 MC3 HB . -16.07 -36.84 -31.98
C42 MC3 HB . -17.18 -35.83 -32.05
C43 MC3 HB . -16.76 -34.48 -32.55
C44 MC3 HB . -17.71 -33.38 -32.16
H331 MC3 HB . -18.70 -45.17 -34.18
H332 MC3 HB . -17.51 -45.76 -33.32
H341 MC3 HB . -18.14 -44.62 -31.47
H342 MC3 HB . -19.59 -44.34 -32.04
H351 MC3 HB . -18.30 -43.00 -33.74
H352 MC3 HB . -17.23 -42.95 -32.58
H361 MC3 HB . -19.57 -42.25 -31.50
H362 MC3 HB . -19.42 -41.42 -32.85
H371 MC3 HB . -18.58 -40.36 -30.84
H372 MC3 HB . -17.38 -41.40 -30.90
H381 MC3 HB . -17.90 -39.30 -32.69
H382 MC3 HB . -16.99 -40.51 -33.16
H391 MC3 HB . -15.40 -39.21 -32.46
H392 MC3 HB . -15.70 -39.95 -31.09
H401 MC3 HB . -15.85 -37.95 -30.29
H402 MC3 HB . -17.33 -38.00 -30.88
H411 MC3 HB . -15.87 -37.15 -32.89
H412 MC3 HB . -15.27 -36.39 -31.63
H421 MC3 HB . -17.57 -35.73 -31.16
H422 MC3 HB . -17.89 -36.17 -32.65
H431 MC3 HB . -16.68 -34.51 -33.53
H432 MC3 HB . -15.87 -34.28 -32.19
H441 MC3 HB . -17.84 -33.39 -31.20
H442 MC3 HB . -18.57 -33.52 -32.61
H443 MC3 HB . -17.34 -32.52 -32.43
C31 MC3 IB . -20.37 -47.08 -28.36
C32 MC3 IB . -20.88 -45.67 -28.39
C33 MC3 IB . -20.33 -44.88 -29.53
C34 MC3 IB . -19.83 -43.52 -29.10
C35 MC3 IB . -20.90 -42.47 -29.04
C36 MC3 IB . -20.44 -41.15 -28.49
C37 MC3 IB . -20.62 -41.01 -27.00
C38 MC3 IB . -20.91 -39.60 -26.54
C39 MC3 IB . -20.19 -38.54 -27.34
C40 MC3 IB . -20.10 -37.21 -26.64
C41 MC3 IB . -18.88 -36.40 -27.01
C42 MC3 IB . -19.19 -35.11 -27.71
C43 MC3 IB . -19.48 -33.97 -26.78
C44 MC3 IB . -20.57 -34.28 -25.78
H321 MC3 IB . -20.65 -45.23 -27.55
H322 MC3 IB . -21.86 -45.68 -28.45
H331 MC3 IB . -21.03 -44.76 -30.21
H332 MC3 IB . -19.59 -45.37 -29.95
H341 MC3 IB . -19.14 -43.22 -29.72
H342 MC3 IB . -19.43 -43.60 -28.21
H351 MC3 IB . -21.64 -42.80 -28.49
H352 MC3 IB . -21.25 -42.33 -29.95
H361 MC3 IB . -20.94 -40.43 -28.94
H362 MC3 IB . -19.49 -41.03 -28.70
H371 MC3 IB . -21.35 -41.59 -26.71
H372 MC3 IB . -19.80 -41.32 -26.56
H381 MC3 IB . -20.65 -39.52 -25.60
H382 MC3 IB . -21.87 -39.44 -26.62
H391 MC3 IB . -20.66 -38.41 -28.19
H392 MC3 IB . -19.28 -38.86 -27.53
H401 MC3 IB . -20.08 -37.36 -25.67
H402 MC3 IB . -20.90 -36.68 -26.85
H411 MC3 IB . -18.31 -36.95 -27.59
H412 MC3 IB . -18.37 -36.21 -26.19
H421 MC3 IB . -19.95 -35.25 -28.30
H422 MC3 IB . -18.42 -34.87 -28.27
H431 MC3 IB . -19.74 -33.19 -27.31
H432 MC3 IB . -18.66 -33.74 -26.30
H441 MC3 IB . -21.33 -34.65 -26.25
H442 MC3 IB . -20.83 -33.46 -25.33
H443 MC3 IB . -20.24 -34.92 -25.13
C31 MC3 JB . -21.44 -16.70 -27.56
C32 MC3 JB . -20.80 -18.05 -27.65
C33 MC3 JB . -21.02 -18.91 -26.44
C34 MC3 JB . -20.58 -20.35 -26.66
C35 MC3 JB . -21.38 -21.35 -25.89
C36 MC3 JB . -20.63 -22.61 -25.53
C37 MC3 JB . -21.47 -23.85 -25.45
C38 MC3 JB . -20.67 -25.12 -25.34
C39 MC3 JB . -21.35 -26.33 -25.92
C40 MC3 JB . -20.49 -27.57 -25.93
C41 MC3 JB . -21.24 -28.83 -25.57
C42 MC3 JB . -21.17 -29.17 -24.10
C43 MC3 JB . -20.55 -30.51 -23.77
C44 MC3 JB . -21.53 -31.51 -23.19
H321 MC3 JB . -19.83 -17.94 -27.78
H322 MC3 JB . -21.16 -18.53 -28.44
H331 MC3 JB . -21.97 -18.90 -26.21
H332 MC3 JB . -20.52 -18.54 -25.69
H341 MC3 JB . -19.64 -20.43 -26.39
H342 MC3 JB . -20.64 -20.55 -27.61
H351 MC3 JB . -22.16 -21.61 -26.43
H352 MC3 JB . -21.72 -20.94 -25.07
H361 MC3 JB . -20.18 -22.46 -24.67
H362 MC3 JB . -19.93 -22.74 -26.21
H371 MC3 JB . -22.07 -23.78 -24.68
H372 MC3 JB . -22.03 -23.90 -26.25
H381 MC3 JB . -20.49 -25.29 -24.39
H382 MC3 JB . -19.81 -25.00 -25.79
H391 MC3 JB . -21.63 -26.13 -26.84
H392 MC3 JB . -22.16 -26.52 -25.40
H401 MC3 JB . -19.75 -27.44 -25.30
H402 MC3 JB . -20.11 -27.68 -26.82
H411 MC3 JB . -20.85 -29.58 -26.08
H412 MC3 JB . -22.17 -28.74 -25.83
H421 MC3 JB . -22.08 -29.15 -23.73
H422 MC3 JB . -20.65 -28.48 -23.65
H431 MC3 JB . -19.83 -30.37 -23.12
H432 MC3 JB . -20.16 -30.88 -24.58
H441 MC3 JB . -21.78 -31.23 -22.30
H442 MC3 JB . -21.12 -32.38 -23.16
H443 MC3 JB . -22.32 -31.54 -23.75
C33 MC3 KB . -19.91 -44.16 -14.67
C34 MC3 KB . -18.95 -44.43 -13.52
C35 MC3 KB . -18.75 -43.27 -12.57
C36 MC3 KB . -19.82 -42.21 -12.65
C37 MC3 KB . -19.68 -41.11 -11.64
C38 MC3 KB . -20.69 -40.01 -11.79
C39 MC3 KB . -20.23 -38.86 -12.65
C40 MC3 KB . -20.94 -37.56 -12.41
C41 MC3 KB . -20.76 -37.01 -11.02
C42 MC3 KB . -20.19 -35.61 -10.98
C43 MC3 KB . -20.83 -34.66 -11.96
C44 MC3 KB . -21.04 -33.28 -11.39
H331 MC3 KB . -20.81 -44.03 -14.30
H332 MC3 KB . -19.65 -43.33 -15.11
H341 MC3 KB . -18.08 -44.68 -13.90
H342 MC3 KB . -19.28 -45.20 -13.01
H351 MC3 KB . -17.89 -42.85 -12.77
H352 MC3 KB . -18.72 -43.61 -11.65
H361 MC3 KB . -20.70 -42.64 -12.52
H362 MC3 KB . -19.81 -41.82 -13.54
H371 MC3 KB . -19.76 -41.49 -10.74
H372 MC3 KB . -18.78 -40.73 -11.72
H381 MC3 KB . -20.91 -39.65 -10.90
H382 MC3 KB . -21.51 -40.38 -12.17
H391 MC3 KB . -20.36 -39.11 -13.59
H392 MC3 KB . -19.27 -38.72 -12.50
H401 MC3 KB . -21.91 -37.69 -12.56
H402 MC3 KB . -20.63 -36.91 -13.06
H411 MC3 KB . -20.16 -37.60 -10.52
H412 MC3 KB . -21.63 -37.00 -10.56
H421 MC3 KB . -19.23 -35.67 -11.18
H422 MC3 KB . -20.29 -35.26 -10.07
H431 MC3 KB . -21.69 -35.02 -12.24
H432 MC3 KB . -20.25 -34.59 -12.75
H441 MC3 KB . -21.73 -33.31 -10.69
H442 MC3 KB . -21.32 -32.68 -12.10
H443 MC3 KB . -20.21 -32.96 -10.99
C37 MC3 LB . -18.40 -46.52 -21.41
C38 MC3 LB . -18.94 -45.16 -21.73
C39 MC3 LB . -18.55 -44.10 -20.75
C40 MC3 LB . -17.79 -42.96 -21.36
C41 MC3 LB . -18.66 -41.89 -21.96
C42 MC3 LB . -17.92 -40.94 -22.86
C43 MC3 LB . -18.77 -40.41 -23.99
C44 MC3 LB . -18.53 -38.96 -24.29
H371 MC3 LB . -18.69 -46.78 -20.50
H372 MC3 LB . -17.42 -46.48 -21.39
H381 MC3 LB . -19.92 -45.22 -21.77
H382 MC3 LB . -18.62 -44.90 -22.62
H391 MC3 LB . -18.00 -44.50 -20.05
H392 MC3 LB . -19.36 -43.74 -20.32
H401 MC3 LB . -17.21 -43.31 -22.06
H402 MC3 LB . -17.23 -42.55 -20.67
H411 MC3 LB . -19.09 -41.38 -21.25
H412 MC3 LB . -19.38 -42.33 -22.49
H421 MC3 LB . -17.15 -41.40 -23.24
H422 MC3 LB . -17.60 -40.19 -22.32
H431 MC3 LB . -19.72 -40.54 -23.76
H432 MC3 LB . -18.58 -40.94 -24.80
H441 MC3 LB . -19.29 -38.43 -23.99
H442 MC3 LB . -18.41 -38.84 -25.24
H443 MC3 LB . -17.73 -38.66 -23.82
C13 DU0 MB . -7.89 -30.74 -26.93
C15 DU0 MB . -7.51 -32.74 -29.49
C17 DU0 MB . -3.65 -37.78 -30.73
C20 DU0 MB . -2.63 -40.40 -31.24
C21 DU0 MB . -2.23 -41.83 -31.46
C22 DU0 MB . -1.36 -41.97 -32.69
C24 DU0 MB . 0.29 -43.55 -33.30
C26 DU0 MB . 1.63 -45.64 -33.00
C01 DU0 MB . -6.14 -36.15 -31.05
C02 DU0 MB . -4.78 -35.64 -31.52
C03 DU0 MB . -3.66 -36.26 -30.68
C04 DU0 MB . -3.73 -35.56 -29.31
C05 DU0 MB . -4.25 -34.18 -29.69
C06 DU0 MB . -4.57 -34.15 -31.18
C07 DU0 MB . -5.74 -33.16 -31.28
C08 DU0 MB . -5.47 -31.95 -32.17
C09 DU0 MB . -6.06 -32.84 -29.82
C11 DU0 MB . -5.80 -31.10 -28.24
C12 DU0 MB . -7.22 -30.57 -28.28
C14 DU0 MB . -7.97 -31.29 -29.40
C18 DU0 MB . -2.58 -38.35 -29.83
C19 DU0 MB . -2.37 -39.81 -30.10
C25 DU0 MB . 0.45 -44.98 -33.68
C27 DU0 MB . 1.86 -47.04 -33.54
C51 DU0 MB . 2.91 -44.83 -33.13
C75 DU0 MB . -2.07 -41.41 -33.89
C76 DU0 MB . -2.40 -39.93 -33.66
C77 DU0 MB . -3.29 -39.70 -32.42
C78 DU0 MB . -4.66 -40.35 -32.66
C79 DU0 MB . -3.40 -38.17 -32.20
C80 DU0 MB . -4.43 -37.52 -33.13
C81 DU0 MB . -4.53 -36.01 -32.98
O10 DU0 MB . -5.39 -31.62 -29.50
O16 DU0 MB . -5.51 -33.90 -29.07
O23 DU0 MB . -1.06 -43.34 -32.91
O28 DU0 MB . 2.67 -47.81 -32.67
O52 DU0 MB . 4.03 -45.53 -32.65
H1 DU0 MB . -8.78 -30.37 -26.95
H2 DU0 MB . -7.37 -30.29 -26.25
H3 DU0 MB . -7.95 -31.69 -26.72
H4 DU0 MB . -8.04 -33.20 -30.18
H5 DU0 MB . -7.68 -33.19 -28.64
H6 DU0 MB . -4.54 -38.11 -30.45
H7 DU0 MB . -1.75 -42.17 -30.69
H8 DU0 MB . -3.04 -42.39 -31.58
H9 DU0 MB . -0.52 -41.47 -32.55
H10 DU0 MB . 0.51 -42.97 -34.05
H11 DU0 MB . 0.88 -43.33 -32.55
H12 DU0 MB . 1.42 -45.72 -32.04
H13 DU0 MB . -6.21 -37.11 -31.24
H14 DU0 MB . -6.85 -35.69 -31.54
H15 DU0 MB . -6.25 -36.00 -30.10
H16 DU0 MB . -2.81 -35.97 -31.09
H17 DU0 MB . -2.84 -35.51 -28.91
H18 DU0 MB . -4.34 -36.03 -28.72
H19 DU0 MB . -3.58 -33.48 -29.45
H20 DU0 MB . -3.79 -33.80 -31.68
H21 DU0 MB . -6.51 -33.64 -31.66
H22 DU0 MB . -4.59 -31.62 -32.00
H23 DU0 MB . -6.13 -31.26 -31.99
H24 DU0 MB . -5.53 -32.22 -33.10
H25 DU0 MB . -5.73 -31.78 -27.56
H26 DU0 MB . -5.20 -30.36 -27.99
H27 DU0 MB . -7.20 -29.61 -28.50
H28 DU0 MB . -8.93 -31.27 -29.22
H29 DU0 MB . -7.81 -30.84 -30.25
H30 DU0 MB . -2.84 -38.22 -28.89
H31 DU0 MB . -1.73 -37.87 -29.98
H32 DU0 MB . -2.02 -40.33 -29.40
H33 DU0 MB . 0.58 -45.03 -34.65
H34 DU0 MB . -0.36 -45.46 -33.45
H35 DU0 MB . 2.29 -46.99 -34.41
H36 DU0 MB . 1.00 -47.49 -33.66
H37 DU0 MB . 2.82 -43.99 -32.64
H38 DU0 MB . 3.05 -44.61 -34.08
H39 DU0 MB . -2.91 -41.90 -34.04
H40 DU0 MB . -1.51 -41.50 -34.69
H41 DU0 MB . -2.86 -39.58 -34.45
H42 DU0 MB . -1.57 -39.43 -33.55
H43 DU0 MB . -4.97 -40.14 -33.56
H44 DU0 MB . -5.29 -40.00 -32.00
H45 DU0 MB . -4.58 -41.31 -32.56
H46 DU0 MB . -2.53 -37.79 -32.44
H47 DU0 MB . -5.31 -37.92 -32.98
H48 DU0 MB . -4.18 -37.73 -34.05
H49 DU0 MB . -3.70 -35.60 -33.28
H50 DU0 MB . -5.27 -35.68 -33.52
H51 DU0 MB . 2.36 -47.75 -31.88
H52 DU0 MB . 3.80 -45.95 -31.94
C1 MC3 NB . -16.24 -15.72 -30.97
C2 MC3 NB . -15.32 -15.12 -29.93
C3 MC3 NB . -14.75 -16.13 -28.96
C11 MC3 NB . -13.24 -17.90 -29.23
C12 MC3 NB . -13.42 -18.49 -27.87
C13 MC3 NB . -12.74 -19.79 -27.71
C14 MC3 NB . -12.90 -20.37 -26.32
C15 MC3 NB . -11.87 -19.88 -25.35
C16 MC3 NB . -12.39 -19.70 -23.94
C17 MC3 NB . -12.42 -20.97 -23.14
C18 MC3 NB . -13.10 -22.11 -23.84
C19 MC3 NB . -13.48 -23.23 -22.92
C20 MC3 NB . -12.69 -24.49 -23.13
C21 MC3 NB . -11.26 -24.39 -22.71
C22 MC3 NB . -10.34 -25.23 -23.54
C23 MC3 NB . -8.89 -25.00 -23.27
C24 MC3 NB . -8.45 -23.57 -23.56
C31 MC3 NB . -13.39 -15.07 -31.38
C32 MC3 NB . -12.20 -14.24 -31.77
C33 MC3 NB . -11.06 -15.03 -32.34
C34 MC3 NB . -9.89 -15.13 -31.39
C35 MC3 NB . -9.19 -16.47 -31.42
C36 MC3 NB . -7.79 -16.46 -30.87
C37 MC3 NB . -7.18 -17.83 -30.72
C38 MC3 NB . -6.29 -17.98 -29.52
C39 MC3 NB . -5.50 -19.27 -29.48
C40 MC3 NB . -5.54 -19.98 -28.14
C41 MC3 NB . -4.62 -19.39 -27.11
C42 MC3 NB . -3.97 -20.40 -26.21
C43 MC3 NB . -2.95 -21.26 -26.88
C44 MC3 NB . -2.40 -22.33 -25.99
O2 MC3 NB . -14.23 -14.41 -30.57
O3 MC3 NB . -14.35 -17.32 -29.66
O11 MC3 NB . -12.22 -17.92 -29.86
O31 MC3 NB . -13.59 -16.20 -31.75
O1P MC3 NB . -17.39 -13.17 -33.49
O2P MC3 NB . -17.26 -13.09 -30.89
O3P MC3 NB . -16.17 -14.95 -32.21
O4P MC3 NB . -15.23 -12.62 -32.33
P MC3 NB . -16.62 -13.41 -32.22
H11 MC3 NB . -17.17 -15.72 -30.64
H12 MC3 NB . -15.98 -16.65 -31.15
H2 MC3 NB . -15.85 -14.48 -29.40
H31 MC3 NB . -15.43 -16.37 -28.28
H32 MC3 NB . -13.97 -15.75 -28.50
H121 MC3 NB . -13.07 -17.86 -27.20
H122 MC3 NB . -14.38 -18.60 -27.69
H131 MC3 NB . -11.79 -19.69 -27.90
H132 MC3 NB . -13.10 -20.42 -28.37
H141 MC3 NB . -13.80 -20.14 -25.99
H142 MC3 NB . -12.85 -21.35 -26.37
H151 MC3 NB . -11.13 -20.52 -25.32
H152 MC3 NB . -11.52 -19.02 -25.66
H161 MC3 NB . -11.82 -19.05 -23.48
H162 MC3 NB . -13.30 -19.34 -23.99
H171 MC3 NB . -11.50 -21.23 -22.94
H172 MC3 NB . -12.88 -20.80 -22.29
H181 MC3 NB . -12.50 -22.46 -24.53
H182 MC3 NB . -13.91 -21.78 -24.28
H191 MC3 NB . -14.43 -23.43 -23.04
H192 MC3 NB . -13.35 -22.93 -22.00
H201 MC3 NB . -12.73 -24.73 -24.08
H202 MC3 NB . -13.12 -25.21 -22.63
H211 MC3 NB . -10.97 -23.46 -22.77
H212 MC3 NB . -11.18 -24.67 -21.77
H221 MC3 NB . -10.54 -26.18 -23.37
H222 MC3 NB . -10.52 -25.07 -24.49
H231 MC3 NB . -8.70 -25.21 -22.33
H232 MC3 NB . -8.36 -25.62 -23.83
H241 MC3 NB . -8.52 -23.04 -22.75
H242 MC3 NB . -7.52 -23.58 -23.87
H243 MC3 NB . -9.02 -23.20 -24.25
H321 MC3 NB . -12.48 -13.57 -32.44
H322 MC3 NB . -11.89 -13.75 -30.99
H331 MC3 NB . -11.36 -15.92 -32.57
H332 MC3 NB . -10.75 -14.59 -33.17
H341 MC3 NB . -10.20 -14.96 -30.47
H342 MC3 NB . -9.23 -14.44 -31.61
H351 MC3 NB . -9.17 -16.79 -32.35
H352 MC3 NB . -9.73 -17.11 -30.89
H361 MC3 NB . -7.80 -16.01 -30.00
H362 MC3 NB . -7.23 -15.92 -31.47
H371 MC3 NB . -6.66 -18.03 -31.53
H372 MC3 NB . -7.91 -18.48 -30.65
H381 MC3 NB . -5.66 -17.23 -29.50
H382 MC3 NB . -6.85 -17.93 -28.71
H391 MC3 NB . -4.58 -19.08 -29.71
H392 MC3 NB . -5.87 -19.87 -30.17
H401 MC3 NB . -5.30 -20.92 -28.29
H402 MC3 NB . -6.46 -19.96 -27.81
H411 MC3 NB . -5.14 -18.76 -26.56
H412 MC3 NB . -3.93 -18.88 -27.56
H421 MC3 NB . -4.67 -20.98 -25.83
H422 MC3 NB . -3.55 -19.92 -25.46
H431 MC3 NB . -2.20 -20.68 -27.18
H432 MC3 NB . -3.35 -21.67 -27.67
H441 MC3 NB . -2.00 -21.93 -25.19
H442 MC3 NB . -1.73 -22.85 -26.47
H443 MC3 NB . -3.13 -22.92 -25.71
#